data_8JYU
#
_entry.id   8JYU
#
_cell.length_a   1.00
_cell.length_b   1.00
_cell.length_c   1.00
_cell.angle_alpha   90.00
_cell.angle_beta   90.00
_cell.angle_gamma   90.00
#
_symmetry.space_group_name_H-M   'P 1'
#
loop_
_entity.id
_entity.type
_entity.pdbx_description
1 polymer 'Acyl-acyl carrier protein synthetase'
2 non-polymer 'MAGNESIUM ION'
3 non-polymer 'ADENOSINE MONOPHOSPHATE'
4 non-polymer 'DECANOIC ACID'
#
_entity_poly.entity_id   1
_entity_poly.type   'polypeptide(L)'
_entity_poly.pdbx_seq_one_letter_code
;MNQYVNDPSNYQLLIKNLLFSPVAFNPEQEIVYANHRRHSYKTFHDRVRQFANALTKMGVKKGDTVAVMDYDSHRYLECY
FAIPMIGAKLHMINVRLSPEQILYTIDHAEDDIILIHEEFLPILDQIKGRIDTVTRYVVLRDDEECEYERLLEQESTEYN
FPDFDENTVATTFYTTGTTGFPKGVFFTHRQLVLHTMGILSTIGTNASQGRLHQGDIYMPITPMFHVHAWGLPYMATMLG
VKQVYPGKYVPDVLLNLIEQEKVTFSHCVPTILHLLLSSPKSKAMDFSGWKVVIGGAALPKALCKSALERDIDVFAGYGM
SETGPILSIVQLTPEQLELDVDQQAEYRSKTGKKVALVEAYIVDEDMNKLPHDGETAGEIVVRAPWLTPNYYKDNKNSKA
LWRGGYLHTGDVAHIDDEGFIKITDRVKDMIKISGEWVSSLELEDILHQHQSVSEVAVIGMPHNKWGEVPLALVTLKEDA
QVTEKELLGFAKDFINKGILAREALLLKVKIVDEIAKTSVGKVDKKELRKLHL
;
_entity_poly.pdbx_strand_id   A,D,B,C,E,F
#
# COMPACT_ATOMS: atom_id res chain seq x y z
N TYR A 4 5.55 -19.68 -0.95
CA TYR A 4 6.70 -18.78 -1.00
C TYR A 4 7.07 -18.46 -2.45
N VAL A 5 7.29 -17.17 -2.73
CA VAL A 5 7.72 -16.73 -4.05
C VAL A 5 9.23 -16.94 -4.17
N ASN A 6 9.63 -18.11 -4.67
CA ASN A 6 11.03 -18.48 -4.73
C ASN A 6 11.64 -17.96 -6.03
N ASP A 7 12.43 -16.91 -5.93
CA ASP A 7 13.22 -16.43 -7.07
C ASP A 7 14.51 -17.23 -7.12
N PRO A 8 14.76 -18.00 -8.18
CA PRO A 8 15.96 -18.84 -8.22
C PRO A 8 17.25 -18.07 -8.07
N SER A 9 17.34 -16.86 -8.63
CA SER A 9 18.54 -16.05 -8.49
C SER A 9 18.69 -15.46 -7.10
N ASN A 10 17.61 -15.36 -6.34
CA ASN A 10 17.66 -14.83 -4.98
C ASN A 10 17.93 -15.99 -4.03
N TYR A 11 19.21 -16.20 -3.75
CA TYR A 11 19.63 -17.33 -2.92
C TYR A 11 19.20 -17.12 -1.48
N GLN A 12 18.67 -18.18 -0.87
CA GLN A 12 18.28 -18.16 0.53
C GLN A 12 19.22 -19.05 1.33
N LEU A 13 19.74 -18.51 2.43
CA LEU A 13 20.64 -19.28 3.29
C LEU A 13 19.84 -20.24 4.15
N LEU A 14 19.75 -21.49 3.74
CA LEU A 14 18.93 -22.50 4.41
C LEU A 14 19.79 -23.65 4.90
N ILE A 15 19.31 -24.31 5.96
CA ILE A 15 20.03 -25.45 6.53
C ILE A 15 20.10 -26.59 5.53
N LYS A 16 19.12 -26.69 4.62
CA LYS A 16 19.20 -27.72 3.58
C LYS A 16 20.39 -27.49 2.67
N ASN A 17 20.86 -26.25 2.55
CA ASN A 17 22.10 -26.00 1.84
C ASN A 17 23.30 -26.45 2.66
N LEU A 18 23.21 -26.38 3.98
CA LEU A 18 24.25 -26.95 4.83
C LEU A 18 24.35 -28.46 4.65
N LEU A 19 23.20 -29.13 4.52
CA LEU A 19 23.19 -30.59 4.41
C LEU A 19 23.55 -31.07 3.01
N PHE A 20 22.88 -30.54 1.98
CA PHE A 20 23.02 -31.04 0.62
C PHE A 20 24.06 -30.29 -0.20
N SER A 21 24.63 -29.21 0.32
CA SER A 21 25.72 -28.53 -0.35
C SER A 21 26.87 -28.32 0.64
N PRO A 22 27.48 -29.39 1.13
CA PRO A 22 28.50 -29.24 2.17
C PRO A 22 29.86 -28.87 1.60
N VAL A 23 30.79 -28.58 2.50
CA VAL A 23 32.18 -28.38 2.11
C VAL A 23 32.73 -29.65 1.49
N ALA A 24 32.48 -30.80 2.13
CA ALA A 24 32.83 -32.10 1.59
C ALA A 24 31.73 -33.07 1.95
N PHE A 25 31.54 -34.08 1.10
CA PHE A 25 30.52 -35.11 1.34
C PHE A 25 31.08 -36.45 0.90
N ASN A 26 31.40 -37.29 1.88
CA ASN A 26 31.80 -38.66 1.60
C ASN A 26 30.62 -39.56 1.94
N PRO A 27 29.96 -40.18 0.94
CA PRO A 27 28.78 -41.00 1.25
C PRO A 27 29.08 -42.21 2.12
N GLU A 28 30.33 -42.64 2.18
CA GLU A 28 30.72 -43.78 3.02
C GLU A 28 31.26 -43.37 4.38
N GLN A 29 31.29 -42.07 4.68
CA GLN A 29 31.71 -41.63 6.01
C GLN A 29 30.64 -42.00 7.03
N GLU A 30 31.09 -42.38 8.22
CA GLU A 30 30.23 -42.99 9.22
C GLU A 30 29.69 -41.96 10.21
N ILE A 31 28.42 -42.15 10.59
CA ILE A 31 27.83 -41.49 11.75
C ILE A 31 27.67 -42.54 12.84
N VAL A 32 28.34 -42.34 13.96
CA VAL A 32 28.41 -43.35 15.02
C VAL A 32 27.67 -42.83 16.24
N TYR A 33 26.73 -43.63 16.75
CA TYR A 33 26.02 -43.35 17.99
C TYR A 33 26.53 -44.32 19.04
N ALA A 34 27.62 -43.93 19.72
CA ALA A 34 28.26 -44.75 20.75
C ALA A 34 28.48 -46.17 20.27
N ASN A 35 28.02 -47.14 21.06
CA ASN A 35 28.09 -48.55 20.69
C ASN A 35 26.77 -49.11 20.22
N HIS A 36 25.79 -48.25 19.92
CA HIS A 36 24.45 -48.73 19.56
C HIS A 36 24.29 -48.85 18.04
N ARG A 37 24.67 -47.80 17.29
CA ARG A 37 24.33 -47.75 15.89
C ARG A 37 25.47 -47.12 15.09
N ARG A 38 25.65 -47.61 13.88
CA ARG A 38 26.55 -47.01 12.90
C ARG A 38 25.89 -47.02 11.53
N HIS A 39 26.00 -45.90 10.82
CA HIS A 39 25.51 -45.83 9.45
C HIS A 39 26.27 -44.75 8.70
N SER A 40 26.20 -44.82 7.37
CA SER A 40 26.97 -43.92 6.53
C SER A 40 26.26 -42.58 6.36
N TYR A 41 26.97 -41.63 5.74
CA TYR A 41 26.38 -40.32 5.48
C TYR A 41 25.23 -40.41 4.49
N LYS A 42 25.32 -41.33 3.52
CA LYS A 42 24.19 -41.57 2.63
C LYS A 42 22.98 -42.05 3.40
N THR A 43 23.19 -42.98 4.34
CA THR A 43 22.11 -43.42 5.21
C THR A 43 21.62 -42.28 6.09
N PHE A 44 22.52 -41.39 6.49
CA PHE A 44 22.12 -40.23 7.29
C PHE A 44 21.18 -39.33 6.51
N HIS A 45 21.50 -39.06 5.24
CA HIS A 45 20.63 -38.25 4.40
C HIS A 45 19.29 -38.95 4.16
N ASP A 46 19.35 -40.26 3.92
CA ASP A 46 18.11 -41.03 3.73
C ASP A 46 17.24 -40.96 4.97
N ARG A 47 17.85 -41.07 6.16
CA ARG A 47 17.08 -40.98 7.40
C ARG A 47 16.54 -39.58 7.62
N VAL A 48 17.27 -38.54 7.21
CA VAL A 48 16.75 -37.19 7.29
C VAL A 48 15.51 -37.04 6.44
N ARG A 49 15.55 -37.56 5.20
CA ARG A 49 14.38 -37.48 4.33
C ARG A 49 13.22 -38.32 4.87
N GLN A 50 13.54 -39.49 5.44
CA GLN A 50 12.49 -40.31 6.05
C GLN A 50 11.85 -39.61 7.23
N PHE A 51 12.66 -38.94 8.06
CA PHE A 51 12.12 -38.18 9.18
C PHE A 51 11.26 -37.03 8.70
N ALA A 52 11.66 -36.36 7.62
CA ALA A 52 10.84 -35.31 7.05
C ALA A 52 9.49 -35.87 6.58
N ASN A 53 9.51 -37.03 5.93
CA ASN A 53 8.27 -37.66 5.49
C ASN A 53 7.39 -38.02 6.68
N ALA A 54 8.00 -38.54 7.75
CA ALA A 54 7.23 -38.91 8.93
C ALA A 54 6.62 -37.68 9.59
N LEU A 55 7.39 -36.58 9.68
CA LEU A 55 6.85 -35.35 10.26
C LEU A 55 5.71 -34.81 9.41
N THR A 56 5.83 -34.88 8.08
CA THR A 56 4.73 -34.46 7.22
C THR A 56 3.51 -35.33 7.45
N LYS A 57 3.70 -36.64 7.59
CA LYS A 57 2.59 -37.53 7.90
C LYS A 57 1.99 -37.23 9.27
N MET A 58 2.83 -36.89 10.25
CA MET A 58 2.36 -36.55 11.58
C MET A 58 1.63 -35.21 11.63
N GLY A 59 1.49 -34.53 10.50
CA GLY A 59 0.78 -33.25 10.49
C GLY A 59 1.64 -32.06 10.83
N VAL A 60 2.96 -32.20 10.87
CA VAL A 60 3.84 -31.08 11.17
C VAL A 60 3.99 -30.22 9.92
N LYS A 61 3.54 -28.98 10.00
CA LYS A 61 3.62 -28.04 8.89
C LYS A 61 4.69 -26.98 9.17
N LYS A 62 4.94 -26.13 8.18
CA LYS A 62 5.86 -25.02 8.35
C LYS A 62 5.35 -24.08 9.43
N GLY A 63 6.23 -23.73 10.36
CA GLY A 63 5.87 -22.89 11.49
C GLY A 63 5.54 -23.66 12.76
N ASP A 64 5.32 -24.96 12.67
CA ASP A 64 5.06 -25.77 13.85
C ASP A 64 6.34 -25.95 14.66
N THR A 65 6.16 -26.30 15.93
CA THR A 65 7.27 -26.50 16.86
C THR A 65 7.34 -27.97 17.24
N VAL A 66 8.50 -28.57 17.05
CA VAL A 66 8.76 -29.97 17.43
C VAL A 66 9.81 -29.95 18.53
N ALA A 67 9.47 -30.51 19.68
CA ALA A 67 10.36 -30.52 20.84
C ALA A 67 11.10 -31.85 20.91
N VAL A 68 12.34 -31.79 21.40
CA VAL A 68 13.20 -32.95 21.52
C VAL A 68 13.74 -33.02 22.95
N MET A 69 13.60 -34.18 23.58
CA MET A 69 14.17 -34.46 24.90
C MET A 69 15.00 -35.74 24.73
N ASP A 70 16.27 -35.58 24.35
CA ASP A 70 17.10 -36.71 24.00
C ASP A 70 18.56 -36.41 24.35
N TYR A 71 19.34 -37.48 24.47
CA TYR A 71 20.77 -37.35 24.63
C TYR A 71 21.43 -37.07 23.27
N ASP A 72 22.72 -36.84 23.28
CA ASP A 72 23.49 -36.65 22.05
C ASP A 72 23.54 -37.90 21.22
N SER A 73 22.75 -37.94 20.18
CA SER A 73 22.62 -39.16 19.40
C SER A 73 22.49 -38.80 17.93
N HIS A 74 22.46 -39.84 17.09
CA HIS A 74 22.17 -39.65 15.68
C HIS A 74 20.76 -39.11 15.48
N ARG A 75 19.83 -39.49 16.36
CA ARG A 75 18.47 -38.97 16.27
C ARG A 75 18.45 -37.47 16.48
N TYR A 76 19.30 -36.98 17.39
CA TYR A 76 19.36 -35.53 17.68
C TYR A 76 19.84 -34.80 16.42
N LEU A 77 20.88 -35.33 15.77
CA LEU A 77 21.39 -34.69 14.55
C LEU A 77 20.35 -34.72 13.43
N GLU A 78 19.67 -35.86 13.28
CA GLU A 78 18.60 -35.94 12.28
C GLU A 78 17.49 -34.96 12.58
N CYS A 79 17.34 -34.56 13.83
CA CYS A 79 16.40 -33.52 14.22
C CYS A 79 16.92 -32.11 13.89
N TYR A 80 18.23 -31.87 14.01
CA TYR A 80 18.87 -30.59 13.64
C TYR A 80 18.67 -30.22 12.19
N PHE A 81 18.58 -31.21 11.37
CA PHE A 81 18.37 -30.98 9.99
C PHE A 81 16.96 -31.09 9.59
N ALA A 82 16.36 -32.25 9.75
CA ALA A 82 15.01 -32.46 9.28
C ALA A 82 13.93 -31.53 9.78
N ILE A 83 13.99 -31.24 11.06
CA ILE A 83 12.90 -30.42 11.59
C ILE A 83 12.97 -29.00 11.04
N PRO A 84 14.12 -28.31 11.08
CA PRO A 84 14.17 -26.98 10.42
C PRO A 84 14.00 -27.05 8.92
N MET A 85 14.50 -28.11 8.28
CA MET A 85 14.54 -28.16 6.82
C MET A 85 13.16 -28.31 6.21
N ILE A 86 12.15 -28.65 7.03
CA ILE A 86 10.76 -28.66 6.54
C ILE A 86 10.00 -27.41 6.93
N GLY A 87 10.67 -26.41 7.49
CA GLY A 87 10.02 -25.18 7.91
C GLY A 87 9.52 -25.17 9.34
N ALA A 88 9.69 -26.26 10.08
CA ALA A 88 9.25 -26.29 11.46
C ALA A 88 10.35 -25.76 12.38
N LYS A 89 9.95 -25.40 13.60
CA LYS A 89 10.86 -24.89 14.60
C LYS A 89 11.30 -26.03 15.51
N LEU A 90 12.61 -26.18 15.68
CA LEU A 90 13.16 -27.22 16.54
C LEU A 90 13.34 -26.63 17.95
N HIS A 91 12.58 -27.17 18.91
CA HIS A 91 12.69 -26.73 20.30
C HIS A 91 13.56 -27.74 21.05
N MET A 92 14.71 -27.28 21.47
CA MET A 92 15.64 -28.14 22.24
C MET A 92 15.34 -27.91 23.71
N ILE A 93 14.89 -28.95 24.38
CA ILE A 93 14.52 -28.82 25.78
C ILE A 93 15.72 -29.17 26.65
N ASN A 94 16.06 -28.27 27.57
CA ASN A 94 17.11 -28.53 28.55
C ASN A 94 16.59 -29.54 29.55
N VAL A 95 17.03 -30.79 29.43
CA VAL A 95 16.53 -31.89 30.24
C VAL A 95 17.07 -31.78 31.67
N ARG A 96 18.06 -30.93 31.87
CA ARG A 96 18.65 -30.73 33.19
C ARG A 96 17.91 -29.68 34.01
N LEU A 97 16.96 -28.97 33.42
CA LEU A 97 16.12 -28.05 34.19
C LEU A 97 15.14 -28.84 35.07
N SER A 98 14.57 -28.13 36.04
CA SER A 98 13.55 -28.74 36.88
C SER A 98 12.30 -29.03 36.05
N PRO A 99 11.52 -30.04 36.46
CA PRO A 99 10.31 -30.36 35.68
C PRO A 99 9.34 -29.19 35.53
N GLU A 100 9.25 -28.32 36.55
CA GLU A 100 8.41 -27.14 36.41
C GLU A 100 8.93 -26.20 35.33
N GLN A 101 10.24 -25.99 35.27
CA GLN A 101 10.82 -25.15 34.24
C GLN A 101 10.64 -25.77 32.86
N ILE A 102 10.79 -27.09 32.76
CA ILE A 102 10.58 -27.76 31.48
C ILE A 102 9.14 -27.61 31.02
N LEU A 103 8.20 -27.75 31.96
CA LEU A 103 6.79 -27.55 31.64
C LEU A 103 6.53 -26.12 31.17
N TYR A 104 7.15 -25.15 31.85
CA TYR A 104 7.00 -23.76 31.44
C TYR A 104 7.51 -23.54 30.02
N THR A 105 8.68 -24.10 29.71
CA THR A 105 9.22 -23.95 28.36
C THR A 105 8.35 -24.61 27.32
N ILE A 106 7.81 -25.80 27.62
CA ILE A 106 6.95 -26.50 26.68
C ILE A 106 5.68 -25.70 26.42
N ASP A 107 5.07 -25.17 27.48
CA ASP A 107 3.85 -24.38 27.31
C ASP A 107 4.14 -23.07 26.56
N HIS A 108 5.27 -22.42 26.89
CA HIS A 108 5.60 -21.15 26.26
C HIS A 108 5.89 -21.32 24.77
N ALA A 109 6.65 -22.36 24.40
CA ALA A 109 6.95 -22.58 22.99
C ALA A 109 5.78 -23.20 22.24
N GLU A 110 4.83 -23.80 22.95
CA GLU A 110 3.66 -24.45 22.34
C GLU A 110 4.10 -25.52 21.35
N ASP A 111 4.81 -26.52 21.84
CA ASP A 111 5.28 -27.61 20.99
C ASP A 111 4.10 -28.46 20.53
N ASP A 112 4.13 -28.88 19.27
CA ASP A 112 3.11 -29.78 18.74
C ASP A 112 3.49 -31.24 18.90
N ILE A 113 4.76 -31.57 18.69
CA ILE A 113 5.28 -32.93 18.83
C ILE A 113 6.48 -32.89 19.76
N ILE A 114 6.55 -33.88 20.65
CA ILE A 114 7.67 -34.02 21.58
C ILE A 114 8.34 -35.36 21.32
N LEU A 115 9.62 -35.32 20.96
CA LEU A 115 10.44 -36.53 20.87
C LEU A 115 11.23 -36.65 22.17
N ILE A 116 10.83 -37.60 23.02
CA ILE A 116 11.39 -37.71 24.36
C ILE A 116 12.01 -39.10 24.52
N HIS A 117 13.24 -39.14 25.01
CA HIS A 117 13.88 -40.41 25.31
C HIS A 117 13.17 -41.09 26.47
N GLU A 118 13.17 -42.42 26.44
CA GLU A 118 12.45 -43.17 27.47
C GLU A 118 13.00 -42.92 28.87
N GLU A 119 14.27 -42.53 28.96
CA GLU A 119 14.86 -42.22 30.26
C GLU A 119 14.34 -40.92 30.84
N PHE A 120 13.77 -40.04 30.02
CA PHE A 120 13.18 -38.79 30.48
C PHE A 120 11.68 -38.91 30.73
N LEU A 121 11.11 -40.10 30.53
CA LEU A 121 9.69 -40.30 30.83
C LEU A 121 9.32 -39.98 32.27
N PRO A 122 10.13 -40.30 33.29
CA PRO A 122 9.79 -39.84 34.65
C PRO A 122 9.63 -38.33 34.76
N ILE A 123 10.42 -37.56 34.02
CA ILE A 123 10.25 -36.11 34.01
C ILE A 123 8.93 -35.71 33.37
N LEU A 124 8.59 -36.36 32.25
CA LEU A 124 7.34 -36.04 31.56
C LEU A 124 6.13 -36.38 32.41
N ASP A 125 6.17 -37.50 33.12
CA ASP A 125 5.01 -37.94 33.91
C ASP A 125 4.65 -36.94 35.00
N GLN A 126 5.61 -36.12 35.46
CA GLN A 126 5.31 -35.12 36.47
C GLN A 126 4.57 -33.92 35.90
N ILE A 127 4.65 -33.69 34.59
CA ILE A 127 4.12 -32.48 33.98
C ILE A 127 3.24 -32.81 32.78
N LYS A 128 3.02 -34.10 32.53
CA LYS A 128 2.26 -34.50 31.35
C LYS A 128 0.83 -33.99 31.40
N GLY A 129 0.21 -33.99 32.59
CA GLY A 129 -1.16 -33.56 32.71
C GLY A 129 -1.38 -32.08 32.51
N ARG A 130 -0.33 -31.27 32.67
CA ARG A 130 -0.43 -29.82 32.57
C ARG A 130 0.07 -29.27 31.24
N ILE A 131 0.37 -30.12 30.27
CA ILE A 131 0.89 -29.64 28.99
C ILE A 131 -0.28 -29.23 28.10
N ASP A 132 -1.14 -30.18 27.74
CA ASP A 132 -2.39 -29.93 27.03
C ASP A 132 -2.16 -29.28 25.66
N THR A 133 -0.91 -29.15 25.22
CA THR A 133 -0.64 -28.49 23.95
C THR A 133 0.06 -29.43 22.97
N VAL A 134 0.55 -30.57 23.44
CA VAL A 134 1.26 -31.51 22.59
C VAL A 134 0.30 -32.60 22.12
N THR A 135 0.23 -32.80 20.81
CA THR A 135 -0.70 -33.77 20.24
C THR A 135 -0.14 -35.18 20.18
N ARG A 136 1.18 -35.34 20.17
CA ARG A 136 1.77 -36.66 20.06
C ARG A 136 3.13 -36.68 20.75
N TYR A 137 3.41 -37.77 21.46
CA TYR A 137 4.70 -38.02 22.07
C TYR A 137 5.34 -39.22 21.38
N VAL A 138 6.58 -39.05 20.93
CA VAL A 138 7.36 -40.13 20.32
C VAL A 138 8.46 -40.50 21.31
N VAL A 139 8.46 -41.75 21.75
CA VAL A 139 9.39 -42.22 22.76
C VAL A 139 10.63 -42.78 22.06
N LEU A 140 11.80 -42.23 22.40
CA LEU A 140 13.04 -42.65 21.78
C LEU A 140 13.74 -43.67 22.67
N ARG A 141 14.24 -44.73 22.05
CA ARG A 141 14.96 -45.79 22.75
C ARG A 141 16.23 -46.12 21.98
N ASP A 142 17.20 -46.68 22.69
CA ASP A 142 18.47 -47.08 22.10
C ASP A 142 18.46 -48.51 21.58
N ASP A 143 17.28 -49.04 21.26
CA ASP A 143 17.14 -50.40 20.75
C ASP A 143 16.16 -50.40 19.59
N GLU A 144 15.78 -51.59 19.16
CA GLU A 144 14.89 -51.74 18.00
C GLU A 144 13.46 -51.31 18.27
N GLU A 145 13.08 -51.15 19.54
CA GLU A 145 11.71 -50.77 19.90
C GLU A 145 11.51 -49.26 19.95
N CYS A 146 12.45 -48.50 19.41
CA CYS A 146 12.32 -47.04 19.40
C CYS A 146 11.18 -46.62 18.48
N GLU A 147 10.32 -45.74 18.97
CA GLU A 147 9.20 -45.26 18.16
C GLU A 147 9.67 -44.39 17.01
N TYR A 148 10.75 -43.63 17.22
CA TYR A 148 11.31 -42.81 16.14
C TYR A 148 11.81 -43.68 14.99
N GLU A 149 12.50 -44.78 15.32
CA GLU A 149 12.98 -45.67 14.27
C GLU A 149 11.82 -46.32 13.53
N ARG A 150 10.78 -46.73 14.25
CA ARG A 150 9.61 -47.31 13.59
C ARG A 150 8.91 -46.29 12.70
N LEU A 151 8.82 -45.04 13.13
CA LEU A 151 8.23 -44.00 12.29
C LEU A 151 9.07 -43.78 11.03
N LEU A 152 10.39 -43.79 11.17
CA LEU A 152 11.25 -43.61 10.01
C LEU A 152 11.14 -44.78 9.05
N GLU A 153 10.99 -46.00 9.57
CA GLU A 153 10.93 -47.18 8.72
C GLU A 153 9.73 -47.18 7.78
N GLN A 154 8.63 -46.53 8.17
CA GLN A 154 7.42 -46.52 7.36
C GLN A 154 7.48 -45.52 6.21
N GLU A 155 8.52 -44.70 6.14
CA GLU A 155 8.60 -43.61 5.18
C GLU A 155 9.62 -43.91 4.09
N SER A 156 9.43 -43.27 2.94
CA SER A 156 10.38 -43.41 1.85
C SER A 156 11.58 -42.49 2.06
N THR A 157 12.66 -42.78 1.33
CA THR A 157 13.89 -42.01 1.44
C THR A 157 13.94 -40.84 0.47
N GLU A 158 12.83 -40.46 -0.13
CA GLU A 158 12.77 -39.35 -1.08
C GLU A 158 11.92 -38.24 -0.50
N TYR A 159 12.45 -37.02 -0.54
CA TYR A 159 11.72 -35.85 -0.07
C TYR A 159 12.24 -34.61 -0.80
N ASN A 160 11.31 -33.72 -1.16
CA ASN A 160 11.65 -32.45 -1.80
C ASN A 160 11.50 -31.35 -0.76
N PHE A 161 12.61 -30.92 -0.19
CA PHE A 161 12.57 -29.95 0.89
C PHE A 161 12.22 -28.57 0.35
N PRO A 162 11.29 -27.86 0.96
CA PRO A 162 10.80 -26.61 0.38
C PRO A 162 11.82 -25.48 0.47
N ASP A 163 11.60 -24.47 -0.36
CA ASP A 163 12.34 -23.22 -0.30
C ASP A 163 11.48 -22.16 0.37
N PHE A 164 12.04 -21.53 1.40
CA PHE A 164 11.33 -20.46 2.10
C PHE A 164 12.32 -19.37 2.45
N ASP A 165 11.80 -18.30 3.06
CA ASP A 165 12.64 -17.19 3.48
C ASP A 165 13.72 -17.66 4.44
N GLU A 166 14.93 -17.15 4.24
CA GLU A 166 16.05 -17.51 5.13
C GLU A 166 15.85 -17.01 6.54
N ASN A 167 14.92 -16.07 6.75
CA ASN A 167 14.63 -15.55 8.07
C ASN A 167 13.60 -16.38 8.82
N THR A 168 13.18 -17.51 8.25
CA THR A 168 12.30 -18.42 8.97
C THR A 168 13.02 -18.98 10.20
N VAL A 169 12.33 -18.96 11.34
CA VAL A 169 12.92 -19.44 12.58
C VAL A 169 13.14 -20.95 12.49
N ALA A 170 14.35 -21.39 12.77
CA ALA A 170 14.72 -22.80 12.66
C ALA A 170 14.82 -23.50 14.01
N THR A 171 15.47 -22.88 14.99
CA THR A 171 15.67 -23.50 16.29
C THR A 171 15.28 -22.53 17.38
N THR A 172 14.80 -23.07 18.50
CA THR A 172 14.49 -22.28 19.67
C THR A 172 14.80 -23.08 20.92
N PHE A 173 15.19 -22.38 21.97
CA PHE A 173 15.49 -23.00 23.26
C PHE A 173 15.48 -21.91 24.32
N TYR A 174 15.41 -22.33 25.57
CA TYR A 174 15.19 -21.43 26.70
C TYR A 174 16.42 -21.46 27.61
N THR A 175 16.93 -20.27 27.94
CA THR A 175 18.03 -20.15 28.87
C THR A 175 17.50 -19.75 30.24
N THR A 176 18.18 -20.24 31.30
CA THR A 176 17.69 -19.97 32.65
C THR A 176 17.99 -18.53 33.05
N GLY A 177 19.26 -18.16 33.13
CA GLY A 177 19.63 -16.81 33.49
C GLY A 177 19.17 -16.45 34.89
N THR A 178 18.83 -15.17 35.06
CA THR A 178 18.33 -14.66 36.33
C THR A 178 17.03 -13.87 36.16
N THR A 179 16.19 -14.24 35.19
CA THR A 179 14.96 -13.50 34.92
C THR A 179 13.77 -14.00 35.70
N GLY A 180 13.91 -15.05 36.50
CA GLY A 180 12.79 -15.60 37.23
C GLY A 180 12.11 -16.71 36.46
N PHE A 181 11.98 -16.54 35.15
CA PHE A 181 11.46 -17.56 34.25
C PHE A 181 12.44 -17.76 33.10
N PRO A 182 12.48 -18.97 32.54
CA PRO A 182 13.34 -19.19 31.36
C PRO A 182 12.93 -18.28 30.22
N LYS A 183 13.93 -17.77 29.51
CA LYS A 183 13.73 -16.86 28.39
C LYS A 183 14.04 -17.58 27.09
N GLY A 184 13.13 -17.50 26.13
CA GLY A 184 13.28 -18.23 24.89
C GLY A 184 14.02 -17.41 23.84
N VAL A 185 15.10 -17.97 23.32
CA VAL A 185 15.84 -17.36 22.22
C VAL A 185 15.64 -18.23 20.98
N PHE A 186 15.69 -17.59 19.82
CA PHE A 186 15.42 -18.29 18.57
C PHE A 186 16.42 -17.84 17.52
N PHE A 187 16.68 -18.73 16.57
CA PHE A 187 17.63 -18.48 15.49
C PHE A 187 17.02 -18.92 14.17
N THR A 188 17.27 -18.15 13.13
CA THR A 188 16.74 -18.44 11.81
C THR A 188 17.69 -19.33 11.03
N HIS A 189 17.24 -19.77 9.85
CA HIS A 189 18.11 -20.54 8.96
C HIS A 189 19.33 -19.72 8.55
N ARG A 190 19.11 -18.46 8.22
CA ARG A 190 20.22 -17.58 7.82
C ARG A 190 21.24 -17.46 8.94
N GLN A 191 20.76 -17.28 10.18
CA GLN A 191 21.68 -17.11 11.29
C GLN A 191 22.51 -18.36 11.54
N LEU A 192 21.89 -19.54 11.45
CA LEU A 192 22.65 -20.78 11.67
C LEU A 192 23.65 -21.03 10.54
N VAL A 193 23.25 -20.78 9.29
CA VAL A 193 24.18 -20.94 8.18
C VAL A 193 25.34 -19.98 8.32
N LEU A 194 25.06 -18.73 8.69
CA LEU A 194 26.14 -17.74 8.87
C LEU A 194 27.03 -18.10 10.04
N HIS A 195 26.46 -18.66 11.11
CA HIS A 195 27.28 -19.12 12.23
C HIS A 195 28.24 -20.22 11.79
N THR A 196 27.72 -21.20 11.05
CA THR A 196 28.57 -22.27 10.55
C THR A 196 29.69 -21.70 9.67
N MET A 197 29.33 -20.81 8.72
CA MET A 197 30.31 -20.25 7.80
C MET A 197 31.36 -19.44 8.53
N GLY A 198 30.93 -18.56 9.43
CA GLY A 198 31.87 -17.68 10.11
C GLY A 198 32.82 -18.44 11.02
N ILE A 199 32.31 -19.40 11.79
CA ILE A 199 33.21 -20.12 12.68
C ILE A 199 34.11 -21.06 11.89
N LEU A 200 33.60 -21.70 10.83
CA LEU A 200 34.46 -22.51 9.99
C LEU A 200 35.52 -21.67 9.27
N SER A 201 35.24 -20.39 9.04
CA SER A 201 36.28 -19.50 8.54
C SER A 201 37.25 -19.10 9.66
N THR A 202 36.78 -19.08 10.90
CA THR A 202 37.63 -18.71 12.03
C THR A 202 38.54 -19.87 12.42
N ILE A 203 37.95 -20.99 12.84
CA ILE A 203 38.76 -22.18 13.11
C ILE A 203 38.83 -23.04 11.85
N GLY A 204 39.97 -23.69 11.67
CA GLY A 204 40.26 -24.40 10.44
C GLY A 204 41.22 -23.62 9.56
N THR A 205 41.03 -22.30 9.49
CA THR A 205 41.99 -21.45 8.82
C THR A 205 43.17 -21.07 9.72
N ASN A 206 43.16 -21.52 10.97
CA ASN A 206 44.33 -21.36 11.82
C ASN A 206 45.47 -22.21 11.28
N ALA A 207 46.71 -21.75 11.55
CA ALA A 207 47.87 -22.39 10.94
C ALA A 207 48.00 -23.85 11.34
N SER A 208 48.24 -24.11 12.63
CA SER A 208 48.44 -25.48 13.08
C SER A 208 47.57 -25.84 14.28
N GLN A 209 47.35 -24.88 15.18
CA GLN A 209 46.69 -25.18 16.44
C GLN A 209 45.19 -24.92 16.35
N GLY A 210 44.42 -25.76 17.04
CA GLY A 210 42.99 -25.56 17.17
C GLY A 210 42.21 -25.60 15.88
N ARG A 211 42.54 -26.53 14.98
CA ARG A 211 41.84 -26.62 13.70
C ARG A 211 40.69 -27.62 13.77
N LEU A 212 39.57 -27.25 13.17
CA LEU A 212 38.52 -28.18 12.82
C LEU A 212 38.51 -28.33 11.30
N HIS A 213 38.96 -29.48 10.82
CA HIS A 213 39.18 -29.67 9.39
C HIS A 213 38.54 -30.97 8.94
N GLN A 214 38.55 -31.18 7.62
CA GLN A 214 37.84 -32.30 7.01
C GLN A 214 38.39 -33.66 7.42
N GLY A 215 39.64 -33.73 7.90
CA GLY A 215 40.20 -34.97 8.36
C GLY A 215 39.94 -35.29 9.81
N ASP A 216 39.26 -34.39 10.53
CA ASP A 216 39.00 -34.60 11.95
C ASP A 216 37.90 -35.64 12.15
N ILE A 217 37.85 -36.19 13.36
CA ILE A 217 36.76 -37.06 13.81
C ILE A 217 36.09 -36.37 14.99
N TYR A 218 34.79 -36.14 14.87
CA TYR A 218 34.07 -35.26 15.77
C TYR A 218 33.26 -36.04 16.79
N MET A 219 33.38 -35.66 18.06
CA MET A 219 32.58 -36.21 19.14
C MET A 219 32.19 -35.11 20.11
N PRO A 220 30.92 -34.71 20.13
CA PRO A 220 30.50 -33.67 21.08
C PRO A 220 30.38 -34.21 22.48
N ILE A 221 30.84 -33.42 23.45
CA ILE A 221 30.64 -33.74 24.86
C ILE A 221 29.89 -32.58 25.48
N THR A 222 29.32 -31.73 24.64
CA THR A 222 28.40 -30.67 25.04
C THR A 222 26.99 -31.07 24.68
N PRO A 223 26.04 -30.97 25.60
CA PRO A 223 24.68 -31.43 25.30
C PRO A 223 24.10 -30.74 24.08
N MET A 224 23.37 -31.51 23.26
CA MET A 224 22.86 -30.98 22.00
C MET A 224 21.66 -30.08 22.20
N PHE A 225 21.10 -30.00 23.40
CA PHE A 225 20.10 -28.98 23.69
C PHE A 225 20.72 -27.67 24.13
N HIS A 226 22.04 -27.61 24.28
CA HIS A 226 22.73 -26.43 24.78
C HIS A 226 23.24 -25.62 23.59
N VAL A 227 22.42 -24.66 23.14
CA VAL A 227 22.73 -23.75 22.04
C VAL A 227 23.28 -24.50 20.84
N HIS A 228 22.46 -25.39 20.27
CA HIS A 228 22.81 -26.17 19.07
C HIS A 228 24.09 -26.98 19.29
N ALA A 229 24.37 -27.37 20.53
CA ALA A 229 25.64 -27.97 20.91
C ALA A 229 26.80 -27.10 20.44
N TRP A 230 26.65 -25.79 20.67
CA TRP A 230 27.60 -24.77 20.22
C TRP A 230 27.72 -24.70 18.71
N GLY A 231 26.70 -25.17 17.99
CA GLY A 231 26.67 -25.10 16.54
C GLY A 231 27.64 -26.02 15.84
N LEU A 232 28.38 -26.84 16.58
CA LEU A 232 29.42 -27.70 16.02
C LEU A 232 28.91 -28.94 15.28
N PRO A 233 27.77 -29.54 15.67
CA PRO A 233 27.23 -30.62 14.82
C PRO A 233 26.96 -30.18 13.39
N TYR A 234 26.43 -28.97 13.19
CA TYR A 234 26.23 -28.45 11.84
C TYR A 234 27.56 -28.31 11.12
N MET A 235 28.58 -27.83 11.82
CA MET A 235 29.89 -27.61 11.23
C MET A 235 30.51 -28.93 10.82
N ALA A 236 30.39 -29.96 11.67
CA ALA A 236 30.96 -31.26 11.37
C ALA A 236 30.22 -31.92 10.22
N THR A 237 28.90 -31.74 10.16
CA THR A 237 28.15 -32.29 9.03
C THR A 237 28.54 -31.60 7.73
N MET A 238 28.71 -30.27 7.76
CA MET A 238 29.14 -29.38 6.63
C MET A 238 30.52 -29.78 6.13
N LEU A 239 31.38 -30.25 7.01
CA LEU A 239 32.70 -30.75 6.65
C LEU A 239 32.69 -32.21 6.25
N GLY A 240 31.58 -32.91 6.45
CA GLY A 240 31.50 -34.32 6.11
C GLY A 240 32.47 -35.20 6.89
N VAL A 241 32.76 -34.85 8.14
CA VAL A 241 33.69 -35.63 8.94
C VAL A 241 32.95 -36.76 9.64
N LYS A 242 33.72 -37.74 10.12
CA LYS A 242 33.14 -38.80 10.92
C LYS A 242 32.67 -38.25 12.26
N GLN A 243 31.39 -38.48 12.57
CA GLN A 243 30.77 -37.97 13.78
C GLN A 243 30.47 -39.12 14.72
N VAL A 244 30.89 -38.99 15.97
CA VAL A 244 30.63 -39.97 17.02
C VAL A 244 29.75 -39.31 18.07
N TYR A 245 28.62 -39.92 18.38
CA TYR A 245 27.70 -39.38 19.37
C TYR A 245 27.64 -40.31 20.58
N PRO A 246 28.00 -39.83 21.77
CA PRO A 246 28.15 -40.74 22.92
C PRO A 246 26.88 -41.06 23.67
N GLY A 247 25.77 -40.36 23.42
CA GLY A 247 24.58 -40.60 24.22
C GLY A 247 24.74 -40.01 25.61
N LYS A 248 24.26 -40.70 26.61
CA LYS A 248 24.34 -40.22 27.96
C LYS A 248 25.79 -40.21 28.41
N TYR A 249 26.26 -39.11 28.93
CA TYR A 249 27.67 -38.99 29.31
C TYR A 249 28.23 -39.82 30.44
N VAL A 250 29.08 -40.79 30.16
CA VAL A 250 29.77 -41.60 31.15
C VAL A 250 31.26 -41.47 30.87
N PRO A 251 32.09 -41.09 31.85
CA PRO A 251 33.52 -40.86 31.55
C PRO A 251 34.20 -42.07 30.94
N ASP A 252 33.91 -43.28 31.42
CA ASP A 252 34.50 -44.47 30.82
C ASP A 252 34.04 -44.67 29.38
N VAL A 253 32.74 -44.47 29.12
CA VAL A 253 32.23 -44.60 27.76
C VAL A 253 32.83 -43.53 26.86
N LEU A 254 32.94 -42.30 27.34
CA LEU A 254 33.54 -41.23 26.55
C LEU A 254 34.99 -41.54 26.20
N LEU A 255 35.76 -42.00 27.19
CA LEU A 255 37.16 -42.32 26.92
C LEU A 255 37.29 -43.51 25.98
N ASN A 256 36.44 -44.52 26.12
CA ASN A 256 36.47 -45.65 25.21
C ASN A 256 36.14 -45.24 23.79
N LEU A 257 35.15 -44.34 23.64
CA LEU A 257 34.81 -43.84 22.31
C LEU A 257 35.96 -43.03 21.72
N ILE A 258 36.62 -42.20 22.54
CA ILE A 258 37.76 -41.43 22.05
C ILE A 258 38.87 -42.36 21.59
N GLU A 259 39.15 -43.41 22.36
CA GLU A 259 40.25 -44.31 22.02
C GLU A 259 39.93 -45.15 20.80
N GLN A 260 38.72 -45.71 20.73
CA GLN A 260 38.42 -46.71 19.70
C GLN A 260 37.94 -46.06 18.40
N GLU A 261 37.31 -44.89 18.47
CA GLU A 261 36.87 -44.19 17.28
C GLU A 261 37.87 -43.17 16.77
N LYS A 262 39.02 -43.05 17.43
CA LYS A 262 40.07 -42.11 17.03
C LYS A 262 39.55 -40.68 16.98
N VAL A 263 38.80 -40.28 18.02
CA VAL A 263 38.25 -38.94 18.08
C VAL A 263 39.37 -37.92 18.18
N THR A 264 39.30 -36.89 17.34
CA THR A 264 40.31 -35.84 17.33
C THR A 264 39.78 -34.47 17.71
N PHE A 265 38.48 -34.21 17.57
CA PHE A 265 37.91 -32.92 17.92
C PHE A 265 36.71 -33.13 18.83
N SER A 266 36.69 -32.39 19.94
CA SER A 266 35.60 -32.47 20.91
C SER A 266 35.40 -31.11 21.55
N HIS A 267 34.30 -30.97 22.29
CA HIS A 267 34.01 -29.74 23.02
C HIS A 267 33.17 -30.09 24.24
N CYS A 268 33.48 -29.43 25.35
CA CYS A 268 32.81 -29.71 26.62
C CYS A 268 33.06 -28.56 27.58
N VAL A 269 32.30 -28.55 28.67
CA VAL A 269 32.49 -27.59 29.75
C VAL A 269 33.71 -28.02 30.55
N PRO A 270 34.35 -27.11 31.32
CA PRO A 270 35.57 -27.51 32.05
C PRO A 270 35.36 -28.65 33.03
N THR A 271 34.17 -28.77 33.63
CA THR A 271 33.93 -29.85 34.57
C THR A 271 34.00 -31.21 33.89
N ILE A 272 33.48 -31.33 32.67
CA ILE A 272 33.54 -32.60 31.95
C ILE A 272 34.98 -32.94 31.61
N LEU A 273 35.77 -31.95 31.21
CA LEU A 273 37.19 -32.20 30.94
C LEU A 273 37.92 -32.65 32.20
N HIS A 274 37.60 -32.03 33.34
CA HIS A 274 38.21 -32.45 34.60
C HIS A 274 37.83 -33.88 34.94
N LEU A 275 36.57 -34.25 34.74
CA LEU A 275 36.14 -35.61 34.99
C LEU A 275 36.85 -36.60 34.07
N LEU A 276 37.01 -36.24 32.80
CA LEU A 276 37.69 -37.11 31.86
C LEU A 276 39.16 -37.30 32.24
N LEU A 277 39.83 -36.21 32.63
CA LEU A 277 41.24 -36.32 32.98
C LEU A 277 41.45 -37.01 34.32
N SER A 278 40.47 -36.95 35.22
CA SER A 278 40.60 -37.58 36.53
C SER A 278 40.17 -39.03 36.52
N SER A 279 39.62 -39.52 35.42
CA SER A 279 39.18 -40.92 35.36
C SER A 279 40.40 -41.84 35.41
N PRO A 280 40.32 -42.96 36.14
CA PRO A 280 41.49 -43.86 36.23
C PRO A 280 41.98 -44.39 34.89
N LYS A 281 41.07 -44.68 33.97
CA LYS A 281 41.47 -45.28 32.70
C LYS A 281 42.03 -44.26 31.70
N SER A 282 41.96 -42.97 32.02
CA SER A 282 42.52 -41.96 31.13
C SER A 282 44.04 -41.90 31.20
N LYS A 283 44.64 -42.47 32.25
CA LYS A 283 46.09 -42.41 32.40
C LYS A 283 46.80 -43.22 31.32
N ALA A 284 46.24 -44.36 30.92
CA ALA A 284 46.86 -45.19 29.91
C ALA A 284 46.44 -44.84 28.49
N MET A 285 45.58 -43.83 28.34
CA MET A 285 45.10 -43.45 27.01
C MET A 285 46.04 -42.45 26.35
N ASP A 286 46.05 -42.48 25.02
CA ASP A 286 46.90 -41.58 24.23
C ASP A 286 46.05 -40.40 23.78
N PHE A 287 46.36 -39.22 24.31
CA PHE A 287 45.60 -38.00 24.04
C PHE A 287 46.31 -37.06 23.07
N SER A 288 47.35 -37.53 22.38
CA SER A 288 48.15 -36.65 21.53
C SER A 288 47.34 -36.05 20.39
N GLY A 289 46.50 -36.84 19.72
CA GLY A 289 45.74 -36.37 18.59
C GLY A 289 44.39 -35.78 18.90
N TRP A 290 44.07 -35.56 20.18
CA TRP A 290 42.75 -35.10 20.59
C TRP A 290 42.77 -33.60 20.82
N LYS A 291 41.85 -32.90 20.17
CA LYS A 291 41.65 -31.47 20.37
C LYS A 291 40.31 -31.24 21.04
N VAL A 292 40.30 -30.48 22.12
CA VAL A 292 39.09 -30.14 22.85
C VAL A 292 39.03 -28.63 23.05
N VAL A 293 37.88 -28.04 22.79
CA VAL A 293 37.65 -26.63 23.04
C VAL A 293 36.69 -26.49 24.21
N ILE A 294 37.07 -25.68 25.19
CA ILE A 294 36.35 -25.58 26.46
C ILE A 294 35.55 -24.28 26.46
N GLY A 295 34.24 -24.40 26.62
CA GLY A 295 33.37 -23.24 26.68
C GLY A 295 32.35 -23.40 27.80
N GLY A 296 31.44 -22.44 27.87
CA GLY A 296 30.41 -22.41 28.88
C GLY A 296 30.83 -21.89 30.24
N ALA A 297 32.10 -22.02 30.59
CA ALA A 297 32.61 -21.52 31.86
C ALA A 297 34.10 -21.24 31.71
N ALA A 298 34.63 -20.44 32.65
CA ALA A 298 36.04 -20.11 32.61
C ALA A 298 36.89 -21.36 32.79
N LEU A 299 37.88 -21.52 31.92
CA LEU A 299 38.77 -22.67 32.00
C LEU A 299 39.87 -22.40 33.02
N PRO A 300 39.96 -23.17 34.10
CA PRO A 300 41.04 -22.95 35.07
C PRO A 300 42.41 -23.16 34.44
N LYS A 301 43.37 -22.35 34.88
CA LYS A 301 44.73 -22.48 34.37
C LYS A 301 45.34 -23.82 34.77
N ALA A 302 45.05 -24.30 35.98
CA ALA A 302 45.56 -25.58 36.41
C ALA A 302 45.01 -26.73 35.56
N LEU A 303 43.71 -26.69 35.25
CA LEU A 303 43.12 -27.72 34.41
C LEU A 303 43.69 -27.68 33.00
N CYS A 304 43.88 -26.48 32.46
CA CYS A 304 44.48 -26.34 31.13
C CYS A 304 45.91 -26.88 31.11
N LYS A 305 46.68 -26.59 32.16
CA LYS A 305 48.05 -27.10 32.25
C LYS A 305 48.06 -28.62 32.34
N SER A 306 47.15 -29.17 33.15
CA SER A 306 47.07 -30.63 33.25
C SER A 306 46.70 -31.28 31.93
N ALA A 307 45.77 -30.67 31.19
CA ALA A 307 45.42 -31.18 29.86
C ALA A 307 46.58 -31.07 28.89
N LEU A 308 47.32 -29.95 28.94
CA LEU A 308 48.48 -29.79 28.06
C LEU A 308 49.56 -30.81 28.36
N GLU A 309 49.75 -31.14 29.64
CA GLU A 309 50.71 -32.17 30.02
C GLU A 309 50.34 -33.54 29.49
N ARG A 310 49.08 -33.73 29.06
CA ARG A 310 48.65 -34.95 28.40
C ARG A 310 48.67 -34.83 26.88
N ASP A 311 49.33 -33.79 26.36
CA ASP A 311 49.42 -33.51 24.92
C ASP A 311 48.05 -33.24 24.30
N ILE A 312 47.13 -32.64 25.07
CA ILE A 312 45.83 -32.29 24.53
C ILE A 312 45.88 -30.86 24.01
N ASP A 313 45.42 -30.66 22.77
CA ASP A 313 45.30 -29.33 22.20
C ASP A 313 44.02 -28.70 22.77
N VAL A 314 44.14 -28.16 23.97
CA VAL A 314 43.03 -27.59 24.71
C VAL A 314 43.07 -26.07 24.57
N PHE A 315 41.93 -25.49 24.21
CA PHE A 315 41.81 -24.04 24.09
C PHE A 315 40.38 -23.64 24.44
N ALA A 316 40.20 -22.39 24.82
CA ALA A 316 38.91 -21.95 25.34
C ALA A 316 38.10 -21.22 24.27
N GLY A 317 36.80 -21.15 24.52
CA GLY A 317 35.87 -20.41 23.68
C GLY A 317 34.81 -19.77 24.54
N TYR A 318 34.04 -18.87 23.93
CA TYR A 318 33.07 -18.11 24.70
C TYR A 318 31.80 -17.90 23.87
N GLY A 319 30.67 -17.95 24.55
CA GLY A 319 29.40 -17.68 23.92
C GLY A 319 28.28 -17.81 24.94
N MET A 320 27.06 -17.55 24.46
CA MET A 320 25.88 -17.72 25.29
C MET A 320 24.71 -18.11 24.40
N SER A 321 23.61 -18.53 25.05
CA SER A 321 22.43 -18.99 24.35
C SER A 321 21.90 -17.93 23.39
N GLU A 322 22.11 -16.65 23.72
CA GLU A 322 21.61 -15.57 22.90
C GLU A 322 22.47 -15.27 21.67
N THR A 323 23.70 -15.79 21.61
CA THR A 323 24.69 -15.29 20.65
C THR A 323 25.18 -16.35 19.69
N GLY A 324 24.44 -17.44 19.50
CA GLY A 324 24.77 -18.34 18.42
C GLY A 324 25.19 -19.77 18.74
N PRO A 325 26.07 -19.99 19.74
CA PRO A 325 26.62 -19.10 20.77
C PRO A 325 27.97 -18.45 20.46
N ILE A 326 28.76 -19.01 19.54
CA ILE A 326 30.20 -18.71 19.51
C ILE A 326 30.41 -17.23 19.20
N LEU A 327 31.14 -16.55 20.08
CA LEU A 327 31.56 -15.17 19.91
C LEU A 327 33.07 -15.00 19.85
N SER A 328 33.81 -15.82 20.59
CA SER A 328 35.26 -15.72 20.61
C SER A 328 35.85 -17.10 20.84
N ILE A 329 36.98 -17.36 20.19
CA ILE A 329 37.71 -18.62 20.32
C ILE A 329 39.18 -18.30 20.49
N VAL A 330 39.86 -19.05 21.36
CA VAL A 330 41.29 -18.86 21.57
C VAL A 330 42.04 -19.43 20.36
N GLN A 331 42.74 -18.56 19.65
CA GLN A 331 43.59 -18.95 18.52
C GLN A 331 44.99 -18.44 18.78
N LEU A 332 45.96 -19.34 18.75
CA LEU A 332 47.33 -19.03 19.12
C LEU A 332 48.20 -18.83 17.89
N THR A 333 48.97 -17.75 17.89
CA THR A 333 49.94 -17.50 16.84
C THR A 333 51.09 -18.50 16.97
N PRO A 334 51.83 -18.74 15.89
CA PRO A 334 52.97 -19.67 15.97
C PRO A 334 54.02 -19.25 16.99
N GLU A 335 54.18 -17.95 17.25
CA GLU A 335 55.07 -17.52 18.32
C GLU A 335 54.57 -17.98 19.68
N GLN A 336 53.26 -17.91 19.91
CA GLN A 336 52.70 -18.34 21.18
C GLN A 336 52.75 -19.85 21.36
N LEU A 337 52.78 -20.61 20.26
CA LEU A 337 52.89 -22.06 20.36
C LEU A 337 54.28 -22.51 20.76
N GLU A 338 55.27 -21.63 20.67
CA GLU A 338 56.63 -21.95 21.08
C GLU A 338 56.88 -21.68 22.55
N LEU A 339 55.91 -21.11 23.27
CA LEU A 339 56.09 -20.79 24.68
C LEU A 339 56.06 -22.05 25.52
N ASP A 340 56.46 -21.90 26.78
CA ASP A 340 56.46 -23.01 27.71
C ASP A 340 55.03 -23.42 28.07
N VAL A 341 54.92 -24.47 28.89
CA VAL A 341 53.61 -25.01 29.23
C VAL A 341 52.79 -24.02 30.04
N ASP A 342 53.43 -23.31 30.97
CA ASP A 342 52.69 -22.37 31.82
C ASP A 342 52.15 -21.19 31.01
N GLN A 343 52.99 -20.60 30.15
CA GLN A 343 52.53 -19.49 29.33
C GLN A 343 51.46 -19.94 28.33
N GLN A 344 51.62 -21.13 27.77
CA GLN A 344 50.60 -21.65 26.85
C GLN A 344 49.29 -21.89 27.59
N ALA A 345 49.34 -22.38 28.83
CA ALA A 345 48.13 -22.53 29.61
C ALA A 345 47.49 -21.19 29.93
N GLU A 346 48.31 -20.17 30.21
CA GLU A 346 47.78 -18.83 30.45
C GLU A 346 47.06 -18.30 29.22
N TYR A 347 47.65 -18.49 28.04
CA TYR A 347 47.03 -17.98 26.82
C TYR A 347 45.79 -18.79 26.43
N ARG A 348 45.83 -20.11 26.62
CA ARG A 348 44.72 -20.96 26.21
C ARG A 348 43.51 -20.82 27.13
N SER A 349 43.70 -20.33 28.35
CA SER A 349 42.63 -20.16 29.30
C SER A 349 41.91 -18.82 29.16
N LYS A 350 42.33 -17.99 28.21
CA LYS A 350 41.68 -16.71 27.99
C LYS A 350 40.28 -16.91 27.42
N THR A 351 39.46 -15.87 27.52
CA THR A 351 38.14 -15.90 26.90
C THR A 351 38.23 -16.03 25.38
N GLY A 352 39.27 -15.48 24.77
CA GLY A 352 39.55 -15.68 23.37
C GLY A 352 39.37 -14.41 22.56
N LYS A 353 39.88 -14.48 21.33
CA LYS A 353 39.71 -13.39 20.35
C LYS A 353 38.38 -13.56 19.63
N LYS A 354 37.74 -12.43 19.33
CA LYS A 354 36.44 -12.47 18.70
C LYS A 354 36.52 -13.16 17.33
N VAL A 355 35.51 -13.97 17.04
CA VAL A 355 35.48 -14.75 15.81
C VAL A 355 35.06 -13.88 14.64
N ALA A 356 35.15 -14.42 13.44
CA ALA A 356 34.83 -13.67 12.22
C ALA A 356 33.43 -13.08 12.28
N LEU A 357 33.30 -11.86 11.77
CA LEU A 357 32.06 -11.09 11.64
C LEU A 357 31.46 -10.69 12.98
N VAL A 358 32.24 -10.68 14.05
CA VAL A 358 31.73 -10.31 15.38
C VAL A 358 32.38 -9.02 15.83
N GLU A 359 31.57 -8.06 16.24
CA GLU A 359 32.04 -6.82 16.83
C GLU A 359 31.92 -6.93 18.35
N ALA A 360 33.06 -6.87 19.04
CA ALA A 360 33.08 -7.03 20.50
C ALA A 360 33.66 -5.78 21.12
N TYR A 361 32.92 -5.19 22.06
CA TYR A 361 33.35 -4.01 22.78
C TYR A 361 33.07 -4.19 24.26
N ILE A 362 33.90 -3.57 25.08
CA ILE A 362 33.68 -3.49 26.52
C ILE A 362 33.25 -2.06 26.86
N VAL A 363 32.09 -1.93 27.50
CA VAL A 363 31.48 -0.64 27.74
C VAL A 363 31.11 -0.53 29.21
N ASP A 364 30.89 0.71 29.65
CA ASP A 364 30.44 0.98 31.01
C ASP A 364 28.92 0.97 31.06
N GLU A 365 28.36 1.46 32.17
CA GLU A 365 26.91 1.52 32.32
C GLU A 365 26.28 2.47 31.31
N ASP A 366 27.04 3.44 30.81
CA ASP A 366 26.55 4.39 29.82
C ASP A 366 26.95 4.03 28.39
N MET A 367 27.55 2.85 28.18
CA MET A 367 27.95 2.39 26.85
C MET A 367 28.95 3.34 26.21
N ASN A 368 30.11 3.52 26.85
CA ASN A 368 31.11 4.46 26.37
C ASN A 368 32.31 3.80 25.71
N LYS A 369 32.28 2.47 25.51
CA LYS A 369 33.35 1.77 24.79
C LYS A 369 34.71 1.98 25.44
N LEU A 370 34.88 1.45 26.66
CA LEU A 370 36.13 1.54 27.42
C LEU A 370 37.33 1.12 26.58
N PRO A 371 38.50 1.69 26.83
CA PRO A 371 39.68 1.35 26.04
C PRO A 371 40.11 -0.10 26.27
N HIS A 372 40.75 -0.66 25.24
CA HIS A 372 41.17 -2.06 25.26
C HIS A 372 42.55 -2.21 25.92
N ASP A 373 42.56 -2.02 27.24
CA ASP A 373 43.72 -2.35 28.03
C ASP A 373 43.52 -3.69 28.73
N GLY A 374 44.60 -4.25 29.26
CA GLY A 374 44.54 -5.55 29.90
C GLY A 374 44.05 -5.48 31.33
N GLU A 375 43.58 -4.30 31.76
CA GLU A 375 43.13 -4.13 33.14
C GLU A 375 41.77 -3.47 33.22
N THR A 376 41.41 -2.69 32.20
CA THR A 376 40.14 -1.97 32.22
C THR A 376 39.00 -2.93 31.89
N ALA A 377 38.09 -3.12 32.83
CA ALA A 377 37.01 -4.10 32.71
C ALA A 377 35.68 -3.40 32.47
N GLY A 378 34.90 -3.96 31.55
CA GLY A 378 33.58 -3.46 31.25
C GLY A 378 32.70 -4.58 30.72
N GLU A 379 31.43 -4.26 30.50
CA GLU A 379 30.49 -5.25 30.01
C GLU A 379 30.70 -5.49 28.51
N ILE A 380 30.72 -6.76 28.12
CA ILE A 380 30.87 -7.10 26.72
C ILE A 380 29.55 -6.87 26.00
N VAL A 381 29.59 -6.07 24.94
CA VAL A 381 28.44 -5.88 24.06
C VAL A 381 28.88 -6.28 22.65
N VAL A 382 28.00 -7.02 21.96
CA VAL A 382 28.40 -7.68 20.72
C VAL A 382 27.38 -7.39 19.62
N ARG A 383 27.90 -7.37 18.39
CA ARG A 383 27.09 -7.44 17.17
C ARG A 383 27.63 -8.57 16.32
N ALA A 384 26.73 -9.40 15.80
CA ALA A 384 27.13 -10.58 15.06
C ALA A 384 25.97 -11.00 14.17
N PRO A 385 26.23 -11.74 13.09
CA PRO A 385 25.14 -12.19 12.22
C PRO A 385 24.25 -13.25 12.84
N TRP A 386 24.60 -13.78 14.00
CA TRP A 386 23.89 -14.90 14.60
C TRP A 386 23.47 -14.58 16.03
N LEU A 387 22.94 -13.39 16.25
CA LEU A 387 22.42 -12.99 17.55
C LEU A 387 20.90 -13.04 17.53
N THR A 388 20.32 -13.46 18.64
CA THR A 388 18.87 -13.46 18.74
C THR A 388 18.36 -12.01 18.76
N PRO A 389 17.36 -11.67 17.96
CA PRO A 389 16.87 -10.29 17.95
C PRO A 389 16.18 -9.89 19.24
N ASN A 390 15.58 -10.84 19.94
CA ASN A 390 14.84 -10.56 21.16
C ASN A 390 14.55 -11.87 21.86
N TYR A 391 13.97 -11.78 23.04
CA TYR A 391 13.46 -12.95 23.73
C TYR A 391 12.05 -13.25 23.25
N TYR A 392 11.75 -14.54 23.09
CA TYR A 392 10.47 -14.93 22.49
C TYR A 392 9.31 -14.53 23.40
N LYS A 393 8.34 -13.83 22.81
CA LYS A 393 7.15 -13.37 23.52
C LYS A 393 7.50 -12.56 24.77
N ASP A 394 8.54 -11.73 24.65
CA ASP A 394 8.96 -10.86 25.74
C ASP A 394 9.33 -9.50 25.16
N ASN A 395 9.09 -8.44 25.93
CA ASN A 395 9.33 -7.07 25.47
C ASN A 395 10.38 -6.34 26.31
N LYS A 396 10.20 -6.28 27.63
CA LYS A 396 11.10 -5.48 28.46
C LYS A 396 12.47 -6.13 28.59
N ASN A 397 12.52 -7.44 28.81
CA ASN A 397 13.80 -8.13 28.82
C ASN A 397 14.46 -8.09 27.45
N SER A 398 13.66 -8.17 26.38
CA SER A 398 14.19 -8.01 25.03
C SER A 398 14.78 -6.62 24.83
N LYS A 399 14.09 -5.60 25.33
CA LYS A 399 14.60 -4.23 25.22
C LYS A 399 15.90 -4.06 25.99
N ALA A 400 15.98 -4.66 27.19
CA ALA A 400 17.21 -4.58 27.97
C ALA A 400 18.35 -5.35 27.32
N LEU A 401 18.02 -6.43 26.61
CA LEU A 401 19.05 -7.24 25.96
C LEU A 401 19.77 -6.45 24.87
N TRP A 402 19.03 -5.68 24.08
CA TRP A 402 19.58 -4.93 22.97
C TRP A 402 19.66 -3.44 23.25
N ARG A 403 19.85 -3.06 24.51
CA ARG A 403 19.96 -1.65 24.87
C ARG A 403 21.18 -1.02 24.23
N GLY A 404 20.99 0.17 23.66
CA GLY A 404 22.09 0.90 23.05
C GLY A 404 22.50 0.41 21.67
N GLY A 405 21.72 -0.45 21.05
CA GLY A 405 22.07 -0.95 19.73
C GLY A 405 23.05 -2.10 19.72
N TYR A 406 23.37 -2.65 20.89
CA TYR A 406 24.26 -3.79 20.99
C TYR A 406 23.65 -4.83 21.92
N LEU A 407 23.94 -6.10 21.64
CA LEU A 407 23.47 -7.17 22.52
C LEU A 407 24.32 -7.17 23.78
N HIS A 408 23.65 -7.12 24.93
CA HIS A 408 24.35 -7.05 26.21
C HIS A 408 24.56 -8.46 26.75
N THR A 409 25.83 -8.88 26.82
CA THR A 409 26.15 -10.23 27.27
C THR A 409 26.00 -10.41 28.77
N GLY A 410 26.09 -9.33 29.55
CA GLY A 410 26.08 -9.44 30.99
C GLY A 410 27.38 -9.91 31.59
N ASP A 411 28.45 -10.01 30.80
CA ASP A 411 29.75 -10.44 31.27
C ASP A 411 30.70 -9.26 31.33
N VAL A 412 31.45 -9.16 32.42
CA VAL A 412 32.44 -8.11 32.61
C VAL A 412 33.80 -8.68 32.25
N ALA A 413 34.52 -8.00 31.36
CA ALA A 413 35.78 -8.50 30.86
C ALA A 413 36.70 -7.35 30.48
N HIS A 414 37.98 -7.66 30.37
CA HIS A 414 38.98 -6.75 29.83
C HIS A 414 39.62 -7.38 28.59
N ILE A 415 39.82 -6.55 27.58
CA ILE A 415 40.40 -6.96 26.31
C ILE A 415 41.75 -6.29 26.17
N ASP A 416 42.81 -7.09 26.04
CA ASP A 416 44.14 -6.52 25.95
C ASP A 416 44.38 -5.91 24.56
N ASP A 417 45.60 -5.40 24.37
CA ASP A 417 45.94 -4.70 23.13
C ASP A 417 45.86 -5.62 21.92
N GLU A 418 46.28 -6.88 22.06
CA GLU A 418 46.30 -7.80 20.93
C GLU A 418 44.95 -8.46 20.67
N GLY A 419 43.94 -8.19 21.49
CA GLY A 419 42.60 -8.66 21.23
C GLY A 419 42.11 -9.82 22.06
N PHE A 420 42.89 -10.28 23.04
CA PHE A 420 42.45 -11.37 23.90
C PHE A 420 41.46 -10.85 24.94
N ILE A 421 40.24 -11.41 24.93
CA ILE A 421 39.27 -11.09 25.95
C ILE A 421 39.53 -11.95 27.18
N LYS A 422 39.23 -11.42 28.37
CA LYS A 422 39.36 -12.16 29.62
C LYS A 422 38.20 -11.79 30.53
N ILE A 423 37.23 -12.70 30.67
CA ILE A 423 36.05 -12.43 31.48
C ILE A 423 36.44 -12.45 32.96
N THR A 424 36.04 -11.41 33.68
CA THR A 424 36.27 -11.32 35.11
C THR A 424 35.11 -11.89 35.92
N ASP A 425 33.90 -11.41 35.70
CA ASP A 425 32.71 -11.93 36.38
C ASP A 425 31.48 -11.43 35.64
N ARG A 426 30.31 -11.66 36.23
CA ARG A 426 29.05 -11.19 35.65
C ARG A 426 28.79 -9.75 36.06
N VAL A 427 27.87 -9.11 35.33
CA VAL A 427 27.47 -7.74 35.67
C VAL A 427 26.71 -7.72 36.99
N LYS A 428 25.79 -8.67 37.17
CA LYS A 428 25.02 -8.76 38.41
C LYS A 428 25.89 -9.06 39.62
N ASP A 429 27.10 -9.59 39.42
CA ASP A 429 28.00 -9.92 40.50
C ASP A 429 28.99 -8.81 40.83
N MET A 430 28.85 -7.65 40.19
CA MET A 430 29.77 -6.54 40.45
C MET A 430 29.62 -6.05 41.88
N ILE A 431 30.74 -5.82 42.55
CA ILE A 431 30.75 -5.28 43.90
C ILE A 431 31.00 -3.78 43.78
N LYS A 432 30.01 -2.96 44.15
CA LYS A 432 30.08 -1.51 44.00
C LYS A 432 30.67 -0.86 45.26
N ILE A 433 31.98 -1.00 45.41
CA ILE A 433 32.71 -0.35 46.48
C ILE A 433 33.06 1.07 46.03
N SER A 434 32.13 2.01 46.27
CA SER A 434 32.25 3.40 45.81
C SER A 434 32.48 3.37 44.30
N GLY A 435 33.44 4.12 43.77
CA GLY A 435 33.72 4.08 42.34
C GLY A 435 34.62 2.96 41.90
N GLU A 436 35.15 2.17 42.83
CA GLU A 436 36.07 1.08 42.49
C GLU A 436 35.33 -0.26 42.52
N TRP A 437 34.75 -0.60 41.38
CA TRP A 437 34.08 -1.87 41.23
C TRP A 437 35.10 -3.00 41.14
N VAL A 438 34.87 -4.06 41.92
CA VAL A 438 35.76 -5.22 41.94
C VAL A 438 34.95 -6.47 41.63
N SER A 439 35.62 -7.44 41.00
CA SER A 439 34.95 -8.67 40.61
C SER A 439 34.88 -9.64 41.79
N SER A 440 33.73 -10.31 41.92
CA SER A 440 33.56 -11.29 42.97
C SER A 440 34.38 -12.54 42.69
N LEU A 441 34.57 -12.88 41.41
CA LEU A 441 35.25 -14.12 41.07
C LEU A 441 36.73 -14.09 41.44
N GLU A 442 37.38 -12.92 41.36
CA GLU A 442 38.77 -12.86 41.78
C GLU A 442 38.92 -13.13 43.27
N LEU A 443 38.02 -12.60 44.10
CA LEU A 443 38.06 -12.87 45.53
C LEU A 443 37.70 -14.32 45.82
N GLU A 444 36.75 -14.88 45.07
CA GLU A 444 36.42 -16.29 45.23
C GLU A 444 37.62 -17.17 44.90
N ASP A 445 38.34 -16.85 43.83
CA ASP A 445 39.56 -17.58 43.48
C ASP A 445 40.66 -17.41 44.53
N ILE A 446 40.81 -16.21 45.10
CA ILE A 446 41.79 -16.00 46.15
C ILE A 446 41.46 -16.86 47.37
N LEU A 447 40.20 -16.89 47.76
CA LEU A 447 39.81 -17.67 48.94
C LEU A 447 39.75 -19.16 48.64
N HIS A 448 39.70 -19.54 47.36
CA HIS A 448 39.63 -20.94 46.98
C HIS A 448 40.95 -21.68 47.14
N GLN A 449 42.04 -20.97 47.46
CA GLN A 449 43.33 -21.60 47.67
C GLN A 449 43.61 -21.91 49.13
N HIS A 450 42.62 -21.75 50.01
CA HIS A 450 42.82 -22.00 51.43
C HIS A 450 43.08 -23.48 51.68
N GLN A 451 43.65 -23.76 52.86
CA GLN A 451 44.00 -25.14 53.20
C GLN A 451 42.79 -26.05 53.28
N SER A 452 41.69 -25.57 53.86
CA SER A 452 40.51 -26.41 54.07
C SER A 452 39.26 -25.86 53.39
N VAL A 453 39.41 -24.99 52.38
CA VAL A 453 38.24 -24.43 51.71
C VAL A 453 37.69 -25.44 50.71
N SER A 454 36.37 -25.40 50.49
CA SER A 454 35.71 -26.27 49.53
C SER A 454 34.99 -25.48 48.44
N GLU A 455 34.22 -24.46 48.81
CA GLU A 455 33.51 -23.64 47.84
C GLU A 455 33.39 -22.21 48.37
N VAL A 456 33.61 -21.24 47.48
CA VAL A 456 33.57 -19.83 47.83
C VAL A 456 32.53 -19.15 46.96
N ALA A 457 31.72 -18.30 47.57
CA ALA A 457 30.69 -17.52 46.86
C ALA A 457 30.62 -16.15 47.49
N VAL A 458 31.31 -15.17 46.89
CA VAL A 458 31.30 -13.81 47.38
C VAL A 458 30.05 -13.11 46.87
N ILE A 459 29.24 -12.60 47.79
CA ILE A 459 27.97 -11.97 47.42
C ILE A 459 28.09 -10.46 47.36
N GLY A 460 28.41 -9.83 48.49
CA GLY A 460 28.39 -8.38 48.58
C GLY A 460 27.04 -7.87 49.01
N MET A 461 27.00 -7.15 50.13
CA MET A 461 25.76 -6.61 50.67
C MET A 461 25.95 -5.12 50.95
N PRO A 462 24.87 -4.34 50.95
CA PRO A 462 25.02 -2.88 51.02
C PRO A 462 25.73 -2.41 52.27
N HIS A 463 26.54 -1.37 52.11
CA HIS A 463 27.30 -0.77 53.20
C HIS A 463 27.05 0.73 53.20
N ASN A 464 27.00 1.33 54.39
CA ASN A 464 26.69 2.75 54.50
C ASN A 464 27.77 3.62 53.88
N LYS A 465 29.04 3.29 54.09
CA LYS A 465 30.13 4.15 53.63
C LYS A 465 30.50 3.86 52.18
N TRP A 466 30.80 2.60 51.86
CA TRP A 466 31.32 2.22 50.56
C TRP A 466 30.25 1.74 49.60
N GLY A 467 28.98 1.80 49.97
CA GLY A 467 27.92 1.30 49.10
C GLY A 467 27.77 -0.21 49.10
N GLU A 468 28.85 -0.93 48.78
CA GLU A 468 28.86 -2.38 48.82
C GLU A 468 30.20 -2.85 49.37
N VAL A 469 30.17 -3.94 50.13
CA VAL A 469 31.38 -4.56 50.65
C VAL A 469 31.31 -6.06 50.38
N PRO A 470 32.41 -6.70 50.00
CA PRO A 470 32.35 -8.11 49.50
C PRO A 470 32.19 -9.14 50.60
N LEU A 471 30.94 -9.38 51.00
CA LEU A 471 30.65 -10.49 51.89
C LEU A 471 30.95 -11.81 51.19
N ALA A 472 31.66 -12.70 51.89
CA ALA A 472 32.11 -13.96 51.31
C ALA A 472 31.53 -15.14 52.08
N LEU A 473 31.03 -16.13 51.35
CA LEU A 473 30.57 -17.38 51.93
C LEU A 473 31.56 -18.49 51.60
N VAL A 474 31.96 -19.24 52.61
CA VAL A 474 32.96 -20.29 52.47
C VAL A 474 32.44 -21.59 53.05
N THR A 475 32.51 -22.65 52.25
CA THR A 475 32.26 -24.00 52.71
C THR A 475 33.59 -24.71 52.94
N LEU A 476 33.62 -25.58 53.94
CA LEU A 476 34.86 -26.14 54.44
C LEU A 476 34.81 -27.67 54.41
N LYS A 477 36.00 -28.26 54.49
CA LYS A 477 36.12 -29.72 54.55
C LYS A 477 35.51 -30.22 55.85
N GLU A 478 34.97 -31.45 55.80
CA GLU A 478 34.29 -32.03 56.96
C GLU A 478 35.23 -32.13 58.15
N ASP A 479 34.75 -31.64 59.30
CA ASP A 479 35.44 -31.72 60.59
C ASP A 479 36.71 -30.87 60.64
N ALA A 480 37.09 -30.28 59.51
CA ALA A 480 38.23 -29.37 59.47
C ALA A 480 37.74 -27.91 59.49
N GLN A 481 37.13 -27.54 60.60
CA GLN A 481 36.52 -26.23 60.72
C GLN A 481 37.57 -25.12 60.74
N VAL A 482 37.26 -24.03 60.03
CA VAL A 482 38.10 -22.84 59.96
C VAL A 482 37.24 -21.63 60.30
N THR A 483 37.75 -20.79 61.19
CA THR A 483 37.01 -19.62 61.65
C THR A 483 37.12 -18.47 60.66
N GLU A 484 36.33 -17.43 60.90
CA GLU A 484 36.32 -16.26 60.03
C GLU A 484 37.67 -15.55 60.04
N LYS A 485 38.27 -15.41 61.22
CA LYS A 485 39.53 -14.68 61.33
C LYS A 485 40.66 -15.36 60.59
N GLU A 486 40.72 -16.70 60.62
CA GLU A 486 41.73 -17.42 59.87
C GLU A 486 41.58 -17.20 58.36
N LEU A 487 40.34 -17.24 57.86
CA LEU A 487 40.10 -16.97 56.45
C LEU A 487 40.48 -15.55 56.08
N LEU A 488 40.16 -14.59 56.95
CA LEU A 488 40.56 -13.20 56.70
C LEU A 488 42.07 -13.06 56.65
N GLY A 489 42.78 -13.73 57.57
CA GLY A 489 44.23 -13.69 57.55
C GLY A 489 44.81 -14.31 56.29
N PHE A 490 44.24 -15.43 55.85
CA PHE A 490 44.70 -16.06 54.61
C PHE A 490 44.44 -15.16 53.41
N ALA A 491 43.28 -14.52 53.36
CA ALA A 491 42.94 -13.68 52.22
C ALA A 491 43.80 -12.42 52.17
N LYS A 492 44.35 -11.99 53.31
CA LYS A 492 45.17 -10.80 53.34
C LYS A 492 46.52 -11.04 52.68
N ASP A 493 47.24 -9.95 52.43
CA ASP A 493 48.59 -9.94 51.87
C ASP A 493 48.65 -10.47 50.44
N PHE A 494 47.51 -10.58 49.76
CA PHE A 494 47.52 -10.99 48.37
C PHE A 494 47.72 -9.78 47.45
N ILE A 495 47.96 -10.08 46.18
CA ILE A 495 48.24 -9.02 45.21
C ILE A 495 46.99 -8.19 44.95
N ASN A 496 47.15 -6.87 45.03
CA ASN A 496 46.09 -5.89 44.77
C ASN A 496 44.95 -5.96 45.78
N LYS A 497 44.22 -4.88 45.93
CA LYS A 497 43.10 -4.82 46.86
C LYS A 497 42.27 -3.59 46.55
N GLY A 498 41.17 -3.44 47.29
CA GLY A 498 40.23 -2.36 47.07
C GLY A 498 40.22 -1.35 48.21
N ILE A 499 40.42 -0.08 47.85
CA ILE A 499 40.19 1.11 48.69
C ILE A 499 40.96 1.10 50.01
N LEU A 500 41.03 -0.05 50.69
CA LEU A 500 41.58 -0.08 52.04
C LEU A 500 42.46 -1.31 52.20
N ALA A 501 43.78 -1.08 52.37
CA ALA A 501 44.74 -2.10 52.72
C ALA A 501 44.60 -3.38 51.90
N ARG A 502 44.01 -4.42 52.49
CA ARG A 502 43.75 -5.69 51.83
C ARG A 502 42.30 -6.10 52.03
N GLU A 503 41.42 -5.13 52.27
CA GLU A 503 39.99 -5.32 52.43
C GLU A 503 39.63 -6.26 53.56
N ALA A 504 40.45 -6.32 54.62
CA ALA A 504 40.13 -7.16 55.76
C ALA A 504 38.96 -6.61 56.57
N LEU A 505 38.73 -5.30 56.53
CA LEU A 505 37.63 -4.71 57.29
C LEU A 505 36.29 -4.84 56.56
N LEU A 506 36.30 -5.30 55.32
CA LEU A 506 35.08 -5.37 54.52
C LEU A 506 34.72 -6.78 54.07
N LEU A 507 35.68 -7.70 54.09
CA LEU A 507 35.42 -9.04 53.56
C LEU A 507 34.39 -9.79 54.39
N LYS A 508 34.46 -9.68 55.71
CA LYS A 508 33.51 -10.28 56.66
C LYS A 508 33.04 -11.68 56.24
N VAL A 509 34.00 -12.61 56.10
CA VAL A 509 33.67 -13.95 55.63
C VAL A 509 32.76 -14.65 56.63
N LYS A 510 31.79 -15.38 56.11
CA LYS A 510 30.87 -16.18 56.93
C LYS A 510 30.88 -17.62 56.44
N ILE A 511 30.99 -18.56 57.38
CA ILE A 511 30.97 -19.98 57.04
C ILE A 511 29.53 -20.43 56.91
N VAL A 512 29.18 -21.00 55.76
CA VAL A 512 27.81 -21.40 55.46
C VAL A 512 27.79 -22.90 55.16
N ASP A 513 26.73 -23.57 55.63
CA ASP A 513 26.62 -25.01 55.45
C ASP A 513 26.57 -25.39 53.97
N GLU A 514 25.80 -24.66 53.17
CA GLU A 514 25.68 -24.96 51.76
C GLU A 514 25.43 -23.68 50.98
N ILE A 515 25.76 -23.70 49.69
CA ILE A 515 25.56 -22.58 48.80
C ILE A 515 24.43 -22.94 47.84
N ALA A 516 23.45 -22.05 47.72
CA ALA A 516 22.33 -22.30 46.82
C ALA A 516 22.79 -22.31 45.37
N LYS A 517 22.26 -23.27 44.61
CA LYS A 517 22.62 -23.43 43.21
C LYS A 517 21.37 -23.60 42.37
N THR A 518 21.43 -23.15 41.12
CA THR A 518 20.31 -23.30 40.20
C THR A 518 20.17 -24.74 39.74
N SER A 519 19.14 -24.99 38.94
CA SER A 519 18.93 -26.32 38.38
C SER A 519 20.08 -26.73 37.46
N VAL A 520 20.66 -25.76 36.75
CA VAL A 520 21.81 -26.05 35.89
C VAL A 520 23.03 -26.47 36.71
N GLY A 521 23.26 -25.82 37.85
CA GLY A 521 24.40 -26.11 38.69
C GLY A 521 25.22 -24.90 39.09
N LYS A 522 25.01 -23.76 38.44
CA LYS A 522 25.74 -22.56 38.80
C LYS A 522 25.24 -22.00 40.13
N VAL A 523 26.08 -21.21 40.79
CA VAL A 523 25.72 -20.63 42.08
C VAL A 523 24.62 -19.60 41.87
N ASP A 524 23.53 -19.74 42.64
CA ASP A 524 22.39 -18.82 42.57
C ASP A 524 22.60 -17.74 43.62
N LYS A 525 23.30 -16.67 43.22
CA LYS A 525 23.56 -15.58 44.14
C LYS A 525 22.30 -14.79 44.50
N LYS A 526 21.27 -14.84 43.65
CA LYS A 526 20.00 -14.20 44.01
C LYS A 526 19.38 -14.85 45.24
N GLU A 527 19.40 -16.18 45.33
CA GLU A 527 18.91 -16.85 46.54
C GLU A 527 19.82 -16.56 47.72
N LEU A 528 21.13 -16.51 47.49
CA LEU A 528 22.07 -16.20 48.56
C LEU A 528 21.84 -14.81 49.13
N ARG A 529 21.42 -13.85 48.28
CA ARG A 529 21.14 -12.51 48.77
C ARG A 529 19.95 -12.50 49.72
N LYS A 530 19.01 -13.44 49.53
CA LYS A 530 17.85 -13.51 50.41
C LYS A 530 18.26 -13.84 51.84
N LEU A 531 19.31 -14.62 52.02
CA LEU A 531 19.73 -15.05 53.35
C LEU A 531 20.64 -14.03 54.05
N HIS A 532 21.03 -12.95 53.37
CA HIS A 532 21.94 -11.99 53.97
C HIS A 532 21.53 -10.53 53.82
N LEU A 533 20.54 -10.22 52.99
CA LEU A 533 20.09 -8.83 52.85
C LEU A 533 18.60 -8.77 52.52
N TYR B 4 1.13 19.66 -5.55
CA TYR B 4 1.22 18.75 -6.69
C TYR B 4 2.67 18.43 -7.02
N VAL B 5 2.96 17.15 -7.23
CA VAL B 5 4.29 16.71 -7.62
C VAL B 5 4.44 16.92 -9.13
N ASN B 6 4.96 18.09 -9.51
CA ASN B 6 5.06 18.46 -10.92
C ASN B 6 6.38 17.94 -11.49
N ASP B 7 6.30 16.89 -12.29
CA ASP B 7 7.46 16.40 -13.02
C ASP B 7 7.54 17.20 -14.32
N PRO B 8 8.62 17.97 -14.54
CA PRO B 8 8.69 18.80 -15.74
C PRO B 8 8.58 18.03 -17.04
N SER B 9 9.13 16.82 -17.10
CA SER B 9 9.03 16.01 -18.32
C SER B 9 7.65 15.42 -18.50
N ASN B 10 6.85 15.33 -17.44
CA ASN B 10 5.50 14.79 -17.53
C ASN B 10 4.55 15.96 -17.84
N TYR B 11 4.31 16.17 -19.12
CA TYR B 11 3.50 17.30 -19.56
C TYR B 11 2.04 17.09 -19.17
N GLN B 12 1.42 18.14 -18.66
CA GLN B 12 0.01 18.14 -18.31
C GLN B 12 -0.76 19.02 -19.27
N LEU B 13 -1.85 18.49 -19.83
CA LEU B 13 -2.69 19.25 -20.75
C LEU B 13 -3.58 20.21 -19.97
N LEU B 14 -3.15 21.47 -19.87
CA LEU B 14 -3.85 22.47 -19.07
C LEU B 14 -4.32 23.63 -19.95
N ILE B 15 -5.38 24.28 -19.50
CA ILE B 15 -5.93 25.43 -20.23
C ILE B 15 -4.92 26.57 -20.27
N LYS B 16 -4.04 26.67 -19.27
CA LYS B 16 -3.01 27.69 -19.31
C LYS B 16 -2.06 27.47 -20.48
N ASN B 17 -1.94 26.22 -20.95
CA ASN B 17 -1.19 25.97 -22.17
C ASN B 17 -1.97 26.42 -23.40
N LEU B 18 -3.30 26.35 -23.34
CA LEU B 18 -4.11 26.93 -24.41
C LEU B 18 -3.92 28.44 -24.49
N LEU B 19 -3.83 29.11 -23.35
CA LEU B 19 -3.73 30.56 -23.33
C LEU B 19 -2.31 31.05 -23.65
N PHE B 20 -1.30 30.52 -22.96
CA PHE B 20 0.06 31.01 -23.07
C PHE B 20 0.92 30.26 -24.07
N SER B 21 0.40 29.18 -24.65
CA SER B 21 1.11 28.50 -25.73
C SER B 21 0.15 28.28 -26.91
N PRO B 22 -0.32 29.36 -27.54
CA PRO B 22 -1.34 29.20 -28.58
C PRO B 22 -0.72 28.83 -29.92
N VAL B 23 -1.60 28.54 -30.88
CA VAL B 23 -1.17 28.34 -32.25
C VAL B 23 -0.52 29.62 -32.79
N ALA B 24 -1.17 30.76 -32.56
CA ALA B 24 -0.63 32.05 -32.89
C ALA B 24 -1.02 33.04 -31.81
N PHE B 25 -0.18 34.04 -31.59
CA PHE B 25 -0.44 35.06 -30.57
C PHE B 25 0.01 36.41 -31.12
N ASN B 26 -0.95 37.25 -31.48
CA ASN B 26 -0.66 38.62 -31.87
C ASN B 26 -1.02 39.53 -30.70
N PRO B 27 -0.06 40.14 -30.02
CA PRO B 27 -0.39 40.96 -28.84
C PRO B 27 -1.25 42.17 -29.18
N GLU B 28 -1.28 42.62 -30.43
CA GLU B 28 -2.10 43.74 -30.83
C GLU B 28 -3.44 43.33 -31.41
N GLN B 29 -3.75 42.04 -31.45
CA GLN B 29 -5.06 41.60 -31.90
C GLN B 29 -6.12 41.96 -30.86
N GLU B 30 -7.30 42.34 -31.35
CA GLU B 30 -8.31 42.96 -30.51
C GLU B 30 -9.32 41.93 -30.00
N ILE B 31 -9.75 42.12 -28.75
CA ILE B 31 -10.92 41.47 -28.20
C ILE B 31 -12.00 42.52 -28.05
N VAL B 32 -13.12 42.33 -28.76
CA VAL B 32 -14.16 43.33 -28.86
C VAL B 32 -15.41 42.81 -28.15
N TYR B 33 -15.94 43.62 -27.24
CA TYR B 33 -17.20 43.33 -26.56
C TYR B 33 -18.24 44.30 -27.10
N ALA B 34 -18.88 43.91 -28.21
CA ALA B 34 -19.90 44.73 -28.87
C ALA B 34 -19.41 46.15 -29.08
N ASN B 35 -20.21 47.13 -28.64
CA ASN B 35 -19.83 48.54 -28.71
C ASN B 35 -19.40 49.09 -27.36
N HIS B 36 -19.14 48.24 -26.38
CA HIS B 36 -18.80 48.72 -25.04
C HIS B 36 -17.29 48.83 -24.83
N ARG B 37 -16.54 47.80 -25.19
CA ARG B 37 -15.13 47.74 -24.81
C ARG B 37 -14.32 47.10 -25.93
N ARG B 38 -13.09 47.59 -26.08
CA ARG B 38 -12.09 46.99 -26.96
C ARG B 38 -10.75 46.98 -26.24
N HIS B 39 -10.03 45.87 -26.34
CA HIS B 39 -8.68 45.81 -25.81
C HIS B 39 -7.91 44.72 -26.55
N SER B 40 -6.58 44.79 -26.44
CA SER B 40 -5.72 43.89 -27.19
C SER B 40 -5.57 42.55 -26.46
N TYR B 41 -4.94 41.60 -27.16
CA TYR B 41 -4.68 40.29 -26.56
C TYR B 41 -3.73 40.38 -25.38
N LYS B 42 -2.76 41.30 -25.45
CA LYS B 42 -1.90 41.53 -24.29
C LYS B 42 -2.71 42.03 -23.10
N THR B 43 -3.63 42.95 -23.34
CA THR B 43 -4.54 43.41 -22.29
C THR B 43 -5.43 42.26 -21.82
N PHE B 44 -5.81 41.37 -22.73
CA PHE B 44 -6.61 40.21 -22.35
C PHE B 44 -5.86 39.31 -21.39
N HIS B 45 -4.59 39.03 -21.68
CA HIS B 45 -3.77 38.21 -20.78
C HIS B 45 -3.56 38.93 -19.44
N ASP B 46 -3.33 40.24 -19.48
CA ASP B 46 -3.17 41.00 -18.24
C ASP B 46 -4.44 40.94 -17.41
N ARG B 47 -5.60 41.05 -18.05
CA ARG B 47 -6.87 40.96 -17.32
C ARG B 47 -7.11 39.56 -16.79
N VAL B 48 -6.67 38.53 -17.50
CA VAL B 48 -6.78 37.17 -16.98
C VAL B 48 -5.95 37.02 -15.71
N ARG B 49 -4.72 37.53 -15.73
CA ARG B 49 -3.88 37.45 -14.53
C ARG B 49 -4.45 38.30 -13.39
N GLN B 50 -5.01 39.47 -13.71
CA GLN B 50 -5.65 40.30 -12.69
C GLN B 50 -6.85 39.59 -12.08
N PHE B 51 -7.66 38.92 -12.91
CA PHE B 51 -8.79 38.17 -12.41
C PHE B 51 -8.34 37.01 -11.53
N ALA B 52 -7.24 36.35 -11.91
CA ALA B 52 -6.69 35.30 -11.06
C ALA B 52 -6.27 35.85 -9.71
N ASN B 53 -5.61 37.01 -9.71
CA ASN B 53 -5.21 37.64 -8.45
C ASN B 53 -6.43 38.00 -7.61
N ALA B 54 -7.47 38.53 -8.24
CA ALA B 54 -8.68 38.90 -7.51
C ALA B 54 -9.36 37.67 -6.93
N LEU B 55 -9.42 36.58 -7.69
CA LEU B 55 -10.01 35.35 -7.17
C LEU B 55 -9.21 34.81 -6.01
N THR B 56 -7.88 34.87 -6.09
CA THR B 56 -7.05 34.45 -4.97
C THR B 56 -7.31 35.32 -3.75
N LYS B 57 -7.45 36.63 -3.95
CA LYS B 57 -7.78 37.53 -2.85
C LYS B 57 -9.16 37.22 -2.29
N MET B 58 -10.12 36.90 -3.15
CA MET B 58 -11.47 36.55 -2.71
C MET B 58 -11.53 35.21 -1.99
N GLY B 59 -10.42 34.53 -1.81
CA GLY B 59 -10.42 33.26 -1.11
C GLY B 59 -10.75 32.05 -1.97
N VAL B 60 -10.74 32.21 -3.29
CA VAL B 60 -11.02 31.08 -4.18
C VAL B 60 -9.76 30.22 -4.29
N LYS B 61 -9.86 28.97 -3.85
CA LYS B 61 -8.75 28.03 -3.91
C LYS B 61 -9.01 26.97 -4.97
N LYS B 62 -8.01 26.13 -5.19
CA LYS B 62 -8.15 25.02 -6.12
C LYS B 62 -9.24 24.08 -5.64
N GLY B 63 -10.15 23.71 -6.54
CA GLY B 63 -11.29 22.90 -6.21
C GLY B 63 -12.57 23.66 -5.92
N ASP B 64 -12.48 24.97 -5.70
CA ASP B 64 -13.67 25.77 -5.47
C ASP B 64 -14.45 25.95 -6.77
N THR B 65 -15.72 26.30 -6.63
CA THR B 65 -16.61 26.50 -7.76
C THR B 65 -17.00 27.97 -7.85
N VAL B 66 -16.77 28.58 -9.00
CA VAL B 66 -17.14 29.96 -9.26
C VAL B 66 -18.20 29.94 -10.36
N ALA B 67 -19.36 30.51 -10.05
CA ALA B 67 -20.50 30.52 -10.97
C ALA B 67 -20.55 31.85 -11.71
N VAL B 68 -21.00 31.79 -12.96
CA VAL B 68 -21.11 32.96 -13.83
C VAL B 68 -22.50 33.02 -14.41
N MET B 69 -23.14 34.18 -14.29
CA MET B 69 -24.44 34.46 -14.90
C MET B 69 -24.26 35.74 -15.73
N ASP B 70 -23.84 35.58 -16.98
CA ASP B 70 -23.46 36.72 -17.81
C ASP B 70 -23.78 36.41 -19.27
N TYR B 71 -23.87 37.47 -20.05
CA TYR B 71 -23.98 37.35 -21.50
C TYR B 71 -22.62 37.06 -22.10
N ASP B 72 -22.59 36.84 -23.40
CA ASP B 72 -21.34 36.64 -24.14
C ASP B 72 -20.50 37.89 -24.15
N SER B 73 -19.49 37.93 -23.35
CA SER B 73 -18.71 39.15 -23.20
C SER B 73 -17.25 38.80 -23.01
N HIS B 74 -16.40 39.83 -22.98
CA HIS B 74 -15.01 39.64 -22.64
C HIS B 74 -14.85 39.10 -21.22
N ARG B 75 -15.75 39.49 -20.32
CA ARG B 75 -15.70 38.96 -18.95
C ARG B 75 -15.91 37.45 -18.94
N TYR B 76 -16.81 36.98 -19.81
CA TYR B 76 -17.08 35.52 -19.88
C TYR B 76 -15.81 34.79 -20.33
N LEU B 77 -15.13 35.32 -21.34
CA LEU B 77 -13.90 34.68 -21.82
C LEU B 77 -12.82 34.70 -20.75
N GLU B 78 -12.67 35.84 -20.06
CA GLU B 78 -11.71 35.94 -18.97
C GLU B 78 -12.04 34.94 -17.87
N CYS B 79 -13.29 34.55 -17.75
CA CYS B 79 -13.71 33.52 -16.83
C CYS B 79 -13.38 32.10 -17.34
N TYR B 80 -13.45 31.86 -18.65
CA TYR B 80 -13.06 30.57 -19.26
C TYR B 80 -11.62 30.20 -19.04
N PHE B 81 -10.81 31.20 -18.92
CA PHE B 81 -9.42 30.97 -18.68
C PHE B 81 -9.07 31.07 -17.25
N ALA B 82 -9.25 32.23 -16.66
CA ALA B 82 -8.81 32.45 -15.29
C ALA B 82 -9.35 31.51 -14.24
N ILE B 83 -10.61 31.23 -14.32
CA ILE B 83 -11.18 30.41 -13.25
C ILE B 83 -10.64 28.99 -13.30
N PRO B 84 -10.65 28.29 -14.45
CA PRO B 84 -9.99 26.97 -14.48
C PRO B 84 -8.49 27.04 -14.27
N MET B 85 -7.84 28.11 -14.76
CA MET B 85 -6.38 28.14 -14.75
C MET B 85 -5.80 28.30 -13.35
N ILE B 86 -6.64 28.63 -12.36
CA ILE B 86 -6.20 28.65 -10.97
C ILE B 86 -6.61 27.39 -10.22
N GLY B 87 -7.16 26.40 -10.90
CA GLY B 87 -7.59 25.18 -10.26
C GLY B 87 -9.03 25.15 -9.81
N ALA B 88 -9.77 26.24 -9.99
CA ALA B 88 -11.17 26.28 -9.60
C ALA B 88 -12.06 25.74 -10.71
N LYS B 89 -13.28 25.39 -10.35
CA LYS B 89 -14.26 24.88 -11.30
C LYS B 89 -15.16 26.02 -11.75
N LEU B 90 -15.28 26.18 -13.08
CA LEU B 90 -16.14 27.21 -13.65
C LEU B 90 -17.53 26.63 -13.86
N HIS B 91 -18.51 27.16 -13.14
CA HIS B 91 -19.90 26.73 -13.29
C HIS B 91 -20.63 27.74 -14.16
N MET B 92 -21.02 27.29 -15.34
CA MET B 92 -21.76 28.14 -16.29
C MET B 92 -23.24 27.91 -16.03
N ILE B 93 -23.91 28.95 -15.60
CA ILE B 93 -25.33 28.83 -15.26
C ILE B 93 -26.17 29.17 -16.49
N ASN B 94 -27.07 28.27 -16.85
CA ASN B 94 -28.02 28.54 -17.94
C ASN B 94 -29.04 29.55 -17.44
N VAL B 95 -28.89 30.79 -17.88
CA VAL B 95 -29.72 31.89 -17.41
C VAL B 95 -31.14 31.79 -17.98
N ARG B 96 -31.31 30.94 -18.98
CA ARG B 96 -32.61 30.73 -19.61
C ARG B 96 -33.46 29.68 -18.89
N LEU B 97 -32.90 28.98 -17.91
CA LEU B 97 -33.69 28.07 -17.10
C LEU B 97 -34.60 28.85 -16.15
N SER B 98 -35.58 28.16 -15.61
CA SER B 98 -36.45 28.75 -14.61
C SER B 98 -35.66 29.05 -13.35
N PRO B 99 -36.08 30.05 -12.56
CA PRO B 99 -35.35 30.37 -11.33
C PRO B 99 -35.23 29.21 -10.37
N GLU B 100 -36.23 28.34 -10.30
CA GLU B 100 -36.13 27.15 -9.45
C GLU B 100 -35.03 26.22 -9.94
N GLN B 101 -34.95 26.01 -11.25
CA GLN B 101 -33.89 25.17 -11.81
C GLN B 101 -32.52 25.78 -11.58
N ILE B 102 -32.40 27.11 -11.74
CA ILE B 102 -31.13 27.78 -11.48
C ILE B 102 -30.72 27.62 -10.03
N LEU B 103 -31.68 27.77 -9.12
CA LEU B 103 -31.40 27.57 -7.70
C LEU B 103 -30.94 26.15 -7.43
N TYR B 104 -31.61 25.17 -8.06
CA TYR B 104 -31.20 23.78 -7.89
C TYR B 104 -29.77 23.56 -8.38
N THR B 105 -29.42 24.11 -9.53
CA THR B 105 -28.06 23.96 -10.03
C THR B 105 -27.05 24.63 -9.13
N ILE B 106 -27.36 25.82 -8.61
CA ILE B 106 -26.44 26.51 -7.72
C ILE B 106 -26.21 25.71 -6.45
N ASP B 107 -27.29 25.18 -5.87
CA ASP B 107 -27.16 24.39 -4.64
C ASP B 107 -26.41 23.09 -4.91
N HIS B 108 -26.70 22.44 -6.04
CA HIS B 108 -26.06 21.17 -6.37
C HIS B 108 -24.57 21.33 -6.60
N ALA B 109 -24.18 22.37 -7.36
CA ALA B 109 -22.76 22.60 -7.62
C ALA B 109 -22.04 23.21 -6.42
N GLU B 110 -22.78 23.82 -5.49
CA GLU B 110 -22.20 24.46 -4.32
C GLU B 110 -21.19 25.53 -4.72
N ASP B 111 -21.66 26.53 -5.45
CA ASP B 111 -20.80 27.62 -5.89
C ASP B 111 -20.37 28.47 -4.70
N ASP B 112 -19.11 28.89 -4.70
CA ASP B 112 -18.61 29.79 -3.67
C ASP B 112 -18.75 31.25 -4.05
N ILE B 113 -18.51 31.58 -5.32
CA ILE B 113 -18.64 32.93 -5.83
C ILE B 113 -19.54 32.90 -7.06
N ILE B 114 -20.42 33.88 -7.17
CA ILE B 114 -21.31 34.03 -8.31
C ILE B 114 -21.04 35.37 -8.97
N LEU B 115 -20.64 35.33 -10.24
CA LEU B 115 -20.53 36.53 -11.05
C LEU B 115 -21.80 36.66 -11.88
N ILE B 116 -22.65 37.60 -11.51
CA ILE B 116 -23.98 37.72 -12.10
C ILE B 116 -24.13 39.10 -12.72
N HIS B 117 -24.59 39.14 -13.97
CA HIS B 117 -24.86 40.41 -14.62
C HIS B 117 -26.04 41.09 -13.95
N GLU B 118 -26.02 42.43 -13.95
CA GLU B 118 -27.06 43.18 -13.25
C GLU B 118 -28.44 42.93 -13.85
N GLU B 119 -28.50 42.53 -15.13
CA GLU B 119 -29.78 42.24 -15.74
C GLU B 119 -30.38 40.93 -15.24
N PHE B 120 -29.57 40.05 -14.65
CA PHE B 120 -30.05 38.80 -14.07
C PHE B 120 -30.34 38.92 -12.58
N LEU B 121 -30.16 40.11 -12.00
CA LEU B 121 -30.50 40.31 -10.59
C LEU B 121 -31.95 40.00 -10.26
N PRO B 122 -32.95 40.31 -11.10
CA PRO B 122 -34.31 39.85 -10.79
C PRO B 122 -34.43 38.35 -10.64
N ILE B 123 -33.66 37.58 -11.40
CA ILE B 123 -33.67 36.12 -11.24
C ILE B 123 -33.06 35.74 -9.90
N LEU B 124 -31.95 36.38 -9.53
CA LEU B 124 -31.29 36.06 -8.26
C LEU B 124 -32.19 36.39 -7.07
N ASP B 125 -32.90 37.52 -7.13
CA ASP B 125 -33.72 37.96 -6.00
C ASP B 125 -34.82 36.96 -5.67
N GLN B 126 -35.25 36.15 -6.63
CA GLN B 126 -36.26 35.15 -6.37
C GLN B 126 -35.71 33.95 -5.61
N ILE B 127 -34.41 33.72 -5.66
CA ILE B 127 -33.81 32.50 -5.11
C ILE B 127 -32.64 32.83 -4.19
N LYS B 128 -32.39 34.12 -3.96
CA LYS B 128 -31.23 34.52 -3.17
C LYS B 128 -31.33 34.01 -1.74
N GLY B 129 -32.52 34.01 -1.17
CA GLY B 129 -32.69 33.59 0.21
C GLY B 129 -32.49 32.10 0.43
N ARG B 130 -32.62 31.29 -0.62
CA ARG B 130 -32.52 29.85 -0.50
C ARG B 130 -31.19 29.29 -0.97
N ILE B 131 -30.21 30.14 -1.25
CA ILE B 131 -28.91 29.66 -1.73
C ILE B 131 -28.06 29.24 -0.54
N ASP B 132 -27.72 30.20 0.33
CA ASP B 132 -27.04 29.94 1.59
C ASP B 132 -25.67 29.30 1.42
N THR B 133 -25.21 29.16 0.18
CA THR B 133 -23.93 28.51 -0.07
C THR B 133 -22.92 29.44 -0.74
N VAL B 134 -23.38 30.58 -1.23
CA VAL B 134 -22.50 31.52 -1.93
C VAL B 134 -22.06 32.61 -0.95
N THR B 135 -20.75 32.81 -0.84
CA THR B 135 -20.21 33.78 0.10
C THR B 135 -20.14 35.19 -0.45
N ARG B 136 -20.08 35.35 -1.78
CA ARG B 136 -19.96 36.67 -2.37
C ARG B 136 -20.62 36.69 -3.74
N TYR B 137 -21.32 37.78 -4.04
CA TYR B 137 -21.88 38.03 -5.36
C TYR B 137 -21.17 39.23 -5.98
N VAL B 138 -20.68 39.05 -7.20
CA VAL B 138 -20.06 40.13 -7.96
C VAL B 138 -21.02 40.50 -9.09
N VAL B 139 -21.45 41.75 -9.10
CA VAL B 139 -22.44 42.22 -10.07
C VAL B 139 -21.70 42.78 -11.28
N LEU B 140 -22.01 42.23 -12.46
CA LEU B 140 -21.36 42.65 -13.68
C LEU B 140 -22.23 43.67 -14.42
N ARG B 141 -21.58 44.73 -14.90
CA ARG B 141 -22.27 45.79 -15.64
C ARG B 141 -21.46 46.12 -16.88
N ASP B 142 -22.15 46.68 -17.87
CA ASP B 142 -21.53 47.08 -19.13
C ASP B 142 -20.99 48.51 -19.10
N ASP B 143 -20.71 49.04 -17.91
CA ASP B 143 -20.21 50.40 -17.77
C ASP B 143 -19.07 50.39 -16.75
N GLU B 144 -18.66 51.59 -16.35
CA GLU B 144 -17.51 51.74 -15.44
C GLU B 144 -17.83 51.30 -14.01
N GLU B 145 -19.10 51.14 -13.66
CA GLU B 145 -19.50 50.77 -12.31
C GLU B 145 -19.57 49.27 -12.11
N CYS B 146 -18.99 48.50 -13.04
CA CYS B 146 -18.99 47.04 -12.90
C CYS B 146 -18.10 46.62 -11.74
N GLU B 147 -18.62 45.74 -10.89
CA GLU B 147 -17.85 45.26 -9.74
C GLU B 147 -16.68 44.39 -10.19
N TYR B 148 -16.86 43.63 -11.27
CA TYR B 148 -15.76 42.81 -11.79
C TYR B 148 -14.60 43.67 -12.26
N GLU B 149 -14.91 44.77 -12.96
CA GLU B 149 -13.85 45.67 -13.42
C GLU B 149 -13.14 46.32 -12.24
N ARG B 150 -13.89 46.72 -11.22
CA ARG B 150 -13.26 47.30 -10.02
C ARG B 150 -12.39 46.29 -9.31
N LEU B 151 -12.83 45.04 -9.22
CA LEU B 151 -12.01 44.00 -8.61
C LEU B 151 -10.73 43.78 -9.41
N LEU B 152 -10.83 43.78 -10.74
CA LEU B 152 -9.64 43.60 -11.57
C LEU B 152 -8.67 44.77 -11.43
N GLU B 153 -9.20 45.99 -11.30
CA GLU B 153 -8.35 47.18 -11.22
C GLU B 153 -7.45 47.17 -9.98
N GLN B 154 -7.87 46.52 -8.90
CA GLN B 154 -7.09 46.51 -7.67
C GLN B 154 -5.95 45.51 -7.70
N GLU B 155 -5.85 44.68 -8.73
CA GLU B 155 -4.88 43.60 -8.77
C GLU B 155 -3.77 43.90 -9.77
N SER B 156 -2.62 43.26 -9.55
CA SER B 156 -1.49 43.39 -10.47
C SER B 156 -1.68 42.47 -11.67
N THR B 157 -0.93 42.76 -12.73
CA THR B 157 -1.00 41.99 -13.96
C THR B 157 -0.03 40.82 -13.99
N GLU B 158 0.54 40.44 -12.85
CA GLU B 158 1.48 39.34 -12.76
C GLU B 158 0.89 38.22 -11.93
N TYR B 159 0.94 36.99 -12.47
CA TYR B 159 0.45 35.82 -11.75
C TYR B 159 1.19 34.59 -12.24
N ASN B 160 1.51 33.70 -11.31
CA ASN B 160 2.17 32.43 -11.63
C ASN B 160 1.12 31.33 -11.50
N PHE B 161 0.58 30.90 -12.64
CA PHE B 161 -0.50 29.93 -12.62
C PHE B 161 0.04 28.55 -12.26
N PRO B 162 -0.61 27.83 -11.34
CA PRO B 162 -0.04 26.59 -10.84
C PRO B 162 -0.11 25.46 -11.85
N ASP B 163 0.72 24.45 -11.61
CA ASP B 163 0.67 23.20 -12.35
C ASP B 163 -0.03 22.14 -11.51
N PHE B 164 -1.04 21.50 -12.09
CA PHE B 164 -1.75 20.44 -11.40
C PHE B 164 -2.08 19.34 -12.41
N ASP B 165 -2.71 18.28 -11.90
CA ASP B 165 -3.10 17.16 -12.75
C ASP B 165 -4.03 17.64 -13.86
N GLU B 166 -3.80 17.13 -15.07
CA GLU B 166 -4.65 17.49 -16.21
C GLU B 166 -6.07 16.98 -16.04
N ASN B 167 -6.31 16.06 -15.13
CA ASN B 167 -7.65 15.53 -14.86
C ASN B 167 -8.42 16.37 -13.86
N THR B 168 -7.87 17.50 -13.43
CA THR B 168 -8.60 18.42 -12.57
C THR B 168 -9.81 18.97 -13.31
N VAL B 169 -10.96 18.95 -12.66
CA VAL B 169 -12.18 19.43 -13.29
C VAL B 169 -12.08 20.94 -13.50
N ALA B 170 -12.34 21.38 -14.73
CA ALA B 170 -12.22 22.78 -15.10
C ALA B 170 -13.56 23.49 -15.22
N THR B 171 -14.52 22.88 -15.90
CA THR B 171 -15.81 23.50 -16.15
C THR B 171 -16.92 22.51 -15.79
N THR B 172 -18.05 23.07 -15.34
CA THR B 172 -19.23 22.27 -15.06
C THR B 172 -20.46 23.09 -15.41
N PHE B 173 -21.51 22.38 -15.83
CA PHE B 173 -22.79 23.00 -16.16
C PHE B 173 -23.85 21.92 -16.17
N TYR B 174 -25.11 22.34 -16.14
CA TYR B 174 -26.23 21.43 -15.97
C TYR B 174 -27.11 21.46 -17.20
N THR B 175 -27.43 20.28 -17.73
CA THR B 175 -28.33 20.16 -18.86
C THR B 175 -29.72 19.76 -18.37
N THR B 176 -30.75 20.24 -19.07
CA THR B 176 -32.11 19.98 -18.63
C THR B 176 -32.51 18.54 -18.92
N GLY B 177 -32.55 18.17 -20.21
CA GLY B 177 -32.91 16.82 -20.58
C GLY B 177 -34.32 16.46 -20.16
N THR B 178 -34.50 15.18 -19.82
CA THR B 178 -35.78 14.67 -19.35
C THR B 178 -35.65 13.88 -18.06
N THR B 179 -34.71 14.25 -17.19
CA THR B 179 -34.46 13.51 -15.95
C THR B 179 -35.29 14.02 -14.77
N GLY B 180 -36.07 15.06 -14.95
CA GLY B 180 -36.83 15.61 -13.84
C GLY B 180 -36.08 16.74 -13.14
N PHE B 181 -34.78 16.56 -12.98
CA PHE B 181 -33.89 17.57 -12.43
C PHE B 181 -32.72 17.78 -13.37
N PRO B 182 -32.14 18.98 -13.41
CA PRO B 182 -30.95 19.20 -14.23
C PRO B 182 -29.81 18.29 -13.80
N LYS B 183 -29.08 17.78 -14.78
CA LYS B 183 -27.97 16.87 -14.54
C LYS B 183 -26.66 17.59 -14.82
N GLY B 184 -25.73 17.51 -13.88
CA GLY B 184 -24.48 18.23 -14.00
C GLY B 184 -23.41 17.41 -14.70
N VAL B 185 -22.86 17.96 -15.76
CA VAL B 185 -21.74 17.37 -16.47
C VAL B 185 -20.52 18.22 -16.24
N PHE B 186 -19.34 17.59 -16.27
CA PHE B 186 -18.11 18.28 -15.96
C PHE B 186 -17.02 17.83 -16.92
N PHE B 187 -16.07 18.73 -17.16
CA PHE B 187 -14.96 18.47 -18.07
C PHE B 187 -13.66 18.91 -17.43
N THR B 188 -12.61 18.13 -17.66
CA THR B 188 -11.31 18.42 -17.08
C THR B 188 -10.50 19.32 -18.02
N HIS B 189 -9.34 19.75 -17.54
CA HIS B 189 -8.43 20.52 -18.38
C HIS B 189 -7.98 19.71 -19.59
N ARG B 190 -7.65 18.44 -19.36
CA ARG B 190 -7.23 17.57 -20.44
C ARG B 190 -8.31 17.43 -21.50
N GLN B 191 -9.57 17.26 -21.05
CA GLN B 191 -10.66 17.09 -22.00
C GLN B 191 -10.88 18.34 -22.84
N LEU B 192 -10.80 19.53 -22.23
CA LEU B 192 -11.00 20.76 -22.99
C LEU B 192 -9.85 21.01 -23.96
N VAL B 193 -8.61 20.76 -23.52
CA VAL B 193 -7.47 20.92 -24.42
C VAL B 193 -7.57 19.95 -25.59
N LEU B 194 -7.96 18.70 -25.32
CA LEU B 194 -8.11 17.72 -26.38
C LEU B 194 -9.25 18.08 -27.31
N HIS B 195 -10.34 18.64 -26.78
CA HIS B 195 -11.43 19.09 -27.63
C HIS B 195 -10.96 20.19 -28.58
N THR B 196 -10.25 21.18 -28.05
CA THR B 196 -9.71 22.24 -28.89
C THR B 196 -8.80 21.67 -29.97
N MET B 197 -7.87 20.78 -29.58
CA MET B 197 -6.92 20.23 -30.53
C MET B 197 -7.62 19.41 -31.61
N GLY B 198 -8.54 18.53 -31.21
CA GLY B 198 -9.19 17.66 -32.16
C GLY B 198 -10.06 18.41 -33.14
N ILE B 199 -10.84 19.37 -32.64
CA ILE B 199 -11.71 20.10 -33.57
C ILE B 199 -10.90 21.04 -34.46
N LEU B 200 -9.86 21.67 -33.92
CA LEU B 200 -8.99 22.49 -34.75
C LEU B 200 -8.23 21.64 -35.78
N SER B 201 -8.02 20.36 -35.50
CA SER B 201 -7.49 19.46 -36.53
C SER B 201 -8.58 19.07 -37.52
N THR B 202 -9.84 19.04 -37.09
CA THR B 202 -10.95 18.67 -37.97
C THR B 202 -11.30 19.83 -38.89
N ILE B 203 -11.75 20.95 -38.32
CA ILE B 203 -11.99 22.14 -39.13
C ILE B 203 -10.73 23.01 -39.17
N GLY B 204 -10.51 23.65 -40.31
CA GLY B 204 -9.28 24.37 -40.56
C GLY B 204 -8.37 23.58 -41.49
N THR B 205 -8.30 22.26 -41.30
CA THR B 205 -7.61 21.41 -42.25
C THR B 205 -8.48 21.03 -43.44
N ASN B 206 -9.73 21.48 -43.48
CA ASN B 206 -10.54 21.32 -44.67
C ASN B 206 -9.97 22.17 -45.80
N ALA B 207 -10.20 21.72 -47.03
CA ALA B 207 -9.56 22.35 -48.19
C ALA B 207 -9.97 23.81 -48.32
N SER B 208 -11.25 24.08 -48.59
CA SER B 208 -11.69 25.44 -48.81
C SER B 208 -12.91 25.81 -47.97
N GLN B 209 -13.81 24.84 -47.79
CA GLN B 209 -15.09 25.14 -47.15
C GLN B 209 -15.05 24.89 -45.66
N GLY B 210 -15.75 25.74 -44.91
CA GLY B 210 -15.92 25.53 -43.48
C GLY B 210 -14.65 25.57 -42.67
N ARG B 211 -13.75 26.49 -42.97
CA ARG B 211 -12.49 26.59 -42.24
C ARG B 211 -12.59 27.59 -41.09
N LEU B 212 -12.03 27.21 -39.95
CA LEU B 212 -11.70 28.16 -38.89
C LEU B 212 -10.18 28.30 -38.84
N HIS B 213 -9.69 29.45 -39.27
CA HIS B 213 -8.25 29.63 -39.46
C HIS B 213 -7.82 30.93 -38.81
N GLN B 214 -6.49 31.15 -38.78
CA GLN B 214 -5.91 32.27 -38.06
C GLN B 214 -6.29 33.62 -38.63
N GLY B 215 -6.73 33.69 -39.87
CA GLY B 215 -7.19 34.94 -40.45
C GLY B 215 -8.65 35.25 -40.22
N ASP B 216 -9.39 34.36 -39.57
CA ASP B 216 -10.81 34.58 -39.35
C ASP B 216 -11.04 35.62 -38.26
N ILE B 217 -12.25 36.17 -38.25
CA ILE B 217 -12.73 37.03 -37.18
C ILE B 217 -13.92 36.33 -36.54
N TYR B 218 -13.85 36.12 -35.23
CA TYR B 218 -14.76 35.23 -34.53
C TYR B 218 -15.81 36.02 -33.75
N MET B 219 -17.06 35.63 -33.90
CA MET B 219 -18.17 36.20 -33.14
C MET B 219 -19.15 35.10 -32.78
N PRO B 220 -19.21 34.69 -31.51
CA PRO B 220 -20.17 33.66 -31.12
C PRO B 220 -21.59 34.20 -31.02
N ILE B 221 -22.53 33.41 -31.52
CA ILE B 221 -23.94 33.73 -31.36
C ILE B 221 -24.59 32.56 -30.62
N THR B 222 -23.77 31.72 -30.02
CA THR B 222 -24.19 30.66 -29.13
C THR B 222 -23.88 31.07 -27.71
N PRO B 223 -24.82 30.96 -26.77
CA PRO B 223 -24.56 31.42 -25.41
C PRO B 223 -23.35 30.73 -24.79
N MET B 224 -22.55 31.50 -24.05
CA MET B 224 -21.32 30.98 -23.50
C MET B 224 -21.55 30.08 -22.31
N PHE B 225 -22.76 29.99 -21.78
CA PHE B 225 -23.08 28.98 -20.78
C PHE B 225 -23.51 27.66 -21.41
N HIS B 226 -23.62 27.61 -22.74
CA HIS B 226 -24.09 26.42 -23.45
C HIS B 226 -22.90 25.62 -23.92
N VAL B 227 -22.47 24.66 -23.09
CA VAL B 227 -21.36 23.75 -23.37
C VAL B 227 -20.14 24.49 -23.87
N HIS B 228 -19.60 25.38 -23.04
CA HIS B 228 -18.40 26.16 -23.37
C HIS B 228 -18.58 26.96 -24.65
N ALA B 229 -19.81 27.36 -24.95
CA ALA B 229 -20.15 27.96 -26.25
C ALA B 229 -19.65 27.09 -27.39
N TRP B 230 -19.88 25.78 -27.25
CA TRP B 230 -19.41 24.74 -28.18
C TRP B 230 -17.89 24.68 -28.26
N GLY B 231 -17.20 25.16 -27.23
CA GLY B 231 -15.75 25.09 -27.15
C GLY B 231 -15.02 26.00 -28.11
N LEU B 232 -15.74 26.82 -28.86
CA LEU B 232 -15.16 27.68 -29.89
C LEU B 232 -14.44 28.91 -29.35
N PRO B 233 -14.85 29.52 -28.22
CA PRO B 233 -14.01 30.60 -27.66
C PRO B 233 -12.59 30.17 -27.36
N TYR B 234 -12.41 28.95 -26.82
CA TYR B 234 -11.06 28.44 -26.58
C TYR B 234 -10.30 28.30 -27.89
N MET B 235 -10.98 27.80 -28.92
CA MET B 235 -10.35 27.58 -30.22
C MET B 235 -9.92 28.90 -30.83
N ALA B 236 -10.78 29.92 -30.74
CA ALA B 236 -10.46 31.23 -31.30
C ALA B 236 -9.33 31.89 -30.52
N THR B 237 -9.30 31.72 -29.21
CA THR B 237 -8.20 32.26 -28.43
C THR B 237 -6.88 31.58 -28.78
N MET B 238 -6.92 30.23 -28.95
CA MET B 238 -5.78 29.35 -29.34
C MET B 238 -5.24 29.75 -30.72
N LEU B 239 -6.09 30.22 -31.59
CA LEU B 239 -5.69 30.71 -32.90
C LEU B 239 -5.29 32.18 -32.89
N GLY B 240 -5.53 32.88 -31.78
CA GLY B 240 -5.19 34.29 -31.70
C GLY B 240 -5.93 35.16 -32.68
N VAL B 241 -7.17 34.81 -33.00
CA VAL B 241 -7.94 35.60 -33.96
C VAL B 241 -8.67 36.73 -33.24
N LYS B 242 -9.12 37.70 -34.02
CA LYS B 242 -9.95 38.77 -33.47
C LYS B 242 -11.29 38.22 -33.03
N GLN B 243 -11.63 38.46 -31.77
CA GLN B 243 -12.87 37.95 -31.18
C GLN B 243 -13.81 39.10 -30.90
N VAL B 244 -15.05 38.97 -31.36
CA VAL B 244 -16.10 39.95 -31.13
C VAL B 244 -17.18 39.29 -30.29
N TYR B 245 -17.53 39.91 -29.17
CA TYR B 245 -18.53 39.37 -28.27
C TYR B 245 -19.74 40.29 -28.25
N PRO B 246 -20.93 39.82 -28.63
CA PRO B 246 -22.07 40.73 -28.82
C PRO B 246 -22.87 41.05 -27.56
N GLY B 247 -22.64 40.36 -26.46
CA GLY B 247 -23.47 40.60 -25.30
C GLY B 247 -24.86 40.01 -25.48
N LYS B 248 -25.87 40.70 -25.03
CA LYS B 248 -27.22 40.22 -25.15
C LYS B 248 -27.62 40.20 -26.61
N TYR B 249 -28.13 39.10 -27.09
CA TYR B 249 -28.47 38.98 -28.51
C TYR B 249 -29.60 39.81 -29.10
N VAL B 250 -29.29 40.79 -29.95
CA VAL B 250 -30.26 41.60 -30.67
C VAL B 250 -29.92 41.47 -32.16
N PRO B 251 -30.89 41.08 -33.00
CA PRO B 251 -30.55 40.87 -34.42
C PRO B 251 -29.91 42.06 -35.10
N ASP B 252 -30.40 43.27 -34.82
CA ASP B 252 -29.79 44.46 -35.40
C ASP B 252 -28.37 44.66 -34.89
N VAL B 253 -28.14 44.46 -33.59
CA VAL B 253 -26.80 44.59 -33.03
C VAL B 253 -25.88 43.52 -33.61
N LEU B 254 -26.37 42.29 -33.74
CA LEU B 254 -25.55 41.22 -34.31
C LEU B 254 -25.16 41.53 -35.75
N LEU B 255 -26.12 41.99 -36.55
CA LEU B 255 -25.82 42.31 -37.94
C LEU B 255 -24.87 43.49 -38.05
N ASN B 256 -25.04 44.50 -37.20
CA ASN B 256 -24.13 45.64 -37.21
C ASN B 256 -22.71 45.21 -36.83
N LEU B 257 -22.59 44.32 -35.84
CA LEU B 257 -21.27 43.82 -35.47
C LEU B 257 -20.65 43.01 -36.60
N ILE B 258 -21.46 42.19 -37.28
CA ILE B 258 -20.93 41.41 -38.39
C ILE B 258 -20.44 42.34 -39.50
N GLU B 259 -21.20 43.38 -39.80
CA GLU B 259 -20.83 44.28 -40.89
C GLU B 259 -19.61 45.13 -40.54
N GLN B 260 -19.58 45.69 -39.33
CA GLN B 260 -18.56 46.68 -39.00
C GLN B 260 -17.27 46.04 -38.49
N GLU B 261 -17.36 44.86 -37.87
CA GLU B 261 -16.19 44.17 -37.37
C GLU B 261 -15.65 43.14 -38.36
N LYS B 262 -16.27 43.02 -39.53
CA LYS B 262 -15.85 42.09 -40.57
C LYS B 262 -15.82 40.64 -40.05
N VAL B 263 -16.87 40.26 -39.34
CA VAL B 263 -16.95 38.92 -38.77
C VAL B 263 -17.02 37.90 -39.90
N THR B 264 -16.18 36.87 -39.81
CA THR B 264 -16.15 35.81 -40.81
C THR B 264 -16.56 34.44 -40.30
N PHE B 265 -16.44 34.19 -38.99
CA PHE B 265 -16.81 32.89 -38.43
C PHE B 265 -17.76 33.10 -37.26
N SER B 266 -18.87 32.38 -37.27
CA SER B 266 -19.86 32.45 -36.20
C SER B 266 -20.51 31.08 -36.02
N HIS B 267 -21.28 30.96 -34.95
CA HIS B 267 -22.02 29.73 -34.66
C HIS B 267 -23.26 30.07 -33.87
N CYS B 268 -24.36 29.42 -34.21
CA CYS B 268 -25.65 29.70 -33.57
C CYS B 268 -26.60 28.55 -33.86
N VAL B 269 -27.71 28.54 -33.13
CA VAL B 269 -28.80 27.58 -33.34
C VAL B 269 -29.56 28.01 -34.59
N PRO B 270 -30.32 27.11 -35.24
CA PRO B 270 -31.00 27.50 -36.48
C PRO B 270 -31.99 28.64 -36.30
N THR B 271 -32.63 28.76 -35.13
CA THR B 271 -33.57 29.85 -34.91
C THR B 271 -32.89 31.22 -34.97
N ILE B 272 -31.68 31.33 -34.41
CA ILE B 272 -30.96 32.59 -34.46
C ILE B 272 -30.57 32.94 -35.88
N LEU B 273 -30.16 31.94 -36.66
CA LEU B 273 -29.84 32.19 -38.08
C LEU B 273 -31.08 32.64 -38.83
N HIS B 274 -32.23 32.02 -38.56
CA HIS B 274 -33.47 32.44 -39.20
C HIS B 274 -33.82 33.88 -38.84
N LEU B 275 -33.66 34.24 -37.56
CA LEU B 275 -33.92 35.62 -37.14
C LEU B 275 -32.98 36.59 -37.83
N LEU B 276 -31.70 36.23 -37.95
CA LEU B 276 -30.74 37.11 -38.61
C LEU B 276 -31.08 37.29 -40.08
N LEU B 277 -31.45 36.20 -40.77
CA LEU B 277 -31.76 36.31 -42.19
C LEU B 277 -33.10 37.00 -42.43
N SER B 278 -34.03 36.94 -41.48
CA SER B 278 -35.33 37.57 -41.65
C SER B 278 -35.33 39.03 -41.23
N SER B 279 -34.25 39.51 -40.64
CA SER B 279 -34.20 40.91 -40.20
C SER B 279 -34.22 41.83 -41.42
N PRO B 280 -34.94 42.96 -41.36
CA PRO B 280 -35.00 43.85 -42.53
C PRO B 280 -33.65 44.38 -42.98
N LYS B 281 -32.74 44.66 -42.04
CA LYS B 281 -31.47 45.27 -42.41
C LYS B 281 -30.46 44.26 -42.94
N SER B 282 -30.77 42.96 -42.88
CA SER B 282 -29.87 41.95 -43.42
C SER B 282 -29.91 41.89 -44.94
N LYS B 283 -30.93 42.46 -45.57
CA LYS B 283 -31.04 42.40 -47.01
C LYS B 283 -29.95 43.20 -47.70
N ALA B 284 -29.56 44.34 -47.13
CA ALA B 284 -28.53 45.17 -47.73
C ALA B 284 -27.12 44.81 -47.26
N MET B 285 -26.99 43.82 -46.39
CA MET B 285 -25.69 43.44 -45.88
C MET B 285 -25.00 42.44 -46.81
N ASP B 286 -23.66 42.46 -46.78
CA ASP B 286 -22.86 41.56 -47.60
C ASP B 286 -22.43 40.37 -46.73
N PHE B 287 -22.95 39.19 -47.06
CA PHE B 287 -22.71 37.98 -46.30
C PHE B 287 -21.71 37.04 -46.98
N SER B 288 -20.99 37.50 -47.99
CA SER B 288 -20.12 36.62 -48.77
C SER B 288 -19.00 36.01 -47.93
N GLY B 289 -18.36 36.81 -47.07
CA GLY B 289 -17.26 36.34 -46.27
C GLY B 289 -17.61 35.76 -44.93
N TRP B 290 -18.89 35.54 -44.65
CA TRP B 290 -19.34 35.09 -43.34
C TRP B 290 -19.57 33.58 -43.36
N LYS B 291 -18.94 32.87 -42.42
CA LYS B 291 -19.16 31.45 -42.24
C LYS B 291 -19.87 31.22 -40.92
N VAL B 292 -20.95 30.45 -40.94
CA VAL B 292 -21.70 30.12 -39.74
C VAL B 292 -21.91 28.61 -39.69
N VAL B 293 -21.68 28.02 -38.53
CA VAL B 293 -21.94 26.61 -38.30
C VAL B 293 -23.14 26.48 -37.38
N ILE B 294 -24.11 25.66 -37.78
CA ILE B 294 -25.39 25.56 -37.10
C ILE B 294 -25.42 24.26 -36.30
N GLY B 295 -25.62 24.38 -35.00
CA GLY B 295 -25.71 23.23 -34.12
C GLY B 295 -26.86 23.39 -33.14
N GLY B 296 -26.95 22.42 -32.23
CA GLY B 296 -27.99 22.41 -31.23
C GLY B 296 -29.33 21.89 -31.69
N ALA B 297 -29.64 22.01 -32.97
CA ALA B 297 -30.90 21.51 -33.51
C ALA B 297 -30.71 21.22 -34.99
N ALA B 298 -31.64 20.44 -35.55
CA ALA B 298 -31.57 20.10 -36.96
C ALA B 298 -31.71 21.35 -37.82
N LEU B 299 -30.82 21.51 -38.78
CA LEU B 299 -30.87 22.66 -39.68
C LEU B 299 -31.85 22.39 -40.80
N PRO B 300 -32.94 23.16 -40.93
CA PRO B 300 -33.88 22.94 -42.03
C PRO B 300 -33.22 23.15 -43.38
N LYS B 301 -33.62 22.34 -44.35
CA LYS B 301 -33.07 22.47 -45.70
C LYS B 301 -33.45 23.81 -46.32
N ALA B 302 -34.66 24.28 -46.06
CA ALA B 302 -35.08 25.58 -46.59
C ALA B 302 -34.24 26.72 -46.02
N LEU B 303 -33.98 26.68 -44.71
CA LEU B 303 -33.15 27.71 -44.10
C LEU B 303 -31.73 27.67 -44.63
N CYS B 304 -31.18 26.46 -44.80
CA CYS B 304 -29.85 26.32 -45.36
C CYS B 304 -29.78 26.86 -46.78
N LYS B 305 -30.80 26.57 -47.59
CA LYS B 305 -30.85 27.08 -48.96
C LYS B 305 -30.94 28.60 -48.98
N SER B 306 -31.77 29.16 -48.09
CA SER B 306 -31.89 30.61 -48.02
C SER B 306 -30.57 31.26 -47.60
N ALA B 307 -29.85 30.65 -46.66
CA ALA B 307 -28.54 31.17 -46.27
C ALA B 307 -27.53 31.05 -47.41
N LEU B 308 -27.57 29.94 -48.15
CA LEU B 308 -26.65 29.77 -49.27
C LEU B 308 -26.92 30.78 -50.37
N GLU B 309 -28.19 31.11 -50.59
CA GLU B 309 -28.54 32.15 -51.56
C GLU B 309 -28.02 33.52 -51.17
N ARG B 310 -27.63 33.71 -49.91
CA ARG B 310 -26.98 34.93 -49.46
C ARG B 310 -25.46 34.80 -49.44
N ASP B 311 -24.92 33.77 -50.09
CA ASP B 311 -23.49 33.49 -50.13
C ASP B 311 -22.90 33.22 -48.75
N ILE B 312 -23.69 32.62 -47.85
CA ILE B 312 -23.20 32.27 -46.53
C ILE B 312 -22.68 30.84 -46.57
N ASP B 313 -21.46 30.64 -46.07
CA ASP B 313 -20.88 29.30 -45.93
C ASP B 313 -21.49 28.68 -44.67
N VAL B 314 -22.69 28.14 -44.83
CA VAL B 314 -23.46 27.57 -43.73
C VAL B 314 -23.31 26.05 -43.76
N PHE B 315 -23.00 25.46 -42.62
CA PHE B 315 -22.87 24.02 -42.49
C PHE B 315 -23.27 23.63 -41.08
N ALA B 316 -23.65 22.36 -40.90
CA ALA B 316 -24.20 21.93 -39.63
C ALA B 316 -23.16 21.20 -38.79
N GLY B 317 -23.44 21.13 -37.49
CA GLY B 317 -22.63 20.40 -36.55
C GLY B 317 -23.53 19.76 -35.51
N TYR B 318 -22.95 18.86 -34.73
CA TYR B 318 -23.74 18.10 -33.76
C TYR B 318 -22.95 17.88 -32.49
N GLY B 319 -23.65 17.94 -31.36
CA GLY B 319 -23.07 17.66 -30.07
C GLY B 319 -24.11 17.80 -28.99
N MET B 320 -23.68 17.54 -27.76
CA MET B 320 -24.53 17.71 -26.60
C MET B 320 -23.68 18.10 -25.40
N SER B 321 -24.35 18.52 -24.34
CA SER B 321 -23.68 18.98 -23.12
C SER B 321 -22.74 17.92 -22.56
N GLU B 322 -23.07 16.65 -22.78
CA GLU B 322 -22.26 15.55 -22.26
C GLU B 322 -21.01 15.27 -23.09
N THR B 323 -20.92 15.78 -24.32
CA THR B 323 -19.94 15.28 -25.26
C THR B 323 -18.95 16.34 -25.75
N GLY B 324 -18.78 17.43 -25.00
CA GLY B 324 -17.69 18.33 -25.30
C GLY B 324 -18.00 19.75 -25.74
N PRO B 325 -18.99 19.98 -26.64
CA PRO B 325 -19.99 19.09 -27.21
C PRO B 325 -19.64 18.44 -28.55
N ILE B 326 -18.71 18.99 -29.33
CA ILE B 326 -18.63 18.68 -30.75
C ILE B 326 -18.32 17.21 -30.96
N LEU B 327 -19.18 16.53 -31.71
CA LEU B 327 -18.99 15.15 -32.12
C LEU B 327 -18.89 14.99 -33.63
N SER B 328 -19.61 15.80 -34.39
CA SER B 328 -19.58 15.70 -35.84
C SER B 328 -19.81 17.09 -36.44
N ILE B 329 -19.12 17.34 -37.55
CA ILE B 329 -19.24 18.60 -38.28
C ILE B 329 -19.37 18.28 -39.76
N VAL B 330 -20.22 19.04 -40.46
CA VAL B 330 -20.38 18.84 -41.90
C VAL B 330 -19.15 19.41 -42.61
N GLN B 331 -18.42 18.53 -43.29
CA GLN B 331 -17.28 18.92 -44.11
C GLN B 331 -17.49 18.41 -45.52
N LEU B 332 -17.43 19.31 -46.49
CA LEU B 332 -17.77 19.00 -47.87
C LEU B 332 -16.51 18.80 -48.70
N THR B 333 -16.48 17.71 -49.47
CA THR B 333 -15.41 17.48 -50.41
C THR B 333 -15.50 18.47 -51.57
N PRO B 334 -14.40 18.71 -52.28
CA PRO B 334 -14.46 19.63 -53.42
C PRO B 334 -15.45 19.22 -54.49
N GLU B 335 -15.70 17.92 -54.65
CA GLU B 335 -16.74 17.49 -55.59
C GLU B 335 -18.12 17.95 -55.12
N GLN B 336 -18.38 17.87 -53.82
CA GLN B 336 -19.67 18.30 -53.29
C GLN B 336 -19.84 19.82 -53.36
N LEU B 337 -18.75 20.58 -53.34
CA LEU B 337 -18.84 22.02 -53.46
C LEU B 337 -19.21 22.47 -54.86
N GLU B 338 -19.09 21.59 -55.86
CA GLU B 338 -19.45 21.92 -57.23
C GLU B 338 -20.92 21.64 -57.52
N LEU B 339 -21.66 21.08 -56.57
CA LEU B 339 -23.07 20.76 -56.78
C LEU B 339 -23.92 22.03 -56.78
N ASP B 340 -25.16 21.87 -57.22
CA ASP B 340 -26.10 22.98 -57.24
C ASP B 340 -26.49 23.38 -55.82
N VAL B 341 -27.31 24.44 -55.73
CA VAL B 341 -27.68 24.99 -54.44
C VAL B 341 -28.51 23.99 -53.64
N ASP B 342 -29.43 23.28 -54.30
CA ASP B 342 -30.29 22.35 -53.58
C ASP B 342 -29.51 21.17 -53.02
N GLN B 343 -28.63 20.58 -53.83
CA GLN B 343 -27.82 19.47 -53.35
C GLN B 343 -26.86 19.90 -52.25
N GLN B 344 -26.27 21.10 -52.40
CA GLN B 344 -25.41 21.62 -51.36
C GLN B 344 -26.17 21.86 -50.06
N ALA B 345 -27.40 22.35 -50.16
CA ALA B 345 -28.23 22.52 -48.96
C ALA B 345 -28.56 21.17 -48.34
N GLU B 346 -28.81 20.15 -49.16
CA GLU B 346 -29.08 18.82 -48.64
C GLU B 346 -27.86 18.28 -47.87
N TYR B 347 -26.67 18.48 -48.43
CA TYR B 347 -25.46 17.96 -47.78
C TYR B 347 -25.11 18.77 -46.53
N ARG B 348 -25.29 20.09 -46.58
CA ARG B 348 -24.92 20.94 -45.46
C ARG B 348 -25.88 20.80 -44.28
N SER B 349 -27.09 20.31 -44.50
CA SER B 349 -28.08 20.14 -43.46
C SER B 349 -27.94 18.80 -42.73
N LYS B 350 -26.99 17.97 -43.12
CA LYS B 350 -26.78 16.69 -42.47
C LYS B 350 -26.26 16.90 -41.05
N THR B 351 -26.38 15.85 -40.23
CA THR B 351 -25.80 15.89 -38.89
C THR B 351 -24.29 16.01 -38.94
N GLY B 352 -23.64 15.46 -39.96
CA GLY B 352 -22.23 15.65 -40.20
C GLY B 352 -21.42 14.39 -40.01
N LYS B 353 -20.17 14.45 -40.47
CA LYS B 353 -19.22 13.37 -40.28
C LYS B 353 -18.53 13.53 -38.94
N LYS B 354 -18.26 12.41 -38.28
CA LYS B 354 -17.64 12.45 -36.96
C LYS B 354 -16.29 13.13 -37.01
N VAL B 355 -16.02 13.95 -35.98
CA VAL B 355 -14.79 14.74 -35.93
C VAL B 355 -13.63 13.85 -35.48
N ALA B 356 -12.42 14.40 -35.52
CA ALA B 356 -11.23 13.65 -35.17
C ALA B 356 -11.32 13.05 -33.78
N LEU B 357 -10.81 11.83 -33.64
CA LEU B 357 -10.72 11.07 -32.39
C LEU B 357 -12.07 10.66 -31.83
N VAL B 358 -13.13 10.65 -32.64
CA VAL B 358 -14.46 10.29 -32.16
C VAL B 358 -14.90 9.00 -32.83
N GLU B 359 -15.33 8.04 -32.02
CA GLU B 359 -15.91 6.80 -32.51
C GLU B 359 -17.44 6.91 -32.43
N ALA B 360 -18.09 6.86 -33.58
CA ALA B 360 -19.54 7.01 -33.65
C ALA B 360 -20.16 5.76 -34.25
N TYR B 361 -21.11 5.17 -33.53
CA TYR B 361 -21.83 3.99 -33.99
C TYR B 361 -23.32 4.18 -33.75
N ILE B 362 -24.12 3.55 -34.60
CA ILE B 362 -25.56 3.47 -34.42
C ILE B 362 -25.91 2.05 -34.00
N VAL B 363 -26.58 1.93 -32.86
CA VAL B 363 -26.84 0.63 -32.25
C VAL B 363 -28.32 0.52 -31.92
N ASP B 364 -28.76 -0.71 -31.71
CA ASP B 364 -30.14 -0.98 -31.30
C ASP B 364 -30.23 -0.98 -29.77
N GLU B 365 -31.36 -1.47 -29.26
CA GLU B 365 -31.55 -1.52 -27.81
C GLU B 365 -30.56 -2.47 -27.15
N ASP B 366 -30.05 -3.44 -27.89
CA ASP B 366 -29.07 -4.39 -27.38
C ASP B 366 -27.63 -4.04 -27.74
N MET B 367 -27.40 -2.86 -28.32
CA MET B 367 -26.06 -2.40 -28.69
C MET B 367 -25.38 -3.35 -29.67
N ASN B 368 -26.00 -3.52 -30.85
CA ASN B 368 -25.49 -4.46 -31.84
C ASN B 368 -24.80 -3.81 -33.03
N LYS B 369 -24.59 -2.49 -32.99
CA LYS B 369 -23.85 -1.79 -34.04
C LYS B 369 -24.46 -1.99 -35.42
N LEU B 370 -25.67 -1.46 -35.62
CA LEU B 370 -26.39 -1.56 -36.89
C LEU B 370 -25.52 -1.13 -38.06
N PRO B 371 -25.75 -1.71 -39.24
CA PRO B 371 -24.91 -1.36 -40.40
C PRO B 371 -25.12 0.08 -40.83
N HIS B 372 -24.08 0.64 -41.45
CA HIS B 372 -24.09 2.04 -41.88
C HIS B 372 -24.71 2.18 -43.27
N ASP B 373 -26.02 2.00 -43.31
CA ASP B 373 -26.79 2.33 -44.50
C ASP B 373 -27.49 3.68 -44.31
N GLY B 374 -27.98 4.23 -45.41
CA GLY B 374 -28.62 5.53 -45.36
C GLY B 374 -30.07 5.47 -44.91
N GLU B 375 -30.52 4.29 -44.46
CA GLU B 375 -31.91 4.12 -44.06
C GLU B 375 -32.03 3.46 -42.69
N THR B 376 -31.03 2.67 -42.30
CA THR B 376 -31.08 1.96 -41.03
C THR B 376 -30.77 2.92 -39.88
N ALA B 377 -31.75 3.11 -39.00
CA ALA B 377 -31.65 4.09 -37.92
C ALA B 377 -31.44 3.40 -36.58
N GLY B 378 -30.55 3.95 -35.78
CA GLY B 378 -30.29 3.45 -34.45
C GLY B 378 -29.79 4.57 -33.56
N GLU B 379 -29.60 4.25 -32.29
CA GLU B 379 -29.13 5.25 -31.33
C GLU B 379 -27.64 5.48 -31.50
N ILE B 380 -27.24 6.75 -31.52
CA ILE B 380 -25.82 7.09 -31.62
C ILE B 380 -25.16 6.85 -30.28
N VAL B 381 -24.09 6.07 -30.28
CA VAL B 381 -23.23 5.87 -29.12
C VAL B 381 -21.82 6.27 -29.51
N VAL B 382 -21.15 7.02 -28.63
CA VAL B 382 -19.90 7.67 -28.98
C VAL B 382 -18.83 7.38 -27.94
N ARG B 383 -17.58 7.35 -28.40
CA ARG B 383 -16.39 7.42 -27.57
C ARG B 383 -15.52 8.55 -28.09
N ALA B 384 -15.03 9.39 -27.17
CA ALA B 384 -14.27 10.56 -27.56
C ALA B 384 -13.42 10.98 -26.36
N PRO B 385 -12.33 11.73 -26.61
CA PRO B 385 -11.48 12.18 -25.48
C PRO B 385 -12.14 13.23 -24.61
N TRP B 386 -13.30 13.76 -25.00
CA TRP B 386 -13.91 14.89 -24.30
C TRP B 386 -15.34 14.57 -23.92
N LEU B 387 -15.59 13.37 -23.40
CA LEU B 387 -16.90 12.98 -22.92
C LEU B 387 -16.91 13.02 -21.41
N THR B 388 -18.04 13.46 -20.84
CA THR B 388 -18.19 13.45 -19.40
C THR B 388 -18.22 12.00 -18.90
N PRO B 389 -17.44 11.67 -17.87
CA PRO B 389 -17.46 10.28 -17.39
C PRO B 389 -18.76 9.88 -16.73
N ASN B 390 -19.48 10.84 -16.14
CA ASN B 390 -20.72 10.56 -15.44
C ASN B 390 -21.43 11.88 -15.18
N TYR B 391 -22.63 11.78 -14.62
CA TYR B 391 -23.33 12.95 -14.13
C TYR B 391 -22.88 13.26 -12.70
N TYR B 392 -22.72 14.55 -12.40
CA TYR B 392 -22.17 14.94 -11.11
C TYR B 392 -23.10 14.53 -9.99
N LYS B 393 -22.55 13.84 -8.99
CA LYS B 393 -23.29 13.38 -7.82
C LYS B 393 -24.53 12.57 -8.21
N ASP B 394 -24.39 11.74 -9.24
CA ASP B 394 -25.47 10.86 -9.71
C ASP B 394 -24.88 9.50 -10.05
N ASN B 395 -25.65 8.45 -9.82
CA ASN B 395 -25.19 7.09 -10.05
C ASN B 395 -25.99 6.35 -11.12
N LYS B 396 -27.32 6.30 -10.98
CA LYS B 396 -28.13 5.50 -11.90
C LYS B 396 -28.22 6.13 -13.27
N ASN B 397 -28.44 7.45 -13.33
CA ASN B 397 -28.41 8.13 -14.62
C ASN B 397 -27.02 8.10 -15.24
N SER B 398 -25.97 8.17 -14.41
CA SER B 398 -24.62 8.02 -14.90
C SER B 398 -24.40 6.63 -15.48
N LYS B 399 -24.92 5.60 -14.81
CA LYS B 399 -24.80 4.23 -15.31
C LYS B 399 -25.53 4.07 -16.64
N ALA B 400 -26.72 4.67 -16.75
CA ALA B 400 -27.47 4.57 -18.00
C ALA B 400 -26.79 5.36 -19.12
N LEU B 401 -26.09 6.44 -18.77
CA LEU B 401 -25.40 7.23 -19.79
C LEU B 401 -24.29 6.45 -20.47
N TRP B 402 -23.53 5.68 -19.69
CA TRP B 402 -22.40 4.92 -20.23
C TRP B 402 -22.68 3.44 -20.31
N ARG B 403 -23.93 3.06 -20.54
CA ARG B 403 -24.30 1.65 -20.65
C ARG B 403 -23.62 1.01 -21.86
N GLY B 404 -23.06 -0.17 -21.65
CA GLY B 404 -22.42 -0.90 -22.73
C GLY B 404 -21.04 -0.42 -23.11
N GLY B 405 -20.42 0.45 -22.30
CA GLY B 405 -19.10 0.94 -22.62
C GLY B 405 -19.06 2.08 -23.59
N TYR B 406 -20.22 2.64 -23.95
CA TYR B 406 -20.30 3.78 -24.85
C TYR B 406 -21.24 4.82 -24.27
N LEU B 407 -20.95 6.09 -24.54
CA LEU B 407 -21.84 7.16 -24.10
C LEU B 407 -23.08 7.17 -24.98
N HIS B 408 -24.25 7.12 -24.35
CA HIS B 408 -25.51 7.04 -25.09
C HIS B 408 -26.03 8.46 -25.31
N THR B 409 -26.06 8.88 -26.58
CA THR B 409 -26.51 10.23 -26.91
C THR B 409 -28.01 10.41 -26.81
N GLY B 410 -28.78 9.33 -26.92
CA GLY B 410 -30.23 9.44 -26.95
C GLY B 410 -30.79 9.90 -28.26
N ASP B 411 -29.98 10.01 -29.31
CA ASP B 411 -30.41 10.44 -30.62
C ASP B 411 -30.44 9.25 -31.58
N VAL B 412 -31.52 9.15 -32.35
CA VAL B 412 -31.68 8.11 -33.35
C VAL B 412 -31.28 8.68 -34.70
N ALA B 413 -30.37 7.99 -35.40
CA ALA B 413 -29.83 8.50 -36.65
C ALA B 413 -29.42 7.34 -37.55
N HIS B 414 -29.30 7.65 -38.83
CA HIS B 414 -28.71 6.74 -39.81
C HIS B 414 -27.46 7.36 -40.41
N ILE B 415 -26.44 6.52 -40.59
CA ILE B 415 -25.16 6.95 -41.13
C ILE B 415 -24.99 6.27 -42.48
N ASP B 416 -24.81 7.07 -43.53
CA ASP B 416 -24.69 6.50 -44.86
C ASP B 416 -23.30 5.89 -45.07
N ASP B 417 -23.07 5.38 -46.28
CA ASP B 417 -21.83 4.68 -46.57
C ASP B 417 -20.61 5.60 -46.47
N GLU B 418 -20.75 6.85 -46.89
CA GLU B 418 -19.62 7.77 -46.88
C GLU B 418 -19.39 8.44 -45.52
N GLY B 419 -20.23 8.16 -44.53
CA GLY B 419 -20.01 8.64 -43.19
C GLY B 419 -20.86 9.79 -42.72
N PHE B 420 -21.82 10.25 -43.54
CA PHE B 420 -22.69 11.34 -43.11
C PHE B 420 -23.75 10.83 -42.16
N ILE B 421 -23.78 11.39 -40.95
CA ILE B 421 -24.83 11.08 -39.99
C ILE B 421 -26.06 11.94 -40.29
N LYS B 422 -27.24 11.40 -40.01
CA LYS B 422 -28.48 12.15 -40.19
C LYS B 422 -29.43 11.78 -39.05
N ILE B 423 -29.59 12.69 -38.10
CA ILE B 423 -30.44 12.42 -36.94
C ILE B 423 -31.90 12.44 -37.36
N THR B 424 -32.64 11.40 -36.98
CA THR B 424 -34.07 11.32 -37.26
C THR B 424 -34.92 11.89 -36.13
N ASP B 425 -34.72 11.41 -34.90
CA ASP B 425 -35.43 11.93 -33.73
C ASP B 425 -34.72 11.43 -32.48
N ARG B 426 -35.34 11.66 -31.33
CA ARG B 426 -34.80 11.20 -30.05
C ARG B 426 -35.22 9.76 -29.80
N VAL B 427 -34.52 9.11 -28.86
CA VAL B 427 -34.87 7.75 -28.47
C VAL B 427 -36.21 7.73 -27.75
N LYS B 428 -36.42 8.68 -26.84
CA LYS B 428 -37.68 8.77 -26.10
C LYS B 428 -38.86 9.07 -27.00
N ASP B 429 -38.62 9.59 -28.21
CA ASP B 429 -39.68 9.94 -29.14
C ASP B 429 -39.98 8.83 -30.14
N MET B 430 -39.36 7.66 -29.98
CA MET B 430 -39.58 6.55 -30.91
C MET B 430 -41.01 6.05 -30.79
N ILE B 431 -41.66 5.83 -31.93
CA ILE B 431 -43.02 5.28 -31.97
C ILE B 431 -42.88 3.78 -32.22
N LYS B 432 -43.29 2.98 -31.24
CA LYS B 432 -43.13 1.53 -31.32
C LYS B 432 -44.37 0.88 -31.93
N ILE B 433 -44.48 1.02 -33.25
CA ILE B 433 -45.54 0.36 -34.00
C ILE B 433 -45.09 -1.06 -34.34
N SER B 434 -45.35 -2.00 -33.42
CA SER B 434 -44.89 -3.39 -33.52
C SER B 434 -43.38 -3.36 -33.71
N GLY B 435 -42.82 -4.11 -34.66
CA GLY B 435 -41.39 -4.08 -34.89
C GLY B 435 -40.91 -2.96 -35.79
N GLU B 436 -41.82 -2.17 -36.34
CA GLU B 436 -41.47 -1.08 -37.26
C GLU B 436 -41.51 0.26 -36.51
N TRP B 437 -40.37 0.60 -35.90
CA TRP B 437 -40.26 1.88 -35.22
C TRP B 437 -40.14 3.00 -36.24
N VAL B 438 -40.91 4.07 -36.04
CA VAL B 438 -40.91 5.22 -36.93
C VAL B 438 -40.61 6.47 -36.12
N SER B 439 -39.97 7.44 -36.77
CA SER B 439 -39.60 8.67 -36.09
C SER B 439 -40.78 9.64 -36.05
N SER B 440 -40.93 10.31 -34.91
CA SER B 440 -42.00 11.30 -34.77
C SER B 440 -41.69 12.56 -35.58
N LEU B 441 -40.41 12.88 -35.73
CA LEU B 441 -40.04 14.12 -36.41
C LEU B 441 -40.37 14.09 -37.90
N GLU B 442 -40.28 12.92 -38.54
CA GLU B 442 -40.66 12.86 -39.95
C GLU B 442 -42.15 13.13 -40.14
N LEU B 443 -43.00 12.60 -39.25
CA LEU B 443 -44.42 12.87 -39.34
C LEU B 443 -44.72 14.33 -38.99
N GLU B 444 -44.00 14.89 -38.02
CA GLU B 444 -44.17 16.30 -37.69
C GLU B 444 -43.81 17.18 -38.88
N ASP B 445 -42.72 16.86 -39.57
CA ASP B 445 -42.34 17.58 -40.78
C ASP B 445 -43.34 17.41 -41.90
N ILE B 446 -43.91 16.22 -42.07
CA ILE B 446 -44.94 16.00 -43.08
C ILE B 446 -46.16 16.86 -42.80
N LEU B 447 -46.59 16.90 -41.54
CA LEU B 447 -47.78 17.68 -41.19
C LEU B 447 -47.47 19.17 -41.11
N HIS B 448 -46.21 19.55 -41.04
CA HIS B 448 -45.82 20.96 -40.95
C HIS B 448 -45.95 21.68 -42.27
N GLN B 449 -46.23 20.98 -43.37
CA GLN B 449 -46.41 21.61 -44.67
C GLN B 449 -47.86 21.91 -45.00
N HIS B 450 -48.76 21.77 -44.03
CA HIS B 450 -50.18 22.00 -44.28
C HIS B 450 -50.43 23.49 -44.54
N GLN B 451 -51.58 23.78 -45.13
CA GLN B 451 -51.91 25.14 -45.51
C GLN B 451 -52.03 26.07 -44.30
N SER B 452 -52.63 25.59 -43.20
CA SER B 452 -52.87 26.42 -42.03
C SER B 452 -52.23 25.88 -40.76
N VAL B 453 -51.23 25.01 -40.88
CA VAL B 453 -50.59 24.45 -39.70
C VAL B 453 -49.59 25.46 -39.12
N SER B 454 -49.43 25.42 -37.80
CA SER B 454 -48.47 26.28 -37.11
C SER B 454 -47.41 25.48 -36.37
N GLU B 455 -47.80 24.47 -35.61
CA GLU B 455 -46.85 23.65 -34.87
C GLU B 455 -47.39 22.24 -34.76
N VAL B 456 -46.50 21.26 -34.95
CA VAL B 456 -46.84 19.85 -34.92
C VAL B 456 -46.00 19.17 -33.85
N ALA B 457 -46.64 18.31 -33.06
CA ALA B 457 -45.96 17.55 -32.02
C ALA B 457 -46.59 16.16 -31.95
N VAL B 458 -45.97 15.19 -32.64
CA VAL B 458 -46.47 13.82 -32.63
C VAL B 458 -45.99 13.13 -31.37
N ILE B 459 -46.94 12.61 -30.59
CA ILE B 459 -46.60 11.99 -29.30
C ILE B 459 -46.54 10.47 -29.42
N GLY B 460 -47.65 9.85 -29.77
CA GLY B 460 -47.75 8.40 -29.75
C GLY B 460 -48.22 7.88 -28.41
N MET B 461 -49.35 7.17 -28.41
CA MET B 461 -49.92 6.63 -27.19
C MET B 461 -50.19 5.14 -27.38
N PRO B 462 -50.23 4.36 -26.30
CA PRO B 462 -50.29 2.91 -26.44
C PRO B 462 -51.53 2.44 -27.20
N HIS B 463 -51.34 1.39 -27.99
CA HIS B 463 -52.41 0.79 -28.79
C HIS B 463 -52.41 -0.71 -28.54
N ASN B 464 -53.61 -1.30 -28.52
CA ASN B 464 -53.73 -2.73 -28.21
C ASN B 464 -53.08 -3.60 -29.27
N LYS B 465 -53.26 -3.27 -30.55
CA LYS B 465 -52.76 -4.12 -31.61
C LYS B 465 -51.30 -3.83 -31.95
N TRP B 466 -50.98 -2.58 -32.24
CA TRP B 466 -49.66 -2.20 -32.72
C TRP B 466 -48.73 -1.72 -31.63
N GLY B 467 -49.14 -1.78 -30.37
CA GLY B 467 -48.30 -1.28 -29.28
C GLY B 467 -48.31 0.23 -29.14
N GLU B 468 -47.96 0.95 -30.21
CA GLU B 468 -47.99 2.40 -30.23
C GLU B 468 -48.51 2.86 -31.58
N VAL B 469 -49.26 3.96 -31.57
CA VAL B 469 -49.74 4.58 -32.80
C VAL B 469 -49.47 6.08 -32.71
N PRO B 470 -49.06 6.73 -33.80
CA PRO B 470 -48.56 8.12 -33.74
C PRO B 470 -49.67 9.16 -33.61
N LEU B 471 -50.09 9.40 -32.38
CA LEU B 471 -51.01 10.51 -32.10
C LEU B 471 -50.29 11.83 -32.39
N ALA B 472 -50.96 12.71 -33.12
CA ALA B 472 -50.37 13.98 -33.55
C ALA B 472 -51.16 15.15 -32.99
N LEU B 473 -50.44 16.15 -32.48
CA LEU B 473 -51.03 17.41 -32.03
C LEU B 473 -50.67 18.50 -33.01
N VAL B 474 -51.66 19.27 -33.44
CA VAL B 474 -51.50 20.30 -34.45
C VAL B 474 -52.09 21.60 -33.94
N THR B 475 -51.29 22.66 -33.99
CA THR B 475 -51.75 24.03 -33.76
C THR B 475 -51.95 24.73 -35.09
N LEU B 476 -52.95 25.60 -35.15
CA LEU B 476 -53.41 26.16 -36.40
C LEU B 476 -53.38 27.68 -36.36
N LYS B 477 -53.42 28.28 -37.54
CA LYS B 477 -53.49 29.73 -37.67
C LYS B 477 -54.80 30.25 -37.09
N GLU B 478 -54.76 31.47 -36.56
CA GLU B 478 -55.93 32.05 -35.91
C GLU B 478 -57.10 32.15 -36.89
N ASP B 479 -58.26 31.66 -36.43
CA ASP B 479 -59.54 31.75 -37.15
C ASP B 479 -59.55 30.89 -38.41
N ALA B 480 -58.41 30.30 -38.77
CA ALA B 480 -58.33 29.39 -39.91
C ALA B 480 -58.37 27.93 -39.43
N GLN B 481 -59.51 27.56 -38.85
CA GLN B 481 -59.64 26.25 -38.23
C GLN B 481 -59.63 25.14 -39.29
N VAL B 482 -58.93 24.05 -38.95
CA VAL B 482 -58.84 22.87 -39.79
C VAL B 482 -59.20 21.66 -38.94
N THR B 483 -60.08 20.81 -39.47
CA THR B 483 -60.56 19.64 -38.75
C THR B 483 -59.57 18.49 -38.83
N GLU B 484 -59.84 17.45 -38.04
CA GLU B 484 -58.96 16.28 -38.01
C GLU B 484 -58.94 15.58 -39.36
N LYS B 485 -60.10 15.43 -39.99
CA LYS B 485 -60.18 14.69 -41.25
C LYS B 485 -59.40 15.38 -42.36
N GLU B 486 -59.44 16.72 -42.41
CA GLU B 486 -58.65 17.44 -43.41
C GLU B 486 -57.16 17.22 -43.21
N LEU B 487 -56.69 17.25 -41.97
CA LEU B 487 -55.28 16.99 -41.69
C LEU B 487 -54.90 15.56 -42.05
N LEU B 488 -55.78 14.61 -41.76
CA LEU B 488 -55.53 13.22 -42.14
C LEU B 488 -55.43 13.08 -43.66
N GLY B 489 -56.32 13.74 -44.39
CA GLY B 489 -56.27 13.70 -45.85
C GLY B 489 -54.99 14.32 -46.38
N PHE B 490 -54.57 15.45 -45.80
CA PHE B 490 -53.32 16.07 -46.24
C PHE B 490 -52.12 15.18 -45.94
N ALA B 491 -52.12 14.53 -44.77
CA ALA B 491 -50.98 13.68 -44.40
C ALA B 491 -50.91 12.42 -45.26
N LYS B 492 -52.03 12.00 -45.84
CA LYS B 492 -52.04 10.80 -46.66
C LYS B 492 -51.33 11.05 -47.99
N ASP B 493 -51.08 9.96 -48.71
CA ASP B 493 -50.48 9.94 -50.04
C ASP B 493 -49.04 10.47 -50.05
N PHE B 494 -48.39 10.58 -48.90
CA PHE B 494 -47.01 10.99 -48.86
C PHE B 494 -46.09 9.78 -49.04
N ILE B 495 -44.80 10.07 -49.24
CA ILE B 495 -43.83 9.02 -49.51
C ILE B 495 -43.61 8.19 -48.25
N ASN B 496 -43.68 6.86 -48.40
CA ASN B 496 -43.45 5.89 -47.34
C ASN B 496 -44.49 5.98 -46.23
N LYS B 497 -44.67 4.88 -45.49
CA LYS B 497 -45.63 4.82 -44.40
C LYS B 497 -45.34 3.59 -43.56
N GLY B 498 -46.11 3.44 -42.48
CA GLY B 498 -45.91 2.36 -41.54
C GLY B 498 -47.06 1.36 -41.57
N ILE B 499 -46.70 0.09 -41.76
CA ILE B 499 -47.53 -1.09 -41.54
C ILE B 499 -48.84 -1.09 -42.35
N LEU B 500 -49.52 0.06 -42.44
CA LEU B 500 -50.85 0.09 -43.03
C LEU B 500 -50.98 1.32 -43.92
N ALA B 501 -51.11 1.09 -45.22
CA ALA B 501 -51.44 2.11 -46.21
C ALA B 501 -50.62 3.38 -46.04
N ARG B 502 -51.23 4.42 -45.48
CA ARG B 502 -50.57 5.69 -45.20
C ARG B 502 -50.81 6.11 -43.76
N GLU B 503 -51.08 5.14 -42.89
CA GLU B 503 -51.27 5.32 -41.45
C GLU B 503 -52.42 6.26 -41.12
N ALA B 504 -53.45 6.33 -41.98
CA ALA B 504 -54.60 7.17 -41.69
C ALA B 504 -55.44 6.63 -40.54
N LEU B 505 -55.40 5.32 -40.31
CA LEU B 505 -56.20 4.73 -39.23
C LEU B 505 -55.52 4.86 -37.87
N LEU B 506 -54.27 5.32 -37.85
CA LEU B 506 -53.50 5.38 -36.61
C LEU B 506 -53.06 6.79 -36.24
N LEU B 507 -53.05 7.73 -37.19
CA LEU B 507 -52.53 9.06 -36.92
C LEU B 507 -53.38 9.81 -35.90
N LYS B 508 -54.71 9.71 -36.01
CA LYS B 508 -55.68 10.31 -35.09
C LYS B 508 -55.28 11.70 -34.62
N VAL B 509 -55.10 12.62 -35.57
CA VAL B 509 -54.65 13.97 -35.24
C VAL B 509 -55.67 14.66 -34.35
N LYS B 510 -55.18 15.41 -33.36
CA LYS B 510 -56.02 16.21 -32.47
C LYS B 510 -55.53 17.65 -32.47
N ILE B 511 -56.46 18.58 -32.61
CA ILE B 511 -56.12 20.00 -32.58
C ILE B 511 -56.03 20.46 -31.13
N VAL B 512 -54.90 21.02 -30.75
CA VAL B 512 -54.63 21.43 -29.37
C VAL B 512 -54.33 22.92 -29.35
N ASP B 513 -54.82 23.59 -28.30
CA ASP B 513 -54.65 25.03 -28.18
C ASP B 513 -53.18 25.41 -28.11
N GLU B 514 -52.40 24.68 -27.31
CA GLU B 514 -50.99 24.99 -27.15
C GLU B 514 -50.22 23.70 -26.88
N ILE B 515 -48.93 23.73 -27.17
CA ILE B 515 -48.04 22.60 -26.93
C ILE B 515 -47.11 22.97 -25.79
N ALA B 516 -47.01 22.07 -24.80
CA ALA B 516 -46.15 22.32 -23.65
C ALA B 516 -44.69 22.33 -24.08
N LYS B 517 -43.94 23.29 -23.53
CA LYS B 517 -42.53 23.45 -23.85
C LYS B 517 -41.73 23.62 -22.57
N THR B 518 -40.47 23.17 -22.61
CA THR B 518 -39.60 23.31 -21.45
C THR B 518 -39.13 24.76 -21.30
N SER B 519 -38.35 25.00 -20.25
CA SER B 519 -37.80 26.34 -20.03
C SER B 519 -36.84 26.74 -21.14
N VAL B 520 -36.12 25.77 -21.72
CA VAL B 520 -35.23 26.06 -22.84
C VAL B 520 -36.02 26.48 -24.07
N GLY B 521 -37.15 25.83 -24.34
CA GLY B 521 -37.96 26.12 -25.50
C GLY B 521 -38.33 24.91 -26.33
N LYS B 522 -37.70 23.77 -26.11
CA LYS B 522 -38.03 22.56 -26.84
C LYS B 522 -39.38 22.02 -26.38
N VAL B 523 -40.01 21.22 -27.24
CA VAL B 523 -41.31 20.64 -26.91
C VAL B 523 -41.14 19.62 -25.80
N ASP B 524 -41.94 19.76 -24.74
CA ASP B 524 -41.90 18.84 -23.61
C ASP B 524 -42.95 17.76 -23.84
N LYS B 525 -42.54 16.69 -24.52
CA LYS B 525 -43.45 15.59 -24.80
C LYS B 525 -43.83 14.80 -23.56
N LYS B 526 -43.03 14.86 -22.50
CA LYS B 526 -43.41 14.23 -21.24
C LYS B 526 -44.66 14.86 -20.65
N GLU B 527 -44.75 16.20 -20.67
CA GLU B 527 -45.96 16.87 -20.22
C GLU B 527 -47.13 16.60 -21.17
N LEU B 528 -46.86 16.53 -22.48
CA LEU B 528 -47.90 16.23 -23.44
C LEU B 528 -48.47 14.83 -23.23
N ARG B 529 -47.65 13.88 -22.78
CA ARG B 529 -48.14 12.53 -22.51
C ARG B 529 -49.11 12.53 -21.34
N LYS B 530 -48.95 13.47 -20.41
CA LYS B 530 -49.88 13.54 -19.27
C LYS B 530 -51.29 13.86 -19.72
N LEU B 531 -51.44 14.65 -20.78
CA LEU B 531 -52.76 15.07 -21.24
C LEU B 531 -53.43 14.07 -22.16
N HIS B 532 -52.74 12.98 -22.53
CA HIS B 532 -53.31 12.03 -23.46
C HIS B 532 -53.18 10.56 -23.04
N LEU B 533 -52.37 10.24 -22.03
CA LEU B 533 -52.25 8.86 -21.57
C LEU B 533 -51.96 8.80 -20.08
N TYR C 4 19.03 5.14 5.51
CA TYR C 4 18.76 3.73 5.72
C TYR C 4 18.26 3.47 7.15
N VAL C 5 17.19 2.69 7.26
CA VAL C 5 16.65 2.33 8.57
C VAL C 5 17.47 1.17 9.12
N ASN C 6 18.51 1.47 9.89
CA ASN C 6 19.44 0.47 10.38
C ASN C 6 18.92 -0.10 11.70
N ASP C 7 18.39 -1.32 11.65
CA ASP C 7 18.04 -2.04 12.86
C ASP C 7 19.27 -2.75 13.38
N PRO C 8 19.75 -2.41 14.58
CA PRO C 8 21.01 -3.01 15.07
C PRO C 8 20.95 -4.53 15.16
N SER C 9 19.81 -5.10 15.52
CA SER C 9 19.70 -6.55 15.59
C SER C 9 19.63 -7.20 14.21
N ASN C 10 19.26 -6.44 13.17
CA ASN C 10 19.19 -6.96 11.81
C ASN C 10 20.56 -6.78 11.16
N TYR C 11 21.39 -7.81 11.28
CA TYR C 11 22.76 -7.73 10.78
C TYR C 11 22.78 -7.70 9.26
N GLN C 12 23.61 -6.83 8.70
CA GLN C 12 23.79 -6.71 7.27
C GLN C 12 25.18 -7.20 6.90
N LEU C 13 25.26 -8.10 5.92
CA LEU C 13 26.54 -8.63 5.45
C LEU C 13 27.23 -7.60 4.57
N LEU C 14 28.16 -6.83 5.14
CA LEU C 14 28.83 -5.75 4.44
C LEU C 14 30.33 -5.99 4.39
N ILE C 15 30.96 -5.42 3.36
CA ILE C 15 32.41 -5.56 3.19
C ILE C 15 33.15 -4.90 4.34
N LYS C 16 32.55 -3.87 4.96
CA LYS C 16 33.19 -3.26 6.13
C LYS C 16 33.28 -4.25 7.28
N ASN C 17 32.39 -5.24 7.32
CA ASN C 17 32.54 -6.32 8.29
C ASN C 17 33.68 -7.25 7.91
N LEU C 18 33.94 -7.41 6.61
CA LEU C 18 35.11 -8.16 6.18
C LEU C 18 36.39 -7.46 6.61
N LEU C 19 36.43 -6.13 6.53
CA LEU C 19 37.64 -5.39 6.86
C LEU C 19 37.84 -5.23 8.37
N PHE C 20 36.81 -4.76 9.08
CA PHE C 20 36.95 -4.42 10.49
C PHE C 20 36.53 -5.55 11.44
N SER C 21 36.00 -6.65 10.91
CA SER C 21 35.73 -7.82 11.75
C SER C 21 36.32 -9.05 11.08
N PRO C 22 37.64 -9.14 10.95
CA PRO C 22 38.24 -10.24 10.19
C PRO C 22 38.39 -11.49 11.05
N VAL C 23 38.79 -12.57 10.40
CA VAL C 23 39.13 -13.79 11.12
C VAL C 23 40.30 -13.54 12.06
N ALA C 24 41.33 -12.87 11.56
CA ALA C 24 42.45 -12.43 12.36
C ALA C 24 42.91 -11.06 11.88
N PHE C 25 43.45 -10.27 12.79
CA PHE C 25 43.94 -8.94 12.47
C PHE C 25 45.22 -8.67 13.24
N ASN C 26 46.35 -8.70 12.54
CA ASN C 26 47.62 -8.31 13.12
C ASN C 26 47.95 -6.91 12.64
N PRO C 27 47.92 -5.89 13.49
CA PRO C 27 48.18 -4.52 13.01
C PRO C 27 49.57 -4.32 12.46
N GLU C 28 50.53 -5.18 12.80
CA GLU C 28 51.88 -5.08 12.30
C GLU C 28 52.14 -5.96 11.08
N GLN C 29 51.12 -6.68 10.60
CA GLN C 29 51.29 -7.46 9.38
C GLN C 29 51.40 -6.53 8.18
N GLU C 30 52.24 -6.92 7.23
CA GLU C 30 52.65 -6.04 6.15
C GLU C 30 51.80 -6.24 4.90
N ILE C 31 51.50 -5.13 4.22
CA ILE C 31 50.99 -5.13 2.86
C ILE C 31 52.10 -4.64 1.95
N VAL C 32 52.53 -5.49 1.02
CA VAL C 32 53.70 -5.22 0.20
C VAL C 32 53.26 -5.04 -1.25
N TYR C 33 53.67 -3.92 -1.84
CA TYR C 33 53.44 -3.65 -3.26
C TYR C 33 54.79 -3.78 -3.97
N ALA C 34 55.11 -5.01 -4.38
CA ALA C 34 56.37 -5.31 -5.07
C ALA C 34 57.56 -4.71 -4.32
N ASN C 35 58.39 -3.96 -5.04
CA ASN C 35 59.53 -3.28 -4.45
C ASN C 35 59.29 -1.79 -4.26
N HIS C 36 58.04 -1.33 -4.39
CA HIS C 36 57.77 0.10 -4.31
C HIS C 36 57.39 0.53 -2.91
N ARG C 37 56.47 -0.18 -2.25
CA ARG C 37 55.89 0.30 -1.01
C ARG C 37 55.64 -0.86 -0.06
N ARG C 38 55.81 -0.58 1.23
CA ARG C 38 55.45 -1.49 2.31
C ARG C 38 54.78 -0.70 3.42
N HIS C 39 53.69 -1.24 3.96
CA HIS C 39 53.04 -0.64 5.11
C HIS C 39 52.26 -1.71 5.86
N SER C 40 51.93 -1.40 7.11
CA SER C 40 51.28 -2.37 7.98
C SER C 40 49.77 -2.39 7.74
N TYR C 41 49.11 -3.37 8.35
CA TYR C 41 47.66 -3.47 8.25
C TYR C 41 46.96 -2.29 8.90
N LYS C 42 47.53 -1.76 9.98
CA LYS C 42 46.99 -0.54 10.57
C LYS C 42 47.08 0.62 9.58
N THR C 43 48.22 0.74 8.90
CA THR C 43 48.35 1.76 7.85
C THR C 43 47.39 1.47 6.70
N PHE C 44 47.14 0.19 6.42
CA PHE C 44 46.18 -0.16 5.36
C PHE C 44 44.77 0.32 5.73
N HIS C 45 44.35 0.10 6.97
CA HIS C 45 43.04 0.59 7.41
C HIS C 45 42.99 2.11 7.40
N ASP C 46 44.07 2.76 7.84
CA ASP C 46 44.12 4.21 7.80
C ASP C 46 44.01 4.74 6.38
N ARG C 47 44.68 4.09 5.44
CA ARG C 47 44.60 4.49 4.04
C ARG C 47 43.23 4.23 3.45
N VAL C 48 42.55 3.16 3.89
CA VAL C 48 41.19 2.92 3.44
C VAL C 48 40.27 4.05 3.91
N ARG C 49 40.41 4.46 5.17
CA ARG C 49 39.59 5.56 5.67
C ARG C 49 39.94 6.88 4.99
N GLN C 50 41.23 7.11 4.71
CA GLN C 50 41.63 8.30 3.99
C GLN C 50 41.06 8.32 2.57
N PHE C 51 41.07 7.17 1.90
CA PHE C 51 40.48 7.07 0.57
C PHE C 51 38.98 7.32 0.61
N ALA C 52 38.31 6.81 1.64
CA ALA C 52 36.89 7.09 1.80
C ALA C 52 36.64 8.58 1.98
N ASN C 53 37.46 9.25 2.79
CA ASN C 53 37.34 10.69 2.96
C ASN C 53 37.56 11.43 1.66
N ALA C 54 38.57 11.01 0.89
CA ALA C 54 38.87 11.65 -0.39
C ALA C 54 37.72 11.46 -1.38
N LEU C 55 37.15 10.26 -1.42
CA LEU C 55 36.02 10.00 -2.30
C LEU C 55 34.81 10.85 -1.90
N THR C 56 34.57 10.98 -0.60
CA THR C 56 33.50 11.85 -0.14
C THR C 56 33.75 13.30 -0.53
N LYS C 57 35.00 13.75 -0.42
CA LYS C 57 35.35 15.10 -0.86
C LYS C 57 35.19 15.24 -2.37
N MET C 58 35.54 14.21 -3.13
CA MET C 58 35.39 14.23 -4.58
C MET C 58 33.93 14.18 -5.04
N GLY C 59 32.98 14.15 -4.11
CA GLY C 59 31.58 14.11 -4.49
C GLY C 59 31.02 12.74 -4.78
N VAL C 60 31.76 11.68 -4.43
CA VAL C 60 31.26 10.33 -4.65
C VAL C 60 30.26 9.97 -3.56
N LYS C 61 29.02 9.73 -3.96
CA LYS C 61 27.95 9.37 -3.04
C LYS C 61 27.60 7.89 -3.19
N LYS C 62 26.73 7.42 -2.31
CA LYS C 62 26.23 6.06 -2.40
C LYS C 62 25.48 5.85 -3.71
N GLY C 63 25.82 4.77 -4.42
CA GLY C 63 25.25 4.50 -5.72
C GLY C 63 26.11 4.96 -6.89
N ASP C 64 27.10 5.80 -6.65
CA ASP C 64 27.98 6.23 -7.73
C ASP C 64 28.93 5.10 -8.12
N THR C 65 29.49 5.23 -9.32
CA THR C 65 30.39 4.23 -9.88
C THR C 65 31.79 4.84 -9.99
N VAL C 66 32.77 4.18 -9.39
CA VAL C 66 34.17 4.57 -9.47
C VAL C 66 34.92 3.50 -10.23
N ALA C 67 35.55 3.88 -11.34
CA ALA C 67 36.28 2.95 -12.18
C ALA C 67 37.76 2.95 -11.86
N VAL C 68 38.39 1.79 -12.00
CA VAL C 68 39.80 1.62 -11.70
C VAL C 68 40.47 0.95 -12.89
N MET C 69 41.57 1.55 -13.35
CA MET C 69 42.42 0.99 -14.40
C MET C 69 43.84 0.94 -13.83
N ASP C 70 44.17 -0.16 -13.14
CA ASP C 70 45.42 -0.27 -12.42
C ASP C 70 45.90 -1.70 -12.41
N TYR C 71 47.19 -1.87 -12.14
CA TYR C 71 47.75 -3.18 -11.92
C TYR C 71 47.44 -3.66 -10.51
N ASP C 72 47.83 -4.89 -10.21
CA ASP C 72 47.67 -5.45 -8.86
C ASP C 72 48.55 -4.73 -7.86
N SER C 73 47.95 -3.87 -7.08
CA SER C 73 48.73 -3.04 -6.17
C SER C 73 47.97 -2.86 -4.87
N HIS C 74 48.63 -2.20 -3.92
CA HIS C 74 47.94 -1.83 -2.68
C HIS C 74 46.80 -0.85 -2.96
N ARG C 75 46.95 0.00 -3.97
CA ARG C 75 45.88 0.92 -4.35
C ARG C 75 44.64 0.15 -4.78
N TYR C 76 44.85 -0.95 -5.50
CA TYR C 76 43.71 -1.77 -5.99
C TYR C 76 42.96 -2.35 -4.78
N LEU C 77 43.70 -2.87 -3.79
CA LEU C 77 43.07 -3.43 -2.60
C LEU C 77 42.32 -2.34 -1.81
N GLU C 78 42.95 -1.17 -1.67
CA GLU C 78 42.29 -0.07 -0.99
C GLU C 78 41.02 0.35 -1.72
N CYS C 79 40.96 0.09 -3.02
CA CYS C 79 39.75 0.31 -3.81
C CYS C 79 38.70 -0.79 -3.58
N TYR C 80 39.10 -2.03 -3.39
CA TYR C 80 38.19 -3.16 -3.07
C TYR C 80 37.39 -2.95 -1.79
N PHE C 81 37.98 -2.24 -0.88
CA PHE C 81 37.32 -1.96 0.34
C PHE C 81 36.68 -0.63 0.36
N ALA C 82 37.45 0.43 0.23
CA ALA C 82 36.90 1.77 0.35
C ALA C 82 35.76 2.14 -0.57
N ILE C 83 35.88 1.74 -1.81
CA ILE C 83 34.84 2.19 -2.74
C ILE C 83 33.51 1.51 -2.43
N PRO C 84 33.44 0.18 -2.27
CA PRO C 84 32.16 -0.41 -1.83
C PRO C 84 31.74 0.01 -0.44
N MET C 85 32.70 0.20 0.46
CA MET C 85 32.37 0.42 1.87
C MET C 85 31.73 1.78 2.11
N ILE C 86 31.77 2.67 1.12
CA ILE C 86 31.03 3.94 1.21
C ILE C 86 29.73 3.91 0.43
N GLY C 87 29.32 2.76 -0.08
CA GLY C 87 28.10 2.65 -0.84
C GLY C 87 28.24 2.83 -2.33
N ALA C 88 29.45 3.11 -2.82
CA ALA C 88 29.65 3.29 -4.25
C ALA C 88 29.93 1.94 -4.92
N LYS C 89 29.77 1.92 -6.23
CA LYS C 89 30.01 0.72 -7.02
C LYS C 89 31.43 0.77 -7.59
N LEU C 90 32.19 -0.30 -7.37
CA LEU C 90 33.54 -0.40 -7.89
C LEU C 90 33.49 -1.06 -9.27
N HIS C 91 33.88 -0.31 -10.30
CA HIS C 91 33.93 -0.84 -11.66
C HIS C 91 35.38 -1.19 -11.97
N MET C 92 35.62 -2.47 -12.14
CA MET C 92 36.96 -2.97 -12.49
C MET C 92 37.03 -3.06 -14.01
N ILE C 93 37.90 -2.27 -14.59
CA ILE C 93 38.00 -2.23 -16.05
C ILE C 93 39.06 -3.23 -16.50
N ASN C 94 38.69 -4.11 -17.42
CA ASN C 94 39.64 -5.03 -18.03
C ASN C 94 40.54 -4.24 -18.96
N VAL C 95 41.77 -4.00 -18.52
CA VAL C 95 42.70 -3.15 -19.26
C VAL C 95 43.24 -3.88 -20.49
N ARG C 96 43.00 -5.19 -20.55
CA ARG C 96 43.44 -5.99 -21.68
C ARG C 96 42.44 -6.02 -22.83
N LEU C 97 41.25 -5.45 -22.64
CA LEU C 97 40.31 -5.32 -23.73
C LEU C 97 40.77 -4.23 -24.70
N SER C 98 40.17 -4.25 -25.89
CA SER C 98 40.46 -3.21 -26.86
C SER C 98 39.94 -1.86 -26.37
N PRO C 99 40.55 -0.75 -26.81
CA PRO C 99 40.08 0.56 -26.35
C PRO C 99 38.62 0.83 -26.64
N GLU C 100 38.10 0.32 -27.76
CA GLU C 100 36.68 0.47 -28.06
C GLU C 100 35.82 -0.26 -27.03
N GLN C 101 36.22 -1.48 -26.66
CA GLN C 101 35.48 -2.23 -25.66
C GLN C 101 35.56 -1.55 -24.30
N ILE C 102 36.72 -1.01 -23.94
CA ILE C 102 36.87 -0.29 -22.68
C ILE C 102 35.97 0.93 -22.66
N LEU C 103 35.92 1.66 -23.78
CA LEU C 103 35.04 2.82 -23.88
C LEU C 103 33.58 2.41 -23.73
N TYR C 104 33.21 1.30 -24.37
CA TYR C 104 31.84 0.80 -24.24
C TYR C 104 31.50 0.48 -22.79
N THR C 105 32.42 -0.20 -22.09
CA THR C 105 32.16 -0.53 -20.69
C THR C 105 32.07 0.72 -19.82
N ILE C 106 32.93 1.71 -20.07
CA ILE C 106 32.89 2.95 -19.30
C ILE C 106 31.57 3.67 -19.51
N ASP C 107 31.13 3.77 -20.77
CA ASP C 107 29.86 4.44 -21.06
C ASP C 107 28.68 3.68 -20.48
N HIS C 108 28.71 2.34 -20.59
CA HIS C 108 27.60 1.52 -20.10
C HIS C 108 27.48 1.60 -18.59
N ALA C 109 28.60 1.52 -17.87
CA ALA C 109 28.55 1.59 -16.41
C ALA C 109 28.36 3.01 -15.91
N GLU C 110 28.64 4.01 -16.75
CA GLU C 110 28.51 5.43 -16.38
C GLU C 110 29.35 5.75 -15.14
N ASP C 111 30.65 5.54 -15.26
CA ASP C 111 31.57 5.83 -14.15
C ASP C 111 31.65 7.33 -13.90
N ASP C 112 31.68 7.71 -12.63
CA ASP C 112 31.85 9.10 -12.26
C ASP C 112 33.32 9.47 -12.08
N ILE C 113 34.11 8.58 -11.49
CA ILE C 113 35.53 8.80 -11.26
C ILE C 113 36.29 7.61 -11.83
N ILE C 114 37.40 7.89 -12.51
CA ILE C 114 38.27 6.85 -13.05
C ILE C 114 39.65 6.98 -12.42
N LEU C 115 40.08 5.93 -11.74
CA LEU C 115 41.45 5.84 -11.25
C LEU C 115 42.26 5.02 -12.25
N ILE C 116 43.11 5.69 -13.01
CA ILE C 116 43.82 5.06 -14.12
C ILE C 116 45.32 5.19 -13.89
N HIS C 117 46.03 4.09 -14.03
CA HIS C 117 47.49 4.11 -13.93
C HIS C 117 48.07 4.87 -15.11
N GLU C 118 49.20 5.54 -14.88
CA GLU C 118 49.79 6.36 -15.94
C GLU C 118 50.20 5.54 -17.15
N GLU C 119 50.45 4.24 -16.97
CA GLU C 119 50.80 3.39 -18.09
C GLU C 119 49.61 3.10 -18.99
N PHE C 120 48.38 3.28 -18.49
CA PHE C 120 47.19 3.09 -19.29
C PHE C 120 46.68 4.40 -19.91
N LEU C 121 47.39 5.50 -19.69
CA LEU C 121 47.01 6.76 -20.32
C LEU C 121 46.95 6.70 -21.84
N PRO C 122 47.86 6.00 -22.54
CA PRO C 122 47.68 5.85 -24.00
C PRO C 122 46.35 5.22 -24.38
N ILE C 123 45.84 4.28 -23.58
CA ILE C 123 44.54 3.71 -23.85
C ILE C 123 43.43 4.75 -23.67
N LEU C 124 43.54 5.54 -22.59
CA LEU C 124 42.53 6.56 -22.32
C LEU C 124 42.50 7.62 -23.40
N ASP C 125 43.67 8.04 -23.89
CA ASP C 125 43.74 9.10 -24.88
C ASP C 125 43.02 8.75 -26.17
N GLN C 126 42.87 7.47 -26.47
CA GLN C 126 42.16 7.06 -27.67
C GLN C 126 40.64 7.19 -27.51
N ILE C 127 40.13 7.21 -26.29
CA ILE C 127 38.70 7.16 -26.04
C ILE C 127 38.27 8.26 -25.09
N LYS C 128 39.20 9.14 -24.71
CA LYS C 128 38.89 10.18 -23.72
C LYS C 128 37.82 11.13 -24.24
N GLY C 129 37.87 11.47 -25.53
CA GLY C 129 36.92 12.42 -26.08
C GLY C 129 35.51 11.89 -26.18
N ARG C 130 35.32 10.58 -26.19
CA ARG C 130 34.02 9.97 -26.34
C ARG C 130 33.41 9.48 -25.03
N ILE C 131 34.02 9.78 -23.89
CA ILE C 131 33.50 9.32 -22.61
C ILE C 131 32.38 10.25 -22.14
N ASP C 132 32.72 11.50 -21.89
CA ASP C 132 31.75 12.56 -21.58
C ASP C 132 30.93 12.27 -20.32
N THR C 133 31.26 11.20 -19.60
CA THR C 133 30.48 10.85 -18.42
C THR C 133 31.32 10.86 -17.15
N VAL C 134 32.65 10.95 -17.28
CA VAL C 134 33.54 10.94 -16.13
C VAL C 134 33.91 12.37 -15.78
N THR C 135 33.71 12.73 -14.52
CA THR C 135 33.96 14.10 -14.06
C THR C 135 35.41 14.33 -13.65
N ARG C 136 36.13 13.29 -13.24
CA ARG C 136 37.50 13.45 -12.78
C ARG C 136 38.30 12.19 -13.07
N TYR C 137 39.55 12.38 -13.50
CA TYR C 137 40.50 11.30 -13.68
C TYR C 137 41.62 11.45 -12.67
N VAL C 138 41.91 10.38 -11.94
CA VAL C 138 43.01 10.34 -10.99
C VAL C 138 44.09 9.42 -11.57
N VAL C 139 45.27 9.98 -11.79
CA VAL C 139 46.36 9.24 -12.42
C VAL C 139 47.20 8.59 -11.34
N LEU C 140 47.34 7.26 -11.44
CA LEU C 140 48.09 6.49 -10.46
C LEU C 140 49.51 6.25 -10.95
N ARG C 141 50.47 6.46 -10.05
CA ARG C 141 51.88 6.25 -10.37
C ARG C 141 52.52 5.47 -9.24
N ASP C 142 53.62 4.79 -9.57
CA ASP C 142 54.37 3.99 -8.61
C ASP C 142 55.44 4.80 -7.88
N ASP C 143 55.29 6.11 -7.81
CA ASP C 143 56.25 6.98 -7.15
C ASP C 143 55.50 8.00 -6.30
N GLU C 144 56.24 9.00 -5.81
CA GLU C 144 55.67 10.00 -4.93
C GLU C 144 54.73 10.96 -5.64
N GLU C 145 54.76 11.03 -6.97
CA GLU C 145 53.93 11.95 -7.72
C GLU C 145 52.57 11.36 -8.08
N CYS C 146 52.18 10.26 -7.43
CA CYS C 146 50.88 9.66 -7.68
C CYS C 146 49.77 10.57 -7.17
N GLU C 147 48.76 10.80 -8.03
CA GLU C 147 47.65 11.65 -7.63
C GLU C 147 46.80 10.99 -6.55
N TYR C 148 46.68 9.66 -6.57
CA TYR C 148 45.94 8.96 -5.53
C TYR C 148 46.59 9.14 -4.17
N GLU C 149 47.92 9.04 -4.11
CA GLU C 149 48.63 9.24 -2.85
C GLU C 149 48.47 10.66 -2.34
N ARG C 150 48.54 11.65 -3.25
CA ARG C 150 48.35 13.04 -2.85
C ARG C 150 46.93 13.27 -2.35
N LEU C 151 45.93 12.66 -2.99
CA LEU C 151 44.56 12.77 -2.51
C LEU C 151 44.40 12.16 -1.12
N LEU C 152 45.04 11.01 -0.90
CA LEU C 152 44.96 10.36 0.41
C LEU C 152 45.64 11.20 1.49
N GLU C 153 46.77 11.84 1.15
CA GLU C 153 47.53 12.61 2.13
C GLU C 153 46.74 13.79 2.68
N GLN C 154 45.80 14.34 1.91
CA GLN C 154 45.03 15.49 2.37
C GLN C 154 43.90 15.14 3.31
N GLU C 155 43.63 13.85 3.53
CA GLU C 155 42.48 13.40 4.29
C GLU C 155 42.91 12.84 5.64
N SER C 156 41.97 12.87 6.59
CA SER C 156 42.20 12.31 7.91
C SER C 156 42.02 10.79 7.87
N THR C 157 42.56 10.13 8.90
CA THR C 157 42.47 8.68 9.00
C THR C 157 41.24 8.21 9.76
N GLU C 158 40.25 9.08 9.97
CA GLU C 158 39.03 8.72 10.68
C GLU C 158 37.84 8.81 9.72
N TYR C 159 37.03 7.76 9.71
CA TYR C 159 35.83 7.73 8.89
C TYR C 159 34.81 6.80 9.52
N ASN C 160 33.55 7.19 9.47
CA ASN C 160 32.44 6.38 9.97
C ASN C 160 31.71 5.80 8.76
N PHE C 161 31.99 4.54 8.46
CA PHE C 161 31.43 3.93 7.27
C PHE C 161 29.95 3.63 7.48
N PRO C 162 29.09 3.98 6.52
CA PRO C 162 27.65 3.88 6.75
C PRO C 162 27.16 2.43 6.76
N ASP C 163 25.98 2.25 7.32
CA ASP C 163 25.25 0.99 7.27
C ASP C 163 24.15 1.10 6.23
N PHE C 164 24.12 0.14 5.30
CA PHE C 164 23.09 0.12 4.29
C PHE C 164 22.69 -1.34 4.04
N ASP C 165 21.71 -1.52 3.15
CA ASP C 165 21.24 -2.85 2.80
C ASP C 165 22.38 -3.69 2.25
N GLU C 166 22.44 -4.95 2.68
CA GLU C 166 23.47 -5.85 2.21
C GLU C 166 23.33 -6.16 0.72
N ASN C 167 22.18 -5.87 0.13
CA ASN C 167 21.95 -6.08 -1.29
C ASN C 167 22.42 -4.91 -2.15
N THR C 168 23.04 -3.91 -1.54
CA THR C 168 23.63 -2.81 -2.31
C THR C 168 24.74 -3.34 -3.20
N VAL C 169 24.73 -2.95 -4.47
CA VAL C 169 25.73 -3.42 -5.42
C VAL C 169 27.08 -2.84 -5.03
N ALA C 170 28.09 -3.71 -4.90
CA ALA C 170 29.42 -3.31 -4.47
C ALA C 170 30.41 -3.26 -5.62
N THR C 171 30.45 -4.28 -6.47
CA THR C 171 31.42 -4.35 -7.56
C THR C 171 30.71 -4.67 -8.86
N THR C 172 31.26 -4.16 -9.96
CA THR C 172 30.75 -4.47 -11.29
C THR C 172 31.92 -4.55 -12.26
N PHE C 173 31.77 -5.39 -13.27
CA PHE C 173 32.78 -5.55 -14.31
C PHE C 173 32.12 -6.23 -15.50
N TYR C 174 32.79 -6.17 -16.64
CA TYR C 174 32.22 -6.62 -17.91
C TYR C 174 33.03 -7.79 -18.44
N THR C 175 32.34 -8.85 -18.81
CA THR C 175 32.97 -10.01 -19.41
C THR C 175 32.77 -9.98 -20.93
N THR C 176 33.75 -10.48 -21.67
CA THR C 176 33.68 -10.41 -23.12
C THR C 176 32.69 -11.44 -23.66
N GLY C 177 32.96 -12.72 -23.45
CA GLY C 177 32.07 -13.77 -23.91
C GLY C 177 31.93 -13.78 -25.42
N THR C 178 30.73 -14.13 -25.88
CA THR C 178 30.41 -14.16 -27.30
C THR C 178 29.12 -13.42 -27.61
N THR C 179 28.79 -12.36 -26.86
CA THR C 179 27.54 -11.64 -27.04
C THR C 179 27.64 -10.49 -28.02
N GLY C 180 28.82 -10.22 -28.58
CA GLY C 180 28.99 -9.10 -29.48
C GLY C 180 29.44 -7.85 -28.76
N PHE C 181 28.88 -7.62 -27.58
CA PHE C 181 29.27 -6.53 -26.70
C PHE C 181 29.57 -7.07 -25.31
N PRO C 182 30.48 -6.44 -24.58
CA PRO C 182 30.74 -6.87 -23.19
C PRO C 182 29.47 -6.79 -22.35
N LYS C 183 29.29 -7.78 -21.50
CA LYS C 183 28.12 -7.89 -20.63
C LYS C 183 28.53 -7.60 -19.20
N GLY C 184 27.79 -6.69 -18.54
CA GLY C 184 28.15 -6.28 -17.21
C GLY C 184 27.49 -7.14 -16.15
N VAL C 185 28.31 -7.71 -15.27
CA VAL C 185 27.83 -8.46 -14.13
C VAL C 185 28.15 -7.67 -12.87
N PHE C 186 27.32 -7.85 -11.84
CA PHE C 186 27.46 -7.07 -10.62
C PHE C 186 27.24 -7.97 -9.43
N PHE C 187 27.87 -7.61 -8.31
CA PHE C 187 27.78 -8.37 -7.08
C PHE C 187 27.54 -7.43 -5.91
N THR C 188 26.70 -7.86 -4.98
CA THR C 188 26.37 -7.05 -3.82
C THR C 188 27.34 -7.31 -2.67
N HIS C 189 27.20 -6.52 -1.60
CA HIS C 189 28.01 -6.73 -0.42
C HIS C 189 27.75 -8.11 0.18
N ARG C 190 26.47 -8.50 0.24
CA ARG C 190 26.12 -9.81 0.77
C ARG C 190 26.75 -10.92 -0.05
N GLN C 191 26.72 -10.81 -1.37
CA GLN C 191 27.29 -11.85 -2.22
C GLN C 191 28.79 -11.98 -2.03
N LEU C 192 29.50 -10.86 -1.91
CA LEU C 192 30.95 -10.92 -1.73
C LEU C 192 31.31 -11.47 -0.36
N VAL C 193 30.58 -11.06 0.68
CA VAL C 193 30.84 -11.60 2.01
C VAL C 193 30.57 -13.09 2.05
N LEU C 194 29.48 -13.53 1.41
CA LEU C 194 29.16 -14.96 1.38
C LEU C 194 30.18 -15.74 0.56
N HIS C 195 30.69 -15.14 -0.52
CA HIS C 195 31.75 -15.79 -1.29
C HIS C 195 32.99 -16.00 -0.43
N THR C 196 33.41 -14.96 0.27
CA THR C 196 34.56 -15.09 1.16
C THR C 196 34.33 -16.16 2.20
N MET C 197 33.16 -16.14 2.86
CA MET C 197 32.88 -17.11 3.91
C MET C 197 32.84 -18.54 3.37
N GLY C 198 32.14 -18.75 2.26
CA GLY C 198 31.99 -20.09 1.72
C GLY C 198 33.30 -20.67 1.25
N ILE C 199 34.10 -19.88 0.53
CA ILE C 199 35.36 -20.43 0.03
C ILE C 199 36.36 -20.62 1.18
N LEU C 200 36.39 -19.70 2.14
CA LEU C 200 37.24 -19.90 3.31
C LEU C 200 36.80 -21.09 4.14
N SER C 201 35.52 -21.47 4.08
CA SER C 201 35.09 -22.72 4.68
C SER C 201 35.47 -23.91 3.83
N THR C 202 35.58 -23.72 2.51
CA THR C 202 35.95 -24.82 1.61
C THR C 202 37.44 -25.08 1.67
N ILE C 203 38.26 -24.09 1.28
CA ILE C 203 39.70 -24.24 1.43
C ILE C 203 40.13 -23.66 2.78
N GLY C 204 41.14 -24.29 3.36
CA GLY C 204 41.56 -24.00 4.72
C GLY C 204 41.07 -25.05 5.69
N THR C 205 39.85 -25.54 5.50
CA THR C 205 39.37 -26.68 6.26
C THR C 205 39.80 -28.01 5.65
N ASN C 206 40.52 -27.98 4.54
CA ASN C 206 41.14 -29.19 4.02
C ASN C 206 42.22 -29.67 4.98
N ALA C 207 42.45 -30.98 4.98
CA ALA C 207 43.35 -31.57 5.97
C ALA C 207 44.77 -31.02 5.85
N SER C 208 45.44 -31.30 4.73
CA SER C 208 46.82 -30.86 4.57
C SER C 208 47.06 -30.14 3.26
N GLN C 209 46.39 -30.56 2.20
CA GLN C 209 46.68 -30.05 0.86
C GLN C 209 45.77 -28.88 0.51
N GLY C 210 46.34 -27.93 -0.21
CA GLY C 210 45.57 -26.82 -0.76
C GLY C 210 44.90 -25.93 0.27
N ARG C 211 45.60 -25.61 1.36
CA ARG C 211 45.03 -24.76 2.40
C ARG C 211 45.40 -23.30 2.18
N LEU C 212 44.41 -22.43 2.39
CA LEU C 212 44.65 -21.01 2.59
C LEU C 212 44.37 -20.69 4.06
N HIS C 213 45.41 -20.43 4.82
CA HIS C 213 45.30 -20.30 6.26
C HIS C 213 46.00 -19.04 6.73
N GLN C 214 45.84 -18.73 8.02
CA GLN C 214 46.31 -17.47 8.59
C GLN C 214 47.83 -17.34 8.57
N GLY C 215 48.56 -18.45 8.46
CA GLY C 215 50.01 -18.39 8.35
C GLY C 215 50.56 -18.23 6.96
N ASP C 216 49.68 -18.22 5.95
CA ASP C 216 50.12 -18.11 4.57
C ASP C 216 50.57 -16.69 4.25
N ILE C 217 51.35 -16.57 3.17
CA ILE C 217 51.72 -15.28 2.60
C ILE C 217 51.15 -15.24 1.19
N TYR C 218 50.35 -14.22 0.91
CA TYR C 218 49.51 -14.18 -0.28
C TYR C 218 50.09 -13.26 -1.33
N MET C 219 50.14 -13.76 -2.57
CA MET C 219 50.56 -12.97 -3.72
C MET C 219 49.71 -13.33 -4.93
N PRO C 220 48.81 -12.46 -5.36
CA PRO C 220 47.98 -12.76 -6.52
C PRO C 220 48.77 -12.59 -7.81
N ILE C 221 48.56 -13.54 -8.74
CA ILE C 221 49.12 -13.44 -10.06
C ILE C 221 47.96 -13.47 -11.06
N THR C 222 46.75 -13.27 -10.54
CA THR C 222 45.55 -13.08 -11.34
C THR C 222 45.18 -11.61 -11.30
N PRO C 223 44.90 -10.98 -12.45
CA PRO C 223 44.61 -9.55 -12.46
C PRO C 223 43.44 -9.20 -11.56
N MET C 224 43.55 -8.08 -10.85
CA MET C 224 42.54 -7.70 -9.88
C MET C 224 41.28 -7.14 -10.53
N PHE C 225 41.29 -6.90 -11.84
CA PHE C 225 40.05 -6.59 -12.54
C PHE C 225 39.32 -7.84 -13.01
N HIS C 226 39.91 -9.03 -12.80
CA HIS C 226 39.34 -10.28 -13.27
C HIS C 226 38.55 -10.92 -12.14
N VAL C 227 37.25 -10.63 -12.08
CA VAL C 227 36.32 -11.16 -11.10
C VAL C 227 36.88 -11.07 -9.69
N HIS C 228 37.12 -9.84 -9.22
CA HIS C 228 37.62 -9.58 -7.88
C HIS C 228 38.94 -10.31 -7.61
N ALA C 229 39.73 -10.54 -8.65
CA ALA C 229 40.92 -11.39 -8.57
C ALA C 229 40.56 -12.74 -7.96
N TRP C 230 39.43 -13.30 -8.41
CA TRP C 230 38.85 -14.54 -7.91
C TRP C 230 38.45 -14.44 -6.45
N GLY C 231 38.21 -13.22 -5.95
CA GLY C 231 37.75 -12.99 -4.60
C GLY C 231 38.77 -13.27 -3.52
N LEU C 232 40.00 -13.60 -3.89
CA LEU C 232 41.05 -13.98 -2.96
C LEU C 232 41.67 -12.81 -2.21
N PRO C 233 41.79 -11.60 -2.78
CA PRO C 233 42.25 -10.48 -1.94
C PRO C 233 41.37 -10.23 -0.73
N TYR C 234 40.05 -10.34 -0.87
CA TYR C 234 39.16 -10.22 0.28
C TYR C 234 39.44 -11.31 1.30
N MET C 235 39.65 -12.53 0.82
CA MET C 235 39.90 -13.66 1.71
C MET C 235 41.20 -13.48 2.48
N ALA C 236 42.24 -13.01 1.79
CA ALA C 236 43.52 -12.80 2.44
C ALA C 236 43.46 -11.66 3.45
N THR C 237 42.71 -10.61 3.12
CA THR C 237 42.54 -9.52 4.07
C THR C 237 41.77 -9.98 5.31
N MET C 238 40.71 -10.79 5.11
CA MET C 238 39.85 -11.42 6.15
C MET C 238 40.67 -12.33 7.07
N LEU C 239 41.69 -12.96 6.53
CA LEU C 239 42.60 -13.80 7.31
C LEU C 239 43.75 -12.99 7.92
N GLY C 240 43.90 -11.73 7.53
CA GLY C 240 44.98 -10.92 8.06
C GLY C 240 46.37 -11.43 7.72
N VAL C 241 46.53 -12.05 6.56
CA VAL C 241 47.83 -12.58 6.17
C VAL C 241 48.65 -11.51 5.48
N LYS C 242 49.96 -11.76 5.39
CA LYS C 242 50.83 -10.86 4.64
C LYS C 242 50.50 -10.94 3.16
N GLN C 243 50.21 -9.79 2.56
CA GLN C 243 49.83 -9.70 1.15
C GLN C 243 50.93 -9.02 0.36
N VAL C 244 51.34 -9.65 -0.74
CA VAL C 244 52.35 -9.10 -1.63
C VAL C 244 51.66 -8.85 -2.98
N TYR C 245 51.77 -7.63 -3.48
CA TYR C 245 51.17 -7.27 -4.75
C TYR C 245 52.25 -6.95 -5.76
N PRO C 246 52.33 -7.68 -6.88
CA PRO C 246 53.47 -7.54 -7.79
C PRO C 246 53.39 -6.41 -8.80
N GLY C 247 52.23 -5.76 -8.96
CA GLY C 247 52.12 -4.76 -9.99
C GLY C 247 52.06 -5.40 -11.37
N LYS C 248 52.71 -4.81 -12.35
CA LYS C 248 52.69 -5.34 -13.68
C LYS C 248 53.45 -6.66 -13.71
N TYR C 249 52.85 -7.68 -14.27
CA TYR C 249 53.47 -9.01 -14.26
C TYR C 249 54.74 -9.25 -15.07
N VAL C 250 55.87 -9.45 -14.42
CA VAL C 250 57.14 -9.81 -15.05
C VAL C 250 57.62 -11.09 -14.39
N PRO C 251 57.91 -12.15 -15.17
CA PRO C 251 58.28 -13.44 -14.54
C PRO C 251 59.45 -13.33 -13.58
N ASP C 252 60.48 -12.56 -13.92
CA ASP C 252 61.60 -12.38 -13.01
C ASP C 252 61.18 -11.66 -11.74
N VAL C 253 60.37 -10.60 -11.87
CA VAL C 253 59.88 -9.88 -10.69
C VAL C 253 59.00 -10.79 -9.83
N LEU C 254 58.13 -11.57 -10.47
CA LEU C 254 57.26 -12.48 -9.72
C LEU C 254 58.08 -13.51 -8.96
N LEU C 255 59.09 -14.09 -9.61
CA LEU C 255 59.91 -15.09 -8.94
C LEU C 255 60.73 -14.48 -7.81
N ASN C 256 61.25 -13.26 -8.02
CA ASN C 256 61.99 -12.59 -6.96
C ASN C 256 61.11 -12.28 -5.77
N LEU C 257 59.86 -11.86 -6.03
CA LEU C 257 58.92 -11.61 -4.93
C LEU C 257 58.58 -12.89 -4.20
N ILE C 258 58.40 -13.99 -4.93
CA ILE C 258 58.11 -15.27 -4.28
C ILE C 258 59.27 -15.69 -3.40
N GLU C 259 60.50 -15.54 -3.89
CA GLU C 259 61.67 -15.98 -3.14
C GLU C 259 61.92 -15.09 -1.92
N GLN C 260 61.84 -13.77 -2.09
CA GLN C 260 62.28 -12.87 -1.03
C GLN C 260 61.17 -12.57 -0.03
N GLU C 261 59.91 -12.62 -0.46
CA GLU C 261 58.80 -12.39 0.45
C GLU C 261 58.23 -13.67 1.04
N LYS C 262 58.81 -14.82 0.71
CA LYS C 262 58.38 -16.12 1.22
C LYS C 262 56.91 -16.38 0.89
N VAL C 263 56.52 -16.09 -0.35
CA VAL C 263 55.13 -16.30 -0.77
C VAL C 263 54.78 -17.77 -0.74
N THR C 264 53.65 -18.09 -0.11
CA THR C 264 53.20 -19.47 0.00
C THR C 264 51.90 -19.76 -0.72
N PHE C 265 51.06 -18.76 -0.97
CA PHE C 265 49.79 -18.96 -1.66
C PHE C 265 49.68 -17.98 -2.82
N SER C 266 49.34 -18.49 -4.00
CA SER C 266 49.18 -17.68 -5.20
C SER C 266 48.10 -18.28 -6.08
N HIS C 267 47.69 -17.53 -7.09
CA HIS C 267 46.71 -17.99 -8.06
C HIS C 267 46.96 -17.30 -9.38
N CYS C 268 46.83 -18.07 -10.47
CA CYS C 268 47.11 -17.56 -11.80
C CYS C 268 46.49 -18.51 -12.83
N VAL C 269 46.44 -18.03 -14.06
CA VAL C 269 45.99 -18.83 -15.20
C VAL C 269 47.12 -19.80 -15.56
N PRO C 270 46.84 -20.90 -16.27
CA PRO C 270 47.91 -21.86 -16.58
C PRO C 270 49.06 -21.27 -17.39
N THR C 271 48.79 -20.30 -18.26
CA THR C 271 49.86 -19.70 -19.04
C THR C 271 50.88 -18.99 -18.16
N ILE C 272 50.41 -18.29 -17.13
CA ILE C 272 51.33 -17.60 -16.23
C ILE C 272 52.18 -18.61 -15.45
N LEU C 273 51.58 -19.72 -15.02
CA LEU C 273 52.34 -20.76 -14.34
C LEU C 273 53.39 -21.36 -15.27
N HIS C 274 53.03 -21.58 -16.54
CA HIS C 274 54.00 -22.09 -17.51
C HIS C 274 55.14 -21.11 -17.71
N LEU C 275 54.83 -19.82 -17.80
CA LEU C 275 55.89 -18.81 -17.94
C LEU C 275 56.79 -18.79 -16.71
N LEU C 276 56.21 -18.90 -15.52
CA LEU C 276 57.01 -18.91 -14.30
C LEU C 276 57.93 -20.13 -14.24
N LEU C 277 57.40 -21.31 -14.60
CA LEU C 277 58.21 -22.51 -14.55
C LEU C 277 59.26 -22.56 -15.66
N SER C 278 59.00 -21.89 -16.78
CA SER C 278 59.95 -21.90 -17.89
C SER C 278 61.01 -20.82 -17.77
N SER C 279 60.89 -19.93 -16.80
CA SER C 279 61.86 -18.86 -16.63
C SER C 279 63.20 -19.45 -16.21
N PRO C 280 64.33 -18.94 -16.73
CA PRO C 280 65.64 -19.52 -16.38
C PRO C 280 65.96 -19.45 -14.89
N LYS C 281 65.55 -18.39 -14.20
CA LYS C 281 65.90 -18.23 -12.80
C LYS C 281 65.02 -19.05 -11.87
N SER C 282 63.96 -19.68 -12.38
CA SER C 282 63.11 -20.52 -11.54
C SER C 282 63.76 -21.86 -11.23
N LYS C 283 64.79 -22.25 -11.97
CA LYS C 283 65.42 -23.54 -11.74
C LYS C 283 66.14 -23.60 -10.39
N ALA C 284 66.76 -22.48 -9.97
CA ALA C 284 67.48 -22.44 -8.72
C ALA C 284 66.60 -22.03 -7.55
N MET C 285 65.31 -21.77 -7.78
CA MET C 285 64.43 -21.33 -6.71
C MET C 285 63.82 -22.52 -5.99
N ASP C 286 63.48 -22.32 -4.72
CA ASP C 286 62.89 -23.36 -3.88
C ASP C 286 61.38 -23.14 -3.87
N PHE C 287 60.65 -24.07 -4.48
CA PHE C 287 59.20 -23.99 -4.61
C PHE C 287 58.46 -24.91 -3.65
N SER C 288 59.13 -25.45 -2.64
CA SER C 288 58.50 -26.43 -1.77
C SER C 288 57.32 -25.86 -0.99
N GLY C 289 57.45 -24.65 -0.46
CA GLY C 289 56.40 -24.05 0.34
C GLY C 289 55.38 -23.23 -0.41
N TRP C 290 55.40 -23.27 -1.74
CA TRP C 290 54.53 -22.43 -2.56
C TRP C 290 53.31 -23.23 -3.02
N LYS C 291 52.13 -22.69 -2.75
CA LYS C 291 50.88 -23.26 -3.22
C LYS C 291 50.26 -22.33 -4.26
N VAL C 292 49.90 -22.88 -5.41
CA VAL C 292 49.26 -22.11 -6.48
C VAL C 292 48.00 -22.85 -6.92
N VAL C 293 46.91 -22.11 -7.08
CA VAL C 293 45.66 -22.65 -7.59
C VAL C 293 45.44 -22.08 -8.99
N ILE C 294 45.17 -22.96 -9.95
CA ILE C 294 45.10 -22.61 -11.36
C ILE C 294 43.65 -22.56 -11.78
N GLY C 295 43.21 -21.41 -12.27
CA GLY C 295 41.85 -21.24 -12.74
C GLY C 295 41.83 -20.48 -14.06
N GLY C 296 40.62 -20.19 -14.52
CA GLY C 296 40.42 -19.47 -15.76
C GLY C 296 40.53 -20.31 -17.01
N ALA C 297 41.29 -21.40 -16.99
CA ALA C 297 41.42 -22.27 -18.14
C ALA C 297 41.80 -23.66 -17.64
N ALA C 298 41.61 -24.65 -18.51
CA ALA C 298 41.94 -26.02 -18.16
C ALA C 298 43.44 -26.16 -17.90
N LEU C 299 43.78 -26.79 -16.79
CA LEU C 299 45.18 -26.99 -16.44
C LEU C 299 45.71 -28.23 -17.15
N PRO C 300 46.71 -28.10 -18.03
CA PRO C 300 47.25 -29.28 -18.71
C PRO C 300 47.87 -30.24 -17.71
N LYS C 301 47.73 -31.53 -18.00
CA LYS C 301 48.31 -32.55 -17.13
C LYS C 301 49.83 -32.47 -17.12
N ALA C 302 50.43 -32.18 -18.28
CA ALA C 302 51.88 -32.05 -18.36
C ALA C 302 52.37 -30.88 -17.50
N LEU C 303 51.68 -29.74 -17.57
CA LEU C 303 52.08 -28.59 -16.77
C LEU C 303 51.92 -28.88 -15.28
N CYS C 304 50.84 -29.55 -14.90
CA CYS C 304 50.63 -29.91 -13.50
C CYS C 304 51.72 -30.86 -13.02
N LYS C 305 52.09 -31.84 -13.85
CA LYS C 305 53.16 -32.77 -13.48
C LYS C 305 54.49 -32.05 -13.34
N SER C 306 54.77 -31.11 -14.25
CA SER C 306 56.01 -30.34 -14.15
C SER C 306 56.04 -29.50 -12.88
N ALA C 307 54.91 -28.89 -12.52
CA ALA C 307 54.84 -28.13 -11.29
C ALA C 307 55.00 -29.02 -10.06
N LEU C 308 54.39 -30.21 -10.08
CA LEU C 308 54.53 -31.14 -8.97
C LEU C 308 55.97 -31.61 -8.81
N GLU C 309 56.68 -31.81 -9.92
CA GLU C 309 58.08 -32.19 -9.86
C GLU C 309 58.95 -31.10 -9.22
N ARG C 310 58.44 -29.87 -9.13
CA ARG C 310 59.12 -28.79 -8.43
C ARG C 310 58.61 -28.63 -7.00
N ASP C 311 57.88 -29.62 -6.48
CA ASP C 311 57.29 -29.61 -5.15
C ASP C 311 56.28 -28.48 -4.96
N ILE C 312 55.58 -28.11 -6.03
CA ILE C 312 54.54 -27.08 -5.92
C ILE C 312 53.21 -27.75 -5.65
N ASP C 313 52.50 -27.26 -4.63
CA ASP C 313 51.15 -27.72 -4.33
C ASP C 313 50.20 -27.03 -5.31
N VAL C 314 50.12 -27.60 -6.50
CA VAL C 314 49.33 -27.04 -7.59
C VAL C 314 48.01 -27.80 -7.69
N PHE C 315 46.91 -27.06 -7.74
CA PHE C 315 45.58 -27.66 -7.89
C PHE C 315 44.71 -26.69 -8.67
N ALA C 316 43.65 -27.21 -9.27
CA ALA C 316 42.84 -26.42 -10.18
C ALA C 316 41.58 -25.90 -9.50
N GLY C 317 41.01 -24.86 -10.09
CA GLY C 317 39.74 -24.30 -9.66
C GLY C 317 38.96 -23.86 -10.86
N TYR C 318 37.68 -23.56 -10.64
CA TYR C 318 36.79 -23.21 -11.75
C TYR C 318 35.84 -22.11 -11.34
N GLY C 319 35.56 -21.21 -12.28
CA GLY C 319 34.58 -20.17 -12.06
C GLY C 319 34.48 -19.31 -13.30
N MET C 320 33.58 -18.32 -13.23
CA MET C 320 33.43 -17.35 -14.30
C MET C 320 33.00 -16.02 -13.71
N SER C 321 33.05 -14.98 -14.54
CA SER C 321 32.72 -13.63 -14.12
C SER C 321 31.32 -13.55 -13.52
N GLU C 322 30.41 -14.41 -13.98
CA GLU C 322 29.05 -14.39 -13.51
C GLU C 322 28.86 -15.08 -12.16
N THR C 323 29.83 -15.86 -11.69
CA THR C 323 29.57 -16.80 -10.59
C THR C 323 30.45 -16.55 -9.38
N GLY C 324 31.00 -15.35 -9.22
CA GLY C 324 31.63 -15.01 -7.97
C GLY C 324 33.12 -14.72 -7.93
N PRO C 325 33.97 -15.51 -8.61
CA PRO C 325 33.72 -16.59 -9.59
C PRO C 325 33.70 -18.01 -9.03
N ILE C 326 34.27 -18.28 -7.86
CA ILE C 326 34.63 -19.65 -7.49
C ILE C 326 33.39 -20.51 -7.38
N LEU C 327 33.37 -21.60 -8.13
CA LEU C 327 32.33 -22.61 -8.07
C LEU C 327 32.84 -23.97 -7.63
N SER C 328 34.06 -24.33 -8.00
CA SER C 328 34.64 -25.62 -7.65
C SER C 328 36.14 -25.48 -7.50
N ILE C 329 36.69 -26.21 -6.54
CA ILE C 329 38.13 -26.23 -6.27
C ILE C 329 38.56 -27.68 -6.08
N VAL C 330 39.73 -28.03 -6.61
CA VAL C 330 40.26 -29.37 -6.45
C VAL C 330 40.75 -29.54 -5.02
N GLN C 331 40.13 -30.45 -4.29
CA GLN C 331 40.54 -30.81 -2.93
C GLN C 331 40.80 -32.30 -2.88
N LEU C 332 41.99 -32.68 -2.46
CA LEU C 332 42.44 -34.07 -2.49
C LEU C 332 42.32 -34.71 -1.11
N THR C 333 41.74 -35.90 -1.08
CA THR C 333 41.68 -36.69 0.14
C THR C 333 43.08 -37.20 0.48
N PRO C 334 43.32 -37.54 1.75
CA PRO C 334 44.65 -38.07 2.12
C PRO C 334 45.03 -39.33 1.36
N GLU C 335 44.06 -40.15 0.95
CA GLU C 335 44.37 -41.30 0.12
C GLU C 335 44.90 -40.86 -1.25
N GLN C 336 44.32 -39.81 -1.82
CA GLN C 336 44.78 -39.32 -3.12
C GLN C 336 46.14 -38.65 -3.03
N LEU C 337 46.50 -38.11 -1.86
CA LEU C 337 47.82 -37.52 -1.69
C LEU C 337 48.93 -38.55 -1.64
N GLU C 338 48.60 -39.82 -1.41
CA GLU C 338 49.59 -40.88 -1.40
C GLU C 338 49.87 -41.47 -2.78
N LEU C 339 49.14 -41.03 -3.79
CA LEU C 339 49.32 -41.56 -5.13
C LEU C 339 50.61 -41.04 -5.75
N ASP C 340 51.00 -41.66 -6.87
CA ASP C 340 52.20 -41.26 -7.58
C ASP C 340 52.00 -39.90 -8.24
N VAL C 341 53.07 -39.41 -8.87
CA VAL C 341 53.04 -38.07 -9.46
C VAL C 341 52.05 -38.00 -10.61
N ASP C 342 51.98 -39.04 -11.44
CA ASP C 342 51.07 -39.01 -12.59
C ASP C 342 49.61 -39.00 -12.16
N GLN C 343 49.24 -39.87 -11.20
CA GLN C 343 47.86 -39.89 -10.72
C GLN C 343 47.51 -38.61 -10.00
N GLN C 344 48.45 -38.06 -9.22
CA GLN C 344 48.19 -36.79 -8.55
C GLN C 344 48.01 -35.67 -9.55
N ALA C 345 48.79 -35.67 -10.64
CA ALA C 345 48.59 -34.68 -11.69
C ALA C 345 47.24 -34.85 -12.38
N GLU C 346 46.82 -36.09 -12.58
CA GLU C 346 45.50 -36.34 -13.17
C GLU C 346 44.39 -35.79 -12.27
N TYR C 347 44.50 -36.01 -10.96
CA TYR C 347 43.46 -35.54 -10.05
C TYR C 347 43.50 -34.03 -9.88
N ARG C 348 44.69 -33.44 -9.83
CA ARG C 348 44.81 -32.00 -9.61
C ARG C 348 44.41 -31.18 -10.84
N SER C 349 44.41 -31.79 -12.02
CA SER C 349 44.03 -31.10 -13.25
C SER C 349 42.53 -31.13 -13.51
N LYS C 350 41.75 -31.74 -12.63
CA LYS C 350 40.31 -31.79 -12.80
C LYS C 350 39.72 -30.39 -12.60
N THR C 351 38.48 -30.23 -13.08
CA THR C 351 37.76 -28.98 -12.83
C THR C 351 37.50 -28.76 -11.35
N GLY C 352 37.32 -29.82 -10.58
CA GLY C 352 37.25 -29.74 -9.13
C GLY C 352 35.86 -30.09 -8.62
N LYS C 353 35.80 -30.30 -7.30
CA LYS C 353 34.56 -30.54 -6.59
C LYS C 353 33.91 -29.21 -6.23
N LYS C 354 32.58 -29.17 -6.30
CA LYS C 354 31.87 -27.93 -6.04
C LYS C 354 32.12 -27.44 -4.61
N VAL C 355 32.30 -26.13 -4.47
CA VAL C 355 32.63 -25.52 -3.19
C VAL C 355 31.37 -25.42 -2.33
N ALA C 356 31.56 -25.02 -1.07
CA ALA C 356 30.45 -24.93 -0.12
C ALA C 356 29.33 -24.04 -0.65
N LEU C 357 28.09 -24.46 -0.39
CA LEU C 357 26.85 -23.75 -0.72
C LEU C 357 26.60 -23.66 -2.22
N VAL C 358 27.23 -24.49 -3.03
CA VAL C 358 27.04 -24.44 -4.48
C VAL C 358 26.35 -25.72 -4.94
N GLU C 359 25.28 -25.56 -5.71
CA GLU C 359 24.58 -26.66 -6.34
C GLU C 359 25.03 -26.75 -7.80
N ALA C 360 25.67 -27.85 -8.16
CA ALA C 360 26.20 -28.03 -9.50
C ALA C 360 25.56 -29.25 -10.15
N TYR C 361 24.98 -29.05 -11.33
CA TYR C 361 24.36 -30.12 -12.08
C TYR C 361 24.79 -30.03 -13.53
N ILE C 362 24.84 -31.18 -14.20
CA ILE C 362 25.06 -31.25 -15.63
C ILE C 362 23.74 -31.65 -16.29
N VAL C 363 23.28 -30.82 -17.23
CA VAL C 363 21.97 -30.97 -17.84
C VAL C 363 22.10 -30.94 -19.35
N ASP C 364 21.07 -31.43 -20.02
CA ASP C 364 21.00 -31.40 -21.47
C ASP C 364 20.34 -30.10 -21.93
N GLU C 365 19.97 -30.05 -23.21
CA GLU C 365 19.33 -28.86 -23.75
C GLU C 365 17.96 -28.63 -23.11
N ASP C 366 17.34 -29.67 -22.59
CA ASP C 366 16.04 -29.57 -21.93
C ASP C 366 16.14 -29.52 -20.41
N MET C 367 17.36 -29.40 -19.87
CA MET C 367 17.58 -29.31 -18.41
C MET C 367 17.04 -30.54 -17.69
N ASN C 368 17.57 -31.72 -18.01
CA ASN C 368 17.08 -32.96 -17.44
C ASN C 368 18.01 -33.55 -16.39
N LYS C 369 19.07 -32.84 -15.99
CA LYS C 369 19.95 -33.29 -14.91
C LYS C 369 20.55 -34.67 -15.20
N LEU C 370 21.41 -34.75 -16.22
CA LEU C 370 22.09 -35.97 -16.63
C LEU C 370 22.76 -36.65 -15.44
N PRO C 371 22.86 -37.98 -15.46
CA PRO C 371 23.47 -38.70 -14.33
C PRO C 371 24.95 -38.38 -14.20
N HIS C 372 25.44 -38.48 -12.97
CA HIS C 372 26.83 -38.16 -12.66
C HIS C 372 27.75 -39.37 -12.89
N ASP C 373 27.94 -39.68 -14.17
CA ASP C 373 28.96 -40.64 -14.57
C ASP C 373 30.20 -39.91 -15.07
N GLY C 374 31.30 -40.64 -15.18
CA GLY C 374 32.54 -40.05 -15.61
C GLY C 374 32.66 -39.89 -17.12
N GLU C 375 31.56 -40.14 -17.83
CA GLU C 375 31.58 -40.06 -19.29
C GLU C 375 30.43 -39.24 -19.84
N THR C 376 29.33 -39.16 -19.09
CA THR C 376 28.16 -38.42 -19.56
C THR C 376 28.38 -36.92 -19.40
N ALA C 377 28.40 -36.20 -20.51
CA ALA C 377 28.72 -34.78 -20.53
C ALA C 377 27.47 -33.95 -20.76
N GLY C 378 27.35 -32.86 -20.01
CA GLY C 378 26.25 -31.93 -20.16
C GLY C 378 26.68 -30.54 -19.72
N GLU C 379 25.79 -29.58 -19.90
CA GLU C 379 26.08 -28.20 -19.52
C GLU C 379 25.98 -28.03 -18.01
N ILE C 380 26.97 -27.36 -17.43
CA ILE C 380 26.96 -27.10 -16.00
C ILE C 380 25.97 -25.97 -15.72
N VAL C 381 25.02 -26.22 -14.82
CA VAL C 381 24.12 -25.20 -14.32
C VAL C 381 24.27 -25.15 -12.80
N VAL C 382 24.34 -23.93 -12.26
CA VAL C 382 24.74 -23.75 -10.87
C VAL C 382 23.75 -22.85 -10.13
N ARG C 383 23.62 -23.10 -8.83
CA ARG C 383 23.00 -22.19 -7.89
C ARG C 383 23.98 -21.95 -6.75
N ALA C 384 24.15 -20.69 -6.37
CA ALA C 384 25.14 -20.34 -5.36
C ALA C 384 24.74 -18.99 -4.77
N PRO C 385 25.21 -18.68 -3.56
CA PRO C 385 24.87 -17.38 -2.95
C PRO C 385 25.54 -16.19 -3.61
N TRP C 386 26.47 -16.42 -4.54
CA TRP C 386 27.26 -15.35 -5.12
C TRP C 386 27.20 -15.38 -6.64
N LEU C 387 26.00 -15.55 -7.18
CA LEU C 387 25.77 -15.51 -8.62
C LEU C 387 25.13 -14.18 -9.00
N THR C 388 25.54 -13.65 -10.14
CA THR C 388 24.91 -12.43 -10.62
C THR C 388 23.46 -12.72 -11.01
N PRO C 389 22.51 -11.89 -10.57
CA PRO C 389 21.10 -12.17 -10.92
C PRO C 389 20.80 -11.97 -12.38
N ASN C 390 21.53 -11.09 -13.06
CA ASN C 390 21.29 -10.80 -14.46
C ASN C 390 22.48 -10.02 -14.99
N TYR C 391 22.44 -9.75 -16.29
CA TYR C 391 23.41 -8.84 -16.90
C TYR C 391 22.91 -7.41 -16.77
N TYR C 392 23.83 -6.50 -16.48
CA TYR C 392 23.44 -5.11 -16.20
C TYR C 392 22.83 -4.47 -17.43
N LYS C 393 21.64 -3.89 -17.26
CA LYS C 393 20.90 -3.21 -18.32
C LYS C 393 20.71 -4.12 -19.53
N ASP C 394 20.42 -5.40 -19.29
CA ASP C 394 20.15 -6.36 -20.35
C ASP C 394 19.00 -7.25 -19.91
N ASN C 395 18.20 -7.69 -20.87
CA ASN C 395 17.03 -8.50 -20.59
C ASN C 395 17.08 -9.89 -21.22
N LYS C 396 17.31 -9.97 -22.53
CA LYS C 396 17.24 -11.26 -23.20
C LYS C 396 18.44 -12.14 -22.86
N ASN C 397 19.64 -11.57 -22.85
CA ASN C 397 20.80 -12.33 -22.41
C ASN C 397 20.69 -12.69 -20.93
N SER C 398 20.12 -11.80 -20.12
CA SER C 398 19.87 -12.12 -18.72
C SER C 398 18.88 -13.28 -18.59
N LYS C 399 17.83 -13.28 -19.41
CA LYS C 399 16.86 -14.37 -19.38
C LYS C 399 17.51 -15.68 -19.81
N ALA C 400 18.38 -15.65 -20.82
CA ALA C 400 19.05 -16.87 -21.25
C ALA C 400 20.05 -17.35 -20.20
N LEU C 401 20.63 -16.43 -19.44
CA LEU C 401 21.61 -16.80 -18.43
C LEU C 401 20.96 -17.64 -17.32
N TRP C 402 19.76 -17.26 -16.89
CA TRP C 402 19.07 -17.93 -15.80
C TRP C 402 17.90 -18.78 -16.29
N ARG C 403 18.00 -19.32 -17.50
CA ARG C 403 16.94 -20.17 -18.04
C ARG C 403 16.78 -21.43 -17.20
N GLY C 404 15.52 -21.77 -16.90
CA GLY C 404 15.23 -22.96 -16.13
C GLY C 404 15.46 -22.86 -14.64
N GLY C 405 15.68 -21.66 -14.11
CA GLY C 405 15.91 -21.50 -12.69
C GLY C 405 17.32 -21.77 -12.24
N TYR C 406 18.25 -21.95 -13.17
CA TYR C 406 19.65 -22.17 -12.85
C TYR C 406 20.51 -21.29 -13.72
N LEU C 407 21.65 -20.86 -13.19
CA LEU C 407 22.59 -20.08 -13.98
C LEU C 407 23.31 -20.99 -14.95
N HIS C 408 23.28 -20.63 -16.23
CA HIS C 408 23.88 -21.47 -17.27
C HIS C 408 25.32 -21.03 -17.50
N THR C 409 26.26 -21.91 -17.16
CA THR C 409 27.68 -21.59 -17.29
C THR C 409 28.16 -21.62 -18.73
N GLY C 410 27.48 -22.36 -19.61
CA GLY C 410 27.96 -22.52 -20.96
C GLY C 410 29.10 -23.50 -21.12
N ASP C 411 29.44 -24.23 -20.07
CA ASP C 411 30.53 -25.21 -20.10
C ASP C 411 29.95 -26.61 -20.08
N VAL C 412 30.49 -27.47 -20.94
CA VAL C 412 30.09 -28.86 -21.02
C VAL C 412 31.09 -29.69 -20.23
N ALA C 413 30.59 -30.51 -19.30
CA ALA C 413 31.45 -31.26 -18.40
C ALA C 413 30.76 -32.54 -17.98
N HIS C 414 31.57 -33.48 -17.49
CA HIS C 414 31.09 -34.69 -16.84
C HIS C 414 31.58 -34.73 -15.40
N ILE C 415 30.68 -35.15 -14.51
CA ILE C 415 30.97 -35.24 -13.08
C ILE C 415 30.95 -36.72 -12.70
N ASP C 416 32.06 -37.19 -12.16
CA ASP C 416 32.14 -38.60 -11.80
C ASP C 416 31.37 -38.89 -10.53
N ASP C 417 31.42 -40.16 -10.10
CA ASP C 417 30.63 -40.59 -8.94
C ASP C 417 31.07 -39.88 -7.65
N GLU C 418 32.36 -39.63 -7.49
CA GLU C 418 32.86 -39.03 -6.26
C GLU C 418 32.75 -37.50 -6.27
N GLY C 419 32.29 -36.90 -7.36
CA GLY C 419 32.03 -35.48 -7.40
C GLY C 419 33.03 -34.62 -8.14
N PHE C 420 34.03 -35.22 -8.79
CA PHE C 420 34.99 -34.43 -9.55
C PHE C 420 34.38 -34.01 -10.88
N ILE C 421 34.33 -32.70 -11.11
CA ILE C 421 33.90 -32.17 -12.39
C ILE C 421 35.08 -32.17 -13.36
N LYS C 422 34.80 -32.35 -14.65
CA LYS C 422 35.83 -32.31 -15.67
C LYS C 422 35.24 -31.64 -16.91
N ILE C 423 35.62 -30.39 -17.15
CA ILE C 423 35.09 -29.64 -18.29
C ILE C 423 35.67 -30.20 -19.58
N THR C 424 34.80 -30.48 -20.55
CA THR C 424 35.21 -30.95 -21.86
C THR C 424 35.40 -29.82 -22.86
N ASP C 425 34.39 -28.97 -23.04
CA ASP C 425 34.48 -27.82 -23.93
C ASP C 425 33.31 -26.88 -23.63
N ARG C 426 33.14 -25.86 -24.47
CA ARG C 426 32.03 -24.93 -24.33
C ARG C 426 30.79 -25.48 -25.02
N VAL C 427 29.64 -24.90 -24.67
CA VAL C 427 28.39 -25.29 -25.31
C VAL C 427 28.38 -24.86 -26.77
N LYS C 428 28.83 -23.63 -27.05
CA LYS C 428 28.90 -23.13 -28.41
C LYS C 428 29.87 -23.91 -29.29
N ASP C 429 30.80 -24.65 -28.69
CA ASP C 429 31.78 -25.43 -29.42
C ASP C 429 31.36 -26.88 -29.64
N MET C 430 30.13 -27.24 -29.26
CA MET C 430 29.66 -28.61 -29.43
C MET C 430 29.55 -28.95 -30.92
N ILE C 431 30.05 -30.12 -31.29
CA ILE C 431 29.93 -30.61 -32.66
C ILE C 431 28.74 -31.55 -32.71
N LYS C 432 27.70 -31.15 -33.45
CA LYS C 432 26.46 -31.93 -33.52
C LYS C 432 26.49 -32.94 -34.66
N ILE C 433 27.24 -34.03 -34.43
CA ILE C 433 27.29 -35.13 -35.36
C ILE C 433 26.11 -36.06 -35.07
N SER C 434 24.97 -35.78 -35.69
CA SER C 434 23.71 -36.49 -35.44
C SER C 434 23.43 -36.43 -33.94
N GLY C 435 23.07 -37.54 -33.30
CA GLY C 435 22.84 -37.53 -31.86
C GLY C 435 24.08 -37.68 -31.02
N GLU C 436 25.25 -37.89 -31.64
CA GLU C 436 26.49 -38.08 -30.90
C GLU C 436 27.32 -36.79 -30.91
N TRP C 437 27.04 -35.95 -29.93
CA TRP C 437 27.80 -34.72 -29.77
C TRP C 437 29.19 -35.02 -29.23
N VAL C 438 30.20 -34.42 -29.85
CA VAL C 438 31.59 -34.61 -29.45
C VAL C 438 32.21 -33.26 -29.17
N SER C 439 33.17 -33.25 -28.25
CA SER C 439 33.83 -32.01 -27.86
C SER C 439 34.94 -31.65 -28.85
N SER C 440 35.03 -30.37 -29.17
CA SER C 440 36.09 -29.89 -30.07
C SER C 440 37.44 -29.93 -29.38
N LEU C 441 37.47 -29.73 -28.07
CA LEU C 441 38.74 -29.65 -27.35
C LEU C 441 39.46 -30.98 -27.32
N GLU C 442 38.74 -32.10 -27.26
CA GLU C 442 39.42 -33.40 -27.29
C GLU C 442 40.12 -33.63 -28.63
N LEU C 443 39.48 -33.25 -29.73
CA LEU C 443 40.11 -33.36 -31.03
C LEU C 443 41.27 -32.39 -31.18
N GLU C 444 41.13 -31.17 -30.64
CA GLU C 444 42.23 -30.23 -30.65
C GLU C 444 43.43 -30.76 -29.88
N ASP C 445 43.19 -31.36 -28.71
CA ASP C 445 44.26 -32.00 -27.95
C ASP C 445 44.89 -33.18 -28.68
N ILE C 446 44.08 -33.99 -29.36
CA ILE C 446 44.62 -35.10 -30.13
C ILE C 446 45.53 -34.60 -31.25
N LEU C 447 45.10 -33.56 -31.95
CA LEU C 447 45.91 -33.03 -33.05
C LEU C 447 47.07 -32.19 -32.54
N HIS C 448 47.04 -31.77 -31.28
CA HIS C 448 48.10 -30.94 -30.71
C HIS C 448 49.37 -31.74 -30.41
N GLN C 449 49.33 -33.06 -30.53
CA GLN C 449 50.50 -33.90 -30.28
C GLN C 449 51.27 -34.22 -31.54
N HIS C 450 50.94 -33.59 -32.67
CA HIS C 450 51.62 -33.86 -33.92
C HIS C 450 53.07 -33.38 -33.87
N GLN C 451 53.88 -33.92 -34.78
CA GLN C 451 55.30 -33.60 -34.79
C GLN C 451 55.56 -32.13 -35.05
N SER C 452 54.82 -31.51 -35.97
CA SER C 452 55.06 -30.12 -36.35
C SER C 452 53.86 -29.21 -36.13
N VAL C 453 52.91 -29.62 -35.28
CA VAL C 453 51.73 -28.78 -35.04
C VAL C 453 52.08 -27.66 -34.06
N SER C 454 51.41 -26.52 -34.23
CA SER C 454 51.59 -25.37 -33.35
C SER C 454 50.31 -24.98 -32.64
N GLU C 455 49.19 -24.88 -33.35
CA GLU C 455 47.92 -24.52 -32.75
C GLU C 455 46.79 -25.21 -33.51
N VAL C 456 45.82 -25.73 -32.76
CA VAL C 456 44.69 -26.45 -33.33
C VAL C 456 43.41 -25.76 -32.88
N ALA C 457 42.48 -25.59 -33.82
CA ALA C 457 41.17 -24.98 -33.53
C ALA C 457 40.13 -25.70 -34.37
N VAL C 458 39.45 -26.68 -33.78
CA VAL C 458 38.41 -27.43 -34.47
C VAL C 458 37.12 -26.61 -34.42
N ILE C 459 36.57 -26.32 -35.60
CA ILE C 459 35.37 -25.48 -35.68
C ILE C 459 34.11 -26.33 -35.83
N GLY C 460 34.02 -27.09 -36.92
CA GLY C 460 32.80 -27.81 -37.24
C GLY C 460 31.87 -26.97 -38.09
N MET C 461 31.55 -27.47 -39.28
CA MET C 461 30.67 -26.77 -40.20
C MET C 461 29.55 -27.71 -40.65
N PRO C 462 28.41 -27.16 -41.08
CA PRO C 462 27.24 -28.03 -41.33
C PRO C 462 27.51 -29.07 -42.41
N HIS C 463 26.92 -30.24 -42.20
CA HIS C 463 27.04 -31.37 -43.13
C HIS C 463 25.64 -31.89 -43.43
N ASN C 464 25.43 -32.33 -44.68
CA ASN C 464 24.11 -32.79 -45.09
C ASN C 464 23.68 -34.05 -44.34
N LYS C 465 24.58 -35.00 -44.15
CA LYS C 465 24.21 -36.28 -43.56
C LYS C 465 24.23 -36.23 -42.03
N TRP C 466 25.36 -35.80 -41.46
CA TRP C 466 25.57 -35.86 -40.02
C TRP C 466 25.25 -34.55 -39.31
N GLY C 467 24.73 -33.56 -40.02
CA GLY C 467 24.46 -32.27 -39.40
C GLY C 467 25.68 -31.40 -39.19
N GLU C 468 26.68 -31.91 -38.49
CA GLU C 468 27.94 -31.21 -38.29
C GLU C 468 29.08 -32.21 -38.39
N VAL C 469 30.21 -31.76 -38.95
CA VAL C 469 31.42 -32.57 -39.01
C VAL C 469 32.59 -31.72 -38.54
N PRO C 470 33.52 -32.29 -37.78
CA PRO C 470 34.57 -31.48 -37.10
C PRO C 470 35.68 -31.01 -38.03
N LEU C 471 35.44 -29.88 -38.70
CA LEU C 471 36.49 -29.21 -39.45
C LEU C 471 37.57 -28.71 -38.49
N ALA C 472 38.82 -28.98 -38.82
CA ALA C 472 39.95 -28.66 -37.96
C ALA C 472 40.91 -27.70 -38.65
N LEU C 473 41.33 -26.67 -37.93
CA LEU C 473 42.36 -25.74 -38.41
C LEU C 473 43.64 -26.00 -37.65
N VAL C 474 44.75 -26.12 -38.39
CA VAL C 474 46.04 -26.45 -37.82
C VAL C 474 47.09 -25.46 -38.31
N THR C 475 47.81 -24.86 -37.37
CA THR C 475 48.98 -24.04 -37.66
C THR C 475 50.24 -24.87 -37.40
N LEU C 476 51.26 -24.62 -38.21
CA LEU C 476 52.43 -25.48 -38.26
C LEU C 476 53.69 -24.69 -38.00
N LYS C 477 54.76 -25.41 -37.66
CA LYS C 477 56.07 -24.81 -37.47
C LYS C 477 56.58 -24.25 -38.79
N GLU C 478 57.37 -23.17 -38.69
CA GLU C 478 57.87 -22.49 -39.87
C GLU C 478 58.70 -23.43 -40.74
N ASP C 479 58.38 -23.44 -42.04
CA ASP C 479 59.09 -24.19 -43.07
C ASP C 479 58.95 -25.70 -42.91
N ALA C 480 58.31 -26.15 -41.84
CA ALA C 480 58.02 -27.57 -41.62
C ALA C 480 56.56 -27.88 -42.00
N GLN C 481 56.28 -27.71 -43.29
CA GLN C 481 54.91 -27.86 -43.78
C GLN C 481 54.44 -29.30 -43.68
N VAL C 482 53.19 -29.47 -43.27
CA VAL C 482 52.52 -30.76 -43.17
C VAL C 482 51.20 -30.67 -43.91
N THR C 483 50.94 -31.67 -44.75
CA THR C 483 49.74 -31.68 -45.58
C THR C 483 48.54 -32.19 -44.78
N GLU C 484 47.36 -32.07 -45.39
CA GLU C 484 46.12 -32.51 -44.75
C GLU C 484 46.12 -34.01 -44.51
N LYS C 485 46.59 -34.78 -45.50
CA LYS C 485 46.54 -36.23 -45.38
C LYS C 485 47.43 -36.74 -44.25
N GLU C 486 48.60 -36.14 -44.07
CA GLU C 486 49.47 -36.53 -42.97
C GLU C 486 48.82 -36.27 -41.61
N LEU C 487 48.16 -35.11 -41.46
CA LEU C 487 47.46 -34.82 -40.22
C LEU C 487 46.30 -35.78 -40.00
N LEU C 488 45.58 -36.13 -41.07
CA LEU C 488 44.50 -37.10 -40.94
C LEU C 488 45.04 -38.47 -40.51
N GLY C 489 46.17 -38.88 -41.09
CA GLY C 489 46.77 -40.14 -40.67
C GLY C 489 47.22 -40.13 -39.23
N PHE C 490 47.82 -39.02 -38.79
CA PHE C 490 48.23 -38.91 -37.39
C PHE C 490 47.03 -38.93 -36.46
N ALA C 491 45.94 -38.25 -36.83
CA ALA C 491 44.76 -38.20 -35.97
C ALA C 491 44.06 -39.55 -35.89
N LYS C 492 44.24 -40.41 -36.89
CA LYS C 492 43.59 -41.71 -36.89
C LYS C 492 44.23 -42.63 -35.85
N ASP C 493 43.55 -43.75 -35.61
CA ASP C 493 44.00 -44.82 -34.71
C ASP C 493 44.09 -44.38 -33.25
N PHE C 494 43.49 -43.25 -32.90
CA PHE C 494 43.47 -42.82 -31.51
C PHE C 494 42.29 -43.46 -30.77
N ILE C 495 42.30 -43.31 -29.45
CA ILE C 495 41.27 -43.93 -28.62
C ILE C 495 39.94 -43.22 -28.84
N ASN C 496 38.89 -44.02 -29.09
CA ASN C 496 37.52 -43.56 -29.28
C ASN C 496 37.36 -42.71 -30.53
N LYS C 497 36.13 -42.64 -31.04
CA LYS C 497 35.83 -41.87 -32.24
C LYS C 497 34.33 -41.71 -32.36
N GLY C 498 33.91 -40.96 -33.37
CA GLY C 498 32.50 -40.66 -33.59
C GLY C 498 31.95 -41.33 -34.84
N ILE C 499 30.85 -42.07 -34.64
CA ILE C 499 29.96 -42.59 -35.68
C ILE C 499 30.67 -43.45 -36.73
N LEU C 500 31.86 -43.05 -37.18
CA LEU C 500 32.49 -43.73 -38.31
C LEU C 500 33.98 -43.91 -38.03
N ALA C 501 34.40 -45.16 -37.88
CA ALA C 501 35.82 -45.54 -37.79
C ALA C 501 36.61 -44.66 -36.84
N ARG C 502 37.40 -43.74 -37.41
CA ARG C 502 38.19 -42.78 -36.64
C ARG C 502 37.96 -41.37 -37.16
N GLU C 503 36.79 -41.14 -37.77
CA GLU C 503 36.36 -39.85 -38.28
C GLU C 503 37.31 -39.25 -39.31
N ALA C 504 38.01 -40.10 -40.07
CA ALA C 504 38.90 -39.59 -41.12
C ALA C 504 38.12 -38.97 -42.28
N LEU C 505 36.89 -39.42 -42.51
CA LEU C 505 36.10 -38.90 -43.61
C LEU C 505 35.42 -37.58 -43.27
N LEU C 506 35.48 -37.15 -42.02
CA LEU C 506 34.79 -35.96 -41.56
C LEU C 506 35.71 -34.88 -41.02
N LEU C 507 36.93 -35.24 -40.62
CA LEU C 507 37.83 -34.28 -39.98
C LEU C 507 38.22 -33.15 -40.92
N LYS C 508 38.51 -33.47 -42.19
CA LYS C 508 38.86 -32.52 -43.24
C LYS C 508 39.73 -31.37 -42.76
N VAL C 509 40.91 -31.70 -42.22
CA VAL C 509 41.79 -30.68 -41.65
C VAL C 509 42.24 -29.72 -42.73
N LYS C 510 42.31 -28.44 -42.38
CA LYS C 510 42.80 -27.39 -43.27
C LYS C 510 43.90 -26.61 -42.58
N ILE C 511 45.01 -26.39 -43.28
CA ILE C 511 46.12 -25.62 -42.75
C ILE C 511 45.82 -24.13 -42.95
N VAL C 512 45.85 -23.38 -41.86
CA VAL C 512 45.51 -21.96 -41.87
C VAL C 512 46.70 -21.16 -41.35
N ASP C 513 46.93 -19.99 -41.98
CA ASP C 513 48.06 -19.16 -41.62
C ASP C 513 47.97 -18.70 -40.16
N GLU C 514 46.78 -18.27 -39.72
CA GLU C 514 46.61 -17.79 -38.36
C GLU C 514 45.20 -18.09 -37.89
N ILE C 515 45.02 -18.16 -36.57
CA ILE C 515 43.73 -18.40 -35.95
C ILE C 515 43.28 -17.10 -35.29
N ALA C 516 42.05 -16.69 -35.58
CA ALA C 516 41.52 -15.46 -34.99
C ALA C 516 41.36 -15.62 -33.48
N LYS C 517 41.74 -14.58 -32.75
CA LYS C 517 41.66 -14.58 -31.29
C LYS C 517 41.02 -13.29 -30.81
N THR C 518 40.34 -13.37 -29.67
CA THR C 518 39.71 -12.20 -29.08
C THR C 518 40.76 -11.29 -28.45
N SER C 519 40.29 -10.16 -27.91
CA SER C 519 41.19 -9.24 -27.23
C SER C 519 41.80 -9.87 -25.99
N VAL C 520 41.05 -10.74 -25.30
CA VAL C 520 41.58 -11.43 -24.14
C VAL C 520 42.69 -12.40 -24.53
N GLY C 521 42.55 -13.10 -25.65
CA GLY C 521 43.52 -14.06 -26.10
C GLY C 521 42.97 -15.43 -26.45
N LYS C 522 41.73 -15.72 -26.07
CA LYS C 522 41.12 -16.98 -26.41
C LYS C 522 40.78 -17.04 -27.90
N VAL C 523 40.65 -18.26 -28.42
CA VAL C 523 40.34 -18.44 -29.83
C VAL C 523 38.91 -17.97 -30.10
N ASP C 524 38.76 -17.10 -31.09
CA ASP C 524 37.45 -16.57 -31.48
C ASP C 524 36.89 -17.44 -32.58
N LYS C 525 36.18 -18.50 -32.20
CA LYS C 525 35.61 -19.42 -33.18
C LYS C 525 34.47 -18.79 -33.96
N LYS C 526 33.83 -17.74 -33.44
CA LYS C 526 32.82 -17.03 -34.22
C LYS C 526 33.42 -16.38 -35.46
N GLU C 527 34.59 -15.75 -35.33
CA GLU C 527 35.27 -15.19 -36.50
C GLU C 527 35.75 -16.30 -37.42
N LEU C 528 36.22 -17.41 -36.86
CA LEU C 528 36.67 -18.53 -37.67
C LEU C 528 35.53 -19.12 -38.49
N ARG C 529 34.30 -19.10 -37.96
CA ARG C 529 33.15 -19.60 -38.71
C ARG C 529 32.87 -18.72 -39.92
N LYS C 530 33.20 -17.44 -39.85
CA LYS C 530 32.98 -16.55 -40.99
C LYS C 530 33.83 -16.96 -42.19
N LEU C 531 35.02 -17.50 -41.95
CA LEU C 531 35.92 -17.87 -43.03
C LEU C 531 35.65 -19.25 -43.62
N HIS C 532 34.71 -20.01 -43.04
CA HIS C 532 34.46 -21.36 -43.52
C HIS C 532 32.99 -21.70 -43.71
N LEU C 533 32.06 -20.89 -43.24
CA LEU C 533 30.64 -21.17 -43.45
C LEU C 533 29.83 -19.87 -43.54
N TYR D 4 -4.96 -5.16 -19.18
CA TYR D 4 -5.19 -3.75 -18.91
C TYR D 4 -6.62 -3.49 -18.45
N VAL D 5 -6.78 -2.71 -17.38
CA VAL D 5 -8.10 -2.34 -16.89
C VAL D 5 -8.61 -1.18 -17.72
N ASN D 6 -9.35 -1.49 -18.77
CA ASN D 6 -9.82 -0.48 -19.73
C ASN D 6 -11.15 0.09 -19.24
N ASP D 7 -11.12 1.30 -18.72
CA ASP D 7 -12.34 2.03 -18.39
C ASP D 7 -12.82 2.73 -19.65
N PRO D 8 -14.01 2.40 -20.15
CA PRO D 8 -14.46 3.00 -21.42
C PRO D 8 -14.55 4.51 -21.38
N SER D 9 -14.94 5.09 -20.24
CA SER D 9 -15.02 6.54 -20.14
C SER D 9 -13.64 7.19 -20.03
N ASN D 10 -12.62 6.42 -19.63
CA ASN D 10 -11.26 6.95 -19.53
C ASN D 10 -10.58 6.76 -20.88
N TYR D 11 -10.66 7.79 -21.70
CA TYR D 11 -10.13 7.71 -23.06
C TYR D 11 -8.61 7.68 -23.04
N GLN D 12 -8.02 6.80 -23.85
CA GLN D 12 -6.59 6.70 -23.99
C GLN D 12 -6.17 7.19 -25.38
N LEU D 13 -5.19 8.07 -25.42
CA LEU D 13 -4.70 8.59 -26.69
C LEU D 13 -3.79 7.57 -27.36
N LEU D 14 -4.34 6.81 -28.30
CA LEU D 14 -3.61 5.72 -28.94
C LEU D 14 -3.52 5.96 -30.44
N ILE D 15 -2.47 5.39 -31.05
CA ILE D 15 -2.27 5.53 -32.49
C ILE D 15 -3.40 4.86 -33.27
N LYS D 16 -4.03 3.84 -32.69
CA LYS D 16 -5.18 3.23 -33.35
C LYS D 16 -6.33 4.22 -33.47
N ASN D 17 -6.39 5.22 -32.59
CA ASN D 17 -7.36 6.28 -32.77
C ASN D 17 -6.95 7.23 -33.89
N LEU D 18 -5.63 7.39 -34.12
CA LEU D 18 -5.17 8.12 -35.28
C LEU D 18 -5.58 7.42 -36.57
N LEU D 19 -5.49 6.09 -36.60
CA LEU D 19 -5.79 5.35 -37.82
C LEU D 19 -7.29 5.19 -38.06
N PHE D 20 -8.03 4.73 -37.06
CA PHE D 20 -9.43 4.38 -37.23
C PHE D 20 -10.39 5.51 -36.85
N SER D 21 -9.89 6.61 -36.30
CA SER D 21 -10.72 7.78 -36.06
C SER D 21 -10.04 9.02 -36.63
N PRO D 22 -9.86 9.10 -37.95
CA PRO D 22 -9.10 10.20 -38.52
C PRO D 22 -9.95 11.44 -38.68
N VAL D 23 -9.28 12.53 -39.09
CA VAL D 23 -10.00 13.76 -39.44
C VAL D 23 -10.89 13.50 -40.64
N ALA D 24 -10.37 12.83 -41.66
CA ALA D 24 -11.16 12.39 -42.81
C ALA D 24 -10.65 11.02 -43.24
N PHE D 25 -11.56 10.23 -43.81
CA PHE D 25 -11.20 8.89 -44.28
C PHE D 25 -11.94 8.62 -45.58
N ASN D 26 -11.21 8.64 -46.69
CA ASN D 26 -11.76 8.26 -47.98
C ASN D 26 -11.26 6.86 -48.29
N PRO D 27 -12.12 5.84 -48.29
CA PRO D 27 -11.64 4.47 -48.53
C PRO D 27 -11.05 4.26 -49.91
N GLU D 28 -11.36 5.13 -50.88
CA GLU D 28 -10.82 5.03 -52.21
C GLU D 28 -9.58 5.90 -52.44
N GLN D 29 -9.14 6.62 -51.41
CA GLN D 29 -7.91 7.40 -51.54
C GLN D 29 -6.71 6.47 -51.62
N GLU D 30 -5.74 6.86 -52.43
CA GLU D 30 -4.64 5.98 -52.81
C GLU D 30 -3.43 6.18 -51.92
N ILE D 31 -2.75 5.07 -51.60
CA ILE D 31 -1.41 5.07 -51.05
C ILE D 31 -0.46 4.58 -52.13
N VAL D 32 0.47 5.43 -52.54
CA VAL D 32 1.33 5.16 -53.69
C VAL D 32 2.76 4.97 -53.20
N TYR D 33 3.37 3.86 -53.59
CA TYR D 33 4.78 3.59 -53.33
C TYR D 33 5.53 3.71 -54.65
N ALA D 34 5.95 4.94 -54.97
CA ALA D 34 6.66 5.24 -56.20
C ALA D 34 5.96 4.65 -57.41
N ASN D 35 6.70 3.90 -58.23
CA ASN D 35 6.13 3.21 -59.38
C ASN D 35 5.95 1.72 -59.14
N HIS D 36 6.03 1.26 -57.89
CA HIS D 36 5.95 -0.17 -57.62
C HIS D 36 4.53 -0.61 -57.28
N ARG D 37 3.86 0.11 -56.37
CA ARG D 37 2.60 -0.37 -55.83
C ARG D 37 1.64 0.79 -55.61
N ARG D 38 0.36 0.51 -55.82
CA ARG D 38 -0.73 1.43 -55.48
C ARG D 38 -1.86 0.64 -54.85
N HIS D 39 -2.43 1.18 -53.77
CA HIS D 39 -3.60 0.58 -53.17
C HIS D 39 -4.37 1.65 -52.41
N SER D 40 -5.63 1.34 -52.11
CA SER D 40 -6.51 2.31 -51.48
C SER D 40 -6.31 2.34 -49.97
N TYR D 41 -6.95 3.31 -49.32
CA TYR D 41 -6.89 3.42 -47.87
C TYR D 41 -7.56 2.24 -47.20
N LYS D 42 -8.63 1.70 -47.79
CA LYS D 42 -9.23 0.48 -47.27
C LYS D 42 -8.24 -0.68 -47.32
N THR D 43 -7.52 -0.80 -48.45
CA THR D 43 -6.48 -1.80 -48.54
C THR D 43 -5.35 -1.53 -47.55
N PHE D 44 -5.08 -0.24 -47.29
CA PHE D 44 -4.05 0.11 -46.31
C PHE D 44 -4.46 -0.37 -44.91
N HIS D 45 -5.70 -0.16 -44.53
CA HIS D 45 -6.17 -0.64 -43.22
C HIS D 45 -6.17 -2.16 -43.18
N ASP D 46 -6.58 -2.81 -44.27
CA ASP D 46 -6.55 -4.27 -44.31
C ASP D 46 -5.13 -4.79 -44.16
N ARG D 47 -4.16 -4.14 -44.81
CA ARG D 47 -2.77 -4.54 -44.69
C ARG D 47 -2.23 -4.28 -43.30
N VAL D 48 -2.67 -3.21 -42.65
CA VAL D 48 -2.27 -2.97 -41.25
C VAL D 48 -2.76 -4.10 -40.36
N ARG D 49 -4.02 -4.51 -40.53
CA ARG D 49 -4.55 -5.60 -39.72
C ARG D 49 -3.85 -6.92 -40.06
N GLN D 50 -3.54 -7.16 -41.33
CA GLN D 50 -2.81 -8.36 -41.71
C GLN D 50 -1.41 -8.37 -41.10
N PHE D 51 -0.74 -7.21 -41.09
CA PHE D 51 0.58 -7.12 -40.47
C PHE D 51 0.49 -7.36 -38.98
N ALA D 52 -0.56 -6.86 -38.33
CA ALA D 52 -0.76 -7.13 -36.91
C ALA D 52 -0.94 -8.63 -36.66
N ASN D 53 -1.72 -9.29 -37.51
CA ASN D 53 -1.91 -10.73 -37.39
C ASN D 53 -0.59 -11.47 -37.58
N ALA D 54 0.20 -11.05 -38.57
CA ALA D 54 1.48 -11.70 -38.82
C ALA D 54 2.44 -11.50 -37.65
N LEU D 55 2.47 -10.29 -37.08
CA LEU D 55 3.32 -10.04 -35.92
C LEU D 55 2.89 -10.89 -34.73
N THR D 56 1.58 -11.03 -34.53
CA THR D 56 1.08 -11.89 -33.45
C THR D 56 1.49 -13.33 -33.70
N LYS D 57 1.41 -13.79 -34.96
CA LYS D 57 1.86 -15.14 -35.29
C LYS D 57 3.36 -15.28 -35.09
N MET D 58 4.14 -14.25 -35.42
CA MET D 58 5.59 -14.28 -35.23
C MET D 58 5.99 -14.22 -33.76
N GLY D 59 5.04 -14.19 -32.83
CA GLY D 59 5.38 -14.15 -31.42
C GLY D 59 5.65 -12.77 -30.86
N VAL D 60 5.33 -11.72 -31.59
CA VAL D 60 5.54 -10.37 -31.09
C VAL D 60 4.43 -10.00 -30.13
N LYS D 61 4.78 -9.76 -28.88
CA LYS D 61 3.83 -9.40 -27.84
C LYS D 61 3.97 -7.92 -27.49
N LYS D 62 3.07 -7.45 -26.63
CA LYS D 62 3.15 -6.08 -26.14
C LYS D 62 4.44 -5.88 -25.36
N GLY D 63 5.14 -4.81 -25.67
CA GLY D 63 6.43 -4.52 -25.07
C GLY D 63 7.63 -4.98 -25.89
N ASP D 64 7.42 -5.83 -26.89
CA ASP D 64 8.52 -6.27 -27.74
C ASP D 64 8.95 -5.14 -28.67
N THR D 65 10.16 -5.26 -29.20
CA THR D 65 10.74 -4.27 -30.09
C THR D 65 10.89 -4.88 -31.48
N VAL D 66 10.32 -4.21 -32.48
CA VAL D 66 10.44 -4.63 -33.88
C VAL D 66 11.22 -3.54 -34.61
N ALA D 67 12.34 -3.93 -35.22
CA ALA D 67 13.22 -3.00 -35.90
C ALA D 67 12.92 -3.01 -37.40
N VAL D 68 13.08 -1.84 -38.03
CA VAL D 68 12.82 -1.67 -39.45
C VAL D 68 14.04 -1.01 -40.10
N MET D 69 14.53 -1.60 -41.17
CA MET D 69 15.60 -1.04 -42.00
C MET D 69 15.06 -1.00 -43.42
N ASP D 70 14.40 0.11 -43.76
CA ASP D 70 13.70 0.21 -45.04
C ASP D 70 13.71 1.64 -45.52
N TYR D 71 13.47 1.81 -46.82
CA TYR D 71 13.27 3.12 -47.40
C TYR D 71 11.85 3.61 -47.12
N ASP D 72 11.56 4.83 -47.53
CA ASP D 72 10.21 5.39 -47.41
C ASP D 72 9.24 4.67 -48.31
N SER D 73 8.44 3.82 -47.73
CA SER D 73 7.56 2.98 -48.53
C SER D 73 6.23 2.81 -47.81
N HIS D 74 5.29 2.14 -48.49
CA HIS D 74 4.05 1.76 -47.85
C HIS D 74 4.29 0.80 -46.70
N ARG D 75 5.31 -0.05 -46.82
CA ARG D 75 5.64 -0.97 -45.73
C ARG D 75 6.04 -0.21 -44.49
N TYR D 76 6.78 0.90 -44.68
CA TYR D 76 7.22 1.72 -43.52
C TYR D 76 6.00 2.30 -42.81
N LEU D 77 5.03 2.82 -43.58
CA LEU D 77 3.82 3.38 -42.97
C LEU D 77 3.02 2.29 -42.25
N GLU D 78 2.89 1.12 -42.88
CA GLU D 78 2.20 0.02 -42.24
C GLU D 78 2.89 -0.39 -40.96
N CYS D 79 4.18 -0.13 -40.85
CA CYS D 79 4.94 -0.36 -39.63
C CYS D 79 4.68 0.74 -38.57
N TYR D 80 4.50 1.99 -38.99
CA TYR D 80 4.15 3.10 -38.08
C TYR D 80 2.86 2.91 -37.34
N PHE D 81 1.97 2.19 -37.93
CA PHE D 81 0.71 1.92 -37.32
C PHE D 81 0.69 0.59 -36.67
N ALA D 82 0.83 -0.47 -37.44
CA ALA D 82 0.70 -1.81 -36.89
C ALA D 82 1.59 -2.18 -35.73
N ILE D 83 2.83 -1.79 -35.80
CA ILE D 83 3.72 -2.23 -34.74
C ILE D 83 3.38 -1.55 -33.42
N PRO D 84 3.22 -0.22 -33.36
CA PRO D 84 2.75 0.37 -32.09
C PRO D 84 1.34 -0.04 -31.71
N MET D 85 0.46 -0.25 -32.69
CA MET D 85 -0.95 -0.45 -32.40
C MET D 85 -1.21 -1.82 -31.76
N ILE D 86 -0.21 -2.71 -31.78
CA ILE D 86 -0.33 -3.97 -31.05
C ILE D 86 0.41 -3.95 -29.72
N GLY D 87 0.91 -2.79 -29.30
CA GLY D 87 1.63 -2.68 -28.06
C GLY D 87 3.14 -2.87 -28.16
N ALA D 88 3.65 -3.15 -29.35
CA ALA D 88 5.09 -3.32 -29.52
C ALA D 88 5.76 -1.98 -29.77
N LYS D 89 7.09 -1.95 -29.58
CA LYS D 89 7.88 -0.76 -29.80
C LYS D 89 8.48 -0.80 -31.19
N LEU D 90 8.29 0.27 -31.96
CA LEU D 90 8.84 0.36 -33.31
C LEU D 90 10.21 1.02 -33.22
N HIS D 91 11.26 0.27 -33.56
CA HIS D 91 12.62 0.80 -33.58
C HIS D 91 12.98 1.15 -35.02
N MET D 92 13.15 2.43 -35.26
CA MET D 92 13.53 2.92 -36.59
C MET D 92 15.05 3.01 -36.62
N ILE D 93 15.66 2.22 -37.46
CA ILE D 93 17.12 2.18 -37.53
C ILE D 93 17.61 3.17 -38.57
N ASN D 94 18.51 4.06 -38.18
CA ASN D 94 19.15 4.99 -39.11
C ASN D 94 20.11 4.20 -39.99
N VAL D 95 19.71 3.94 -41.23
CA VAL D 95 20.47 3.09 -42.13
C VAL D 95 21.71 3.82 -42.64
N ARG D 96 21.76 5.14 -42.40
CA ARG D 96 22.91 5.93 -42.82
C ARG D 96 24.02 5.95 -41.78
N LEU D 97 23.80 5.39 -40.60
CA LEU D 97 24.87 5.26 -39.62
C LEU D 97 25.85 4.18 -40.06
N SER D 98 27.02 4.18 -39.43
CA SER D 98 28.01 3.15 -39.69
C SER D 98 27.49 1.81 -39.18
N PRO D 99 27.94 0.70 -39.78
CA PRO D 99 27.48 -0.62 -39.32
C PRO D 99 27.73 -0.88 -37.85
N GLU D 100 28.84 -0.37 -37.30
CA GLU D 100 29.09 -0.52 -35.87
C GLU D 100 28.04 0.22 -35.04
N GLN D 101 27.69 1.43 -35.44
CA GLN D 101 26.66 2.18 -34.73
C GLN D 101 25.30 1.50 -34.85
N ILE D 102 24.99 0.95 -36.02
CA ILE D 102 23.72 0.24 -36.20
C ILE D 102 23.68 -0.98 -35.31
N LEU D 103 24.79 -1.71 -35.23
CA LEU D 103 24.86 -2.87 -34.33
C LEU D 103 24.67 -2.45 -32.89
N TYR D 104 25.31 -1.34 -32.49
CA TYR D 104 25.14 -0.84 -31.13
C TYR D 104 23.68 -0.53 -30.84
N THR D 105 23.00 0.15 -31.77
CA THR D 105 21.60 0.48 -31.56
C THR D 105 20.73 -0.77 -31.48
N ILE D 106 21.00 -1.76 -32.34
CA ILE D 106 20.22 -2.99 -32.31
C ILE D 106 20.40 -3.72 -30.99
N ASP D 107 21.64 -3.81 -30.52
CA ASP D 107 21.89 -4.48 -29.24
C ASP D 107 21.29 -3.70 -28.08
N HIS D 108 21.39 -2.38 -28.10
CA HIS D 108 20.88 -1.55 -27.01
C HIS D 108 19.36 -1.64 -26.93
N ALA D 109 18.68 -1.56 -28.08
CA ALA D 109 17.22 -1.63 -28.07
C ALA D 109 16.71 -3.05 -27.89
N GLU D 110 17.56 -4.05 -28.15
CA GLU D 110 17.17 -5.47 -28.02
C GLU D 110 15.96 -5.79 -28.89
N ASP D 111 16.13 -5.58 -30.20
CA ASP D 111 15.05 -5.87 -31.14
C ASP D 111 14.80 -7.37 -31.23
N ASP D 112 13.52 -7.74 -31.30
CA ASP D 112 13.16 -9.15 -31.48
C ASP D 112 13.02 -9.52 -32.95
N ILE D 113 12.45 -8.62 -33.75
CA ILE D 113 12.27 -8.85 -35.18
C ILE D 113 12.85 -7.65 -35.92
N ILE D 114 13.57 -7.93 -37.02
CA ILE D 114 14.13 -6.89 -37.86
C ILE D 114 13.55 -7.03 -39.26
N LEU D 115 12.88 -5.98 -39.73
CA LEU D 115 12.42 -5.89 -41.11
C LEU D 115 13.45 -5.08 -41.88
N ILE D 116 14.23 -5.75 -42.72
CA ILE D 116 15.36 -5.12 -43.40
C ILE D 116 15.17 -5.26 -44.89
N HIS D 117 15.33 -4.14 -45.61
CA HIS D 117 15.27 -4.18 -47.06
C HIS D 117 16.48 -4.93 -47.61
N GLU D 118 16.28 -5.60 -48.74
CA GLU D 118 17.34 -6.43 -49.31
C GLU D 118 18.57 -5.60 -49.68
N GLU D 119 18.39 -4.31 -49.94
CA GLU D 119 19.52 -3.46 -50.26
C GLU D 119 20.40 -3.16 -49.04
N PHE D 120 19.86 -3.34 -47.83
CA PHE D 120 20.62 -3.15 -46.60
C PHE D 120 21.23 -4.46 -46.08
N LEU D 121 21.02 -5.56 -46.80
CA LEU D 121 21.64 -6.82 -46.40
C LEU D 121 23.17 -6.76 -46.30
N PRO D 122 23.89 -6.07 -47.19
CA PRO D 122 25.34 -5.92 -46.96
C PRO D 122 25.69 -5.28 -45.63
N ILE D 123 24.87 -4.35 -45.15
CA ILE D 123 25.11 -3.77 -43.83
C ILE D 123 24.88 -4.81 -42.74
N LEU D 124 23.81 -5.60 -42.87
CA LEU D 124 23.51 -6.61 -41.87
C LEU D 124 24.60 -7.68 -41.80
N ASP D 125 25.11 -8.09 -42.96
CA ASP D 125 26.11 -9.17 -43.00
C ASP D 125 27.38 -8.81 -42.24
N GLN D 126 27.68 -7.52 -42.09
CA GLN D 126 28.86 -7.11 -41.33
C GLN D 126 28.66 -7.24 -39.83
N ILE D 127 27.41 -7.27 -39.36
CA ILE D 127 27.12 -7.21 -37.92
C ILE D 127 26.16 -8.32 -37.53
N LYS D 128 25.80 -9.19 -38.47
CA LYS D 128 24.81 -10.22 -38.18
C LYS D 128 25.29 -11.18 -37.10
N GLY D 129 26.59 -11.52 -37.12
CA GLY D 129 27.11 -12.47 -36.15
C GLY D 129 27.17 -11.94 -34.74
N ARG D 130 27.17 -10.63 -34.55
CA ARG D 130 27.30 -10.02 -33.24
C ARG D 130 25.97 -9.52 -32.67
N ILE D 131 24.84 -9.84 -33.31
CA ILE D 131 23.55 -9.36 -32.82
C ILE D 131 23.06 -10.29 -31.72
N ASP D 132 22.81 -11.56 -32.07
CA ASP D 132 22.47 -12.61 -31.10
C ASP D 132 21.19 -12.32 -30.33
N THR D 133 20.48 -11.24 -30.68
CA THR D 133 19.28 -10.89 -29.93
C THR D 133 18.03 -10.91 -30.81
N VAL D 134 18.20 -10.99 -32.13
CA VAL D 134 17.08 -10.97 -33.05
C VAL D 134 16.73 -12.41 -33.43
N THR D 135 15.46 -12.77 -33.27
CA THR D 135 15.02 -14.14 -33.53
C THR D 135 14.64 -14.37 -34.98
N ARG D 136 14.26 -13.33 -35.72
CA ARG D 136 13.83 -13.49 -37.10
C ARG D 136 14.15 -12.23 -37.90
N TYR D 137 14.61 -12.43 -39.13
CA TYR D 137 14.82 -11.35 -40.07
C TYR D 137 13.84 -11.50 -41.23
N VAL D 138 13.12 -10.43 -41.53
CA VAL D 138 12.21 -10.39 -42.67
C VAL D 138 12.82 -9.49 -43.72
N VAL D 139 13.06 -10.04 -44.90
CA VAL D 139 13.73 -9.31 -45.98
C VAL D 139 12.67 -8.64 -46.84
N LEU D 140 12.77 -7.32 -46.98
CA LEU D 140 11.82 -6.55 -47.76
C LEU D 140 12.35 -6.32 -49.17
N ARG D 141 11.48 -6.52 -50.15
CA ARG D 141 11.83 -6.32 -51.55
C ARG D 141 10.72 -5.53 -52.23
N ASP D 142 11.09 -4.86 -53.32
CA ASP D 142 10.14 -4.05 -54.10
C ASP D 142 9.45 -4.86 -55.19
N ASP D 143 9.37 -6.19 -55.04
CA ASP D 143 8.74 -7.04 -56.02
C ASP D 143 7.88 -8.07 -55.29
N GLU D 144 7.40 -9.07 -56.04
CA GLU D 144 6.50 -10.07 -55.49
C GLU D 144 7.19 -11.03 -54.53
N GLU D 145 8.51 -11.10 -54.52
CA GLU D 145 9.25 -12.02 -53.67
C GLU D 145 9.57 -11.43 -52.30
N CYS D 146 8.91 -10.33 -51.94
CA CYS D 146 9.12 -9.73 -50.63
C CYS D 146 8.58 -10.63 -49.53
N GLU D 147 9.40 -10.87 -48.50
CA GLU D 147 8.97 -11.71 -47.39
C GLU D 147 7.87 -11.05 -46.58
N TYR D 148 7.89 -9.72 -46.46
CA TYR D 148 6.83 -9.01 -45.75
C TYR D 148 5.48 -9.19 -46.44
N GLU D 149 5.47 -9.10 -47.78
CA GLU D 149 4.23 -9.29 -48.52
C GLU D 149 3.72 -10.72 -48.37
N ARG D 150 4.62 -11.70 -48.41
CA ARG D 150 4.21 -13.09 -48.22
C ARG D 150 3.67 -13.33 -46.83
N LEU D 151 4.28 -12.71 -45.81
CA LEU D 151 3.77 -12.83 -44.45
C LEU D 151 2.38 -12.21 -44.34
N LEU D 152 2.18 -11.06 -44.98
CA LEU D 152 0.87 -10.42 -44.94
C LEU D 152 -0.19 -11.25 -45.66
N GLU D 153 0.18 -11.89 -46.77
CA GLU D 153 -0.78 -12.67 -47.54
C GLU D 153 -1.36 -13.84 -46.78
N GLN D 154 -0.61 -14.39 -45.82
CA GLN D 154 -1.09 -15.55 -45.05
C GLN D 154 -2.06 -15.19 -43.95
N GLU D 155 -2.29 -13.90 -43.70
CA GLU D 155 -3.08 -13.45 -42.57
C GLU D 155 -4.42 -12.89 -43.03
N SER D 156 -5.40 -12.93 -42.12
CA SER D 156 -6.71 -12.35 -42.40
C SER D 156 -6.68 -10.84 -42.21
N THR D 157 -7.68 -10.17 -42.77
CA THR D 157 -7.79 -8.72 -42.69
C THR D 157 -8.58 -8.25 -41.48
N GLU D 158 -8.83 -9.11 -40.51
CA GLU D 158 -9.57 -8.77 -39.30
C GLU D 158 -8.65 -8.84 -38.09
N TYR D 159 -8.66 -7.80 -37.27
CA TYR D 159 -7.87 -7.76 -36.06
C TYR D 159 -8.53 -6.83 -35.05
N ASN D 160 -8.51 -7.23 -33.78
CA ASN D 160 -9.05 -6.41 -32.69
C ASN D 160 -7.86 -5.83 -31.93
N PHE D 161 -7.55 -4.58 -32.21
CA PHE D 161 -6.37 -3.96 -31.62
C PHE D 161 -6.62 -3.66 -30.14
N PRO D 162 -5.69 -4.00 -29.26
CA PRO D 162 -5.96 -3.90 -27.82
C PRO D 162 -5.98 -2.46 -27.34
N ASP D 163 -6.59 -2.28 -26.17
CA ASP D 163 -6.55 -1.01 -25.44
C ASP D 163 -5.54 -1.12 -24.31
N PHE D 164 -4.61 -0.17 -24.26
CA PHE D 164 -3.62 -0.14 -23.20
C PHE D 164 -3.40 1.31 -22.79
N ASP D 165 -2.53 1.50 -21.79
CA ASP D 165 -2.20 2.83 -21.31
C ASP D 165 -1.61 3.67 -22.44
N GLU D 166 -2.04 4.93 -22.51
CA GLU D 166 -1.54 5.83 -23.53
C GLU D 166 -0.06 6.14 -23.34
N ASN D 167 0.50 5.85 -22.18
CA ASN D 167 1.92 6.06 -21.91
C ASN D 167 2.79 4.88 -22.35
N THR D 168 2.20 3.88 -22.99
CA THR D 168 2.98 2.79 -23.55
C THR D 168 3.90 3.32 -24.64
N VAL D 169 5.17 2.92 -24.58
CA VAL D 169 6.14 3.38 -25.56
C VAL D 169 5.80 2.81 -26.93
N ALA D 170 5.70 3.67 -27.94
CA ALA D 170 5.31 3.28 -29.28
C ALA D 170 6.49 3.22 -30.25
N THR D 171 7.34 4.24 -30.26
CA THR D 171 8.45 4.31 -31.19
C THR D 171 9.73 4.63 -30.44
N THR D 172 10.84 4.13 -30.97
CA THR D 172 12.16 4.43 -30.42
C THR D 172 13.16 4.50 -31.56
N PHE D 173 14.17 5.35 -31.38
CA PHE D 173 15.24 5.50 -32.36
C PHE D 173 16.41 6.19 -31.68
N TYR D 174 17.57 6.13 -32.31
CA TYR D 174 18.81 6.57 -31.71
C TYR D 174 19.37 7.74 -32.50
N THR D 175 19.72 8.81 -31.79
CA THR D 175 20.35 9.96 -32.42
C THR D 175 21.85 9.93 -32.17
N THR D 176 22.63 10.42 -33.13
CA THR D 176 24.08 10.37 -33.02
C THR D 176 24.59 11.39 -32.01
N GLY D 177 24.38 12.67 -32.30
CA GLY D 177 24.82 13.72 -31.39
C GLY D 177 26.32 13.73 -31.21
N THR D 178 26.75 14.09 -30.00
CA THR D 178 28.16 14.11 -29.63
C THR D 178 28.43 13.37 -28.34
N THR D 179 27.68 12.32 -28.03
CA THR D 179 27.81 11.60 -26.77
C THR D 179 28.81 10.45 -26.85
N GLY D 180 29.39 10.18 -28.01
CA GLY D 180 30.30 9.06 -28.16
C GLY D 180 29.59 7.80 -28.61
N PHE D 181 28.40 7.57 -28.09
CA PHE D 181 27.52 6.49 -28.50
C PHE D 181 26.15 7.03 -28.85
N PRO D 182 25.43 6.38 -29.77
CA PRO D 182 24.06 6.82 -30.07
C PRO D 182 23.18 6.75 -28.82
N LYS D 183 22.32 7.75 -28.67
CA LYS D 183 21.43 7.84 -27.53
C LYS D 183 20.00 7.56 -27.98
N GLY D 184 19.32 6.66 -27.26
CA GLY D 184 18.00 6.24 -27.66
C GLY D 184 16.92 7.10 -27.03
N VAL D 185 16.07 7.67 -27.87
CA VAL D 185 14.91 8.43 -27.43
C VAL D 185 13.66 7.63 -27.78
N PHE D 186 12.62 7.82 -26.98
CA PHE D 186 11.40 7.03 -27.15
C PHE D 186 10.19 7.94 -26.96
N PHE D 187 9.10 7.58 -27.62
CA PHE D 187 7.87 8.34 -27.58
C PHE D 187 6.69 7.39 -27.36
N THR D 188 5.73 7.83 -26.56
CA THR D 188 4.56 7.02 -26.24
C THR D 188 3.46 7.28 -27.26
N HIS D 189 2.39 6.49 -27.15
CA HIS D 189 1.21 6.70 -27.99
C HIS D 189 0.62 8.08 -27.75
N ARG D 190 0.52 8.47 -26.48
CA ARG D 190 -0.02 9.79 -26.14
C ARG D 190 0.81 10.90 -26.75
N GLN D 191 2.13 10.77 -26.68
CA GLN D 191 3.00 11.82 -27.22
C GLN D 191 2.85 11.94 -28.74
N LEU D 192 2.75 10.82 -29.45
CA LEU D 192 2.61 10.88 -30.90
C LEU D 192 1.25 11.44 -31.30
N VAL D 193 0.19 11.02 -30.60
CA VAL D 193 -1.14 11.56 -30.90
C VAL D 193 -1.17 13.06 -30.63
N LEU D 194 -0.57 13.50 -29.52
CA LEU D 194 -0.54 14.92 -29.21
C LEU D 194 0.30 15.70 -30.20
N HIS D 195 1.39 15.11 -30.69
CA HIS D 195 2.20 15.76 -31.71
C HIS D 195 1.38 15.97 -32.98
N THR D 196 0.68 14.92 -33.42
CA THR D 196 -0.17 15.04 -34.60
C THR D 196 -1.22 16.13 -34.40
N MET D 197 -1.91 16.10 -33.25
CA MET D 197 -2.97 17.08 -33.00
C MET D 197 -2.43 18.50 -32.95
N GLY D 198 -1.33 18.71 -32.21
CA GLY D 198 -0.81 20.06 -32.06
C GLY D 198 -0.28 20.64 -33.35
N ILE D 199 0.45 19.84 -34.13
CA ILE D 199 0.98 20.39 -35.37
C ILE D 199 -0.13 20.57 -36.39
N LEU D 200 -1.10 19.65 -36.46
CA LEU D 200 -2.24 19.85 -37.34
C LEU D 200 -3.09 21.06 -36.92
N SER D 201 -3.06 21.42 -35.65
CA SER D 201 -3.68 22.68 -35.23
C SER D 201 -2.81 23.88 -35.60
N THR D 202 -1.49 23.68 -35.66
CA THR D 202 -0.57 24.77 -36.00
C THR D 202 -0.59 25.04 -37.50
N ILE D 203 -0.18 24.05 -38.30
CA ILE D 203 -0.30 24.19 -39.75
C ILE D 203 -1.63 23.62 -40.22
N GLY D 204 -2.19 24.25 -41.25
CA GLY D 204 -3.53 23.95 -41.70
C GLY D 204 -4.51 25.01 -41.25
N THR D 205 -4.36 25.49 -40.02
CA THR D 205 -5.13 26.65 -39.56
C THR D 205 -4.51 27.96 -39.98
N ASN D 206 -3.37 27.93 -40.67
CA ASN D 206 -2.84 29.15 -41.26
C ASN D 206 -3.77 29.62 -42.38
N ALA D 207 -3.76 30.93 -42.61
CA ALA D 207 -4.72 31.52 -43.55
C ALA D 207 -4.56 30.97 -44.95
N SER D 208 -3.42 31.24 -45.59
CA SER D 208 -3.23 30.82 -46.97
C SER D 208 -1.91 30.08 -47.17
N GLN D 209 -0.87 30.51 -46.47
CA GLN D 209 0.48 30.00 -46.73
C GLN D 209 0.80 28.83 -45.80
N GLY D 210 1.54 27.86 -46.35
CA GLY D 210 2.07 26.77 -45.55
C GLY D 210 1.01 25.88 -44.92
N ARG D 211 -0.06 25.55 -45.65
CA ARG D 211 -1.10 24.71 -45.11
C ARG D 211 -0.88 23.25 -45.46
N LEU D 212 -1.13 22.38 -44.49
CA LEU D 212 -1.32 20.96 -44.73
C LEU D 212 -2.78 20.64 -44.48
N HIS D 213 -3.52 20.38 -45.57
CA HIS D 213 -4.97 20.25 -45.49
C HIS D 213 -5.41 18.98 -46.20
N GLN D 214 -6.71 18.68 -46.06
CA GLN D 214 -7.26 17.43 -46.56
C GLN D 214 -7.20 17.29 -48.07
N GLY D 215 -7.06 18.39 -48.80
CA GLY D 215 -6.92 18.33 -50.25
C GLY D 215 -5.51 18.17 -50.75
N ASP D 216 -4.54 18.16 -49.85
CA ASP D 216 -3.14 18.05 -50.25
C ASP D 216 -2.80 16.63 -50.69
N ILE D 217 -1.70 16.51 -51.42
CA ILE D 217 -1.11 15.22 -51.79
C ILE D 217 0.28 15.18 -51.18
N TYR D 218 0.53 14.16 -50.36
CA TYR D 218 1.69 14.12 -49.49
C TYR D 218 2.77 13.20 -50.05
N MET D 219 4.00 13.70 -50.07
CA MET D 219 5.16 12.91 -50.45
C MET D 219 6.34 13.27 -49.56
N PRO D 220 6.74 12.40 -48.65
CA PRO D 220 7.89 12.70 -47.79
C PRO D 220 9.21 12.54 -48.54
N ILE D 221 10.11 13.48 -48.30
CA ILE D 221 11.47 13.38 -48.83
C ILE D 221 12.42 13.40 -47.64
N THR D 222 11.87 13.21 -46.44
CA THR D 222 12.63 13.02 -45.23
C THR D 222 12.58 11.55 -44.84
N PRO D 223 13.72 10.93 -44.54
CA PRO D 223 13.73 9.49 -44.25
C PRO D 223 12.79 9.15 -43.10
N MET D 224 12.09 8.02 -43.24
CA MET D 224 11.09 7.65 -42.25
C MET D 224 11.70 7.10 -40.97
N PHE D 225 13.01 6.85 -40.95
CA PHE D 225 13.68 6.55 -39.69
C PHE D 225 14.11 7.80 -38.94
N HIS D 226 13.93 8.97 -39.53
CA HIS D 226 14.39 10.23 -38.95
C HIS D 226 13.23 10.88 -38.20
N VAL D 227 13.15 10.58 -36.90
CA VAL D 227 12.14 11.12 -36.00
C VAL D 227 10.73 11.03 -36.59
N HIS D 228 10.28 9.80 -36.85
CA HIS D 228 8.94 9.53 -37.39
C HIS D 228 8.72 10.25 -38.72
N ALA D 229 9.78 10.49 -39.48
CA ALA D 229 9.73 11.34 -40.66
C ALA D 229 9.11 12.69 -40.32
N TRP D 230 9.53 13.24 -39.19
CA TRP D 230 9.02 14.49 -38.63
C TRP D 230 7.53 14.39 -38.26
N GLY D 231 7.05 13.18 -38.03
CA GLY D 231 5.68 12.95 -37.61
C GLY D 231 4.63 13.21 -38.67
N LEU D 232 5.04 13.56 -39.88
CA LEU D 232 4.13 13.93 -40.96
C LEU D 232 3.39 12.76 -41.61
N PRO D 233 3.97 11.56 -41.70
CA PRO D 233 3.15 10.43 -42.19
C PRO D 233 1.90 10.18 -41.34
N TYR D 234 2.01 10.30 -40.02
CA TYR D 234 0.84 10.17 -39.16
C TYR D 234 -0.17 11.26 -39.47
N MET D 235 0.31 12.49 -39.68
CA MET D 235 -0.57 13.61 -39.94
C MET D 235 -1.30 13.43 -41.27
N ALA D 236 -0.58 12.96 -42.29
CA ALA D 236 -1.20 12.75 -43.59
C ALA D 236 -2.20 11.61 -43.55
N THR D 237 -1.89 10.56 -42.79
CA THR D 237 -2.85 9.47 -42.64
C THR D 237 -4.11 9.94 -41.92
N MET D 238 -3.94 10.76 -40.85
CA MET D 238 -5.01 11.38 -40.02
C MET D 238 -5.91 12.29 -40.86
N LEU D 239 -5.34 12.91 -41.87
CA LEU D 239 -6.09 13.74 -42.81
C LEU D 239 -6.66 12.95 -43.97
N GLY D 240 -6.27 11.69 -44.11
CA GLY D 240 -6.78 10.87 -45.21
C GLY D 240 -6.40 11.38 -46.58
N VAL D 241 -5.23 12.00 -46.71
CA VAL D 241 -4.81 12.53 -47.99
C VAL D 241 -4.10 11.45 -48.80
N LYS D 242 -3.96 11.70 -50.10
CA LYS D 242 -3.19 10.80 -50.95
C LYS D 242 -1.72 10.88 -50.58
N GLN D 243 -1.12 9.73 -50.28
CA GLN D 243 0.27 9.65 -49.85
C GLN D 243 1.09 8.96 -50.93
N VAL D 244 2.20 9.59 -51.31
CA VAL D 244 3.13 9.05 -52.28
C VAL D 244 4.44 8.79 -51.57
N TYR D 245 4.95 7.57 -51.66
CA TYR D 245 6.20 7.21 -51.02
C TYR D 245 7.25 6.89 -52.08
N PRO D 246 8.37 7.62 -52.12
CA PRO D 246 9.30 7.47 -53.24
C PRO D 246 10.32 6.34 -53.12
N GLY D 247 10.44 5.70 -51.96
CA GLY D 247 11.47 4.70 -51.82
C GLY D 247 12.85 5.34 -51.72
N LYS D 248 13.84 4.75 -52.34
CA LYS D 248 15.18 5.27 -52.28
C LYS D 248 15.23 6.58 -53.03
N TYR D 249 15.77 7.62 -52.42
CA TYR D 249 15.78 8.94 -53.05
C TYR D 249 16.62 9.18 -54.30
N VAL D 250 16.01 9.38 -55.44
CA VAL D 250 16.67 9.74 -56.70
C VAL D 250 16.03 11.02 -57.19
N PRO D 251 16.81 12.07 -57.48
CA PRO D 251 16.19 13.36 -57.86
C PRO D 251 15.26 13.26 -59.06
N ASP D 252 15.64 12.48 -60.07
CA ASP D 252 14.76 12.30 -61.22
C ASP D 252 13.47 11.58 -60.83
N VAL D 253 13.58 10.54 -60.01
CA VAL D 253 12.39 9.82 -59.57
C VAL D 253 11.52 10.71 -58.71
N LEU D 254 12.12 11.50 -57.82
CA LEU D 254 11.35 12.41 -56.98
C LEU D 254 10.61 13.43 -57.82
N LEU D 255 11.29 14.03 -58.80
CA LEU D 255 10.64 15.02 -59.65
C LEU D 255 9.53 14.40 -60.49
N ASN D 256 9.77 13.18 -61.01
CA ASN D 256 8.73 12.51 -61.78
C ASN D 256 7.51 12.20 -60.92
N LEU D 257 7.73 11.79 -59.68
CA LEU D 257 6.61 11.54 -58.77
C LEU D 257 5.86 12.83 -58.45
N ILE D 258 6.60 13.92 -58.25
CA ILE D 258 5.94 15.20 -57.98
C ILE D 258 5.08 15.62 -59.17
N GLU D 259 5.61 15.47 -60.38
CA GLU D 259 4.89 15.90 -61.57
C GLU D 259 3.68 15.02 -61.86
N GLN D 260 3.85 13.70 -61.77
CA GLN D 260 2.81 12.79 -62.24
C GLN D 260 1.78 12.49 -61.16
N GLU D 261 2.16 12.55 -59.89
CA GLU D 261 1.23 12.31 -58.80
C GLU D 261 0.62 13.61 -58.25
N LYS D 262 0.97 14.75 -58.82
CA LYS D 262 0.45 16.05 -58.40
C LYS D 262 0.73 16.31 -56.92
N VAL D 263 1.96 16.02 -56.50
CA VAL D 263 2.34 16.22 -55.11
C VAL D 263 2.30 17.71 -54.76
N THR D 264 1.64 18.03 -53.65
CA THR D 264 1.51 19.41 -53.20
C THR D 264 2.21 19.70 -51.88
N PHE D 265 2.44 18.70 -51.03
CA PHE D 265 3.08 18.90 -49.74
C PHE D 265 4.24 17.92 -49.60
N SER D 266 5.41 18.44 -49.23
CA SER D 266 6.61 17.62 -49.03
C SER D 266 7.44 18.22 -47.93
N HIS D 267 8.46 17.47 -47.49
CA HIS D 267 9.39 17.93 -46.49
C HIS D 267 10.73 17.25 -46.69
N CYS D 268 11.80 18.01 -46.54
CA CYS D 268 13.14 17.50 -46.78
C CYS D 268 14.15 18.44 -46.13
N VAL D 269 15.39 17.97 -46.04
CA VAL D 269 16.52 18.77 -45.57
C VAL D 269 16.90 19.74 -46.68
N PRO D 270 17.61 20.84 -46.38
CA PRO D 270 17.94 21.80 -47.45
C PRO D 270 18.79 21.21 -48.57
N THR D 271 19.64 20.23 -48.27
CA THR D 271 20.46 19.64 -49.32
C THR D 271 19.61 18.92 -50.36
N ILE D 272 18.56 18.23 -49.93
CA ILE D 272 17.69 17.53 -50.87
C ILE D 272 16.94 18.54 -51.74
N LEU D 273 16.48 19.66 -51.14
CA LEU D 273 15.83 20.69 -51.93
C LEU D 273 16.79 21.28 -52.95
N HIS D 274 18.05 21.51 -52.55
CA HIS D 274 19.04 22.02 -53.50
C HIS D 274 19.27 21.05 -54.64
N LEU D 275 19.35 19.75 -54.33
CA LEU D 275 19.53 18.74 -55.37
C LEU D 275 18.33 18.72 -56.32
N LEU D 276 17.11 18.83 -55.77
CA LEU D 276 15.92 18.83 -56.61
C LEU D 276 15.89 20.05 -57.52
N LEU D 277 16.24 21.23 -56.99
CA LEU D 277 16.21 22.44 -57.80
C LEU D 277 17.34 22.48 -58.81
N SER D 278 18.46 21.82 -58.52
CA SER D 278 19.59 21.83 -59.44
C SER D 278 19.50 20.73 -60.51
N SER D 279 18.52 19.84 -60.40
CA SER D 279 18.39 18.78 -61.39
C SER D 279 18.01 19.37 -62.75
N PRO D 280 18.56 18.85 -63.84
CA PRO D 280 18.24 19.43 -65.16
C PRO D 280 16.77 19.37 -65.53
N LYS D 281 16.06 18.30 -65.13
CA LYS D 281 14.67 18.15 -65.53
C LYS D 281 13.72 18.97 -64.67
N SER D 282 14.20 19.60 -63.61
CA SER D 282 13.34 20.44 -62.78
C SER D 282 13.04 21.78 -63.44
N LYS D 283 13.82 22.17 -64.45
CA LYS D 283 13.60 23.47 -65.09
C LYS D 283 12.27 23.50 -65.85
N ALA D 284 11.88 22.40 -66.47
CA ALA D 284 10.64 22.36 -67.23
C ALA D 284 9.44 21.94 -66.38
N MET D 285 9.64 21.69 -65.09
CA MET D 285 8.55 21.25 -64.24
C MET D 285 7.81 22.45 -63.65
N ASP D 286 6.53 22.24 -63.35
CA ASP D 286 5.67 23.27 -62.77
C ASP D 286 5.63 23.07 -61.27
N PHE D 287 6.21 24.00 -60.53
CA PHE D 287 6.30 23.91 -59.07
C PHE D 287 5.32 24.83 -58.36
N SER D 288 4.33 25.39 -59.06
CA SER D 288 3.44 26.37 -58.46
C SER D 288 2.62 25.79 -57.30
N GLY D 289 2.10 24.58 -57.44
CA GLY D 289 1.27 23.99 -56.42
C GLY D 289 1.99 23.17 -55.37
N TRP D 290 3.32 23.20 -55.35
CA TRP D 290 4.12 22.37 -54.46
C TRP D 290 4.55 23.16 -53.23
N LYS D 291 4.24 22.63 -52.05
CA LYS D 291 4.68 23.20 -50.79
C LYS D 291 5.69 22.26 -50.14
N VAL D 292 6.84 22.82 -49.74
CA VAL D 292 7.87 22.06 -49.07
C VAL D 292 8.29 22.79 -47.81
N VAL D 293 8.41 22.06 -46.72
CA VAL D 293 8.90 22.60 -45.45
C VAL D 293 10.29 22.03 -45.18
N ILE D 294 11.24 22.91 -44.90
CA ILE D 294 12.64 22.55 -44.80
C ILE D 294 13.02 22.50 -43.32
N GLY D 295 13.50 21.35 -42.86
CA GLY D 295 13.94 21.19 -41.49
C GLY D 295 15.25 20.43 -41.43
N GLY D 296 15.68 20.13 -40.20
CA GLY D 296 16.91 19.42 -39.97
C GLY D 296 18.17 20.25 -40.04
N ALA D 297 18.17 21.34 -40.81
CA ALA D 297 19.32 22.22 -40.91
C ALA D 297 18.83 23.60 -41.31
N ALA D 298 19.70 24.60 -41.10
CA ALA D 298 19.36 25.96 -41.45
C ALA D 298 19.14 26.10 -42.95
N LEU D 299 18.04 26.73 -43.32
CA LEU D 299 17.73 26.93 -44.73
C LEU D 299 18.46 28.16 -45.24
N PRO D 300 19.37 28.03 -46.21
CA PRO D 300 20.06 29.21 -46.73
C PRO D 300 19.08 30.18 -47.39
N LYS D 301 19.36 31.47 -47.23
CA LYS D 301 18.50 32.49 -47.84
C LYS D 301 18.54 32.41 -49.36
N ALA D 302 19.72 32.11 -49.93
CA ALA D 302 19.83 31.99 -51.38
C ALA D 302 19.00 30.81 -51.89
N LEU D 303 19.04 29.67 -51.20
CA LEU D 303 18.25 28.52 -51.62
C LEU D 303 16.76 28.81 -51.51
N CYS D 304 16.35 29.48 -50.43
CA CYS D 304 14.95 29.85 -50.26
C CYS D 304 14.49 30.80 -51.37
N LYS D 305 15.34 31.77 -51.72
CA LYS D 305 15.01 32.69 -52.79
C LYS D 305 14.90 31.97 -54.13
N SER D 306 15.81 31.05 -54.39
CA SER D 306 15.75 30.27 -55.62
C SER D 306 14.48 29.43 -55.69
N ALA D 307 14.09 28.82 -54.56
CA ALA D 307 12.84 28.05 -54.53
C ALA D 307 11.64 28.95 -54.73
N LEU D 308 11.64 30.14 -54.13
CA LEU D 308 10.53 31.07 -54.29
C LEU D 308 10.40 31.54 -55.73
N GLU D 309 11.54 31.75 -56.41
CA GLU D 309 11.51 32.11 -57.82
C GLU D 309 10.91 31.03 -58.69
N ARG D 310 10.80 29.80 -58.20
CA ARG D 310 10.11 28.72 -58.88
C ARG D 310 8.67 28.56 -58.41
N ASP D 311 8.14 29.55 -57.70
CA ASP D 311 6.78 29.53 -57.16
C ASP D 311 6.57 28.40 -56.15
N ILE D 312 7.62 28.03 -55.42
CA ILE D 312 7.49 27.02 -54.38
C ILE D 312 7.16 27.68 -53.06
N ASP D 313 6.12 27.19 -52.38
CA ASP D 313 5.79 27.66 -51.04
C ASP D 313 6.74 26.97 -50.07
N VAL D 314 7.94 27.54 -49.95
CA VAL D 314 9.00 26.99 -49.12
C VAL D 314 9.06 27.74 -47.81
N PHE D 315 9.09 27.01 -46.70
CA PHE D 315 9.20 27.60 -45.38
C PHE D 315 9.95 26.63 -44.48
N ALA D 316 10.52 27.15 -43.41
CA ALA D 316 11.40 26.36 -42.57
C ALA D 316 10.70 25.86 -41.32
N GLY D 317 11.27 24.82 -40.73
CA GLY D 317 10.79 24.27 -39.48
C GLY D 317 11.98 23.81 -38.66
N TYR D 318 11.72 23.50 -37.39
CA TYR D 318 12.80 23.17 -36.48
C TYR D 318 12.36 22.06 -35.53
N GLY D 319 13.29 21.17 -35.22
CA GLY D 319 13.05 20.12 -34.25
C GLY D 319 14.28 19.26 -34.10
N MET D 320 14.18 18.27 -33.22
CA MET D 320 15.26 17.31 -33.03
C MET D 320 14.64 15.98 -32.62
N SER D 321 15.48 14.94 -32.64
CA SER D 321 15.06 13.58 -32.32
C SER D 321 14.42 13.51 -30.94
N GLU D 322 14.85 14.37 -30.02
CA GLU D 322 14.33 14.35 -28.66
C GLU D 322 12.98 15.04 -28.51
N THR D 323 12.54 15.83 -29.49
CA THR D 323 11.44 16.77 -29.28
C THR D 323 10.24 16.51 -30.18
N GLY D 324 10.11 15.31 -30.74
CA GLY D 324 8.86 14.97 -31.40
C GLY D 324 8.88 14.68 -32.90
N PRO D 325 9.58 15.47 -33.72
CA PRO D 325 10.55 16.55 -33.46
C PRO D 325 10.00 17.97 -33.44
N ILE D 326 8.84 18.24 -34.06
CA ILE D 326 8.48 19.60 -34.43
C ILE D 326 8.33 20.46 -33.19
N LEU D 327 9.08 21.57 -33.15
CA LEU D 327 8.99 22.58 -32.11
C LEU D 327 8.57 23.93 -32.63
N SER D 328 8.98 24.28 -33.85
CA SER D 328 8.64 25.57 -34.43
C SER D 328 8.53 25.44 -35.94
N ILE D 329 7.59 26.17 -36.52
CA ILE D 329 7.36 26.18 -37.97
C ILE D 329 7.19 27.64 -38.39
N VAL D 330 7.75 27.98 -39.56
CA VAL D 330 7.61 29.32 -40.10
C VAL D 330 6.19 29.50 -40.63
N GLN D 331 5.44 30.41 -40.02
CA GLN D 331 4.10 30.76 -40.47
C GLN D 331 4.06 32.26 -40.74
N LEU D 332 3.65 32.63 -41.94
CA LEU D 332 3.71 34.01 -42.39
C LEU D 332 2.32 34.66 -42.31
N THR D 333 2.28 35.86 -41.73
CA THR D 333 1.06 36.64 -41.71
C THR D 333 0.76 37.15 -43.12
N PRO D 334 -0.51 37.49 -43.40
CA PRO D 334 -0.83 38.02 -44.74
C PRO D 334 -0.06 39.28 -45.10
N GLU D 335 0.31 40.10 -44.11
CA GLU D 335 1.16 41.25 -44.41
C GLU D 335 2.53 40.81 -44.90
N GLN D 336 3.10 39.77 -44.29
CA GLN D 336 4.41 39.27 -44.72
C GLN D 336 4.36 38.59 -46.08
N LEU D 337 3.20 38.06 -46.48
CA LEU D 337 3.06 37.46 -47.80
C LEU D 337 3.04 38.49 -48.91
N GLU D 338 2.82 39.76 -48.58
CA GLU D 338 2.82 40.82 -49.58
C GLU D 338 4.21 41.41 -49.82
N LEU D 339 5.21 40.97 -49.06
CA LEU D 339 6.55 41.50 -49.21
C LEU D 339 7.21 40.98 -50.48
N ASP D 340 8.32 41.60 -50.84
CA ASP D 340 9.08 41.20 -52.01
C ASP D 340 9.72 39.83 -51.79
N VAL D 341 10.38 39.34 -52.85
CA VAL D 341 10.97 38.01 -52.80
C VAL D 341 12.10 37.93 -51.77
N ASP D 342 12.93 38.98 -51.67
CA ASP D 342 14.05 38.94 -50.74
C ASP D 342 13.57 38.94 -49.29
N GLN D 343 12.61 39.80 -48.95
CA GLN D 343 12.10 39.83 -47.59
C GLN D 343 11.36 38.54 -47.25
N GLN D 344 10.60 38.01 -48.21
CA GLN D 344 9.93 36.73 -47.98
C GLN D 344 10.92 35.61 -47.76
N ALA D 345 12.03 35.61 -48.51
CA ALA D 345 13.07 34.62 -48.28
C ALA D 345 13.72 34.78 -46.91
N GLU D 346 13.92 36.03 -46.48
CA GLU D 346 14.46 36.28 -45.15
C GLU D 346 13.54 35.74 -44.06
N TYR D 347 12.24 35.95 -44.22
CA TYR D 347 11.29 35.48 -43.20
C TYR D 347 11.13 33.97 -43.24
N ARG D 348 11.12 33.37 -44.43
CA ARG D 348 10.90 31.94 -44.56
C ARG D 348 12.11 31.12 -44.12
N SER D 349 13.29 31.73 -44.08
CA SER D 349 14.51 31.04 -43.67
C SER D 349 14.73 31.07 -42.16
N LYS D 350 13.82 31.69 -41.41
CA LYS D 350 13.95 31.74 -39.96
C LYS D 350 13.73 30.35 -39.38
N THR D 351 14.18 30.18 -38.13
CA THR D 351 13.91 28.94 -37.41
C THR D 351 12.42 28.71 -37.20
N GLY D 352 11.65 29.78 -37.04
CA GLY D 352 10.20 29.69 -37.00
C GLY D 352 9.64 30.05 -35.64
N LYS D 353 8.32 30.25 -35.62
CA LYS D 353 7.59 30.49 -34.39
C LYS D 353 7.21 29.17 -33.75
N LYS D 354 7.24 29.13 -32.43
CA LYS D 354 6.95 27.89 -31.71
C LYS D 354 5.53 27.41 -32.02
N VAL D 355 5.40 26.09 -32.18
CA VAL D 355 4.12 25.48 -32.55
C VAL D 355 3.23 25.38 -31.32
N ALA D 356 1.98 24.99 -31.54
CA ALA D 356 1.00 24.90 -30.46
C ALA D 356 1.48 24.01 -29.33
N LEU D 357 1.20 24.43 -28.09
CA LEU D 357 1.49 23.72 -26.85
C LEU D 357 2.98 23.63 -26.55
N VAL D 358 3.81 24.47 -27.15
CA VAL D 358 5.25 24.41 -26.93
C VAL D 358 5.70 25.68 -26.23
N GLU D 359 6.43 25.53 -25.13
CA GLU D 359 7.05 26.63 -24.42
C GLU D 359 8.51 26.72 -24.82
N ALA D 360 8.90 27.83 -25.46
CA ALA D 360 10.25 28.00 -25.95
C ALA D 360 10.88 29.22 -25.30
N TYR D 361 12.03 29.02 -24.67
CA TYR D 361 12.78 30.09 -24.03
C TYR D 361 14.25 30.00 -24.43
N ILE D 362 14.91 31.15 -24.47
CA ILE D 362 16.35 31.22 -24.64
C ILE D 362 16.97 31.61 -23.31
N VAL D 363 17.90 30.78 -22.82
CA VAL D 363 18.47 30.95 -21.50
C VAL D 363 19.98 30.91 -21.58
N ASP D 364 20.63 31.40 -20.52
CA ASP D 364 22.07 31.37 -20.42
C ASP D 364 22.51 30.07 -19.74
N GLU D 365 23.78 30.02 -19.35
CA GLU D 365 24.30 28.83 -18.68
C GLU D 365 23.63 28.60 -17.33
N ASP D 366 23.08 29.66 -16.73
CA ASP D 366 22.39 29.55 -15.45
C ASP D 366 20.87 29.49 -15.59
N MET D 367 20.37 29.38 -16.82
CA MET D 367 18.93 29.29 -17.08
C MET D 367 18.18 30.51 -16.56
N ASN D 368 18.52 31.68 -17.10
CA ASN D 368 17.93 32.94 -16.61
C ASN D 368 16.90 33.53 -17.58
N LYS D 369 16.54 32.82 -18.65
CA LYS D 369 15.49 33.27 -19.56
C LYS D 369 15.79 34.64 -20.16
N LEU D 370 16.84 34.72 -20.98
CA LEU D 370 17.26 35.94 -21.64
C LEU D 370 16.10 36.62 -22.35
N PRO D 371 16.13 37.95 -22.46
CA PRO D 371 15.01 38.66 -23.09
C PRO D 371 14.92 38.35 -24.58
N HIS D 372 13.70 38.46 -25.10
CA HIS D 372 13.43 38.13 -26.51
C HIS D 372 13.69 39.34 -27.41
N ASP D 373 14.97 39.65 -27.57
CA ASP D 373 15.40 40.61 -28.58
C ASP D 373 15.94 39.87 -29.80
N GLY D 374 16.08 40.60 -30.90
CA GLY D 374 16.55 40.01 -32.14
C GLY D 374 18.05 39.84 -32.20
N GLU D 375 18.74 40.09 -31.10
CA GLU D 375 20.20 40.02 -31.07
C GLU D 375 20.71 39.19 -29.90
N THR D 376 19.93 39.11 -28.82
CA THR D 376 20.38 38.38 -27.64
C THR D 376 20.22 36.88 -27.86
N ALA D 377 21.32 36.16 -27.85
CA ALA D 377 21.35 34.74 -28.17
C ALA D 377 21.55 33.91 -26.91
N GLY D 378 20.80 32.82 -26.81
CA GLY D 378 20.91 31.89 -25.71
C GLY D 378 20.48 30.50 -26.15
N GLU D 379 20.64 29.54 -25.24
CA GLU D 379 20.27 28.17 -25.55
C GLU D 379 18.75 27.99 -25.49
N ILE D 380 18.20 27.32 -26.50
CA ILE D 380 16.77 27.06 -26.52
C ILE D 380 16.46 25.93 -25.54
N VAL D 381 15.54 26.19 -24.63
CA VAL D 381 15.01 25.17 -23.73
C VAL D 381 13.49 25.11 -23.94
N VAL D 382 12.95 23.90 -24.00
CA VAL D 382 11.57 23.71 -24.45
C VAL D 382 10.81 22.82 -23.47
N ARG D 383 9.51 23.07 -23.39
CA ARG D 383 8.55 22.16 -22.79
C ARG D 383 7.44 21.92 -23.80
N ALA D 384 7.07 20.66 -23.99
CA ALA D 384 6.08 20.30 -25.00
C ALA D 384 5.48 18.96 -24.62
N PRO D 385 4.27 18.65 -25.12
CA PRO D 385 3.66 17.35 -24.80
C PRO D 385 4.34 16.17 -25.45
N TRP D 386 5.31 16.39 -26.34
CA TRP D 386 5.90 15.32 -27.13
C TRP D 386 7.41 15.34 -27.02
N LEU D 387 7.92 15.52 -25.80
CA LEU D 387 9.35 15.48 -25.53
C LEU D 387 9.71 14.15 -24.88
N THR D 388 10.87 13.62 -25.24
CA THR D 388 11.33 12.40 -24.61
C THR D 388 11.68 12.69 -23.15
N PRO D 389 11.21 11.87 -22.21
CA PRO D 389 11.51 12.15 -20.80
C PRO D 389 12.98 11.95 -20.45
N ASN D 390 13.67 11.07 -21.16
CA ASN D 390 15.07 10.77 -20.88
C ASN D 390 15.63 9.99 -22.05
N TYR D 391 16.93 9.71 -21.98
CA TYR D 391 17.56 8.81 -22.93
C TYR D 391 17.42 7.38 -22.43
N TYR D 392 17.16 6.46 -23.36
CA TYR D 392 16.87 5.09 -22.98
C TYR D 392 18.09 4.44 -22.32
N LYS D 393 17.86 3.86 -21.14
CA LYS D 393 18.91 3.18 -20.37
C LYS D 393 20.12 4.09 -20.14
N ASP D 394 19.86 5.36 -19.87
CA ASP D 394 20.91 6.34 -19.57
C ASP D 394 20.45 7.23 -18.43
N ASN D 395 21.39 7.66 -17.61
CA ASN D 395 21.06 8.48 -16.44
C ASN D 395 21.70 9.86 -16.47
N LYS D 396 23.02 9.94 -16.67
CA LYS D 396 23.69 11.24 -16.59
C LYS D 396 23.38 12.12 -17.79
N ASN D 397 23.40 11.55 -19.00
CA ASN D 397 23.00 12.31 -20.17
C ASN D 397 21.51 12.67 -20.10
N SER D 398 20.70 11.77 -19.55
CA SER D 398 19.28 12.10 -19.34
C SER D 398 19.13 13.25 -18.36
N LYS D 399 19.92 13.25 -17.29
CA LYS D 399 19.86 14.34 -16.32
C LYS D 399 20.30 15.66 -16.96
N ALA D 400 21.34 15.62 -17.79
CA ALA D 400 21.79 16.83 -18.46
C ALA D 400 20.78 17.32 -19.49
N LEU D 401 20.03 16.39 -20.09
CA LEU D 401 19.03 16.77 -21.09
C LEU D 401 17.92 17.61 -20.49
N TRP D 402 17.45 17.23 -19.30
CA TRP D 402 16.35 17.89 -18.63
C TRP D 402 16.80 18.75 -17.45
N ARG D 403 18.01 19.30 -17.52
CA ARG D 403 18.52 20.15 -16.45
C ARG D 403 17.67 21.40 -16.31
N GLY D 404 17.34 21.74 -15.06
CA GLY D 404 16.57 22.94 -14.79
C GLY D 404 15.09 22.84 -15.06
N GLY D 405 14.57 21.64 -15.30
CA GLY D 405 13.15 21.48 -15.56
C GLY D 405 12.74 21.75 -16.99
N TYR D 406 13.69 21.93 -17.90
CA TYR D 406 13.41 22.15 -19.30
C TYR D 406 14.32 21.25 -20.14
N LEU D 407 13.81 20.83 -21.29
CA LEU D 407 14.62 20.05 -22.21
C LEU D 407 15.62 20.96 -22.90
N HIS D 408 16.90 20.60 -22.84
CA HIS D 408 17.96 21.43 -23.40
C HIS D 408 18.22 21.00 -24.83
N THR D 409 17.91 21.88 -25.78
CA THR D 409 18.08 21.56 -27.20
C THR D 409 19.54 21.58 -27.64
N GLY D 410 20.40 22.32 -26.94
CA GLY D 410 21.76 22.48 -27.39
C GLY D 410 21.95 23.46 -28.52
N ASP D 411 20.91 24.19 -28.89
CA ASP D 411 20.97 25.16 -29.97
C ASP D 411 20.93 26.57 -29.40
N VAL D 412 21.82 27.43 -29.91
CA VAL D 412 21.88 28.83 -29.51
C VAL D 412 21.12 29.65 -30.54
N ALA D 413 20.17 30.47 -30.06
CA ALA D 413 19.29 31.22 -30.94
C ALA D 413 18.85 32.51 -30.28
N HIS D 414 18.39 33.43 -31.10
CA HIS D 414 17.74 34.64 -30.65
C HIS D 414 16.31 34.69 -31.17
N ILE D 415 15.40 35.11 -30.30
CA ILE D 415 13.98 35.20 -30.62
C ILE D 415 13.59 36.67 -30.62
N ASP D 416 13.08 37.15 -31.75
CA ASP D 416 12.73 38.56 -31.84
C ASP D 416 11.43 38.85 -31.10
N ASP D 417 11.00 40.12 -31.17
CA ASP D 417 9.82 40.55 -30.42
C ASP D 417 8.55 39.84 -30.89
N GLU D 418 8.42 39.59 -32.20
CA GLU D 418 7.21 38.99 -32.71
C GLU D 418 7.21 37.46 -32.61
N GLY D 419 8.29 36.87 -32.11
CA GLY D 419 8.32 35.44 -31.85
C GLY D 419 9.09 34.58 -32.82
N PHE D 420 9.76 35.18 -33.80
CA PHE D 420 10.56 34.39 -34.74
C PHE D 420 11.87 33.96 -34.10
N ILE D 421 12.09 32.65 -34.04
CA ILE D 421 13.37 32.14 -33.57
C ILE D 421 14.36 32.12 -34.72
N LYS D 422 15.65 32.32 -34.40
CA LYS D 422 16.71 32.26 -35.41
C LYS D 422 17.92 31.60 -34.77
N ILE D 423 18.18 30.34 -35.15
CA ILE D 423 19.30 29.60 -34.59
C ILE D 423 20.61 30.15 -35.13
N THR D 424 21.55 30.44 -34.23
CA THR D 424 22.87 30.91 -34.61
C THR D 424 23.87 29.77 -34.77
N ASP D 425 24.03 28.93 -33.75
CA ASP D 425 24.90 27.76 -33.82
C ASP D 425 24.58 26.84 -32.66
N ARG D 426 25.41 25.82 -32.46
CA ARG D 426 25.24 24.89 -31.35
C ARG D 426 25.89 25.43 -30.09
N VAL D 427 25.51 24.85 -28.95
CA VAL D 427 26.13 25.25 -27.68
C VAL D 427 27.58 24.82 -27.65
N LYS D 428 27.87 23.59 -28.08
CA LYS D 428 29.23 23.09 -28.11
C LYS D 428 30.13 23.87 -29.05
N ASP D 429 29.56 24.60 -30.00
CA ASP D 429 30.32 25.38 -30.96
C ASP D 429 30.53 26.83 -30.54
N MET D 430 30.12 27.19 -29.33
CA MET D 430 30.27 28.56 -28.84
C MET D 430 31.75 28.90 -28.69
N ILE D 431 32.14 30.07 -29.18
CA ILE D 431 33.51 30.57 -29.03
C ILE D 431 33.52 31.51 -27.82
N LYS D 432 34.24 31.12 -26.78
CA LYS D 432 34.27 31.88 -25.53
C LYS D 432 35.41 32.90 -25.54
N ILE D 433 35.20 33.98 -26.29
CA ILE D 433 36.14 35.10 -26.32
C ILE D 433 35.81 36.02 -25.15
N SER D 434 36.40 35.74 -23.98
CA SER D 434 36.12 36.46 -22.73
C SER D 434 34.61 36.40 -22.50
N GLY D 435 33.95 37.50 -22.16
CA GLY D 435 32.51 37.50 -21.97
C GLY D 435 31.70 37.65 -23.23
N GLU D 436 32.35 37.85 -24.39
CA GLU D 436 31.66 38.04 -25.66
C GLU D 436 31.70 36.76 -26.47
N TRP D 437 30.69 35.92 -26.23
CA TRP D 437 30.56 34.67 -26.98
C TRP D 437 30.07 34.97 -28.39
N VAL D 438 30.71 34.38 -29.39
CA VAL D 438 30.35 34.57 -30.79
C VAL D 438 30.10 33.22 -31.42
N SER D 439 29.19 33.20 -32.39
CA SER D 439 28.83 31.96 -33.06
C SER D 439 29.84 31.60 -34.14
N SER D 440 30.17 30.31 -34.22
CA SER D 440 31.09 29.85 -35.25
C SER D 440 30.44 29.88 -36.63
N LEU D 441 29.12 29.68 -36.69
CA LEU D 441 28.45 29.59 -37.98
C LEU D 441 28.43 30.93 -38.71
N GLU D 442 28.35 32.05 -37.99
CA GLU D 442 28.41 33.34 -38.67
C GLU D 442 29.77 33.57 -39.32
N LEU D 443 30.86 33.19 -38.66
CA LEU D 443 32.18 33.31 -39.26
C LEU D 443 32.36 32.33 -40.41
N GLU D 444 31.80 31.12 -40.28
CA GLU D 444 31.85 30.17 -41.38
C GLU D 444 31.12 30.70 -42.60
N ASP D 445 29.94 31.31 -42.40
CA ASP D 445 29.21 31.94 -43.48
C ASP D 445 29.95 33.12 -44.09
N ILE D 446 30.62 33.93 -43.26
CA ILE D 446 31.41 35.04 -43.79
C ILE D 446 32.53 34.54 -44.67
N LEU D 447 33.23 33.50 -44.22
CA LEU D 447 34.36 32.96 -44.99
C LEU D 447 33.88 32.12 -46.17
N HIS D 448 32.62 31.70 -46.16
CA HIS D 448 32.08 30.88 -47.25
C HIS D 448 31.81 31.67 -48.51
N GLN D 449 31.92 32.99 -48.48
CA GLN D 449 31.72 33.82 -49.66
C GLN D 449 33.00 34.15 -50.40
N HIS D 450 34.12 33.51 -50.03
CA HIS D 450 35.39 33.79 -50.67
C HIS D 450 35.37 33.31 -52.12
N GLN D 451 36.32 33.84 -52.91
CA GLN D 451 36.37 33.52 -54.33
C GLN D 451 36.62 32.04 -54.58
N SER D 452 37.53 31.43 -53.80
CA SER D 452 37.92 30.04 -54.04
C SER D 452 37.66 29.14 -52.84
N VAL D 453 36.78 29.54 -51.92
CA VAL D 453 36.51 28.71 -50.75
C VAL D 453 35.55 27.58 -51.13
N SER D 454 35.69 26.44 -50.45
CA SER D 454 34.81 25.30 -50.65
C SER D 454 34.06 24.91 -49.39
N GLU D 455 34.75 24.81 -48.25
CA GLU D 455 34.11 24.45 -47.00
C GLU D 455 34.84 25.14 -45.85
N VAL D 456 34.06 25.67 -44.90
CA VAL D 456 34.59 26.39 -43.76
C VAL D 456 34.11 25.70 -42.48
N ALA D 457 35.02 25.53 -41.53
CA ALA D 457 34.70 24.92 -40.24
C ALA D 457 35.51 25.64 -39.17
N VAL D 458 34.89 26.62 -38.51
CA VAL D 458 35.55 27.37 -37.45
C VAL D 458 35.47 26.56 -36.16
N ILE D 459 36.64 26.26 -35.57
CA ILE D 459 36.68 25.43 -34.37
C ILE D 459 36.79 26.27 -33.11
N GLY D 460 37.87 27.04 -32.99
CA GLY D 460 38.16 27.75 -31.76
C GLY D 460 38.99 26.93 -30.81
N MET D 461 40.17 27.42 -30.45
CA MET D 461 41.08 26.72 -29.54
C MET D 461 41.49 27.66 -28.42
N PRO D 462 41.88 27.12 -27.27
CA PRO D 462 42.10 27.98 -26.09
C PRO D 462 43.19 29.02 -26.33
N HIS D 463 42.97 30.20 -25.75
CA HIS D 463 43.89 31.32 -25.83
C HIS D 463 44.16 31.85 -24.44
N ASN D 464 45.40 32.29 -24.20
CA ASN D 464 45.77 32.75 -22.86
C ASN D 464 45.02 34.00 -22.45
N LYS D 465 44.85 34.96 -23.36
CA LYS D 465 44.24 36.23 -23.00
C LYS D 465 42.71 36.18 -23.08
N TRP D 466 42.17 35.77 -24.22
CA TRP D 466 40.74 35.82 -24.46
C TRP D 466 40.02 34.51 -24.16
N GLY D 467 40.73 33.52 -23.63
CA GLY D 467 40.10 32.23 -23.36
C GLY D 467 39.93 31.35 -24.59
N GLU D 468 39.25 31.87 -25.62
CA GLU D 468 39.08 31.17 -26.88
C GLU D 468 39.21 32.17 -28.02
N VAL D 469 39.80 31.71 -29.12
CA VAL D 469 39.90 32.53 -30.33
C VAL D 469 39.46 31.67 -31.52
N PRO D 470 38.72 32.23 -32.48
CA PRO D 470 38.08 31.42 -33.54
C PRO D 470 39.04 30.95 -34.62
N LEU D 471 39.70 29.82 -34.36
CA LEU D 471 40.49 29.16 -35.39
C LEU D 471 39.56 28.66 -36.50
N ALA D 472 39.92 28.93 -37.75
CA ALA D 472 39.09 28.59 -38.88
C ALA D 472 39.81 27.64 -39.81
N LEU D 473 39.10 26.61 -40.27
CA LEU D 473 39.61 25.68 -41.27
C LEU D 473 38.89 25.93 -42.60
N VAL D 474 39.66 26.06 -43.66
CA VAL D 474 39.13 26.38 -44.99
C VAL D 474 39.65 25.38 -46.01
N THR D 475 38.72 24.79 -46.76
CA THR D 475 39.04 23.98 -47.92
C THR D 475 38.82 24.80 -49.18
N LEU D 476 39.66 24.56 -50.19
CA LEU D 476 39.75 25.41 -51.35
C LEU D 476 39.52 24.61 -52.62
N LYS D 477 39.21 25.34 -53.70
CA LYS D 477 39.06 24.73 -55.01
C LYS D 477 40.39 24.16 -55.49
N GLU D 478 40.31 23.08 -56.28
CA GLU D 478 41.51 22.40 -56.74
C GLU D 478 42.40 23.34 -57.54
N ASP D 479 43.69 23.35 -57.19
CA ASP D 479 44.74 24.10 -57.88
C ASP D 479 44.58 25.62 -57.73
N ALA D 480 43.49 26.06 -57.12
CA ALA D 480 43.26 27.48 -56.85
C ALA D 480 43.60 27.79 -55.38
N GLN D 481 44.89 27.64 -55.06
CA GLN D 481 45.33 27.77 -53.68
C GLN D 481 45.22 29.23 -53.21
N VAL D 482 44.78 29.38 -51.97
CA VAL D 482 44.65 30.68 -51.32
C VAL D 482 45.36 30.60 -49.96
N THR D 483 46.20 31.58 -49.68
CA THR D 483 46.99 31.61 -48.45
C THR D 483 46.16 32.13 -47.28
N GLU D 484 46.73 31.99 -46.08
CA GLU D 484 46.05 32.43 -44.87
C GLU D 484 45.82 33.94 -44.87
N LYS D 485 46.81 34.71 -45.31
CA LYS D 485 46.70 36.16 -45.28
C LYS D 485 45.61 36.67 -46.20
N GLU D 486 45.45 36.07 -47.38
CA GLU D 486 44.36 36.46 -48.28
C GLU D 486 43.00 36.20 -47.66
N LEU D 487 42.83 35.04 -47.01
CA LEU D 487 41.56 34.75 -46.33
C LEU D 487 41.31 35.71 -45.19
N LEU D 488 42.36 36.06 -44.44
CA LEU D 488 42.20 37.04 -43.37
C LEU D 488 41.78 38.40 -43.92
N GLY D 489 42.40 38.81 -45.03
CA GLY D 489 42.01 40.07 -45.65
C GLY D 489 40.58 40.06 -46.14
N PHE D 490 40.15 38.95 -46.74
CA PHE D 490 38.76 38.83 -47.19
C PHE D 490 37.79 38.87 -46.02
N ALA D 491 38.14 38.19 -44.93
CA ALA D 491 37.25 38.14 -43.77
C ALA D 491 37.14 39.49 -43.07
N LYS D 492 38.15 40.34 -43.22
CA LYS D 492 38.14 41.64 -42.58
C LYS D 492 37.11 42.57 -43.25
N ASP D 493 36.85 43.68 -42.58
CA ASP D 493 35.97 44.75 -43.05
C ASP D 493 34.51 44.32 -43.17
N PHE D 494 34.13 43.19 -42.60
CA PHE D 494 32.74 42.76 -42.61
C PHE D 494 31.99 43.40 -41.45
N ILE D 495 30.66 43.25 -41.50
CA ILE D 495 29.79 43.86 -40.50
C ILE D 495 29.98 43.17 -39.15
N ASN D 496 30.20 43.97 -38.10
CA ASN D 496 30.34 43.51 -36.73
C ASN D 496 31.60 42.66 -36.52
N LYS D 497 32.07 42.59 -35.28
CA LYS D 497 33.26 41.82 -34.95
C LYS D 497 33.34 41.66 -33.44
N GLY D 498 34.34 40.91 -33.00
CA GLY D 498 34.52 40.61 -31.58
C GLY D 498 35.74 41.29 -30.99
N ILE D 499 35.52 42.03 -29.91
CA ILE D 499 36.53 42.55 -28.99
C ILE D 499 37.61 43.41 -29.66
N LEU D 500 38.08 43.01 -30.84
CA LEU D 500 39.24 43.68 -31.44
C LEU D 500 39.00 43.86 -32.94
N ALA D 501 38.85 45.11 -33.37
CA ALA D 501 38.82 45.49 -34.78
C ALA D 501 37.89 44.60 -35.60
N ARG D 502 38.47 43.68 -36.38
CA ARG D 502 37.73 42.73 -37.19
C ARG D 502 38.24 41.32 -36.94
N GLU D 503 38.82 41.09 -35.76
CA GLU D 503 39.31 39.79 -35.30
C GLU D 503 40.37 39.19 -36.23
N ALA D 504 41.16 40.03 -36.91
CA ALA D 504 42.22 39.52 -37.76
C ALA D 504 43.36 38.91 -36.95
N LEU D 505 43.56 39.36 -35.72
CA LEU D 505 44.64 38.84 -34.89
C LEU D 505 44.28 37.52 -34.22
N LEU D 506 43.02 37.10 -34.32
CA LEU D 506 42.55 35.90 -33.63
C LEU D 506 42.03 34.82 -34.57
N LEU D 507 41.67 35.19 -35.80
CA LEU D 507 41.06 34.22 -36.72
C LEU D 507 42.01 33.09 -37.08
N LYS D 508 43.29 33.42 -37.34
CA LYS D 508 44.34 32.46 -37.65
C LYS D 508 43.88 31.30 -38.54
N VAL D 509 43.37 31.64 -39.74
CA VAL D 509 42.83 30.62 -40.63
C VAL D 509 43.93 29.65 -41.05
N LYS D 510 43.57 28.38 -41.13
CA LYS D 510 44.48 27.32 -41.58
C LYS D 510 43.82 26.55 -42.71
N ILE D 511 44.56 26.32 -43.79
CA ILE D 511 44.05 25.55 -44.92
C ILE D 511 44.24 24.07 -44.61
N VAL D 512 43.15 23.30 -44.68
CA VAL D 512 43.16 21.89 -44.33
C VAL D 512 42.67 21.09 -45.53
N ASP D 513 43.30 19.93 -45.74
CA ASP D 513 42.97 19.08 -46.88
C ASP D 513 41.51 18.63 -46.83
N GLU D 514 41.05 18.21 -45.66
CA GLU D 514 39.67 17.73 -45.52
C GLU D 514 39.17 18.02 -44.12
N ILE D 515 37.85 18.10 -43.99
CA ILE D 515 37.19 18.34 -42.71
C ILE D 515 36.52 17.04 -42.28
N ALA D 516 36.76 16.63 -41.04
CA ALA D 516 36.17 15.40 -40.53
C ALA D 516 34.65 15.56 -40.41
N LYS D 517 33.93 14.52 -40.80
CA LYS D 517 32.47 14.52 -40.77
C LYS D 517 31.96 13.23 -40.14
N THR D 518 30.81 13.32 -39.49
CA THR D 518 30.20 12.14 -38.88
C THR D 518 29.60 11.24 -39.95
N SER D 519 29.05 10.11 -39.49
CA SER D 519 28.40 9.19 -40.42
C SER D 519 27.17 9.81 -41.06
N VAL D 520 26.46 10.68 -40.33
CA VAL D 520 25.32 11.37 -40.89
C VAL D 520 25.74 12.34 -41.99
N GLY D 521 26.86 13.05 -41.81
CA GLY D 521 27.33 14.00 -42.79
C GLY D 521 27.67 15.36 -42.21
N LYS D 522 27.25 15.66 -40.99
CA LYS D 522 27.58 16.93 -40.36
C LYS D 522 29.05 16.98 -39.99
N VAL D 523 29.57 18.21 -39.84
CA VAL D 523 30.97 18.38 -39.49
C VAL D 523 31.20 17.91 -38.06
N ASP D 524 32.19 17.04 -37.88
CA ASP D 524 32.54 16.52 -36.56
C ASP D 524 33.63 17.39 -35.97
N LYS D 525 33.22 18.45 -35.27
CA LYS D 525 34.19 19.36 -34.67
C LYS D 525 34.95 18.74 -33.51
N LYS D 526 34.40 17.69 -32.88
CA LYS D 526 35.15 16.97 -31.86
C LYS D 526 36.40 16.33 -32.42
N GLU D 527 36.30 15.70 -33.59
CA GLU D 527 37.49 15.14 -34.23
C GLU D 527 38.43 16.25 -34.69
N LEU D 528 37.87 17.36 -35.18
CA LEU D 528 38.71 18.48 -35.60
C LEU D 528 39.50 19.06 -34.44
N ARG D 529 38.93 19.04 -33.23
CA ARG D 529 39.64 19.55 -32.07
C ARG D 529 40.85 18.68 -31.73
N LYS D 530 40.79 17.39 -32.08
CA LYS D 530 41.92 16.50 -31.82
C LYS D 530 43.14 16.90 -32.63
N LEU D 531 42.94 17.45 -33.84
CA LEU D 531 44.04 17.81 -34.71
C LEU D 531 44.62 19.19 -34.41
N HIS D 532 44.01 19.96 -33.49
CA HIS D 532 44.48 21.31 -33.23
C HIS D 532 44.64 21.64 -31.76
N LEU D 533 44.15 20.83 -30.84
CA LEU D 533 44.32 21.11 -29.41
C LEU D 533 44.38 19.82 -28.60
N TYR E 4 -17.79 -9.82 2.46
CA TYR E 4 -17.28 -9.27 3.71
C TYR E 4 -16.45 -10.30 4.46
N VAL E 5 -15.29 -9.87 4.95
CA VAL E 5 -14.42 -10.73 5.75
C VAL E 5 -14.93 -10.73 7.18
N ASN E 6 -15.81 -11.69 7.51
CA ASN E 6 -16.45 -11.74 8.81
C ASN E 6 -15.58 -12.52 9.78
N ASP E 7 -14.92 -11.80 10.69
CA ASP E 7 -14.20 -12.43 11.78
C ASP E 7 -15.19 -12.69 12.92
N PRO E 8 -15.42 -13.96 13.28
CA PRO E 8 -16.44 -14.25 14.31
C PRO E 8 -16.17 -13.57 15.64
N SER E 9 -14.90 -13.43 16.04
CA SER E 9 -14.59 -12.75 17.29
C SER E 9 -14.75 -11.24 17.19
N ASN E 10 -14.73 -10.69 15.99
CA ASN E 10 -14.91 -9.24 15.79
C ASN E 10 -16.40 -8.98 15.64
N TYR E 11 -17.03 -8.67 16.76
CA TYR E 11 -18.48 -8.46 16.79
C TYR E 11 -18.84 -7.17 16.06
N GLN E 12 -19.89 -7.24 15.24
CA GLN E 12 -20.41 -6.09 14.53
C GLN E 12 -21.77 -5.71 15.09
N LEU E 13 -21.95 -4.43 15.42
CA LEU E 13 -23.22 -3.95 15.95
C LEU E 13 -24.22 -3.79 14.82
N LEU E 14 -25.09 -4.79 14.64
CA LEU E 14 -26.03 -4.81 13.53
C LEU E 14 -27.46 -4.85 14.06
N ILE E 15 -28.38 -4.33 13.24
CA ILE E 15 -29.80 -4.31 13.61
C ILE E 15 -30.34 -5.73 13.74
N LYS E 16 -29.76 -6.68 13.00
CA LYS E 16 -30.19 -8.07 13.16
C LYS E 16 -29.89 -8.58 14.56
N ASN E 17 -28.89 -8.01 15.24
CA ASN E 17 -28.67 -8.33 16.64
C ASN E 17 -29.73 -7.69 17.52
N LEU E 18 -30.25 -6.52 17.12
CA LEU E 18 -31.39 -5.95 17.83
C LEU E 18 -32.61 -6.83 17.72
N LEU E 19 -32.85 -7.43 16.54
CA LEU E 19 -34.04 -8.24 16.33
C LEU E 19 -33.91 -9.64 16.94
N PHE E 20 -32.82 -10.35 16.63
CA PHE E 20 -32.67 -11.74 17.02
C PHE E 20 -31.91 -11.94 18.32
N SER E 21 -31.37 -10.88 18.91
CA SER E 21 -30.77 -10.97 20.24
C SER E 21 -31.32 -9.87 21.12
N PRO E 22 -32.62 -9.89 21.43
CA PRO E 22 -33.21 -8.78 22.17
C PRO E 22 -32.98 -8.91 23.67
N VAL E 23 -33.39 -7.86 24.39
CA VAL E 23 -33.39 -7.93 25.85
C VAL E 23 -34.34 -9.01 26.32
N ALA E 24 -35.54 -9.06 25.75
CA ALA E 24 -36.50 -10.12 26.01
C ALA E 24 -37.22 -10.43 24.71
N PHE E 25 -37.66 -11.69 24.58
CA PHE E 25 -38.37 -12.13 23.38
C PHE E 25 -39.47 -13.09 23.80
N ASN E 26 -40.71 -12.62 23.75
CA ASN E 26 -41.86 -13.50 23.98
C ASN E 26 -42.48 -13.82 22.63
N PRO E 27 -42.38 -15.05 22.15
CA PRO E 27 -42.92 -15.35 20.81
C PRO E 27 -44.42 -15.16 20.69
N GLU E 28 -45.16 -15.16 21.81
CA GLU E 28 -46.59 -14.96 21.80
C GLU E 28 -46.99 -13.51 22.05
N GLN E 29 -46.03 -12.60 22.22
CA GLN E 29 -46.35 -11.20 22.36
C GLN E 29 -46.86 -10.64 21.04
N GLU E 30 -47.84 -9.74 21.12
CA GLU E 30 -48.60 -9.30 19.96
C GLU E 30 -48.02 -8.02 19.37
N ILE E 31 -48.04 -7.96 18.03
CA ILE E 31 -47.85 -6.71 17.29
C ILE E 31 -49.20 -6.32 16.70
N VAL E 32 -49.71 -5.16 17.10
CA VAL E 32 -51.07 -4.75 16.76
C VAL E 32 -50.99 -3.54 15.84
N TYR E 33 -51.67 -3.63 14.69
CA TYR E 33 -51.80 -2.52 13.76
C TYR E 33 -53.24 -2.02 13.84
N ALA E 34 -53.50 -1.11 14.78
CA ALA E 34 -54.82 -0.54 15.01
C ALA E 34 -55.88 -1.63 15.11
N ASN E 35 -56.95 -1.50 14.33
CA ASN E 35 -58.00 -2.50 14.27
C ASN E 35 -57.93 -3.36 13.02
N HIS E 36 -56.81 -3.32 12.29
CA HIS E 36 -56.71 -4.06 11.04
C HIS E 36 -56.09 -5.43 11.22
N ARG E 37 -54.96 -5.51 11.92
CA ARG E 37 -54.18 -6.74 11.95
C ARG E 37 -53.58 -6.95 13.33
N ARG E 38 -53.48 -8.21 13.73
CA ARG E 38 -52.76 -8.64 14.92
C ARG E 38 -51.98 -9.89 14.61
N HIS E 39 -50.73 -9.94 15.06
CA HIS E 39 -49.93 -11.15 14.94
C HIS E 39 -48.86 -11.15 16.02
N SER E 40 -48.30 -12.34 16.26
CA SER E 40 -47.35 -12.52 17.35
C SER E 40 -45.94 -12.09 16.91
N TYR E 41 -45.03 -12.06 17.89
CA TYR E 41 -43.64 -11.71 17.59
C TYR E 41 -42.98 -12.77 16.72
N LYS E 42 -43.35 -14.04 16.89
CA LYS E 42 -42.86 -15.07 15.99
C LYS E 42 -43.32 -14.80 14.56
N THR E 43 -44.59 -14.44 14.40
CA THR E 43 -45.09 -14.06 13.09
C THR E 43 -44.38 -12.80 12.59
N PHE E 44 -44.04 -11.89 13.49
CA PHE E 44 -43.31 -10.69 13.09
C PHE E 44 -41.93 -11.04 12.53
N HIS E 45 -41.22 -11.96 13.18
CA HIS E 45 -39.92 -12.39 12.67
C HIS E 45 -40.06 -13.13 11.35
N ASP E 46 -41.10 -13.97 11.25
CA ASP E 46 -41.35 -14.68 9.99
C ASP E 46 -41.63 -13.69 8.86
N ARG E 47 -42.42 -12.65 9.15
CA ARG E 47 -42.71 -11.65 8.13
C ARG E 47 -41.48 -10.83 7.77
N VAL E 48 -40.59 -10.58 8.74
CA VAL E 48 -39.33 -9.90 8.43
C VAL E 48 -38.50 -10.73 7.47
N ARG E 49 -38.41 -12.04 7.73
CA ARG E 49 -37.65 -12.91 6.83
C ARG E 49 -38.31 -13.02 5.47
N GLN E 50 -39.65 -13.07 5.43
CA GLN E 50 -40.36 -13.09 4.16
C GLN E 50 -40.12 -11.81 3.37
N PHE E 51 -40.14 -10.67 4.05
CA PHE E 51 -39.86 -9.40 3.39
C PHE E 51 -38.44 -9.36 2.86
N ALA E 52 -37.49 -9.90 3.62
CA ALA E 52 -36.12 -9.98 3.12
C ALA E 52 -36.04 -10.84 1.86
N ASN E 53 -36.74 -11.97 1.86
CA ASN E 53 -36.76 -12.83 0.67
C ASN E 53 -37.39 -12.10 -0.52
N ALA E 54 -38.47 -11.37 -0.27
CA ALA E 54 -39.13 -10.63 -1.36
C ALA E 54 -38.22 -9.53 -1.90
N LEU E 55 -37.52 -8.82 -1.02
CA LEU E 55 -36.59 -7.79 -1.47
C LEU E 55 -35.46 -8.39 -2.27
N THR E 56 -34.93 -9.54 -1.85
CA THR E 56 -33.91 -10.23 -2.62
C THR E 56 -34.44 -10.64 -3.99
N LYS E 57 -35.69 -11.13 -4.05
CA LYS E 57 -36.30 -11.46 -5.33
C LYS E 57 -36.50 -10.21 -6.18
N MET E 58 -36.88 -9.10 -5.56
CA MET E 58 -37.07 -7.85 -6.29
C MET E 58 -35.76 -7.24 -6.78
N GLY E 59 -34.63 -7.89 -6.54
CA GLY E 59 -33.36 -7.36 -7.01
C GLY E 59 -32.70 -6.36 -6.08
N VAL E 60 -33.18 -6.23 -4.85
CA VAL E 60 -32.58 -5.29 -3.91
C VAL E 60 -31.32 -5.92 -3.32
N LYS E 61 -30.19 -5.30 -3.58
CA LYS E 61 -28.90 -5.77 -3.08
C LYS E 61 -28.39 -4.86 -1.96
N LYS E 62 -27.28 -5.26 -1.36
CA LYS E 62 -26.64 -4.44 -0.34
C LYS E 62 -26.20 -3.12 -0.94
N GLY E 63 -26.54 -2.03 -0.26
CA GLY E 63 -26.25 -0.69 -0.75
C GLY E 63 -27.39 -0.03 -1.49
N ASP E 64 -28.42 -0.78 -1.89
CA ASP E 64 -29.57 -0.20 -2.55
C ASP E 64 -30.42 0.58 -1.55
N THR E 65 -31.25 1.47 -2.08
CA THR E 65 -32.12 2.32 -1.27
C THR E 65 -33.57 1.94 -1.53
N VAL E 66 -34.29 1.62 -0.46
CA VAL E 66 -35.72 1.30 -0.54
C VAL E 66 -36.46 2.38 0.23
N ALA E 67 -37.38 3.06 -0.47
CA ALA E 67 -38.14 4.16 0.10
C ALA E 67 -39.50 3.66 0.58
N VAL E 68 -39.98 4.29 1.66
CA VAL E 68 -41.26 3.92 2.27
C VAL E 68 -42.10 5.19 2.44
N MET E 69 -43.34 5.15 1.96
CA MET E 69 -44.33 6.20 2.15
C MET E 69 -45.55 5.55 2.78
N ASP E 70 -45.56 5.47 4.11
CA ASP E 70 -46.59 4.73 4.82
C ASP E 70 -46.85 5.38 6.17
N TYR E 71 -48.02 5.05 6.72
CA TYR E 71 -48.35 5.44 8.08
C TYR E 71 -47.65 4.50 9.08
N ASP E 72 -47.81 4.80 10.34
CA ASP E 72 -47.27 3.95 11.42
C ASP E 72 -47.98 2.61 11.46
N SER E 73 -47.34 1.59 10.96
CA SER E 73 -48.00 0.31 10.82
C SER E 73 -47.00 -0.80 11.10
N HIS E 74 -47.50 -2.04 11.12
CA HIS E 74 -46.61 -3.20 11.21
C HIS E 74 -45.71 -3.28 9.99
N ARG E 75 -46.19 -2.85 8.83
CA ARG E 75 -45.37 -2.85 7.63
C ARG E 75 -44.17 -1.92 7.80
N TYR E 76 -44.39 -0.79 8.46
CA TYR E 76 -43.29 0.18 8.69
C TYR E 76 -42.21 -0.47 9.56
N LEU E 77 -42.64 -1.16 10.63
CA LEU E 77 -41.68 -1.82 11.52
C LEU E 77 -40.93 -2.93 10.78
N GLU E 78 -41.65 -3.72 9.99
CA GLU E 78 -41.00 -4.76 9.20
C GLU E 78 -40.01 -4.17 8.22
N CYS E 79 -40.21 -2.91 7.83
CA CYS E 79 -39.25 -2.19 7.01
C CYS E 79 -38.03 -1.70 7.81
N TYR E 80 -38.21 -1.31 9.07
CA TYR E 80 -37.11 -0.91 9.96
C TYR E 80 -36.09 -1.99 10.19
N PHE E 81 -36.53 -3.20 10.14
CA PHE E 81 -35.67 -4.30 10.32
C PHE E 81 -35.21 -4.89 9.04
N ALA E 82 -36.12 -5.41 8.24
CA ALA E 82 -35.75 -6.09 7.03
C ALA E 82 -34.91 -5.35 6.03
N ILE E 83 -35.25 -4.10 5.82
CA ILE E 83 -34.52 -3.38 4.78
C ILE E 83 -33.07 -3.14 5.20
N PRO E 84 -32.79 -2.61 6.39
CA PRO E 84 -31.38 -2.51 6.81
C PRO E 84 -30.71 -3.86 7.01
N MET E 85 -31.46 -4.87 7.47
CA MET E 85 -30.85 -6.14 7.86
C MET E 85 -30.35 -6.93 6.65
N ILE E 86 -30.74 -6.53 5.44
CA ILE E 86 -30.18 -7.14 4.23
C ILE E 86 -29.10 -6.28 3.59
N GLY E 87 -28.67 -5.21 4.26
CA GLY E 87 -27.64 -4.34 3.73
C GLY E 87 -28.15 -3.18 2.91
N ALA E 88 -29.46 -3.05 2.71
CA ALA E 88 -30.00 -1.94 1.96
C ALA E 88 -30.24 -0.74 2.88
N LYS E 89 -30.38 0.43 2.25
CA LYS E 89 -30.63 1.66 2.97
C LYS E 89 -32.13 1.94 3.00
N LEU E 90 -32.67 2.18 4.19
CA LEU E 90 -34.09 2.49 4.33
C LEU E 90 -34.27 4.00 4.25
N HIS E 91 -34.97 4.47 3.23
CA HIS E 91 -35.26 5.89 3.06
C HIS E 91 -36.67 6.15 3.54
N MET E 92 -36.78 6.89 4.62
CA MET E 92 -38.09 7.25 5.19
C MET E 92 -38.48 8.59 4.59
N ILE E 93 -39.55 8.59 3.82
CA ILE E 93 -39.99 9.81 3.15
C ILE E 93 -40.98 10.54 4.04
N ASN E 94 -40.72 11.82 4.28
CA ASN E 94 -41.65 12.68 5.03
C ASN E 94 -42.84 12.97 4.12
N VAL E 95 -43.96 12.30 4.38
CA VAL E 95 -45.13 12.39 3.52
C VAL E 95 -45.83 13.73 3.71
N ARG E 96 -45.45 14.47 4.76
CA ARG E 96 -46.02 15.78 5.02
C ARG E 96 -45.31 16.90 4.28
N LEU E 97 -44.20 16.62 3.61
CA LEU E 97 -43.55 17.62 2.78
C LEU E 97 -44.36 17.86 1.51
N SER E 98 -44.06 18.96 0.84
CA SER E 98 -44.70 19.25 -0.44
C SER E 98 -44.25 18.22 -1.47
N PRO E 99 -45.09 17.96 -2.49
CA PRO E 99 -44.71 16.99 -3.52
C PRO E 99 -43.40 17.30 -4.21
N GLU E 100 -43.08 18.58 -4.41
CA GLU E 100 -41.81 18.95 -5.00
C GLU E 100 -40.65 18.55 -4.09
N GLN E 101 -40.78 18.79 -2.79
CA GLN E 101 -39.73 18.39 -1.85
C GLN E 101 -39.59 16.87 -1.79
N ILE E 102 -40.72 16.15 -1.83
CA ILE E 102 -40.67 14.69 -1.82
C ILE E 102 -39.96 14.19 -3.07
N LEU E 103 -40.26 14.79 -4.22
CA LEU E 103 -39.58 14.42 -5.46
C LEU E 103 -38.09 14.69 -5.37
N TYR E 104 -37.72 15.83 -4.79
CA TYR E 104 -36.30 16.16 -4.62
C TYR E 104 -35.61 15.11 -3.76
N THR E 105 -36.24 14.73 -2.65
CA THR E 105 -35.64 13.72 -1.77
C THR E 105 -35.52 12.37 -2.46
N ILE E 106 -36.53 11.98 -3.24
CA ILE E 106 -36.48 10.71 -3.95
C ILE E 106 -35.36 10.71 -4.96
N ASP E 107 -35.23 11.79 -5.73
CA ASP E 107 -34.16 11.88 -6.72
C ASP E 107 -32.78 11.93 -6.07
N HIS E 108 -32.66 12.67 -4.97
CA HIS E 108 -31.38 12.81 -4.28
C HIS E 108 -30.93 11.49 -3.68
N ALA E 109 -31.84 10.76 -3.03
CA ALA E 109 -31.48 9.49 -2.43
C ALA E 109 -31.37 8.38 -3.47
N GLU E 110 -31.95 8.56 -4.65
CA GLU E 110 -31.93 7.55 -5.72
C GLU E 110 -32.50 6.22 -5.24
N ASP E 111 -33.77 6.26 -4.82
CA ASP E 111 -34.43 5.05 -4.35
C ASP E 111 -34.65 4.07 -5.50
N ASP E 112 -34.45 2.79 -5.23
CA ASP E 112 -34.71 1.76 -6.22
C ASP E 112 -36.13 1.22 -6.12
N ILE E 113 -36.64 1.05 -4.90
CA ILE E 113 -38.00 0.56 -4.67
C ILE E 113 -38.70 1.54 -3.74
N ILE E 114 -39.96 1.84 -4.04
CA ILE E 114 -40.78 2.71 -3.20
C ILE E 114 -41.99 1.91 -2.71
N LEU E 115 -42.11 1.79 -1.40
CA LEU E 115 -43.31 1.23 -0.78
C LEU E 115 -44.21 2.38 -0.36
N ILE E 116 -45.30 2.59 -1.09
CA ILE E 116 -46.15 3.76 -0.91
C ILE E 116 -47.55 3.30 -0.57
N HIS E 117 -48.13 3.87 0.49
CA HIS E 117 -49.51 3.57 0.83
C HIS E 117 -50.44 4.15 -0.23
N GLU E 118 -51.57 3.47 -0.44
CA GLU E 118 -52.49 3.88 -1.51
C GLU E 118 -53.04 5.28 -1.26
N GLU E 119 -53.08 5.72 -0.01
CA GLU E 119 -53.55 7.06 0.28
C GLU E 119 -52.57 8.15 -0.15
N PHE E 120 -51.30 7.79 -0.35
CA PHE E 120 -50.29 8.73 -0.83
C PHE E 120 -50.12 8.68 -2.35
N LEU E 121 -50.90 7.84 -3.03
CA LEU E 121 -50.85 7.81 -4.50
C LEU E 121 -51.13 9.15 -5.15
N PRO E 122 -52.07 9.98 -4.67
CA PRO E 122 -52.20 11.33 -5.25
C PRO E 122 -50.93 12.15 -5.19
N ILE E 123 -50.14 11.99 -4.14
CA ILE E 123 -48.85 12.69 -4.07
C ILE E 123 -47.90 12.15 -5.12
N LEU E 124 -47.85 10.82 -5.28
CA LEU E 124 -46.95 10.22 -6.25
C LEU E 124 -47.31 10.64 -7.68
N ASP E 125 -48.61 10.69 -7.98
CA ASP E 125 -49.04 11.00 -9.34
C ASP E 125 -48.58 12.38 -9.80
N GLN E 126 -48.34 13.31 -8.87
CA GLN E 126 -47.87 14.63 -9.23
C GLN E 126 -46.39 14.63 -9.61
N ILE E 127 -45.63 13.63 -9.18
CA ILE E 127 -44.18 13.63 -9.36
C ILE E 127 -43.70 12.33 -9.96
N LYS E 128 -44.63 11.44 -10.31
CA LYS E 128 -44.24 10.13 -10.83
C LYS E 128 -43.45 10.23 -12.13
N GLY E 129 -43.84 11.16 -13.00
CA GLY E 129 -43.18 11.29 -14.28
C GLY E 129 -41.77 11.83 -14.20
N ARG E 130 -41.42 12.51 -13.11
CA ARG E 130 -40.10 13.12 -12.97
C ARG E 130 -39.16 12.33 -12.07
N ILE E 131 -39.52 11.11 -11.68
CA ILE E 131 -38.67 10.32 -10.80
C ILE E 131 -37.61 9.61 -11.64
N ASP E 132 -38.05 8.71 -12.53
CA ASP E 132 -37.18 8.05 -13.51
C ASP E 132 -36.07 7.22 -12.86
N THR E 133 -36.09 7.09 -11.54
CA THR E 133 -35.02 6.36 -10.86
C THR E 133 -35.55 5.15 -10.11
N VAL E 134 -36.87 5.04 -9.94
CA VAL E 134 -37.46 3.95 -9.20
C VAL E 134 -37.93 2.89 -10.18
N THR E 135 -37.49 1.65 -9.96
CA THR E 135 -37.82 0.55 -10.86
C THR E 135 -39.15 -0.12 -10.54
N ARG E 136 -39.62 -0.04 -9.29
CA ARG E 136 -40.86 -0.70 -8.91
C ARG E 136 -41.53 0.06 -7.78
N TYR E 137 -42.85 0.17 -7.86
CA TYR E 137 -43.67 0.73 -6.80
C TYR E 137 -44.54 -0.36 -6.21
N VAL E 138 -44.51 -0.49 -4.89
CA VAL E 138 -45.35 -1.43 -4.16
C VAL E 138 -46.40 -0.63 -3.42
N VAL E 139 -47.67 -0.87 -3.71
CA VAL E 139 -48.76 -0.11 -3.14
C VAL E 139 -49.24 -0.82 -1.88
N LEU E 140 -49.22 -0.10 -0.76
CA LEU E 140 -49.62 -0.66 0.53
C LEU E 140 -51.06 -0.31 0.82
N ARG E 141 -51.82 -1.31 1.28
CA ARG E 141 -53.23 -1.13 1.63
C ARG E 141 -53.49 -1.79 2.97
N ASP E 142 -54.54 -1.32 3.65
CA ASP E 142 -54.94 -1.85 4.95
C ASP E 142 -55.91 -3.01 4.84
N ASP E 143 -55.92 -3.71 3.70
CA ASP E 143 -56.82 -4.83 3.48
C ASP E 143 -56.03 -5.96 2.82
N GLU E 144 -56.77 -6.98 2.36
CA GLU E 144 -56.14 -8.16 1.78
C GLU E 144 -55.53 -7.90 0.41
N GLU E 145 -55.88 -6.80 -0.25
CA GLU E 145 -55.37 -6.49 -1.58
C GLU E 145 -54.05 -5.71 -1.54
N CYS E 146 -53.39 -5.68 -0.39
CA CYS E 146 -52.11 -4.98 -0.29
C CYS E 146 -51.04 -5.73 -1.08
N GLU E 147 -50.29 -4.98 -1.90
CA GLU E 147 -49.24 -5.59 -2.69
C GLU E 147 -48.09 -6.08 -1.83
N TYR E 148 -47.81 -5.38 -0.73
CA TYR E 148 -46.76 -5.83 0.19
C TYR E 148 -47.11 -7.17 0.81
N GLU E 149 -48.36 -7.34 1.22
CA GLU E 149 -48.79 -8.62 1.80
C GLU E 149 -48.71 -9.73 0.77
N ARG E 150 -49.12 -9.46 -0.47
CA ARG E 150 -49.02 -10.47 -1.52
C ARG E 150 -47.57 -10.83 -1.82
N LEU E 151 -46.67 -9.84 -1.82
CA LEU E 151 -45.25 -10.13 -2.00
C LEU E 151 -44.71 -10.99 -0.87
N LEU E 152 -45.12 -10.70 0.37
CA LEU E 152 -44.66 -11.49 1.50
C LEU E 152 -45.18 -12.92 1.43
N GLU E 153 -46.43 -13.09 0.97
CA GLU E 153 -47.04 -14.42 0.94
C GLU E 153 -46.31 -15.37 0.01
N GLN E 154 -45.65 -14.86 -1.04
CA GLN E 154 -44.96 -15.72 -1.99
C GLN E 154 -43.61 -16.21 -1.49
N GLU E 155 -43.13 -15.72 -0.36
CA GLU E 155 -41.78 -16.00 0.12
C GLU E 155 -41.81 -16.94 1.31
N SER E 156 -40.71 -17.64 1.51
CA SER E 156 -40.56 -18.52 2.66
C SER E 156 -40.19 -17.72 3.91
N THR E 157 -40.38 -18.33 5.06
CA THR E 157 -40.08 -17.69 6.34
C THR E 157 -38.66 -17.94 6.82
N GLU E 158 -37.77 -18.43 5.94
CA GLU E 158 -36.38 -18.70 6.29
C GLU E 158 -35.47 -17.77 5.52
N TYR E 159 -34.54 -17.13 6.23
CA TYR E 159 -33.58 -16.24 5.60
C TYR E 159 -32.32 -16.19 6.47
N ASN E 160 -31.17 -16.17 5.81
CA ASN E 160 -29.88 -16.05 6.48
C ASN E 160 -29.36 -14.63 6.26
N PHE E 161 -29.54 -13.78 7.27
CA PHE E 161 -29.19 -12.38 7.12
C PHE E 161 -27.67 -12.22 7.13
N PRO E 162 -27.11 -11.45 6.21
CA PRO E 162 -25.65 -11.40 6.07
C PRO E 162 -24.99 -10.63 7.20
N ASP E 163 -23.70 -10.87 7.36
CA ASP E 163 -22.84 -10.10 8.24
C ASP E 163 -22.02 -9.11 7.43
N PHE E 164 -22.08 -7.84 7.81
CA PHE E 164 -21.30 -6.82 7.13
C PHE E 164 -20.79 -5.84 8.17
N ASP E 165 -20.02 -4.85 7.69
CA ASP E 165 -19.46 -3.83 8.57
C ASP E 165 -20.59 -3.10 9.30
N GLU E 166 -20.37 -2.84 10.59
CA GLU E 166 -21.36 -2.12 11.39
C GLU E 166 -21.52 -0.68 10.93
N ASN E 167 -20.57 -0.17 10.14
CA ASN E 167 -20.65 1.19 9.62
C ASN E 167 -21.45 1.28 8.32
N THR E 168 -22.06 0.18 7.89
CA THR E 168 -22.93 0.22 6.72
C THR E 168 -24.15 1.09 7.03
N VAL E 169 -24.46 2.00 6.09
CA VAL E 169 -25.59 2.90 6.28
C VAL E 169 -26.88 2.10 6.28
N ALA E 170 -27.70 2.29 7.31
CA ALA E 170 -28.95 1.55 7.46
C ALA E 170 -30.18 2.38 7.12
N THR E 171 -30.27 3.61 7.60
CA THR E 171 -31.44 4.45 7.38
C THR E 171 -31.00 5.81 6.91
N THR E 172 -31.85 6.44 6.09
CA THR E 172 -31.62 7.80 5.63
C THR E 172 -32.96 8.51 5.51
N PHE E 173 -32.94 9.82 5.73
CA PHE E 173 -34.12 10.65 5.61
C PHE E 173 -33.66 12.10 5.51
N TYR E 174 -34.58 12.97 5.08
CA TYR E 174 -34.27 14.34 4.75
C TYR E 174 -35.01 15.28 5.69
N THR E 175 -34.27 16.21 6.29
CA THR E 175 -34.88 17.22 7.14
C THR E 175 -35.03 18.53 6.36
N THR E 176 -36.08 19.28 6.68
CA THR E 176 -36.34 20.51 5.94
C THR E 176 -35.37 21.62 6.34
N GLY E 177 -35.42 22.03 7.60
CA GLY E 177 -34.52 23.06 8.08
C GLY E 177 -34.72 24.38 7.37
N THR E 178 -33.62 25.11 7.20
CA THR E 178 -33.63 26.39 6.49
C THR E 178 -32.56 26.45 5.41
N THR E 179 -32.21 25.33 4.79
CA THR E 179 -31.14 25.30 3.79
C THR E 179 -31.62 25.56 2.37
N GLY E 180 -32.92 25.74 2.17
CA GLY E 180 -33.43 25.94 0.82
C GLY E 180 -33.87 24.64 0.18
N PHE E 181 -33.09 23.59 0.40
CA PHE E 181 -33.41 22.24 -0.04
C PHE E 181 -33.32 21.28 1.13
N PRO E 182 -34.11 20.20 1.13
CA PRO E 182 -33.99 19.20 2.19
C PRO E 182 -32.59 18.61 2.23
N LYS E 183 -32.09 18.40 3.44
CA LYS E 183 -30.75 17.86 3.65
C LYS E 183 -30.86 16.42 4.16
N GLY E 184 -30.12 15.52 3.52
CA GLY E 184 -30.21 14.11 3.86
C GLY E 184 -29.23 13.72 4.94
N VAL E 185 -29.74 13.14 6.02
CA VAL E 185 -28.92 12.59 7.09
C VAL E 185 -29.04 11.09 7.06
N PHE E 186 -28.00 10.41 7.49
CA PHE E 186 -27.95 8.95 7.42
C PHE E 186 -27.35 8.40 8.69
N PHE E 187 -27.74 7.18 9.04
CA PHE E 187 -27.28 6.51 10.24
C PHE E 187 -26.92 5.07 9.91
N THR E 188 -25.84 4.60 10.52
CA THR E 188 -25.35 3.24 10.29
C THR E 188 -26.01 2.27 11.26
N HIS E 189 -25.73 0.98 11.03
CA HIS E 189 -26.22 -0.05 11.95
C HIS E 189 -25.65 0.16 13.35
N ARG E 190 -24.35 0.47 13.42
CA ARG E 190 -23.71 0.72 14.71
C ARG E 190 -24.36 1.88 15.44
N GLN E 191 -24.65 2.97 14.72
CA GLN E 191 -25.24 4.13 15.35
C GLN E 191 -26.64 3.83 15.89
N LEU E 192 -27.45 3.09 15.14
CA LEU E 192 -28.79 2.77 15.61
C LEU E 192 -28.76 1.81 16.80
N VAL E 193 -27.88 0.81 16.76
CA VAL E 193 -27.75 -0.10 17.89
C VAL E 193 -27.29 0.65 19.13
N LEU E 194 -26.31 1.56 18.96
CA LEU E 194 -25.83 2.33 20.10
C LEU E 194 -26.89 3.29 20.62
N HIS E 195 -27.71 3.85 19.73
CA HIS E 195 -28.82 4.70 20.17
C HIS E 195 -29.79 3.90 21.02
N THR E 196 -30.18 2.72 20.55
CA THR E 196 -31.07 1.87 21.32
C THR E 196 -30.47 1.54 22.68
N MET E 197 -29.20 1.13 22.71
CA MET E 197 -28.56 0.74 23.96
C MET E 197 -28.45 1.91 24.92
N GLY E 198 -27.99 3.07 24.43
CA GLY E 198 -27.80 4.20 25.31
C GLY E 198 -29.10 4.74 25.88
N ILE E 199 -30.13 4.85 25.05
CA ILE E 199 -31.38 5.38 25.58
C ILE E 199 -32.06 4.36 26.49
N LEU E 200 -31.99 3.07 26.15
CA LEU E 200 -32.53 2.05 27.06
C LEU E 200 -31.76 1.99 28.37
N SER E 201 -30.48 2.40 28.37
CA SER E 201 -29.76 2.56 29.62
C SER E 201 -30.17 3.83 30.34
N THR E 202 -30.60 4.85 29.60
CA THR E 202 -31.01 6.12 30.20
C THR E 202 -32.41 6.00 30.79
N ILE E 203 -33.41 5.74 29.95
CA ILE E 203 -34.74 5.48 30.47
C ILE E 203 -34.94 3.99 30.70
N GLY E 204 -35.69 3.66 31.74
CA GLY E 204 -35.82 2.30 32.21
C GLY E 204 -35.01 2.06 33.45
N THR E 205 -33.80 2.62 33.50
CA THR E 205 -33.01 2.60 34.72
C THR E 205 -33.39 3.71 35.68
N ASN E 206 -34.34 4.57 35.31
CA ASN E 206 -34.89 5.53 36.24
C ASN E 206 -35.66 4.80 37.34
N ALA E 207 -35.71 5.42 38.52
CA ALA E 207 -36.27 4.75 39.69
C ALA E 207 -37.73 4.39 39.48
N SER E 208 -38.60 5.39 39.35
CA SER E 208 -40.03 5.13 39.23
C SER E 208 -40.66 5.86 38.05
N GLN E 209 -40.19 7.08 37.77
CA GLN E 209 -40.84 7.93 36.79
C GLN E 209 -40.20 7.77 35.41
N GLY E 210 -41.04 7.84 34.38
CA GLY E 210 -40.56 7.87 33.01
C GLY E 210 -39.81 6.63 32.56
N ARG E 211 -40.27 5.44 32.96
CA ARG E 211 -39.60 4.21 32.58
C ARG E 211 -40.20 3.62 31.30
N LEU E 212 -39.32 3.14 30.44
CA LEU E 212 -39.69 2.24 29.36
C LEU E 212 -39.13 0.85 29.69
N HIS E 213 -40.01 -0.07 30.07
CA HIS E 213 -39.58 -1.36 30.60
C HIS E 213 -40.32 -2.48 29.88
N GLN E 214 -39.90 -3.72 30.17
CA GLN E 214 -40.41 -4.89 29.47
C GLN E 214 -41.89 -5.14 29.69
N GLY E 215 -42.48 -4.59 30.75
CA GLY E 215 -43.90 -4.73 30.97
C GLY E 215 -44.77 -3.67 30.32
N ASP E 216 -44.15 -2.71 29.65
CA ASP E 216 -44.91 -1.63 29.03
C ASP E 216 -45.61 -2.12 27.76
N ILE E 217 -46.61 -1.36 27.33
CA ILE E 217 -47.27 -1.55 26.05
C ILE E 217 -47.04 -0.29 25.23
N TYR E 218 -46.47 -0.45 24.04
CA TYR E 218 -45.93 0.66 23.27
C TYR E 218 -46.86 1.04 22.13
N MET E 219 -47.13 2.33 22.00
CA MET E 219 -47.90 2.88 20.89
C MET E 219 -47.30 4.20 20.45
N PRO E 220 -46.63 4.25 19.29
CA PRO E 220 -46.07 5.52 18.83
C PRO E 220 -47.14 6.44 18.28
N ILE E 221 -47.02 7.72 18.62
CA ILE E 221 -47.87 8.75 18.05
C ILE E 221 -46.98 9.77 17.35
N THR E 222 -45.72 9.39 17.14
CA THR E 222 -44.77 10.14 16.35
C THR E 222 -44.59 9.43 15.01
N PRO E 223 -44.68 10.14 13.88
CA PRO E 223 -44.59 9.47 12.58
C PRO E 223 -43.30 8.68 12.44
N MET E 224 -43.40 7.51 11.83
CA MET E 224 -42.25 6.62 11.72
C MET E 224 -41.26 7.07 10.65
N PHE E 225 -41.60 8.08 9.85
CA PHE E 225 -40.59 8.69 8.98
C PHE E 225 -39.83 9.80 9.67
N HIS E 226 -40.19 10.13 10.91
CA HIS E 226 -39.58 11.23 11.64
C HIS E 226 -38.48 10.68 12.54
N VAL E 227 -37.26 10.66 12.01
CA VAL E 227 -36.06 10.21 12.72
C VAL E 227 -36.29 8.88 13.41
N HIS E 228 -36.58 7.84 12.63
CA HIS E 228 -36.81 6.48 13.13
C HIS E 228 -37.92 6.43 14.18
N ALA E 229 -38.88 7.35 14.07
CA ALA E 229 -39.89 7.54 15.11
C ALA E 229 -39.23 7.73 16.47
N TRP E 230 -38.17 8.55 16.49
CA TRP E 230 -37.33 8.80 17.66
C TRP E 230 -36.63 7.55 18.15
N GLY E 231 -36.45 6.57 17.28
CA GLY E 231 -35.73 5.36 17.60
C GLY E 231 -36.44 4.42 18.56
N LEU E 232 -37.66 4.75 18.96
CA LEU E 232 -38.41 4.00 19.95
C LEU E 232 -38.99 2.68 19.44
N PRO E 233 -39.39 2.56 18.17
CA PRO E 233 -39.80 1.22 17.68
C PRO E 233 -38.71 0.17 17.84
N TYR E 234 -37.46 0.53 17.57
CA TYR E 234 -36.35 -0.39 17.79
C TYR E 234 -36.24 -0.78 19.26
N MET E 235 -36.40 0.21 20.13
CA MET E 235 -36.28 -0.01 21.57
C MET E 235 -37.38 -0.94 22.07
N ALA E 236 -38.62 -0.73 21.58
CA ALA E 236 -39.73 -1.56 21.99
C ALA E 236 -39.59 -2.98 21.46
N THR E 237 -39.09 -3.12 20.23
CA THR E 237 -38.85 -4.45 19.70
C THR E 237 -37.76 -5.18 20.50
N MET E 238 -36.68 -4.46 20.86
CA MET E 238 -35.52 -4.94 21.68
C MET E 238 -35.99 -5.38 23.07
N LEU E 239 -37.01 -4.74 23.60
CA LEU E 239 -37.60 -5.12 24.87
C LEU E 239 -38.67 -6.18 24.73
N GLY E 240 -39.08 -6.51 23.50
CA GLY E 240 -40.12 -7.51 23.29
C GLY E 240 -41.46 -7.15 23.90
N VAL E 241 -41.79 -5.86 23.92
CA VAL E 241 -43.06 -5.44 24.51
C VAL E 241 -44.15 -5.49 23.44
N LYS E 242 -45.40 -5.46 23.91
CA LYS E 242 -46.54 -5.38 22.99
C LYS E 242 -46.54 -4.02 22.30
N GLN E 243 -46.56 -4.04 20.97
CA GLN E 243 -46.51 -2.83 20.16
C GLN E 243 -47.85 -2.64 19.47
N VAL E 244 -48.41 -1.44 19.59
CA VAL E 244 -49.65 -1.06 18.94
C VAL E 244 -49.34 0.05 17.95
N TYR E 245 -49.72 -0.14 16.69
CA TYR E 245 -49.47 0.86 15.67
C TYR E 245 -50.79 1.42 15.17
N PRO E 246 -51.02 2.73 15.30
CA PRO E 246 -52.36 3.29 15.02
C PRO E 246 -52.65 3.61 13.56
N GLY E 247 -51.65 3.58 12.68
CA GLY E 247 -51.91 3.99 11.31
C GLY E 247 -52.07 5.49 11.22
N LYS E 248 -53.01 5.95 10.41
CA LYS E 248 -53.22 7.36 10.24
C LYS E 248 -53.78 7.94 11.52
N TYR E 249 -53.19 9.01 12.01
CA TYR E 249 -53.62 9.58 13.30
C TYR E 249 -54.99 10.21 13.42
N VAL E 250 -55.90 9.60 14.15
CA VAL E 250 -57.22 10.15 14.46
C VAL E 250 -57.37 10.17 15.97
N PRO E 251 -57.70 11.31 16.58
CA PRO E 251 -57.73 11.36 18.05
C PRO E 251 -58.65 10.33 18.67
N ASP E 252 -59.84 10.10 18.09
CA ASP E 252 -60.73 9.08 18.60
C ASP E 252 -60.12 7.69 18.47
N VAL E 253 -59.51 7.39 17.33
CA VAL E 253 -58.88 6.09 17.14
C VAL E 253 -57.71 5.92 18.12
N LEU E 254 -56.91 6.97 18.29
CA LEU E 254 -55.79 6.90 19.22
C LEU E 254 -56.27 6.63 20.64
N LEU E 255 -57.30 7.35 21.08
CA LEU E 255 -57.81 7.16 22.43
C LEU E 255 -58.43 5.77 22.60
N ASN E 256 -59.14 5.29 21.58
CA ASN E 256 -59.71 3.95 21.66
C ASN E 256 -58.62 2.89 21.74
N LEU E 257 -57.54 3.07 20.98
CA LEU E 257 -56.43 2.13 21.06
C LEU E 257 -55.75 2.18 22.42
N ILE E 258 -55.59 3.38 22.99
CA ILE E 258 -54.99 3.50 24.32
C ILE E 258 -55.86 2.79 25.35
N GLU E 259 -57.18 2.97 25.27
CA GLU E 259 -58.08 2.38 26.26
C GLU E 259 -58.16 0.87 26.12
N GLN E 260 -58.29 0.37 24.88
CA GLN E 260 -58.60 -1.04 24.70
C GLN E 260 -57.35 -1.90 24.65
N GLU E 261 -56.22 -1.35 24.21
CA GLU E 261 -54.97 -2.09 24.18
C GLU E 261 -54.13 -1.88 25.42
N LYS E 262 -54.61 -1.10 26.38
CA LYS E 262 -53.90 -0.84 27.64
C LYS E 262 -52.52 -0.24 27.37
N VAL E 263 -52.46 0.75 26.47
CA VAL E 263 -51.19 1.38 26.14
C VAL E 263 -50.65 2.13 27.34
N THR E 264 -49.37 1.90 27.65
CA THR E 264 -48.73 2.55 28.78
C THR E 264 -47.60 3.49 28.40
N PHE E 265 -46.99 3.32 27.23
CA PHE E 265 -45.89 4.18 26.80
C PHE E 265 -46.18 4.71 25.40
N SER E 266 -46.04 6.02 25.22
CA SER E 266 -46.27 6.66 23.94
C SER E 266 -45.34 7.86 23.81
N HIS E 267 -45.28 8.41 22.61
CA HIS E 267 -44.49 9.61 22.33
C HIS E 267 -45.12 10.37 21.19
N CYS E 268 -45.15 11.69 21.32
CA CYS E 268 -45.78 12.55 20.33
C CYS E 268 -45.30 13.97 20.53
N VAL E 269 -45.59 14.82 19.54
CA VAL E 269 -45.32 16.25 19.60
C VAL E 269 -46.35 16.89 20.52
N PRO E 270 -46.09 18.08 21.07
CA PRO E 270 -47.07 18.68 22.00
C PRO E 270 -48.43 18.92 21.38
N THR E 271 -48.51 19.22 20.09
CA THR E 271 -49.79 19.45 19.45
C THR E 271 -50.67 18.21 19.48
N ILE E 272 -50.08 17.04 19.25
CA ILE E 272 -50.86 15.80 19.28
C ILE E 272 -51.37 15.53 20.70
N LEU E 273 -50.53 15.79 21.71
CA LEU E 273 -50.98 15.62 23.08
C LEU E 273 -52.12 16.57 23.41
N HIS E 274 -52.03 17.82 22.93
CA HIS E 274 -53.11 18.78 23.14
C HIS E 274 -54.39 18.31 22.48
N LEU E 275 -54.29 17.79 21.25
CA LEU E 275 -55.47 17.26 20.56
C LEU E 275 -56.07 16.08 21.31
N LEU E 276 -55.23 15.19 21.82
CA LEU E 276 -55.73 14.04 22.57
C LEU E 276 -56.44 14.47 23.85
N LEU E 277 -55.86 15.43 24.58
CA LEU E 277 -56.46 15.88 25.83
C LEU E 277 -57.71 16.72 25.59
N SER E 278 -57.81 17.39 24.44
CA SER E 278 -58.97 18.21 24.16
C SER E 278 -60.12 17.43 23.52
N SER E 279 -59.90 16.17 23.17
CA SER E 279 -60.95 15.37 22.56
C SER E 279 -62.07 15.12 23.56
N PRO E 280 -63.34 15.17 23.13
CA PRO E 280 -64.43 14.97 24.09
C PRO E 280 -64.41 13.63 24.80
N LYS E 281 -64.00 12.56 24.10
CA LYS E 281 -64.05 11.23 24.69
C LYS E 281 -62.88 10.96 25.63
N SER E 282 -61.89 11.86 25.70
CA SER E 282 -60.78 11.66 26.61
C SER E 282 -61.14 11.96 28.05
N LYS E 283 -62.26 12.66 28.28
CA LYS E 283 -62.64 13.02 29.64
C LYS E 283 -63.03 11.78 30.46
N ALA E 284 -63.67 10.80 29.83
CA ALA E 284 -64.09 9.60 30.55
C ALA E 284 -63.02 8.51 30.54
N MET E 285 -61.88 8.76 29.91
CA MET E 285 -60.84 7.74 29.83
C MET E 285 -59.93 7.80 31.05
N ASP E 286 -59.34 6.65 31.38
CA ASP E 286 -58.44 6.53 32.52
C ASP E 286 -57.01 6.61 32.00
N PHE E 287 -56.32 7.70 32.35
CA PHE E 287 -54.97 7.96 31.90
C PHE E 287 -53.90 7.68 32.96
N SER E 288 -54.26 7.00 34.04
CA SER E 288 -53.32 6.81 35.15
C SER E 288 -52.08 6.02 34.75
N GLY E 289 -52.25 4.95 33.98
CA GLY E 289 -51.14 4.11 33.59
C GLY E 289 -50.43 4.48 32.32
N TRP E 290 -50.74 5.64 31.74
CA TRP E 290 -50.21 6.05 30.45
C TRP E 290 -49.02 6.99 30.64
N LYS E 291 -47.89 6.65 30.03
CA LYS E 291 -46.71 7.51 30.03
C LYS E 291 -46.48 8.01 28.62
N VAL E 292 -46.31 9.32 28.46
CA VAL E 292 -46.05 9.94 27.18
C VAL E 292 -44.83 10.85 27.32
N VAL E 293 -43.91 10.77 26.36
CA VAL E 293 -42.76 11.65 26.30
C VAL E 293 -42.93 12.60 25.13
N ILE E 294 -42.78 13.89 25.38
CA ILE E 294 -43.08 14.93 24.41
C ILE E 294 -41.77 15.47 23.85
N GLY E 295 -41.61 15.38 22.53
CA GLY E 295 -40.43 15.88 21.86
C GLY E 295 -40.81 16.63 20.60
N GLY E 296 -39.78 17.05 19.86
CA GLY E 296 -39.97 17.78 18.63
C GLY E 296 -40.24 19.26 18.79
N ALA E 297 -40.83 19.68 19.91
CA ALA E 297 -41.10 21.08 20.16
C ALA E 297 -41.17 21.30 21.67
N ALA E 298 -41.06 22.55 22.07
CA ALA E 298 -41.11 22.89 23.50
C ALA E 298 -42.48 22.53 24.06
N LEU E 299 -42.47 21.85 25.19
CA LEU E 299 -43.72 21.46 25.85
C LEU E 299 -44.23 22.61 26.70
N PRO E 300 -45.41 23.17 26.40
CA PRO E 300 -45.93 24.27 27.23
C PRO E 300 -46.18 23.80 28.66
N LYS E 301 -45.92 24.71 29.61
CA LYS E 301 -46.15 24.38 31.01
C LYS E 301 -47.63 24.14 31.28
N ALA E 302 -48.51 24.91 30.64
CA ALA E 302 -49.94 24.72 30.82
C ALA E 302 -50.39 23.35 30.32
N LEU E 303 -49.89 22.92 29.16
CA LEU E 303 -50.24 21.61 28.63
C LEU E 303 -49.71 20.50 29.53
N CYS E 304 -48.49 20.66 30.04
CA CYS E 304 -47.92 19.67 30.95
C CYS E 304 -48.74 19.57 32.23
N LYS E 305 -49.16 20.72 32.76
CA LYS E 305 -49.98 20.73 33.98
C LYS E 305 -51.33 20.07 33.72
N SER E 306 -51.94 20.35 32.57
CA SER E 306 -53.21 19.71 32.24
C SER E 306 -53.06 18.20 32.10
N ALA E 307 -51.97 17.75 31.49
CA ALA E 307 -51.72 16.31 31.39
C ALA E 307 -51.49 15.68 32.76
N LEU E 308 -50.75 16.38 33.63
CA LEU E 308 -50.50 15.86 34.96
C LEU E 308 -51.79 15.76 35.77
N GLU E 309 -52.69 16.73 35.59
CA GLU E 309 -53.99 16.66 36.26
C GLU E 309 -54.82 15.48 35.81
N ARG E 310 -54.48 14.85 34.69
CA ARG E 310 -55.11 13.62 34.23
C ARG E 310 -54.32 12.38 34.64
N ASP E 311 -53.37 12.53 35.56
CA ASP E 311 -52.50 11.45 36.04
C ASP E 311 -51.64 10.87 34.93
N ILE E 312 -51.24 11.70 33.95
CA ILE E 312 -50.37 11.24 32.89
C ILE E 312 -48.92 11.51 33.29
N ASP E 313 -48.08 10.48 33.18
CA ASP E 313 -46.64 10.63 33.41
C ASP E 313 -46.04 11.26 32.15
N VAL E 314 -46.15 12.57 32.07
CA VAL E 314 -45.71 13.34 30.91
C VAL E 314 -44.36 13.97 31.22
N PHE E 315 -43.40 13.81 30.31
CA PHE E 315 -42.09 14.40 30.45
C PHE E 315 -41.55 14.70 29.06
N ALA E 316 -40.59 15.62 28.99
CA ALA E 316 -40.12 16.11 27.71
C ALA E 316 -38.81 15.45 27.30
N GLY E 317 -38.53 15.52 25.99
CA GLY E 317 -37.29 15.04 25.44
C GLY E 317 -36.87 15.95 24.32
N TYR E 318 -35.62 15.77 23.87
CA TYR E 318 -35.07 16.67 22.87
C TYR E 318 -34.19 15.91 21.89
N GLY E 319 -34.26 16.30 20.63
CA GLY E 319 -33.41 15.73 19.61
C GLY E 319 -33.70 16.38 18.27
N MET E 320 -32.95 15.95 17.26
CA MET E 320 -33.18 16.41 15.90
C MET E 320 -32.81 15.30 14.94
N SER E 321 -33.18 15.50 13.67
CA SER E 321 -32.95 14.51 12.62
C SER E 321 -31.47 14.14 12.51
N GLU E 322 -30.59 15.08 12.85
CA GLU E 322 -29.16 14.85 12.73
C GLU E 322 -28.58 14.06 13.90
N THR E 323 -29.30 13.92 15.01
CA THR E 323 -28.69 13.47 16.26
C THR E 323 -29.30 12.18 16.81
N GLY E 324 -29.94 11.38 15.97
CA GLY E 324 -30.31 10.06 16.40
C GLY E 324 -31.79 9.68 16.50
N PRO E 325 -32.65 10.55 17.07
CA PRO E 325 -32.50 11.95 17.49
C PRO E 325 -32.15 12.19 18.95
N ILE E 326 -32.41 11.23 19.85
CA ILE E 326 -32.49 11.54 21.28
C ILE E 326 -31.15 12.04 21.79
N LEU E 327 -31.16 13.23 22.38
CA LEU E 327 -30.00 13.82 23.04
C LEU E 327 -30.21 14.05 24.52
N SER E 328 -31.44 14.38 24.93
CA SER E 328 -31.73 14.65 26.33
C SER E 328 -33.17 14.24 26.62
N ILE E 329 -33.39 13.70 27.82
CA ILE E 329 -34.72 13.30 28.29
C ILE E 329 -34.89 13.80 29.71
N VAL E 330 -36.10 14.27 30.02
CA VAL E 330 -36.40 14.73 31.38
C VAL E 330 -36.52 13.52 32.29
N GLN E 331 -35.63 13.42 33.27
CA GLN E 331 -35.68 12.38 34.29
C GLN E 331 -35.71 13.05 35.66
N LEU E 332 -36.72 12.70 36.45
CA LEU E 332 -36.97 13.36 37.73
C LEU E 332 -36.47 12.51 38.88
N THR E 333 -35.73 13.15 39.79
CA THR E 333 -35.30 12.50 41.02
C THR E 333 -36.50 12.29 41.93
N PRO E 334 -36.41 11.32 42.86
CA PRO E 334 -37.53 11.10 43.79
C PRO E 334 -37.90 12.31 44.61
N GLU E 335 -36.95 13.20 44.90
CA GLU E 335 -37.28 14.45 45.57
C GLU E 335 -38.17 15.33 44.69
N GLN E 336 -37.87 15.39 43.39
CA GLN E 336 -38.67 16.19 42.48
C GLN E 336 -40.06 15.60 42.25
N LEU E 337 -40.22 14.29 42.41
CA LEU E 337 -41.53 13.67 42.26
C LEU E 337 -42.46 13.99 43.43
N GLU E 338 -41.91 14.47 44.55
CA GLU E 338 -42.72 14.85 45.70
C GLU E 338 -43.23 16.28 45.63
N LEU E 339 -42.81 17.05 44.61
CA LEU E 339 -43.22 18.43 44.49
C LEU E 339 -44.67 18.54 44.06
N ASP E 340 -45.21 19.74 44.17
CA ASP E 340 -46.59 20.00 43.76
C ASP E 340 -46.73 19.91 42.24
N VAL E 341 -47.96 20.07 41.78
CA VAL E 341 -48.25 19.92 40.36
C VAL E 341 -47.56 21.00 39.54
N ASP E 342 -47.54 22.23 40.03
CA ASP E 342 -46.93 23.32 39.26
C ASP E 342 -45.42 23.14 39.13
N GLN E 343 -44.74 22.81 40.22
CA GLN E 343 -43.30 22.59 40.16
C GLN E 343 -42.96 21.37 39.31
N GLN E 344 -43.76 20.32 39.42
CA GLN E 344 -43.54 19.14 38.57
C GLN E 344 -43.74 19.47 37.10
N ALA E 345 -44.73 20.30 36.78
CA ALA E 345 -44.92 20.74 35.40
C ALA E 345 -43.75 21.59 34.93
N GLU E 346 -43.21 22.44 35.80
CA GLU E 346 -42.05 23.24 35.45
C GLU E 346 -40.85 22.35 35.14
N TYR E 347 -40.63 21.32 35.96
CA TYR E 347 -39.48 20.44 35.75
C TYR E 347 -39.67 19.54 34.52
N ARG E 348 -40.90 19.06 34.31
CA ARG E 348 -41.16 18.14 33.21
C ARG E 348 -41.15 18.83 31.85
N SER E 349 -41.33 20.15 31.83
CA SER E 349 -41.35 20.91 30.58
C SER E 349 -39.95 21.35 30.15
N LYS E 350 -38.92 21.00 30.90
CA LYS E 350 -37.56 21.36 30.54
C LYS E 350 -37.12 20.58 29.30
N THR E 351 -36.06 21.07 28.66
CA THR E 351 -35.48 20.35 27.54
C THR E 351 -34.92 18.99 27.97
N GLY E 352 -34.43 18.88 29.20
CA GLY E 352 -34.04 17.62 29.78
C GLY E 352 -32.54 17.52 30.00
N LYS E 353 -32.17 16.50 30.77
CA LYS E 353 -30.77 16.19 31.02
C LYS E 353 -30.24 15.30 29.90
N LYS E 354 -28.98 15.51 29.53
CA LYS E 354 -28.39 14.77 28.43
C LYS E 354 -28.39 13.27 28.73
N VAL E 355 -28.69 12.48 27.70
CA VAL E 355 -28.80 11.04 27.85
C VAL E 355 -27.40 10.41 27.86
N ALA E 356 -27.35 9.12 28.16
CA ALA E 356 -26.08 8.40 28.26
C ALA E 356 -25.25 8.56 26.99
N LEU E 357 -23.94 8.71 27.20
CA LEU E 357 -22.91 8.81 26.16
C LEU E 357 -23.02 10.08 25.33
N VAL E 358 -23.69 11.11 25.81
CA VAL E 358 -23.85 12.35 25.06
C VAL E 358 -23.12 13.47 25.79
N GLU E 359 -22.28 14.18 25.05
CA GLU E 359 -21.60 15.39 25.55
C GLU E 359 -22.35 16.61 25.06
N ALA E 360 -22.91 17.39 25.98
CA ALA E 360 -23.70 18.55 25.64
C ALA E 360 -23.06 19.79 26.24
N TYR E 361 -22.79 20.78 25.40
CA TYR E 361 -22.23 22.05 25.83
C TYR E 361 -22.98 23.19 25.17
N ILE E 362 -23.03 24.32 25.87
CA ILE E 362 -23.55 25.56 25.32
C ILE E 362 -22.38 26.50 25.05
N VAL E 363 -22.26 26.95 23.80
CA VAL E 363 -21.11 27.72 23.37
C VAL E 363 -21.59 28.99 22.67
N ASP E 364 -20.68 29.95 22.55
CA ASP E 364 -20.94 31.18 21.84
C ASP E 364 -20.59 31.02 20.36
N GLU E 365 -20.52 32.15 19.65
CA GLU E 365 -20.18 32.10 18.23
C GLU E 365 -18.75 31.63 18.02
N ASP E 366 -17.89 31.78 19.02
CA ASP E 366 -16.51 31.33 18.93
C ASP E 366 -16.26 29.98 19.61
N MET E 367 -17.33 29.30 20.04
CA MET E 367 -17.23 27.99 20.67
C MET E 367 -16.38 28.04 21.94
N ASN E 368 -16.81 28.83 22.92
CA ASN E 368 -16.04 29.02 24.14
C ASN E 368 -16.62 28.28 25.35
N LYS E 369 -17.65 27.45 25.17
CA LYS E 369 -18.19 26.63 26.25
C LYS E 369 -18.66 27.48 27.43
N LEU E 370 -19.70 28.29 27.22
CA LEU E 370 -20.29 29.15 28.24
C LEU E 370 -20.58 28.38 29.52
N PRO E 371 -20.50 29.04 30.68
CA PRO E 371 -20.74 28.35 31.95
C PRO E 371 -22.18 27.89 32.07
N HIS E 372 -22.36 26.81 32.84
CA HIS E 372 -23.68 26.19 33.03
C HIS E 372 -24.45 26.87 34.16
N ASP E 373 -24.88 28.10 33.88
CA ASP E 373 -25.83 28.78 34.75
C ASP E 373 -27.24 28.68 34.17
N GLY E 374 -28.23 29.01 35.00
CA GLY E 374 -29.61 28.90 34.57
C GLY E 374 -30.08 30.10 33.77
N GLU E 375 -29.16 30.99 33.41
CA GLU E 375 -29.51 32.19 32.68
C GLU E 375 -28.64 32.41 31.45
N THR E 376 -27.41 31.88 31.47
CA THR E 376 -26.49 32.08 30.37
C THR E 376 -26.86 31.16 29.20
N ALA E 377 -27.23 31.76 28.07
CA ALA E 377 -27.73 31.03 26.92
C ALA E 377 -26.69 30.98 25.81
N GLY E 378 -26.55 29.81 25.20
CA GLY E 378 -25.64 29.62 24.09
C GLY E 378 -26.14 28.50 23.20
N GLU E 379 -25.44 28.29 22.09
CA GLU E 379 -25.84 27.25 21.15
C GLU E 379 -25.41 25.88 21.67
N ILE E 380 -26.33 24.92 21.59
CA ILE E 380 -26.02 23.56 22.02
C ILE E 380 -25.16 22.89 20.95
N VAL E 381 -24.01 22.37 21.37
CA VAL E 381 -23.15 21.55 20.53
C VAL E 381 -22.97 20.21 21.21
N VAL E 382 -23.07 19.13 20.43
CA VAL E 382 -23.16 17.80 21.00
C VAL E 382 -22.17 16.85 20.34
N ARG E 383 -21.71 15.87 21.12
CA ARG E 383 -21.02 14.69 20.64
C ARG E 383 -21.73 13.47 21.19
N ALA E 384 -21.98 12.50 20.32
CA ALA E 384 -22.76 11.33 20.70
C ALA E 384 -22.41 10.20 19.73
N PRO E 385 -22.63 8.94 20.13
CA PRO E 385 -22.35 7.82 19.22
C PRO E 385 -23.31 7.72 18.04
N TRP E 386 -24.38 8.50 18.02
CA TRP E 386 -25.42 8.36 17.02
C TRP E 386 -25.69 9.69 16.32
N LEU E 387 -24.63 10.40 15.95
CA LEU E 387 -24.74 11.64 15.21
C LEU E 387 -24.40 11.39 13.75
N THR E 388 -25.11 12.06 12.85
CA THR E 388 -24.78 11.96 11.45
C THR E 388 -23.43 12.61 11.18
N PRO E 389 -22.52 11.97 10.46
CA PRO E 389 -21.21 12.58 10.22
C PRO E 389 -21.26 13.78 9.31
N ASN E 390 -22.24 13.83 8.41
CA ASN E 390 -22.37 14.92 7.46
C ASN E 390 -23.74 14.83 6.80
N TYR E 391 -24.05 15.81 5.97
CA TYR E 391 -25.23 15.76 5.14
C TYR E 391 -24.91 15.00 3.85
N TYR E 392 -25.85 14.18 3.40
CA TYR E 392 -25.60 13.31 2.26
C TYR E 392 -25.37 14.13 1.00
N LYS E 393 -24.26 13.84 0.32
CA LYS E 393 -23.88 14.52 -0.93
C LYS E 393 -23.85 16.03 -0.75
N ASP E 394 -23.35 16.49 0.40
CA ASP E 394 -23.21 17.92 0.68
C ASP E 394 -21.88 18.14 1.39
N ASN E 395 -21.26 19.29 1.13
CA ASN E 395 -19.95 19.61 1.69
C ASN E 395 -19.96 20.83 2.61
N LYS E 396 -20.47 21.96 2.12
CA LYS E 396 -20.39 23.19 2.91
C LYS E 396 -21.35 23.17 4.09
N ASN E 397 -22.58 22.72 3.87
CA ASN E 397 -23.50 22.56 5.01
C ASN E 397 -23.01 21.49 5.96
N SER E 398 -22.39 20.43 5.44
CA SER E 398 -21.79 19.42 6.30
C SER E 398 -20.66 20.02 7.13
N LYS E 399 -19.83 20.86 6.52
CA LYS E 399 -18.74 21.50 7.25
C LYS E 399 -19.28 22.43 8.33
N ALA E 400 -20.36 23.17 8.03
CA ALA E 400 -20.95 24.06 9.03
C ALA E 400 -21.61 23.26 10.15
N LEU E 401 -22.12 22.07 9.84
CA LEU E 401 -22.78 21.26 10.86
C LEU E 401 -21.80 20.80 11.93
N TRP E 402 -20.59 20.41 11.52
CA TRP E 402 -19.59 19.89 12.45
C TRP E 402 -18.46 20.89 12.69
N ARG E 403 -18.75 22.18 12.63
CA ARG E 403 -17.74 23.21 12.86
C ARG E 403 -17.23 23.13 14.29
N GLY E 404 -15.90 23.21 14.44
CA GLY E 404 -15.28 23.19 15.75
C GLY E 404 -15.18 21.83 16.39
N GLY E 405 -15.44 20.76 15.66
CA GLY E 405 -15.35 19.43 16.24
C GLY E 405 -16.58 18.98 16.99
N TYR E 406 -17.66 19.75 16.93
CA TYR E 406 -18.92 19.39 17.59
C TYR E 406 -20.07 19.59 16.61
N LEU E 407 -21.10 18.77 16.75
CA LEU E 407 -22.29 18.93 15.93
C LEU E 407 -23.08 20.12 16.43
N HIS E 408 -23.39 21.05 15.53
CA HIS E 408 -24.09 22.27 15.90
C HIS E 408 -25.59 22.06 15.75
N THR E 409 -26.30 22.09 16.87
CA THR E 409 -27.74 21.85 16.86
C THR E 409 -28.53 23.03 16.33
N GLY E 410 -27.98 24.24 16.40
CA GLY E 410 -28.73 25.42 16.03
C GLY E 410 -29.73 25.89 17.05
N ASP E 411 -29.73 25.30 18.25
CA ASP E 411 -30.65 25.66 19.31
C ASP E 411 -29.90 26.42 20.40
N VAL E 412 -30.51 27.52 20.86
CA VAL E 412 -29.95 28.33 21.93
C VAL E 412 -30.62 27.93 23.24
N ALA E 413 -29.81 27.60 24.24
CA ALA E 413 -30.34 27.09 25.49
C ALA E 413 -29.42 27.45 26.64
N HIS E 414 -29.97 27.38 27.85
CA HIS E 414 -29.20 27.50 29.08
C HIS E 414 -29.33 26.22 29.89
N ILE E 415 -28.21 25.78 30.46
CA ILE E 415 -28.14 24.57 31.25
C ILE E 415 -27.85 24.97 32.69
N ASP E 416 -28.74 24.60 33.61
CA ASP E 416 -28.55 24.98 35.00
C ASP E 416 -27.47 24.12 35.65
N ASP E 417 -27.26 24.37 36.95
CA ASP E 417 -26.18 23.71 37.68
C ASP E 417 -26.40 22.20 37.77
N GLU E 418 -27.65 21.75 37.92
CA GLU E 418 -27.93 20.33 38.07
C GLU E 418 -28.03 19.60 36.74
N GLY E 419 -27.91 20.30 35.61
CA GLY E 419 -27.85 19.66 34.32
C GLY E 419 -29.09 19.74 33.47
N PHE E 420 -30.13 20.45 33.91
CA PHE E 420 -31.34 20.60 33.10
C PHE E 420 -31.11 21.61 31.98
N ILE E 421 -31.29 21.16 30.75
CA ILE E 421 -31.22 22.07 29.60
C ILE E 421 -32.58 22.73 29.43
N LYS E 422 -32.59 23.97 28.93
CA LYS E 422 -33.81 24.69 28.65
C LYS E 422 -33.61 25.50 27.37
N ILE E 423 -34.21 25.04 26.27
CA ILE E 423 -34.04 25.71 24.98
C ILE E 423 -34.83 27.02 25.00
N THR E 424 -34.17 28.11 24.60
CA THR E 424 -34.80 29.41 24.49
C THR E 424 -35.36 29.68 23.10
N ASP E 425 -34.54 29.55 22.06
CA ASP E 425 -34.98 29.72 20.69
C ASP E 425 -33.91 29.16 19.75
N ARG E 426 -34.07 29.39 18.46
CA ARG E 426 -33.10 28.96 17.47
C ARG E 426 -31.98 29.99 17.34
N VAL E 427 -30.87 29.56 16.74
CA VAL E 427 -29.75 30.48 16.50
C VAL E 427 -30.14 31.51 15.44
N LYS E 428 -30.80 31.08 14.38
CA LYS E 428 -31.24 31.99 13.33
C LYS E 428 -32.26 33.00 13.82
N ASP E 429 -32.93 32.73 14.94
CA ASP E 429 -33.95 33.61 15.49
C ASP E 429 -33.39 34.57 16.54
N MET E 430 -32.08 34.60 16.75
CA MET E 430 -31.47 35.47 17.73
C MET E 430 -31.66 36.93 17.32
N ILE E 431 -32.07 37.77 18.27
CA ILE E 431 -32.20 39.21 18.04
C ILE E 431 -30.92 39.87 18.54
N LYS E 432 -30.16 40.46 17.63
CA LYS E 432 -28.87 41.06 17.97
C LYS E 432 -29.03 42.54 18.33
N ILE E 433 -29.55 42.77 19.54
CA ILE E 433 -29.66 44.12 20.07
C ILE E 433 -28.34 44.49 20.73
N SER E 434 -27.41 45.03 19.95
CA SER E 434 -26.04 45.35 20.39
C SER E 434 -25.44 44.06 20.97
N GLY E 435 -24.80 44.11 22.14
CA GLY E 435 -24.26 42.91 22.74
C GLY E 435 -25.25 42.08 23.54
N GLU E 436 -26.48 42.55 23.68
CA GLU E 436 -27.50 41.86 24.47
C GLU E 436 -28.45 41.12 23.55
N TRP E 437 -28.09 39.89 23.22
CA TRP E 437 -28.94 39.04 22.40
C TRP E 437 -30.13 38.55 23.23
N VAL E 438 -31.33 38.65 22.65
CA VAL E 438 -32.55 38.22 23.31
C VAL E 438 -33.27 37.23 22.42
N SER E 439 -33.97 36.29 23.06
CA SER E 439 -34.69 35.26 22.32
C SER E 439 -36.03 35.79 21.82
N SER E 440 -36.36 35.41 20.58
CA SER E 440 -37.64 35.81 20.00
C SER E 440 -38.79 35.05 20.67
N LEU E 441 -38.55 33.82 21.11
CA LEU E 441 -39.62 33.00 21.64
C LEU E 441 -40.14 33.53 22.97
N GLU E 442 -39.28 34.14 23.79
CA GLU E 442 -39.77 34.71 25.04
C GLU E 442 -40.71 35.88 24.78
N LEU E 443 -40.39 36.73 23.80
CA LEU E 443 -41.29 37.82 23.44
C LEU E 443 -42.57 37.31 22.81
N GLU E 444 -42.48 36.26 21.99
CA GLU E 444 -43.67 35.65 21.41
C GLU E 444 -44.58 35.10 22.50
N ASP E 445 -44.00 34.43 23.49
CA ASP E 445 -44.77 33.95 24.63
C ASP E 445 -45.38 35.07 25.46
N ILE E 446 -44.66 36.17 25.65
CA ILE E 446 -45.20 37.31 26.37
C ILE E 446 -46.40 37.89 25.64
N LEU E 447 -46.29 38.04 24.31
CA LEU E 447 -47.38 38.61 23.54
C LEU E 447 -48.51 37.61 23.31
N HIS E 448 -48.24 36.32 23.52
CA HIS E 448 -49.25 35.28 23.32
C HIS E 448 -50.29 35.24 24.44
N GLN E 449 -50.11 36.00 25.51
CA GLN E 449 -51.07 36.05 26.60
C GLN E 449 -52.06 37.20 26.47
N HIS E 450 -52.08 37.88 25.33
CA HIS E 450 -52.97 39.01 25.15
C HIS E 450 -54.43 38.53 25.09
N GLN E 451 -55.35 39.48 25.31
CA GLN E 451 -56.77 39.15 25.36
C GLN E 451 -57.28 38.59 24.03
N SER E 452 -56.84 39.18 22.91
CA SER E 452 -57.35 38.78 21.60
C SER E 452 -56.26 38.30 20.66
N VAL E 453 -55.10 37.90 21.17
CA VAL E 453 -54.02 37.44 20.30
C VAL E 453 -54.28 36.00 19.86
N SER E 454 -53.83 35.66 18.66
CA SER E 454 -53.95 34.32 18.12
C SER E 454 -52.61 33.68 17.82
N GLU E 455 -51.70 34.39 17.16
CA GLU E 455 -50.38 33.86 16.83
C GLU E 455 -49.39 35.01 16.82
N VAL E 456 -48.21 34.76 17.39
CA VAL E 456 -47.14 35.75 17.49
C VAL E 456 -45.90 35.20 16.82
N ALA E 457 -45.24 36.04 16.02
CA ALA E 457 -44.00 35.66 15.34
C ALA E 457 -43.08 36.88 15.33
N VAL E 458 -42.17 36.95 16.29
CA VAL E 458 -41.21 38.05 16.38
C VAL E 458 -40.07 37.77 15.42
N ILE E 459 -39.84 38.71 14.50
CA ILE E 459 -38.81 38.53 13.47
C ILE E 459 -37.52 39.24 13.84
N GLY E 460 -37.58 40.56 13.97
CA GLY E 460 -36.38 41.35 14.17
C GLY E 460 -35.78 41.81 12.84
N MET E 461 -35.67 43.11 12.65
CA MET E 461 -35.14 43.68 11.42
C MET E 461 -34.04 44.68 11.77
N PRO E 462 -33.10 44.93 10.85
CA PRO E 462 -31.92 45.73 11.21
C PRO E 462 -32.27 47.13 11.66
N HIS E 463 -31.51 47.62 12.63
CA HIS E 463 -31.68 48.95 13.20
C HIS E 463 -30.33 49.66 13.20
N ASN E 464 -30.36 50.97 12.96
CA ASN E 464 -29.11 51.73 12.85
C ASN E 464 -28.36 51.77 14.18
N LYS E 465 -29.06 51.96 15.30
CA LYS E 465 -28.40 52.13 16.58
C LYS E 465 -28.08 50.79 17.24
N TRP E 466 -29.10 49.94 17.41
CA TRP E 466 -28.96 48.70 18.16
C TRP E 466 -28.67 47.49 17.29
N GLY E 467 -28.46 47.68 16.00
CA GLY E 467 -28.22 46.54 15.11
C GLY E 467 -29.47 45.77 14.73
N GLU E 468 -30.21 45.29 15.73
CA GLU E 468 -31.48 44.61 15.50
C GLU E 468 -32.47 45.03 16.58
N VAL E 469 -33.73 45.13 16.18
CA VAL E 469 -34.81 45.43 17.13
C VAL E 469 -35.95 44.44 16.88
N PRO E 470 -36.61 43.95 17.92
CA PRO E 470 -37.57 42.83 17.78
C PRO E 470 -38.91 43.24 17.19
N LEU E 471 -38.98 43.29 15.87
CA LEU E 471 -40.26 43.47 15.19
C LEU E 471 -41.14 42.26 15.45
N ALA E 472 -42.40 42.51 15.81
CA ALA E 472 -43.32 41.44 16.18
C ALA E 472 -44.53 41.44 15.26
N LEU E 473 -44.92 40.26 14.81
CA LEU E 473 -46.13 40.07 14.02
C LEU E 473 -47.19 39.38 14.87
N VAL E 474 -48.39 39.93 14.89
CA VAL E 474 -49.48 39.43 15.72
C VAL E 474 -50.72 39.21 14.88
N THR E 475 -51.28 38.01 14.97
CA THR E 475 -52.58 37.70 14.41
C THR E 475 -53.63 37.73 15.52
N LEU E 476 -54.84 38.17 15.16
CA LEU E 476 -55.86 38.47 16.14
C LEU E 476 -57.13 37.69 15.86
N LYS E 477 -57.98 37.62 16.89
CA LYS E 477 -59.28 36.97 16.75
C LYS E 477 -60.16 37.76 15.78
N GLU E 478 -61.04 37.03 15.08
CA GLU E 478 -61.87 37.64 14.07
C GLU E 478 -62.74 38.75 14.65
N ASP E 479 -62.73 39.91 13.99
CA ASP E 479 -63.55 41.07 14.33
C ASP E 479 -63.16 41.71 15.66
N ALA E 480 -62.25 41.09 16.40
CA ALA E 480 -61.75 41.65 17.65
C ALA E 480 -60.38 42.32 17.41
N GLN E 481 -60.42 43.39 16.62
CA GLN E 481 -59.19 44.05 16.20
C GLN E 481 -58.52 44.75 17.38
N VAL E 482 -57.19 44.64 17.42
CA VAL E 482 -56.36 45.29 18.43
C VAL E 482 -55.26 46.06 17.72
N THR E 483 -55.06 47.30 18.12
CA THR E 483 -54.10 48.18 17.48
C THR E 483 -52.68 47.92 18.02
N GLU E 484 -51.70 48.53 17.36
CA GLU E 484 -50.31 48.36 17.75
C GLU E 484 -50.05 48.90 19.15
N LYS E 485 -50.62 50.07 19.47
CA LYS E 485 -50.37 50.70 20.75
C LYS E 485 -50.90 49.86 21.91
N GLU E 486 -52.07 49.25 21.75
CA GLU E 486 -52.61 48.38 22.80
C GLU E 486 -51.70 47.17 23.04
N LEU E 487 -51.19 46.56 21.96
CA LEU E 487 -50.27 45.45 22.13
C LEU E 487 -48.97 45.88 22.80
N LEU E 488 -48.46 47.07 22.44
CA LEU E 488 -47.27 47.59 23.09
C LEU E 488 -47.52 47.82 24.58
N GLY E 489 -48.68 48.37 24.92
CA GLY E 489 -49.00 48.57 26.32
C GLY E 489 -49.11 47.26 27.09
N PHE E 490 -49.73 46.25 26.47
CA PHE E 490 -49.82 44.94 27.11
C PHE E 490 -48.45 44.31 27.30
N ALA E 491 -47.58 44.44 26.30
CA ALA E 491 -46.26 43.84 26.38
C ALA E 491 -45.38 44.53 27.41
N LYS E 492 -45.67 45.79 27.73
CA LYS E 492 -44.87 46.52 28.70
C LYS E 492 -45.13 46.00 30.11
N ASP E 493 -44.26 46.44 31.04
CA ASP E 493 -44.36 46.13 32.47
C ASP E 493 -44.16 44.66 32.78
N PHE E 494 -43.66 43.86 31.84
CA PHE E 494 -43.38 42.47 32.11
C PHE E 494 -41.99 42.31 32.72
N ILE E 495 -41.72 41.10 33.20
CA ILE E 495 -40.45 40.83 33.89
C ILE E 495 -39.31 40.85 32.88
N ASN E 496 -38.26 41.60 33.22
CA ASN E 496 -37.03 41.71 32.42
C ASN E 496 -37.28 42.39 31.08
N LYS E 497 -36.21 42.96 30.50
CA LYS E 497 -36.30 43.64 29.22
C LYS E 497 -34.89 43.86 28.69
N GLY E 498 -34.82 44.43 27.49
CA GLY E 498 -33.56 44.65 26.81
C GLY E 498 -33.22 46.13 26.69
N ILE E 499 -32.02 46.47 27.16
CA ILE E 499 -31.32 47.74 26.93
C ILE E 499 -32.13 48.97 27.35
N LEU E 500 -33.43 48.99 27.07
CA LEU E 500 -34.21 50.22 27.27
C LEU E 500 -35.55 49.87 27.88
N ALA E 501 -35.77 50.30 29.13
CA ALA E 501 -37.05 50.23 29.81
C ALA E 501 -37.73 48.87 29.67
N ARG E 502 -38.73 48.79 28.80
CA ARG E 502 -39.46 47.56 28.51
C ARG E 502 -39.53 47.33 27.01
N GLU E 503 -38.59 47.90 26.27
CA GLU E 503 -38.44 47.75 24.82
C GLU E 503 -39.69 48.21 24.06
N ALA E 504 -40.42 49.20 24.58
CA ALA E 504 -41.57 49.71 23.87
C ALA E 504 -41.18 50.52 22.63
N LEU E 505 -39.97 51.10 22.63
CA LEU E 505 -39.53 51.90 21.49
C LEU E 505 -38.98 51.03 20.37
N LEU E 506 -38.81 49.74 20.59
CA LEU E 506 -38.19 48.85 19.61
C LEU E 506 -39.10 47.72 19.15
N LEU E 507 -40.15 47.41 19.92
CA LEU E 507 -40.99 46.26 19.59
C LEU E 507 -41.73 46.46 18.28
N LYS E 508 -42.26 47.66 18.04
CA LYS E 508 -42.96 48.05 16.81
C LYS E 508 -43.85 46.94 16.24
N VAL E 509 -44.82 46.48 17.05
CA VAL E 509 -45.67 45.37 16.64
C VAL E 509 -46.49 45.76 15.41
N LYS E 510 -46.64 44.82 14.50
CA LYS E 510 -47.45 45.00 13.29
C LYS E 510 -48.46 43.88 13.19
N ILE E 511 -49.72 44.23 12.92
CA ILE E 511 -50.77 43.23 12.76
C ILE E 511 -50.73 42.71 11.33
N VAL E 512 -50.61 41.39 11.19
CA VAL E 512 -50.46 40.75 9.90
C VAL E 512 -51.61 39.75 9.71
N ASP E 513 -52.12 39.67 8.48
CA ASP E 513 -53.24 38.79 8.18
C ASP E 513 -52.89 37.34 8.44
N GLU E 514 -51.70 36.91 8.01
CA GLU E 514 -51.29 35.52 8.19
C GLU E 514 -49.78 35.46 8.33
N ILE E 515 -49.31 34.39 8.96
CA ILE E 515 -47.88 34.14 9.16
C ILE E 515 -47.47 32.99 8.25
N ALA E 516 -46.40 33.19 7.49
CA ALA E 516 -45.93 32.15 6.58
C ALA E 516 -45.41 30.96 7.38
N LYS E 517 -45.73 29.76 6.90
CA LYS E 517 -45.34 28.53 7.56
C LYS E 517 -44.79 27.55 6.53
N THR E 518 -43.85 26.71 6.97
CA THR E 518 -43.28 25.71 6.09
C THR E 518 -44.27 24.57 5.84
N SER E 519 -43.84 23.62 5.01
CA SER E 519 -44.68 22.46 4.74
C SER E 519 -44.90 21.61 5.99
N VAL E 520 -43.91 21.56 6.88
CA VAL E 520 -44.07 20.83 8.14
C VAL E 520 -45.10 21.50 9.04
N GLY E 521 -45.11 22.83 9.09
CA GLY E 521 -46.03 23.56 9.93
C GLY E 521 -45.40 24.61 10.81
N LYS E 522 -44.07 24.59 10.96
CA LYS E 522 -43.38 25.60 11.74
C LYS E 522 -43.39 26.94 11.03
N VAL E 523 -43.22 28.02 11.81
CA VAL E 523 -43.22 29.35 11.24
C VAL E 523 -41.97 29.54 10.39
N ASP E 524 -42.16 29.99 9.16
CA ASP E 524 -41.05 30.23 8.23
C ASP E 524 -40.65 31.69 8.34
N LYS E 525 -39.73 31.98 9.27
CA LYS E 525 -39.28 33.34 9.47
C LYS E 525 -38.45 33.87 8.31
N LYS E 526 -37.85 32.98 7.50
CA LYS E 526 -37.15 33.42 6.31
C LYS E 526 -38.09 34.09 5.31
N GLU E 527 -39.28 33.51 5.10
CA GLU E 527 -40.27 34.15 4.24
C GLU E 527 -40.80 35.42 4.87
N LEU E 528 -40.97 35.43 6.19
CA LEU E 528 -41.44 36.62 6.88
C LEU E 528 -40.45 37.77 6.74
N ARG E 529 -39.15 37.47 6.70
CA ARG E 529 -38.15 38.51 6.52
C ARG E 529 -38.26 39.17 5.15
N LYS E 530 -38.73 38.41 4.15
CA LYS E 530 -38.90 38.98 2.82
C LYS E 530 -39.93 40.10 2.81
N LEU E 531 -40.96 40.00 3.66
CA LEU E 531 -42.02 40.99 3.67
C LEU E 531 -41.71 42.21 4.53
N HIS E 532 -40.57 42.22 5.23
CA HIS E 532 -40.26 43.34 6.11
C HIS E 532 -38.84 43.86 5.98
N LEU E 533 -37.93 43.18 5.29
CA LEU E 533 -36.58 43.69 5.11
C LEU E 533 -36.00 43.24 3.78
N TYR F 4 -2.94 9.84 17.71
CA TYR F 4 -4.18 9.28 17.16
C TYR F 4 -4.91 10.31 16.31
N VAL F 5 -5.36 9.88 15.13
CA VAL F 5 -6.13 10.74 14.25
C VAL F 5 -7.58 10.75 14.72
N ASN F 6 -7.93 11.70 15.58
CA ASN F 6 -9.25 11.75 16.19
C ASN F 6 -10.19 12.54 15.28
N ASP F 7 -11.08 11.82 14.60
CA ASP F 7 -12.15 12.45 13.85
C ASP F 7 -13.31 12.72 14.80
N PRO F 8 -13.68 13.97 15.03
CA PRO F 8 -14.74 14.27 16.01
C PRO F 8 -16.06 13.59 15.70
N SER F 9 -16.43 13.46 14.43
CA SER F 9 -17.67 12.78 14.08
C SER F 9 -17.58 11.28 14.24
N ASN F 10 -16.38 10.71 14.25
CA ASN F 10 -16.19 9.28 14.44
C ASN F 10 -16.07 9.00 15.93
N TYR F 11 -17.22 8.70 16.54
CA TYR F 11 -17.29 8.49 17.98
C TYR F 11 -16.56 7.20 18.37
N GLN F 12 -15.78 7.28 19.44
CA GLN F 12 -15.08 6.12 19.97
C GLN F 12 -15.68 5.74 21.32
N LEU F 13 -16.02 4.47 21.49
CA LEU F 13 -16.59 3.99 22.75
C LEU F 13 -15.48 3.83 23.79
N LEU F 14 -15.33 4.82 24.65
CA LEU F 14 -14.25 4.84 25.63
C LEU F 14 -14.82 4.88 27.04
N ILE F 15 -14.03 4.37 27.99
CA ILE F 15 -14.43 4.35 29.39
C ILE F 15 -14.58 5.77 29.93
N LYS F 16 -13.83 6.73 29.37
CA LYS F 16 -13.99 8.11 29.79
C LYS F 16 -15.39 8.63 29.45
N ASN F 17 -16.02 8.05 28.44
CA ASN F 17 -17.43 8.38 28.17
C ASN F 17 -18.34 7.74 29.22
N LEU F 18 -17.95 6.57 29.75
CA LEU F 18 -18.69 5.99 30.86
C LEU F 18 -18.62 6.89 32.09
N LEU F 19 -17.46 7.47 32.36
CA LEU F 19 -17.28 8.29 33.55
C LEU F 19 -17.87 9.69 33.40
N PHE F 20 -17.54 10.39 32.32
CA PHE F 20 -17.91 11.79 32.16
C PHE F 20 -19.20 11.99 31.36
N SER F 21 -19.77 10.93 30.80
CA SER F 21 -21.08 11.03 30.17
C SER F 21 -21.98 9.92 30.69
N PRO F 22 -22.32 9.95 31.98
CA PRO F 22 -23.09 8.84 32.56
C PRO F 22 -24.57 8.97 32.29
N VAL F 23 -25.31 7.92 32.67
CA VAL F 23 -26.77 7.98 32.63
C VAL F 23 -27.26 9.08 33.57
N ALA F 24 -26.72 9.12 34.78
CA ALA F 24 -27.02 10.19 35.73
C ALA F 24 -25.74 10.50 36.49
N PHE F 25 -25.61 11.75 36.92
CA PHE F 25 -24.44 12.20 37.67
C PHE F 25 -24.89 13.16 38.76
N ASN F 26 -24.88 12.70 40.00
CA ASN F 26 -25.14 13.57 41.13
C ASN F 26 -23.80 13.89 41.80
N PRO F 27 -23.32 15.12 41.72
CA PRO F 27 -22.00 15.43 42.29
C PRO F 27 -21.93 15.24 43.80
N GLU F 28 -23.06 15.23 44.49
CA GLU F 28 -23.08 15.03 45.94
C GLU F 28 -23.35 13.58 46.33
N GLN F 29 -23.50 12.68 45.36
CA GLN F 29 -23.65 11.27 45.68
C GLN F 29 -22.34 10.71 46.23
N GLU F 30 -22.45 9.82 47.21
CA GLU F 30 -21.31 9.38 48.00
C GLU F 30 -20.70 8.09 47.44
N ILE F 31 -19.37 8.02 47.50
CA ILE F 31 -18.63 6.78 47.33
C ILE F 31 -18.08 6.39 48.70
N VAL F 32 -18.49 5.24 49.21
CA VAL F 32 -18.19 4.82 50.57
C VAL F 32 -17.27 3.62 50.52
N TYR F 33 -16.15 3.71 51.22
CA TYR F 33 -15.21 2.59 51.39
C TYR F 33 -15.35 2.10 52.82
N ALA F 34 -16.29 1.18 53.06
CA ALA F 34 -16.55 0.62 54.37
C ALA F 34 -16.68 1.71 55.42
N ASN F 35 -15.94 1.58 56.51
CA ASN F 35 -15.91 2.58 57.57
C ASN F 35 -14.65 3.44 57.53
N HIS F 36 -13.89 3.39 56.43
CA HIS F 36 -12.63 4.13 56.38
C HIS F 36 -12.81 5.50 55.74
N ARG F 37 -13.46 5.58 54.59
CA ARG F 37 -13.47 6.81 53.81
C ARG F 37 -14.83 7.02 53.17
N ARG F 38 -15.23 8.29 53.06
CA ARG F 38 -16.39 8.70 52.31
C ARG F 38 -16.06 9.96 51.53
N HIS F 39 -16.47 10.01 50.27
CA HIS F 39 -16.33 11.22 49.47
C HIS F 39 -17.38 11.22 48.37
N SER F 40 -17.61 12.40 47.80
CA SER F 40 -18.65 12.59 46.82
C SER F 40 -18.18 12.15 45.43
N TYR F 41 -19.14 12.11 44.49
CA TYR F 41 -18.81 11.78 43.11
C TYR F 41 -17.92 12.83 42.47
N LYS F 42 -18.09 14.11 42.83
CA LYS F 42 -17.17 15.14 42.37
C LYS F 42 -15.76 14.87 42.87
N THR F 43 -15.64 14.50 44.15
CA THR F 43 -14.34 14.12 44.69
C THR F 43 -13.82 12.86 44.00
N PHE F 44 -14.72 11.96 43.62
CA PHE F 44 -14.30 10.75 42.91
C PHE F 44 -13.69 11.10 41.55
N HIS F 45 -14.33 12.01 40.80
CA HIS F 45 -13.78 12.44 39.53
C HIS F 45 -12.46 13.18 39.72
N ASP F 46 -12.38 14.03 40.75
CA ASP F 46 -11.14 14.73 41.03
C ASP F 46 -10.01 13.75 41.35
N ARG F 47 -10.32 12.70 42.13
CA ARG F 47 -9.31 11.70 42.45
C ARG F 47 -8.92 10.88 41.22
N VAL F 48 -9.87 10.63 40.32
CA VAL F 48 -9.52 9.94 39.07
C VAL F 48 -8.54 10.78 38.27
N ARG F 49 -8.79 12.08 38.16
CA ARG F 49 -7.88 12.95 37.42
C ARG F 49 -6.53 13.06 38.13
N GLN F 50 -6.53 13.12 39.46
CA GLN F 50 -5.28 13.14 40.21
C GLN F 50 -4.48 11.86 40.01
N PHE F 51 -5.17 10.71 39.99
CA PHE F 51 -4.49 9.45 39.74
C PHE F 51 -3.92 9.39 38.33
N ALA F 52 -4.65 9.94 37.36
CA ALA F 52 -4.13 10.02 36.00
C ALA F 52 -2.87 10.87 35.96
N ASN F 53 -2.88 12.01 36.65
CA ASN F 53 -1.69 12.86 36.72
C ASN F 53 -0.52 12.13 37.37
N ALA F 54 -0.79 11.41 38.45
CA ALA F 54 0.27 10.66 39.14
C ALA F 54 0.84 9.57 38.26
N LEU F 55 -0.03 8.86 37.52
CA LEU F 55 0.45 7.83 36.61
C LEU F 55 1.29 8.42 35.50
N THR F 56 0.88 9.58 34.97
CA THR F 56 1.68 10.26 33.96
C THR F 56 3.03 10.66 34.53
N LYS F 57 3.05 11.16 35.77
CA LYS F 57 4.32 11.49 36.42
C LYS F 57 5.16 10.25 36.66
N MET F 58 4.54 9.12 37.02
CA MET F 58 5.25 7.87 37.23
C MET F 58 5.78 7.26 35.93
N GLY F 59 5.57 7.91 34.79
CA GLY F 59 6.07 7.38 33.54
C GLY F 59 5.17 6.38 32.85
N VAL F 60 3.93 6.25 33.30
CA VAL F 60 3.00 5.32 32.67
C VAL F 60 2.45 5.94 31.40
N LYS F 61 2.73 5.33 30.26
CA LYS F 61 2.28 5.78 28.97
C LYS F 61 1.17 4.88 28.44
N LYS F 62 0.60 5.28 27.30
CA LYS F 62 -0.41 4.46 26.65
C LYS F 62 0.20 3.14 26.21
N GLY F 63 -0.48 2.05 26.53
CA GLY F 63 0.01 0.71 26.27
C GLY F 63 0.72 0.05 27.42
N ASP F 64 1.08 0.80 28.46
CA ASP F 64 1.71 0.21 29.63
C ASP F 64 0.69 -0.56 30.45
N THR F 65 1.20 -1.45 31.30
CA THR F 65 0.37 -2.29 32.15
C THR F 65 0.58 -1.92 33.60
N VAL F 66 -0.51 -1.59 34.29
CA VAL F 66 -0.47 -1.27 35.72
C VAL F 66 -1.25 -2.36 36.45
N ALA F 67 -0.59 -3.03 37.38
CA ALA F 67 -1.17 -4.13 38.13
C ALA F 67 -1.70 -3.63 39.48
N VAL F 68 -2.79 -4.24 39.93
CA VAL F 68 -3.44 -3.89 41.19
C VAL F 68 -3.63 -5.15 42.01
N MET F 69 -3.19 -5.10 43.28
CA MET F 69 -3.41 -6.16 44.26
C MET F 69 -4.08 -5.50 45.46
N ASP F 70 -5.40 -5.42 45.43
CA ASP F 70 -6.14 -4.67 46.44
C ASP F 70 -7.50 -5.32 46.67
N TYR F 71 -8.09 -5.00 47.82
CA TYR F 71 -9.46 -5.38 48.10
C TYR F 71 -10.42 -4.45 47.38
N ASP F 72 -11.71 -4.74 47.50
CA ASP F 72 -12.76 -3.88 46.93
C ASP F 72 -12.82 -2.54 47.64
N SER F 73 -12.29 -1.53 47.02
CA SER F 73 -12.18 -0.24 47.68
C SER F 73 -12.43 0.86 46.66
N HIS F 74 -12.45 2.10 47.16
CA HIS F 74 -12.52 3.25 46.28
C HIS F 74 -11.28 3.35 45.40
N ARG F 75 -10.13 2.91 45.93
CA ARG F 75 -8.90 2.91 45.13
C ARG F 75 -9.04 1.98 43.93
N TYR F 76 -9.71 0.85 44.14
CA TYR F 76 -9.90 -0.12 43.03
C TYR F 76 -10.75 0.53 41.92
N LEU F 77 -11.83 1.21 42.32
CA LEU F 77 -12.69 1.88 41.33
C LEU F 77 -11.93 2.98 40.60
N GLU F 78 -11.16 3.77 41.35
CA GLU F 78 -10.35 4.81 40.72
C GLU F 78 -9.34 4.21 39.76
N CYS F 79 -8.96 2.96 39.97
CA CYS F 79 -8.11 2.24 39.04
C CYS F 79 -8.88 1.74 37.79
N TYR F 80 -10.14 1.35 37.95
CA TYR F 80 -11.01 0.96 36.81
C TYR F 80 -11.21 2.04 35.78
N PHE F 81 -11.16 3.25 36.23
CA PHE F 81 -11.32 4.35 35.36
C PHE F 81 -10.02 4.93 34.94
N ALA F 82 -9.26 5.45 35.87
CA ALA F 82 -8.02 6.14 35.53
C ALA F 82 -7.00 5.38 34.72
N ILE F 83 -6.80 4.15 35.07
CA ILE F 83 -5.74 3.43 34.37
C ILE F 83 -6.13 3.17 32.91
N PRO F 84 -7.31 2.64 32.59
CA PRO F 84 -7.69 2.55 31.17
C PRO F 84 -7.86 3.90 30.49
N MET F 85 -8.34 4.91 31.23
CA MET F 85 -8.71 6.17 30.61
C MET F 85 -7.49 6.96 30.15
N ILE F 86 -6.29 6.56 30.57
CA ILE F 86 -5.07 7.17 30.04
C ILE F 86 -4.40 6.31 28.98
N GLY F 87 -5.06 5.24 28.53
CA GLY F 87 -4.50 4.37 27.52
C GLY F 87 -3.70 3.20 28.05
N ALA F 88 -3.55 3.08 29.37
CA ALA F 88 -2.80 1.97 29.93
C ALA F 88 -3.72 0.76 30.14
N LYS F 89 -3.10 -0.41 30.31
CA LYS F 89 -3.83 -1.64 30.55
C LYS F 89 -3.90 -1.91 32.04
N LEU F 90 -5.10 -2.15 32.55
CA LEU F 90 -5.30 -2.45 33.96
C LEU F 90 -5.23 -3.97 34.14
N HIS F 91 -4.21 -4.44 34.87
CA HIS F 91 -4.06 -5.86 35.17
C HIS F 91 -4.58 -6.12 36.57
N MET F 92 -5.67 -6.85 36.64
CA MET F 92 -6.28 -7.21 37.94
C MET F 92 -5.68 -8.55 38.35
N ILE F 93 -4.95 -8.55 39.44
CA ILE F 93 -4.30 -9.76 39.90
C ILE F 93 -5.21 -10.50 40.87
N ASN F 94 -5.45 -11.78 40.60
CA ASN F 94 -6.22 -12.63 41.51
C ASN F 94 -5.35 -12.93 42.72
N VAL F 95 -5.64 -12.26 43.84
CA VAL F 95 -4.82 -12.34 45.03
C VAL F 95 -5.03 -13.69 45.73
N ARG F 96 -6.06 -14.42 45.31
CA ARG F 96 -6.34 -15.73 45.89
C ARG F 96 -5.59 -16.85 45.19
N LEU F 97 -4.89 -16.57 44.10
CA LEU F 97 -4.04 -17.57 43.48
C LEU F 97 -2.79 -17.81 44.33
N SER F 98 -2.11 -18.91 44.04
CA SER F 98 -0.86 -19.21 44.72
C SER F 98 0.20 -18.18 44.31
N PRO F 99 1.19 -17.93 45.17
CA PRO F 99 2.23 -16.95 44.81
C PRO F 99 2.96 -17.27 43.52
N GLU F 100 3.16 -18.55 43.22
CA GLU F 100 3.79 -18.92 41.95
C GLU F 100 2.92 -18.52 40.77
N GLN F 101 1.61 -18.75 40.87
CA GLN F 101 0.70 -18.36 39.80
C GLN F 101 0.65 -16.84 39.65
N ILE F 102 0.66 -16.12 40.77
CA ILE F 102 0.65 -14.65 40.72
C ILE F 102 1.92 -14.15 40.04
N LEU F 103 3.06 -14.76 40.39
CA LEU F 103 4.32 -14.39 39.74
C LEU F 103 4.28 -14.67 38.25
N TYR F 104 3.70 -15.82 37.86
CA TYR F 104 3.57 -16.13 36.45
C TYR F 104 2.73 -15.09 35.72
N THR F 105 1.60 -14.70 36.33
CA THR F 105 0.75 -13.70 35.70
C THR F 105 1.45 -12.35 35.59
N ILE F 106 2.19 -11.96 36.63
CA ILE F 106 2.89 -10.68 36.60
C ILE F 106 3.95 -10.68 35.50
N ASP F 107 4.72 -11.77 35.40
CA ASP F 107 5.74 -11.86 34.36
C ASP F 107 5.12 -11.91 32.96
N HIS F 108 4.03 -12.65 32.81
CA HIS F 108 3.38 -12.80 31.51
C HIS F 108 2.80 -11.47 31.04
N ALA F 109 2.12 -10.74 31.93
CA ALA F 109 1.54 -9.46 31.54
C ALA F 109 2.57 -8.35 31.46
N GLU F 110 3.74 -8.54 32.08
CA GLU F 110 4.81 -7.54 32.09
C GLU F 110 4.31 -6.20 32.65
N ASP F 111 3.86 -6.23 33.90
CA ASP F 111 3.37 -5.02 34.55
C ASP F 111 4.52 -4.05 34.81
N ASP F 112 4.25 -2.77 34.59
CA ASP F 112 5.24 -1.74 34.88
C ASP F 112 5.11 -1.20 36.29
N ILE F 113 3.87 -1.03 36.78
CA ILE F 113 3.60 -0.54 38.12
C ILE F 113 2.64 -1.51 38.79
N ILE F 114 2.90 -1.80 40.06
CA ILE F 114 2.04 -2.67 40.86
C ILE F 114 1.52 -1.88 42.05
N LEU F 115 0.20 -1.75 42.14
CA LEU F 115 -0.45 -1.19 43.32
C LEU F 115 -0.89 -2.34 44.20
N ILE F 116 -0.20 -2.54 45.32
CA ILE F 116 -0.41 -3.71 46.16
C ILE F 116 -0.78 -3.25 47.56
N HIS F 117 -1.85 -3.82 48.10
CA HIS F 117 -2.24 -3.53 49.48
C HIS F 117 -1.20 -4.09 50.43
N GLU F 118 -1.02 -3.41 51.57
CA GLU F 118 0.02 -3.83 52.52
C GLU F 118 -0.24 -5.23 53.07
N GLU F 119 -1.51 -5.67 53.07
CA GLU F 119 -1.81 -7.02 53.54
C GLU F 119 -1.35 -8.09 52.57
N PHE F 120 -1.11 -7.75 51.31
CA PHE F 120 -0.61 -8.67 50.32
C PHE F 120 0.92 -8.63 50.19
N LEU F 121 1.58 -7.81 50.99
CA LEU F 121 3.05 -7.76 50.97
C LEU F 121 3.69 -9.11 51.28
N PRO F 122 3.18 -9.93 52.21
CA PRO F 122 3.75 -11.29 52.35
C PRO F 122 3.73 -12.11 51.07
N ILE F 123 2.70 -11.95 50.26
CA ILE F 123 2.66 -12.65 48.97
C ILE F 123 3.75 -12.12 48.04
N LEU F 124 3.90 -10.79 48.00
CA LEU F 124 4.90 -10.19 47.12
C LEU F 124 6.31 -10.60 47.52
N ASP F 125 6.59 -10.65 48.83
CA ASP F 125 7.94 -10.96 49.30
C ASP F 125 8.40 -12.34 48.86
N GLN F 126 7.48 -13.26 48.60
CA GLN F 126 7.85 -14.59 48.13
C GLN F 126 8.27 -14.60 46.67
N ILE F 127 7.87 -13.60 45.89
CA ILE F 127 8.08 -13.60 44.45
C ILE F 127 8.70 -12.29 43.98
N LYS F 128 9.03 -11.41 44.92
CA LYS F 128 9.55 -10.10 44.55
C LYS F 128 10.88 -10.21 43.80
N GLY F 129 11.74 -11.14 44.21
CA GLY F 129 13.03 -11.28 43.58
C GLY F 129 13.00 -11.81 42.17
N ARG F 130 11.92 -12.49 41.79
CA ARG F 130 11.81 -13.11 40.47
C ARG F 130 10.94 -12.31 39.50
N ILE F 131 10.54 -11.09 39.86
CA ILE F 131 9.69 -10.30 38.98
C ILE F 131 10.56 -9.59 37.94
N ASP F 132 11.44 -8.69 38.41
CA ASP F 132 12.44 -8.04 37.57
C ASP F 132 11.83 -7.21 36.44
N THR F 133 10.51 -7.07 36.41
CA THR F 133 9.86 -6.35 35.33
C THR F 133 9.09 -5.13 35.83
N VAL F 134 8.88 -5.03 37.14
CA VAL F 134 8.13 -3.93 37.71
C VAL F 134 9.10 -2.86 38.22
N THR F 135 8.89 -1.62 37.77
CA THR F 135 9.79 -0.53 38.12
C THR F 135 9.43 0.14 39.44
N ARG F 136 8.17 0.07 39.87
CA ARG F 136 7.76 0.73 41.10
C ARG F 136 6.60 -0.03 41.73
N TYR F 137 6.65 -0.14 43.06
CA TYR F 137 5.56 -0.70 43.85
C TYR F 137 4.95 0.39 44.70
N VAL F 138 3.63 0.53 44.64
CA VAL F 138 2.89 1.48 45.46
C VAL F 138 2.10 0.67 46.48
N VAL F 139 2.37 0.91 47.76
CA VAL F 139 1.76 0.15 48.83
C VAL F 139 0.49 0.87 49.28
N LEU F 140 -0.64 0.15 49.22
CA LEU F 140 -1.93 0.71 49.59
C LEU F 140 -2.26 0.37 51.03
N ARG F 141 -2.75 1.36 51.77
CA ARG F 141 -3.14 1.19 53.16
C ARG F 141 -4.48 1.84 53.38
N ASP F 142 -5.19 1.38 54.40
CA ASP F 142 -6.50 1.92 54.77
C ASP F 142 -6.41 3.08 55.75
N ASP F 143 -5.28 3.77 55.79
CA ASP F 143 -5.08 4.90 56.69
C ASP F 143 -4.40 6.03 55.93
N GLU F 144 -3.96 7.03 56.68
CA GLU F 144 -3.36 8.23 56.07
C GLU F 144 -1.97 7.97 55.49
N GLU F 145 -1.33 6.85 55.85
CA GLU F 145 0.02 6.54 55.38
C GLU F 145 0.01 5.77 54.07
N CYS F 146 -1.12 5.72 53.37
CA CYS F 146 -1.18 5.03 52.09
C CYS F 146 -0.35 5.77 51.05
N GLU F 147 0.48 5.02 50.33
CA GLU F 147 1.31 5.64 49.29
C GLU F 147 0.47 6.12 48.11
N TYR F 148 -0.62 5.43 47.80
CA TYR F 148 -1.51 5.87 46.73
C TYR F 148 -2.14 7.22 47.06
N GLU F 149 -2.59 7.40 48.30
CA GLU F 149 -3.17 8.67 48.70
C GLU F 149 -2.13 9.79 48.65
N ARG F 150 -0.90 9.50 49.10
CA ARG F 150 0.15 10.52 49.03
C ARG F 150 0.48 10.87 47.59
N LEU F 151 0.51 9.88 46.70
CA LEU F 151 0.74 10.17 45.28
C LEU F 151 -0.37 11.03 44.70
N LEU F 152 -1.63 10.74 45.07
CA LEU F 152 -2.75 11.53 44.59
C LEU F 152 -2.69 12.97 45.11
N GLU F 153 -2.27 13.14 46.37
CA GLU F 153 -2.26 14.46 46.98
C GLU F 153 -1.29 15.42 46.28
N GLN F 154 -0.24 14.90 45.65
CA GLN F 154 0.74 15.76 44.99
C GLN F 154 0.29 16.24 43.61
N GLU F 155 -0.84 15.76 43.11
CA GLU F 155 -1.28 16.03 41.75
C GLU F 155 -2.47 16.97 41.74
N SER F 156 -2.64 17.68 40.63
CA SER F 156 -3.78 18.56 40.45
C SER F 156 -5.01 17.76 40.04
N THR F 157 -6.18 18.38 40.19
CA THR F 157 -7.45 17.74 39.86
C THR F 157 -7.88 17.99 38.43
N GLU F 158 -6.99 18.47 37.56
CA GLU F 158 -7.29 18.74 36.17
C GLU F 158 -6.49 17.81 35.28
N TYR F 159 -7.17 17.17 34.34
CA TYR F 159 -6.53 16.27 33.39
C TYR F 159 -7.36 16.22 32.11
N ASN F 160 -6.66 16.20 30.97
CA ASN F 160 -7.30 16.08 29.66
C ASN F 160 -7.07 14.66 29.16
N PHE F 161 -8.07 13.82 29.31
CA PHE F 161 -7.92 12.41 28.97
C PHE F 161 -7.89 12.25 27.45
N PRO F 162 -6.95 11.48 26.91
CA PRO F 162 -6.78 11.43 25.46
C PRO F 162 -7.89 10.66 24.76
N ASP F 163 -8.00 10.90 23.46
CA ASP F 163 -8.86 10.13 22.58
C ASP F 163 -8.02 9.13 21.80
N PHE F 164 -8.42 7.87 21.84
CA PHE F 164 -7.71 6.83 21.09
C PHE F 164 -8.74 5.86 20.54
N ASP F 165 -8.24 4.87 19.79
CA ASP F 165 -9.10 3.85 19.22
C ASP F 165 -9.87 3.12 20.31
N GLU F 166 -11.15 2.87 20.06
CA GLU F 166 -11.97 2.16 21.03
C GLU F 166 -11.53 0.71 21.20
N ASN F 167 -10.71 0.19 20.28
CA ASN F 167 -10.19 -1.17 20.38
C ASN F 167 -8.93 -1.25 21.21
N THR F 168 -8.50 -0.16 21.82
CA THR F 168 -7.36 -0.20 22.74
C THR F 168 -7.70 -1.07 23.94
N VAL F 169 -6.78 -1.97 24.28
CA VAL F 169 -7.01 -2.88 25.41
C VAL F 169 -7.03 -2.07 26.70
N ALA F 170 -8.09 -2.26 27.49
CA ALA F 170 -8.28 -1.52 28.73
C ALA F 170 -7.97 -2.35 29.98
N THR F 171 -8.46 -3.58 30.05
CA THR F 171 -8.28 -4.41 31.22
C THR F 171 -7.79 -5.78 30.81
N THR F 172 -6.99 -6.40 31.68
CA THR F 172 -6.52 -7.76 31.46
C THR F 172 -6.45 -8.47 32.80
N PHE F 173 -6.67 -9.78 32.77
CA PHE F 173 -6.58 -10.62 33.96
C PHE F 173 -6.47 -12.07 33.52
N TYR F 174 -6.07 -12.92 34.44
CA TYR F 174 -5.74 -14.30 34.13
C TYR F 174 -6.70 -15.24 34.85
N THR F 175 -7.27 -16.18 34.11
CA THR F 175 -8.14 -17.18 34.68
C THR F 175 -7.38 -18.49 34.85
N THR F 176 -7.72 -19.25 35.91
CA THR F 176 -6.99 -20.48 36.19
C THR F 176 -7.37 -21.58 35.21
N GLY F 177 -8.63 -21.99 35.21
CA GLY F 177 -9.09 -23.02 34.31
C GLY F 177 -8.38 -24.34 34.53
N THR F 178 -8.17 -25.07 33.44
CA THR F 178 -7.47 -26.35 33.47
C THR F 178 -6.36 -26.42 32.42
N THR F 179 -5.72 -25.31 32.10
CA THR F 179 -4.71 -25.27 31.05
C THR F 179 -3.30 -25.53 31.58
N GLY F 180 -3.12 -25.72 32.88
CA GLY F 180 -1.80 -25.91 33.44
C GLY F 180 -1.16 -24.61 33.88
N PHE F 181 -1.37 -23.56 33.10
CA PHE F 181 -0.93 -22.21 33.43
C PHE F 181 -2.10 -21.25 33.31
N PRO F 182 -2.11 -20.17 34.09
CA PRO F 182 -3.18 -19.17 33.93
C PRO F 182 -3.17 -18.58 32.53
N LYS F 183 -4.36 -18.36 31.99
CA LYS F 183 -4.54 -17.83 30.66
C LYS F 183 -5.05 -16.40 30.75
N GLY F 184 -4.40 -15.49 30.03
CA GLY F 184 -4.73 -14.08 30.12
C GLY F 184 -5.78 -13.69 29.10
N VAL F 185 -6.87 -13.11 29.58
CA VAL F 185 -7.92 -12.56 28.73
C VAL F 185 -7.88 -11.05 28.85
N PHE F 186 -8.29 -10.37 27.78
CA PHE F 186 -8.22 -8.92 27.75
C PHE F 186 -9.48 -8.37 27.10
N PHE F 187 -9.83 -7.15 27.49
CA PHE F 187 -11.02 -6.48 26.99
C PHE F 187 -10.68 -5.04 26.63
N THR F 188 -11.25 -4.56 25.53
CA THR F 188 -11.00 -3.22 25.06
C THR F 188 -11.99 -2.24 25.68
N HIS F 189 -11.76 -0.94 25.41
CA HIS F 189 -12.69 0.08 25.87
C HIS F 189 -14.06 -0.13 25.26
N ARG F 190 -14.11 -0.44 23.96
CA ARG F 190 -15.37 -0.68 23.28
C ARG F 190 -16.12 -1.85 23.92
N GLN F 191 -15.41 -2.93 24.23
CA GLN F 191 -16.05 -4.10 24.80
C GLN F 191 -16.63 -3.79 26.18
N LEU F 192 -15.91 -3.04 27.01
CA LEU F 192 -16.41 -2.72 28.35
C LEU F 192 -17.60 -1.77 28.27
N VAL F 193 -17.54 -0.77 27.39
CA VAL F 193 -18.66 0.15 27.22
C VAL F 193 -19.89 -0.61 26.73
N LEU F 194 -19.70 -1.51 25.76
CA LEU F 194 -20.82 -2.29 25.25
C LEU F 194 -21.37 -3.24 26.29
N HIS F 195 -20.51 -3.80 27.14
CA HIS F 195 -20.98 -4.64 28.23
C HIS F 195 -21.86 -3.85 29.19
N THR F 196 -21.40 -2.67 29.58
CA THR F 196 -22.20 -1.82 30.45
C THR F 196 -23.54 -1.48 29.81
N MET F 197 -23.52 -1.07 28.54
CA MET F 197 -24.75 -0.69 27.85
C MET F 197 -25.72 -1.86 27.73
N GLY F 198 -25.22 -3.02 27.30
CA GLY F 198 -26.08 -4.15 27.07
C GLY F 198 -26.69 -4.68 28.36
N ILE F 199 -25.89 -4.79 29.41
CA ILE F 199 -26.46 -5.32 30.65
C ILE F 199 -27.39 -4.30 31.30
N LEU F 200 -27.05 -3.00 31.24
CA LEU F 200 -27.97 -1.99 31.75
C LEU F 200 -29.26 -1.93 30.93
N SER F 201 -29.22 -2.34 29.67
CA SER F 201 -30.45 -2.49 28.91
C SER F 201 -31.19 -3.77 29.30
N THR F 202 -30.45 -4.79 29.75
CA THR F 202 -31.06 -6.06 30.15
C THR F 202 -31.70 -5.93 31.53
N ILE F 203 -30.89 -5.67 32.55
CA ILE F 203 -31.45 -5.41 33.87
C ILE F 203 -31.68 -3.91 34.05
N GLY F 204 -32.74 -3.59 34.78
CA GLY F 204 -33.20 -2.23 34.89
C GLY F 204 -34.43 -1.98 34.04
N THR F 205 -34.45 -2.55 32.84
CA THR F 205 -35.65 -2.52 32.01
C THR F 205 -36.61 -3.64 32.37
N ASN F 206 -36.27 -4.50 33.33
CA ASN F 206 -37.23 -5.45 33.85
C ASN F 206 -38.33 -4.73 34.59
N ALA F 207 -39.52 -5.34 34.60
CA ALA F 207 -40.70 -4.66 35.13
C ALA F 207 -40.53 -4.29 36.60
N SER F 208 -40.43 -5.30 37.47
CA SER F 208 -40.35 -5.05 38.91
C SER F 208 -39.19 -5.77 39.56
N GLN F 209 -38.91 -6.99 39.10
CA GLN F 209 -37.94 -7.84 39.79
C GLN F 209 -36.55 -7.69 39.18
N GLY F 210 -35.54 -7.76 40.05
CA GLY F 210 -34.15 -7.78 39.61
C GLY F 210 -33.69 -6.55 38.87
N ARG F 211 -34.08 -5.37 39.33
CA ARG F 211 -33.69 -4.13 38.66
C ARG F 211 -32.43 -3.54 39.29
N LEU F 212 -31.53 -3.06 38.44
CA LEU F 212 -30.47 -2.16 38.84
C LEU F 212 -30.79 -0.78 38.27
N HIS F 213 -31.19 0.15 39.13
CA HIS F 213 -31.69 1.44 38.69
C HIS F 213 -31.00 2.55 39.45
N GLN F 214 -31.28 3.79 39.03
CA GLN F 214 -30.59 4.97 39.55
C GLN F 214 -30.85 5.21 41.03
N GLY F 215 -31.93 4.67 41.58
CA GLY F 215 -32.19 4.81 43.00
C GLY F 215 -31.57 3.76 43.88
N ASP F 216 -30.88 2.78 43.29
CA ASP F 216 -30.28 1.71 44.06
C ASP F 216 -29.03 2.20 44.79
N ILE F 217 -28.64 1.44 45.81
CA ILE F 217 -27.37 1.63 46.52
C ILE F 217 -26.55 0.37 46.31
N TYR F 218 -25.35 0.52 45.77
CA TYR F 218 -24.56 -0.58 45.25
C TYR F 218 -23.45 -0.96 46.22
N MET F 219 -23.33 -2.27 46.49
CA MET F 219 -22.24 -2.80 47.29
C MET F 219 -21.79 -4.13 46.70
N PRO F 220 -20.61 -4.18 46.08
CA PRO F 220 -20.14 -5.46 45.52
C PRO F 220 -19.62 -6.37 46.61
N ILE F 221 -19.95 -7.65 46.49
CA ILE F 221 -19.40 -8.68 47.36
C ILE F 221 -18.69 -9.70 46.48
N THR F 222 -18.44 -9.32 45.22
CA THR F 222 -17.61 -10.07 44.30
C THR F 222 -16.27 -9.36 44.16
N PRO F 223 -15.15 -10.08 44.28
CA PRO F 223 -13.85 -9.41 44.23
C PRO F 223 -13.67 -8.63 42.93
N MET F 224 -13.05 -7.45 43.06
CA MET F 224 -12.91 -6.57 41.91
C MET F 224 -11.83 -7.02 40.94
N PHE F 225 -11.03 -8.02 41.31
CA PHE F 225 -10.13 -8.64 40.34
C PHE F 225 -10.81 -9.75 39.55
N HIS F 226 -12.06 -10.08 39.88
CA HIS F 226 -12.77 -11.19 39.25
C HIS F 226 -13.64 -10.63 38.12
N VAL F 227 -13.07 -10.62 36.91
CA VAL F 227 -13.75 -10.17 35.70
C VAL F 227 -14.44 -8.83 35.90
N HIS F 228 -13.67 -7.78 36.22
CA HIS F 228 -14.18 -6.43 36.43
C HIS F 228 -15.25 -6.39 37.50
N ALA F 229 -15.18 -7.30 38.48
CA ALA F 229 -16.25 -7.49 39.46
C ALA F 229 -17.59 -7.67 38.76
N TRP F 230 -17.57 -8.49 37.70
CA TRP F 230 -18.72 -8.75 36.83
C TRP F 230 -19.19 -7.50 36.11
N GLY F 231 -18.31 -6.51 35.95
CA GLY F 231 -18.61 -5.30 35.22
C GLY F 231 -19.59 -4.37 35.90
N LEU F 232 -20.03 -4.69 37.12
CA LEU F 232 -21.03 -3.94 37.83
C LEU F 232 -20.54 -2.61 38.43
N PRO F 233 -19.28 -2.49 38.87
CA PRO F 233 -18.81 -1.16 39.28
C PRO F 233 -18.93 -0.11 38.19
N TYR F 234 -18.62 -0.47 36.94
CA TYR F 234 -18.81 0.45 35.83
C TYR F 234 -20.27 0.83 35.68
N MET F 235 -21.16 -0.16 35.81
CA MET F 235 -22.59 0.08 35.66
C MET F 235 -23.11 1.00 36.74
N ALA F 236 -22.67 0.79 37.98
CA ALA F 236 -23.10 1.62 39.09
C ALA F 236 -22.56 3.04 38.96
N THR F 237 -21.32 3.17 38.49
CA THR F 237 -20.78 4.52 38.26
C THR F 237 -21.55 5.24 37.16
N MET F 238 -21.89 4.53 36.07
CA MET F 238 -22.67 5.00 34.88
C MET F 238 -24.07 5.44 35.32
N LEU F 239 -24.63 4.81 36.32
CA LEU F 239 -25.92 5.19 36.87
C LEU F 239 -25.80 6.25 37.95
N GLY F 240 -24.59 6.58 38.39
CA GLY F 240 -24.41 7.58 39.43
C GLY F 240 -25.04 7.22 40.75
N VAL F 241 -25.08 5.93 41.10
CA VAL F 241 -25.70 5.51 42.34
C VAL F 241 -24.68 5.57 43.47
N LYS F 242 -25.17 5.54 44.70
CA LYS F 242 -24.29 5.46 45.85
C LYS F 242 -23.61 4.10 45.88
N GLN F 243 -22.28 4.12 45.94
CA GLN F 243 -21.47 2.91 45.92
C GLN F 243 -20.80 2.71 47.27
N VAL F 244 -20.96 1.51 47.83
CA VAL F 244 -20.33 1.14 49.10
C VAL F 244 -19.34 0.02 48.81
N TYR F 245 -18.09 0.21 49.23
CA TYR F 245 -17.05 -0.79 49.00
C TYR F 245 -16.61 -1.35 50.34
N PRO F 246 -16.74 -2.65 50.57
CA PRO F 246 -16.50 -3.22 51.90
C PRO F 246 -15.05 -3.53 52.24
N GLY F 247 -14.14 -3.51 51.28
CA GLY F 247 -12.78 -3.93 51.57
C GLY F 247 -12.70 -5.43 51.75
N LYS F 248 -11.91 -5.88 52.70
CA LYS F 248 -11.76 -7.30 52.92
C LYS F 248 -13.05 -7.87 53.44
N TYR F 249 -13.52 -8.93 52.84
CA TYR F 249 -14.81 -9.51 53.23
C TYR F 249 -14.98 -10.14 54.60
N VAL F 250 -15.74 -9.53 55.49
CA VAL F 250 -16.08 -10.08 56.81
C VAL F 250 -17.60 -10.08 56.90
N PRO F 251 -18.22 -11.23 57.21
CA PRO F 251 -19.69 -11.28 57.21
C PRO F 251 -20.35 -10.25 58.12
N ASP F 252 -19.78 -10.02 59.31
CA ASP F 252 -20.33 -8.99 60.19
C ASP F 252 -20.19 -7.60 59.59
N VAL F 253 -19.02 -7.31 59.01
CA VAL F 253 -18.82 -6.01 58.38
C VAL F 253 -19.75 -5.83 57.18
N LEU F 254 -19.91 -6.89 56.37
CA LEU F 254 -20.80 -6.81 55.22
C LEU F 254 -22.24 -6.54 55.66
N LEU F 255 -22.71 -7.26 56.68
CA LEU F 255 -24.07 -7.07 57.16
C LEU F 255 -24.26 -5.69 57.77
N ASN F 256 -23.26 -5.20 58.51
CA ASN F 256 -23.35 -3.86 59.07
C ASN F 256 -23.40 -2.81 57.99
N LEU F 257 -22.60 -2.98 56.92
CA LEU F 257 -22.65 -2.04 55.80
C LEU F 257 -24.00 -2.09 55.09
N ILE F 258 -24.56 -3.29 54.92
CA ILE F 258 -25.87 -3.41 54.28
C ILE F 258 -26.93 -2.70 55.12
N GLU F 259 -26.88 -2.88 56.44
CA GLU F 259 -27.89 -2.29 57.31
C GLU F 259 -27.75 -0.77 57.40
N GLN F 260 -26.53 -0.28 57.57
CA GLN F 260 -26.34 1.13 57.87
C GLN F 260 -26.26 2.00 56.62
N GLU F 261 -25.79 1.44 55.51
CA GLU F 261 -25.72 2.18 54.26
C GLU F 261 -26.94 1.97 53.37
N LYS F 262 -27.92 1.19 53.84
CA LYS F 262 -29.16 0.93 53.09
C LYS F 262 -28.85 0.33 51.71
N VAL F 263 -27.95 -0.65 51.69
CA VAL F 263 -27.58 -1.29 50.43
C VAL F 263 -28.77 -2.05 49.86
N THR F 264 -29.04 -1.82 48.57
CA THR F 264 -30.16 -2.47 47.89
C THR F 264 -29.74 -3.40 46.78
N PHE F 265 -28.56 -3.24 46.19
CA PHE F 265 -28.10 -4.11 45.11
C PHE F 265 -26.71 -4.62 45.45
N SER F 266 -26.52 -5.94 45.32
CA SER F 266 -25.25 -6.58 45.58
C SER F 266 -25.09 -7.79 44.66
N HIS F 267 -23.89 -8.34 44.64
CA HIS F 267 -23.60 -9.53 43.85
C HIS F 267 -22.47 -10.30 44.52
N CYS F 268 -22.60 -11.61 44.53
CA CYS F 268 -21.63 -12.48 45.20
C CYS F 268 -21.81 -13.90 44.72
N VAL F 269 -20.84 -14.74 45.03
CA VAL F 269 -20.89 -16.17 44.75
C VAL F 269 -21.84 -16.82 45.77
N PRO F 270 -22.39 -18.00 45.50
CA PRO F 270 -23.36 -18.60 46.45
C PRO F 270 -22.77 -18.84 47.83
N THR F 271 -21.48 -19.15 47.94
CA THR F 271 -20.88 -19.38 49.25
C THR F 271 -20.93 -18.13 50.12
N ILE F 272 -20.68 -16.96 49.54
CA ILE F 272 -20.74 -15.72 50.31
C ILE F 272 -22.16 -15.44 50.77
N LEU F 273 -23.15 -15.71 49.92
CA LEU F 273 -24.54 -15.54 50.33
C LEU F 273 -24.90 -16.49 51.46
N HIS F 274 -24.42 -17.74 51.38
CA HIS F 274 -24.67 -18.69 52.45
C HIS F 274 -24.03 -18.22 53.76
N LEU F 275 -22.81 -17.70 53.69
CA LEU F 275 -22.15 -17.18 54.88
C LEU F 275 -22.91 -15.99 55.47
N LEU F 276 -23.40 -15.10 54.60
CA LEU F 276 -24.16 -13.95 55.08
C LEU F 276 -25.46 -14.38 55.75
N LEU F 277 -26.18 -15.34 55.16
CA LEU F 277 -27.44 -15.79 55.72
C LEU F 277 -27.23 -16.62 56.98
N SER F 278 -26.10 -17.30 57.11
CA SER F 278 -25.85 -18.12 58.29
C SER F 278 -25.24 -17.33 59.44
N SER F 279 -24.88 -16.07 59.23
CA SER F 279 -24.30 -15.27 60.29
C SER F 279 -25.33 -15.03 61.39
N PRO F 280 -24.94 -15.07 62.66
CA PRO F 280 -25.93 -14.87 63.74
C PRO F 280 -26.63 -13.52 63.70
N LYS F 281 -25.93 -12.46 63.32
CA LYS F 281 -26.52 -11.13 63.33
C LYS F 281 -27.42 -10.86 62.13
N SER F 282 -27.46 -11.76 61.15
CA SER F 282 -28.34 -11.56 60.01
C SER F 282 -29.80 -11.86 60.33
N LYS F 283 -30.06 -12.56 61.44
CA LYS F 283 -31.43 -12.91 61.79
C LYS F 283 -32.25 -11.68 62.16
N ALA F 284 -31.65 -10.70 62.80
CA ALA F 284 -32.36 -9.50 63.20
C ALA F 284 -32.33 -8.40 62.15
N MET F 285 -31.67 -8.64 61.02
CA MET F 285 -31.55 -7.64 59.98
C MET F 285 -32.75 -7.69 59.03
N ASP F 286 -33.06 -6.54 58.44
CA ASP F 286 -34.17 -6.42 57.50
C ASP F 286 -33.62 -6.51 56.08
N PHE F 287 -33.95 -7.59 55.38
CA PHE F 287 -33.45 -7.85 54.05
C PHE F 287 -34.47 -7.58 52.96
N SER F 288 -35.58 -6.90 53.27
CA SER F 288 -36.65 -6.72 52.30
C SER F 288 -36.21 -5.92 51.08
N GLY F 289 -35.45 -4.85 51.26
CA GLY F 289 -35.03 -4.01 50.16
C GLY F 289 -33.73 -4.39 49.50
N TRP F 290 -33.17 -5.55 49.83
CA TRP F 290 -31.86 -5.96 49.32
C TRP F 290 -32.03 -6.91 48.14
N LYS F 291 -31.39 -6.57 47.02
CA LYS F 291 -31.34 -7.42 45.85
C LYS F 291 -29.93 -7.93 45.66
N VAL F 292 -29.78 -9.24 45.50
CA VAL F 292 -28.48 -9.86 45.27
C VAL F 292 -28.59 -10.77 44.06
N VAL F 293 -27.61 -10.70 43.16
CA VAL F 293 -27.52 -11.57 42.00
C VAL F 293 -26.35 -12.52 42.22
N ILE F 294 -26.60 -13.82 42.06
CA ILE F 294 -25.64 -14.86 42.39
C ILE F 294 -25.04 -15.40 41.10
N GLY F 295 -23.71 -15.31 40.97
CA GLY F 295 -23.01 -15.82 39.82
C GLY F 295 -21.77 -16.57 40.23
N GLY F 296 -21.00 -16.98 39.23
CA GLY F 296 -19.78 -17.72 39.45
C GLY F 296 -19.95 -19.20 39.71
N ALA F 297 -21.08 -19.61 40.27
CA ALA F 297 -21.35 -21.01 40.54
C ALA F 297 -22.85 -21.22 40.56
N ALA F 298 -23.26 -22.48 40.44
CA ALA F 298 -24.67 -22.82 40.46
C ALA F 298 -25.29 -22.46 41.80
N LEU F 299 -26.42 -21.77 41.77
CA LEU F 299 -27.10 -21.39 43.00
C LEU F 299 -27.97 -22.53 43.49
N PRO F 300 -27.71 -23.09 44.67
CA PRO F 300 -28.55 -24.19 45.16
C PRO F 300 -29.99 -23.72 45.38
N LYS F 301 -30.93 -24.63 45.10
CA LYS F 301 -32.33 -24.30 45.28
C LYS F 301 -32.65 -24.06 46.76
N ALA F 302 -32.04 -24.82 47.66
CA ALA F 302 -32.26 -24.63 49.08
C ALA F 302 -31.78 -23.26 49.53
N LEU F 303 -30.59 -22.84 49.07
CA LEU F 303 -30.07 -21.52 49.43
C LEU F 303 -30.95 -20.41 48.88
N CYS F 304 -31.43 -20.57 47.64
CA CYS F 304 -32.32 -19.57 47.05
C CYS F 304 -33.62 -19.48 47.83
N LYS F 305 -34.17 -20.63 48.24
CA LYS F 305 -35.40 -20.63 49.02
C LYS F 305 -35.19 -19.97 50.38
N SER F 306 -34.05 -20.25 51.02
CA SER F 306 -33.75 -19.62 52.30
C SER F 306 -33.61 -18.11 52.15
N ALA F 307 -32.97 -17.65 51.07
CA ALA F 307 -32.85 -16.21 50.83
C ALA F 307 -34.22 -15.59 50.55
N LEU F 308 -35.08 -16.28 49.80
CA LEU F 308 -36.41 -15.76 49.50
C LEU F 308 -37.24 -15.66 50.77
N GLU F 309 -37.09 -16.63 51.68
CA GLU F 309 -37.80 -16.56 52.96
C GLU F 309 -37.37 -15.38 53.80
N ARG F 310 -36.24 -14.74 53.48
CA ARG F 310 -35.80 -13.52 54.13
C ARG F 310 -36.19 -12.28 53.32
N ASP F 311 -37.09 -12.43 52.35
CA ASP F 311 -37.53 -11.35 51.47
C ASP F 311 -36.39 -10.77 50.63
N ILE F 312 -35.41 -11.59 50.28
CA ILE F 312 -34.32 -11.14 49.42
C ILE F 312 -34.67 -11.41 47.97
N ASP F 313 -34.54 -10.38 47.13
CA ASP F 313 -34.73 -10.55 45.68
C ASP F 313 -33.45 -11.16 45.12
N VAL F 314 -33.38 -12.49 45.24
CA VAL F 314 -32.20 -13.25 44.82
C VAL F 314 -32.48 -13.89 43.48
N PHE F 315 -31.54 -13.72 42.54
CA PHE F 315 -31.64 -14.32 41.22
C PHE F 315 -30.24 -14.63 40.72
N ALA F 316 -30.15 -15.55 39.77
CA ALA F 316 -28.86 -16.04 39.35
C ALA F 316 -28.40 -15.38 38.04
N GLY F 317 -27.09 -15.45 37.80
CA GLY F 317 -26.50 -14.97 36.57
C GLY F 317 -25.37 -15.88 36.18
N TYR F 318 -24.89 -15.72 34.95
CA TYR F 318 -23.87 -16.61 34.42
C TYR F 318 -22.87 -15.84 33.58
N GLY F 319 -21.61 -16.25 33.67
CA GLY F 319 -20.56 -15.68 32.86
C GLY F 319 -19.24 -16.33 33.19
N MET F 320 -18.20 -15.89 32.47
CA MET F 320 -16.85 -16.35 32.73
C MET F 320 -15.87 -15.24 32.39
N SER F 321 -14.62 -15.44 32.79
CA SER F 321 -13.56 -14.47 32.59
C SER F 321 -13.42 -14.10 31.13
N GLU F 322 -13.72 -15.04 30.23
CA GLU F 322 -13.56 -14.81 28.81
C GLU F 322 -14.72 -14.02 28.20
N THR F 323 -15.85 -13.87 28.89
CA THR F 323 -17.08 -13.43 28.23
C THR F 323 -17.64 -12.14 28.82
N GLY F 324 -16.82 -11.34 29.50
CA GLY F 324 -17.26 -10.01 29.85
C GLY F 324 -17.41 -9.64 31.32
N PRO F 325 -18.00 -10.50 32.17
CA PRO F 325 -18.41 -11.90 32.00
C PRO F 325 -19.87 -12.14 31.61
N ILE F 326 -20.77 -11.18 31.85
CA ILE F 326 -22.20 -11.49 31.89
C ILE F 326 -22.67 -11.99 30.53
N LEU F 327 -23.27 -13.17 30.52
CA LEU F 327 -23.90 -13.77 29.35
C LEU F 327 -25.39 -13.99 29.52
N SER F 328 -25.83 -14.33 30.73
CA SER F 328 -27.24 -14.58 30.99
C SER F 328 -27.56 -14.17 32.42
N ILE F 329 -28.77 -13.65 32.60
CA ILE F 329 -29.27 -13.23 33.91
C ILE F 329 -30.70 -13.73 34.05
N VAL F 330 -31.05 -14.19 35.25
CA VAL F 330 -32.41 -14.66 35.51
C VAL F 330 -33.33 -13.44 35.60
N GLN F 331 -34.28 -13.35 34.69
CA GLN F 331 -35.30 -12.30 34.70
C GLN F 331 -36.67 -12.96 34.70
N LEU F 332 -37.49 -12.61 35.68
CA LEU F 332 -38.77 -13.28 35.90
C LEU F 332 -39.91 -12.43 35.36
N THR F 333 -40.80 -13.07 34.60
CA THR F 333 -42.01 -12.42 34.13
C THR F 333 -42.96 -12.19 35.31
N PRO F 334 -43.89 -11.23 35.18
CA PRO F 334 -44.84 -11.00 36.28
C PRO F 334 -45.68 -12.23 36.63
N GLU F 335 -45.94 -13.11 35.67
CA GLU F 335 -46.63 -14.36 35.99
C GLU F 335 -45.77 -15.23 36.90
N GLN F 336 -44.46 -15.30 36.64
CA GLN F 336 -43.57 -16.10 37.47
C GLN F 336 -43.38 -15.51 38.86
N LEU F 337 -43.55 -14.19 39.01
CA LEU F 337 -43.44 -13.58 40.33
C LEU F 337 -44.64 -13.89 41.22
N GLU F 338 -45.74 -14.38 40.65
CA GLU F 338 -46.91 -14.74 41.42
C GLU F 338 -46.85 -16.18 41.92
N LEU F 339 -45.83 -16.94 41.54
CA LEU F 339 -45.72 -18.33 41.96
C LEU F 339 -45.33 -18.43 43.42
N ASP F 340 -45.45 -19.64 43.97
CA ASP F 340 -45.10 -19.89 45.35
C ASP F 340 -43.58 -19.81 45.53
N VAL F 341 -43.15 -19.96 46.78
CA VAL F 341 -41.73 -19.81 47.11
C VAL F 341 -40.89 -20.90 46.45
N ASP F 342 -41.40 -22.14 46.41
CA ASP F 342 -40.61 -23.22 45.82
C ASP F 342 -40.43 -23.05 44.32
N GLN F 343 -41.51 -22.71 43.61
CA GLN F 343 -41.40 -22.50 42.17
C GLN F 343 -40.54 -21.28 41.85
N GLN F 344 -40.67 -20.22 42.64
CA GLN F 344 -39.82 -19.05 42.45
C GLN F 344 -38.35 -19.38 42.68
N ALA F 345 -38.06 -20.21 43.69
CA ALA F 345 -36.69 -20.65 43.91
C ALA F 345 -36.18 -21.51 42.77
N GLU F 346 -37.05 -22.35 42.20
CA GLU F 346 -36.66 -23.15 41.04
C GLU F 346 -36.31 -22.26 39.85
N TYR F 347 -37.12 -21.24 39.61
CA TYR F 347 -36.87 -20.36 38.47
C TYR F 347 -35.66 -19.46 38.70
N ARG F 348 -35.48 -18.97 39.92
CA ARG F 348 -34.39 -18.05 40.22
C ARG F 348 -33.03 -18.75 40.25
N SER F 349 -33.01 -20.07 40.43
CA SER F 349 -31.77 -20.83 40.48
C SER F 349 -31.30 -21.28 39.10
N LYS F 350 -32.02 -20.92 38.05
CA LYS F 350 -31.62 -21.28 36.70
C LYS F 350 -30.37 -20.50 36.29
N THR F 351 -29.69 -21.00 35.26
CA THR F 351 -28.56 -20.27 34.70
C THR F 351 -28.98 -18.93 34.13
N GLY F 352 -30.19 -18.81 33.62
CA GLY F 352 -30.75 -17.55 33.20
C GLY F 352 -30.93 -17.45 31.70
N LYS F 353 -31.69 -16.43 31.30
CA LYS F 353 -31.89 -16.11 29.89
C LYS F 353 -30.76 -15.23 29.40
N LYS F 354 -30.35 -15.45 28.15
CA LYS F 354 -29.23 -14.71 27.59
C LYS F 354 -29.54 -13.22 27.58
N VAL F 355 -28.51 -12.42 27.91
CA VAL F 355 -28.66 -10.97 28.00
C VAL F 355 -28.64 -10.35 26.62
N ALA F 356 -28.92 -9.06 26.55
CA ALA F 356 -29.00 -8.35 25.28
C ALA F 356 -27.71 -8.50 24.47
N LEU F 357 -27.87 -8.66 23.16
CA LEU F 357 -26.80 -8.76 22.16
C LEU F 357 -25.98 -10.03 22.30
N VAL F 358 -26.49 -11.06 22.96
CA VAL F 358 -25.74 -12.30 23.14
C VAL F 358 -26.44 -13.42 22.39
N GLU F 359 -25.69 -14.14 21.57
CA GLU F 359 -26.17 -15.33 20.88
C GLU F 359 -25.69 -16.56 21.65
N ALA F 360 -26.64 -17.33 22.18
CA ALA F 360 -26.32 -18.50 22.98
C ALA F 360 -26.91 -19.74 22.34
N TYR F 361 -26.05 -20.73 22.08
CA TYR F 361 -26.47 -21.99 21.51
C TYR F 361 -25.84 -23.15 22.29
N ILE F 362 -26.54 -24.28 22.32
CA ILE F 362 -26.00 -25.51 22.85
C ILE F 362 -25.71 -26.45 21.70
N VAL F 363 -24.46 -26.90 21.62
CA VAL F 363 -23.99 -27.68 20.47
C VAL F 363 -23.31 -28.95 20.97
N ASP F 364 -23.17 -29.91 20.06
CA ASP F 364 -22.46 -31.14 20.35
C ASP F 364 -20.97 -30.98 20.03
N GLU F 365 -20.26 -32.11 20.00
CA GLU F 365 -18.83 -32.07 19.70
C GLU F 365 -18.57 -31.60 18.27
N ASP F 366 -19.56 -31.75 17.39
CA ASP F 366 -19.43 -31.30 16.00
C ASP F 366 -20.09 -29.96 15.74
N MET F 367 -20.55 -29.26 16.79
CA MET F 367 -21.18 -27.96 16.67
C MET F 367 -22.43 -28.00 15.78
N ASN F 368 -23.42 -28.79 16.19
CA ASN F 368 -24.62 -28.98 15.38
C ASN F 368 -25.84 -28.25 15.93
N LYS F 369 -25.68 -27.42 16.96
CA LYS F 369 -26.78 -26.60 17.48
C LYS F 369 -27.98 -27.44 17.91
N LEU F 370 -27.80 -28.23 18.96
CA LEU F 370 -28.84 -29.11 19.51
C LEU F 370 -30.13 -28.33 19.76
N PRO F 371 -31.28 -29.00 19.65
CA PRO F 371 -32.55 -28.30 19.86
C PRO F 371 -32.72 -27.83 21.29
N HIS F 372 -33.50 -26.75 21.44
CA HIS F 372 -33.72 -26.14 22.75
C HIS F 372 -34.87 -26.82 23.50
N ASP F 373 -34.60 -28.04 23.95
CA ASP F 373 -35.50 -28.71 24.87
C ASP F 373 -34.96 -28.61 26.29
N GLY F 374 -35.82 -28.94 27.25
CA GLY F 374 -35.43 -28.83 28.65
C GLY F 374 -34.64 -30.03 29.14
N GLU F 375 -34.26 -30.92 28.23
CA GLU F 375 -33.54 -32.13 28.61
C GLU F 375 -32.29 -32.35 27.77
N THR F 376 -32.28 -31.82 26.55
CA THR F 376 -31.14 -32.01 25.65
C THR F 376 -29.98 -31.10 26.06
N ALA F 377 -28.87 -31.70 26.45
CA ALA F 377 -27.74 -30.97 26.99
C ALA F 377 -26.60 -30.93 25.98
N GLY F 378 -25.97 -29.75 25.86
CA GLY F 378 -24.83 -29.57 24.99
C GLY F 378 -23.96 -28.45 25.51
N GLU F 379 -22.83 -28.25 24.84
CA GLU F 379 -21.90 -27.21 25.25
C GLU F 379 -22.41 -25.84 24.82
N ILE F 380 -22.36 -24.87 25.73
CA ILE F 380 -22.76 -23.51 25.42
C ILE F 380 -21.68 -22.84 24.57
N VAL F 381 -22.07 -22.33 23.41
CA VAL F 381 -21.20 -21.51 22.59
C VAL F 381 -21.87 -20.16 22.39
N VAL F 382 -21.10 -19.09 22.50
CA VAL F 382 -21.67 -17.75 22.59
C VAL F 382 -20.98 -16.81 21.60
N ARG F 383 -21.75 -15.83 21.12
CA ARG F 383 -21.24 -14.66 20.44
C ARG F 383 -21.81 -13.43 21.14
N ALA F 384 -20.94 -12.45 21.41
CA ALA F 384 -21.34 -11.28 22.17
C ALA F 384 -20.36 -10.16 21.86
N PRO F 385 -20.77 -8.89 22.06
CA PRO F 385 -19.85 -7.78 21.80
C PRO F 385 -18.70 -7.68 22.79
N TRP F 386 -18.71 -8.46 23.86
CA TRP F 386 -17.73 -8.32 24.94
C TRP F 386 -17.05 -9.64 25.23
N LEU F 387 -16.65 -10.36 24.18
CA LEU F 387 -15.91 -11.61 24.32
C LEU F 387 -14.45 -11.36 24.01
N THR F 388 -13.57 -12.03 24.75
CA THR F 388 -12.15 -11.92 24.46
C THR F 388 -11.85 -12.58 23.12
N PRO F 389 -11.10 -11.94 22.22
CA PRO F 389 -10.83 -12.55 20.92
C PRO F 389 -9.92 -13.76 21.02
N ASN F 390 -9.05 -13.81 22.02
CA ASN F 390 -8.10 -14.90 22.17
C ASN F 390 -7.49 -14.80 23.56
N TYR F 391 -6.67 -15.79 23.89
CA TYR F 391 -5.86 -15.73 25.09
C TYR F 391 -4.56 -14.98 24.81
N TYR F 392 -4.14 -14.16 25.77
CA TYR F 392 -2.99 -13.29 25.55
C TYR F 392 -1.73 -14.11 25.35
N LYS F 393 -1.01 -13.83 24.26
CA LYS F 393 0.24 -14.51 23.92
C LYS F 393 0.06 -16.02 23.88
N ASP F 394 -1.08 -16.49 23.36
CA ASP F 394 -1.35 -17.90 23.20
C ASP F 394 -2.02 -18.12 21.85
N ASN F 395 -1.75 -19.27 21.24
CA ASN F 395 -2.28 -19.59 19.93
C ASN F 395 -3.19 -20.81 19.91
N LYS F 396 -2.73 -21.94 20.43
CA LYS F 396 -3.51 -23.18 20.33
C LYS F 396 -4.72 -23.15 21.25
N ASN F 397 -4.54 -22.70 22.49
CA ASN F 397 -5.69 -22.55 23.38
C ASN F 397 -6.63 -21.47 22.86
N SER F 398 -6.10 -20.41 22.26
CA SER F 398 -6.94 -19.40 21.63
C SER F 398 -7.74 -20.00 20.48
N LYS F 399 -7.10 -20.84 19.66
CA LYS F 399 -7.80 -21.49 18.56
C LYS F 399 -8.89 -22.41 19.07
N ALA F 400 -8.63 -23.14 20.15
CA ALA F 400 -9.65 -24.03 20.72
C ALA F 400 -10.79 -23.23 21.34
N LEU F 401 -10.49 -22.04 21.87
CA LEU F 401 -11.52 -21.22 22.50
C LEU F 401 -12.56 -20.78 21.48
N TRP F 402 -12.13 -20.38 20.28
CA TRP F 402 -13.02 -19.87 19.25
C TRP F 402 -13.23 -20.86 18.12
N ARG F 403 -13.18 -22.16 18.42
CA ARG F 403 -13.39 -23.18 17.40
C ARG F 403 -14.79 -23.10 16.84
N GLY F 404 -14.90 -23.19 15.52
CA GLY F 404 -16.20 -23.16 14.86
C GLY F 404 -16.85 -21.80 14.74
N GLY F 405 -16.11 -20.73 15.01
CA GLY F 405 -16.68 -19.39 14.91
C GLY F 405 -17.47 -18.95 16.12
N TYR F 406 -17.44 -19.71 17.20
CA TYR F 406 -18.13 -19.36 18.43
C TYR F 406 -17.19 -19.55 19.60
N LEU F 407 -17.36 -18.73 20.63
CA LEU F 407 -16.57 -18.90 21.85
C LEU F 407 -17.10 -20.09 22.64
N HIS F 408 -16.21 -21.01 22.96
CA HIS F 408 -16.60 -22.24 23.66
C HIS F 408 -16.50 -22.02 25.16
N THR F 409 -17.63 -22.04 25.84
CA THR F 409 -17.66 -21.80 27.28
C THR F 409 -17.16 -22.99 28.08
N GLY F 410 -17.21 -24.20 27.54
CA GLY F 410 -16.86 -25.38 28.29
C GLY F 410 -17.92 -25.84 29.27
N ASP F 411 -19.10 -25.25 29.23
CA ASP F 411 -20.20 -25.61 30.12
C ASP F 411 -21.27 -26.38 29.35
N VAL F 412 -21.75 -27.47 29.93
CA VAL F 412 -22.81 -28.28 29.35
C VAL F 412 -24.12 -27.88 29.98
N ALA F 413 -25.11 -27.54 29.16
CA ALA F 413 -26.38 -27.02 29.64
C ALA F 413 -27.50 -27.39 28.69
N HIS F 414 -28.72 -27.33 29.20
CA HIS F 414 -29.92 -27.44 28.39
C HIS F 414 -30.74 -26.16 28.50
N ILE F 415 -31.27 -25.73 27.37
CA ILE F 415 -32.07 -24.50 27.27
C ILE F 415 -33.49 -24.90 26.94
N ASP F 416 -34.43 -24.53 27.80
CA ASP F 416 -35.82 -24.91 27.57
C ASP F 416 -36.45 -24.05 26.47
N ASP F 417 -37.73 -24.30 26.22
CA ASP F 417 -38.43 -23.63 25.14
C ASP F 417 -38.52 -22.13 25.34
N GLU F 418 -38.71 -21.68 26.59
CA GLU F 418 -38.87 -20.26 26.86
C GLU F 418 -37.54 -19.53 27.00
N GLY F 419 -36.42 -20.22 26.91
CA GLY F 419 -35.12 -19.59 26.89
C GLY F 419 -34.31 -19.67 28.16
N PHE F 420 -34.77 -20.39 29.17
CA PHE F 420 -34.00 -20.53 30.41
C PHE F 420 -32.87 -21.54 30.22
N ILE F 421 -31.64 -21.09 30.42
CA ILE F 421 -30.50 -22.00 30.40
C ILE F 421 -30.36 -22.67 31.76
N LYS F 422 -29.87 -23.90 31.78
CA LYS F 422 -29.62 -24.62 33.02
C LYS F 422 -28.34 -25.43 32.85
N ILE F 423 -27.25 -24.97 33.48
CA ILE F 423 -25.97 -25.65 33.35
C ILE F 423 -26.01 -26.95 34.14
N THR F 424 -25.59 -28.04 33.49
CA THR F 424 -25.50 -29.35 34.13
C THR F 424 -24.13 -29.61 34.73
N ASP F 425 -23.07 -29.49 33.93
CA ASP F 425 -21.71 -29.66 34.42
C ASP F 425 -20.75 -29.11 33.36
N ARG F 426 -19.45 -29.34 33.57
CA ARG F 426 -18.43 -28.91 32.62
C ARG F 426 -18.28 -29.94 31.51
N VAL F 427 -17.64 -29.51 30.42
CA VAL F 427 -17.37 -30.44 29.32
C VAL F 427 -16.34 -31.47 29.73
N LYS F 428 -15.28 -31.03 30.41
CA LYS F 428 -14.25 -31.95 30.88
C LYS F 428 -14.77 -32.95 31.90
N ASP F 429 -15.91 -32.68 32.53
CA ASP F 429 -16.50 -33.56 33.53
C ASP F 429 -17.52 -34.52 32.95
N MET F 430 -17.69 -34.54 31.63
CA MET F 430 -18.66 -35.43 31.00
C MET F 430 -18.25 -36.89 31.20
N ILE F 431 -19.22 -37.72 31.58
CA ILE F 431 -18.98 -39.15 31.73
C ILE F 431 -19.46 -39.82 30.44
N LYS F 432 -18.53 -40.41 29.70
CA LYS F 432 -18.83 -41.01 28.39
C LYS F 432 -19.20 -42.49 28.55
N ILE F 433 -20.42 -42.72 29.03
CA ILE F 433 -20.96 -44.08 29.13
C ILE F 433 -21.58 -44.44 27.79
N SER F 434 -20.77 -44.98 26.89
CA SER F 434 -21.18 -45.30 25.51
C SER F 434 -21.73 -44.01 24.89
N GLY F 435 -22.88 -44.05 24.22
CA GLY F 435 -23.46 -42.85 23.66
C GLY F 435 -24.29 -42.03 24.62
N GLU F 436 -24.48 -42.51 25.85
CA GLU F 436 -25.30 -41.81 26.84
C GLU F 436 -24.40 -41.07 27.83
N TRP F 437 -24.06 -39.83 27.47
CA TRP F 437 -23.26 -38.99 28.34
C TRP F 437 -24.11 -38.49 29.50
N VAL F 438 -23.58 -38.60 30.71
CA VAL F 438 -24.28 -38.16 31.92
C VAL F 438 -23.40 -37.16 32.66
N SER F 439 -24.05 -36.23 33.35
CA SER F 439 -23.33 -35.21 34.08
C SER F 439 -22.87 -35.73 35.44
N SER F 440 -21.65 -35.35 35.81
CA SER F 440 -21.11 -35.75 37.11
C SER F 440 -21.80 -34.99 38.23
N LEU F 441 -22.22 -33.76 37.98
CA LEU F 441 -22.80 -32.93 39.03
C LEU F 441 -24.15 -33.46 39.52
N GLU F 442 -24.94 -34.07 38.63
CA GLU F 442 -26.20 -34.64 39.09
C GLU F 442 -25.97 -35.81 40.04
N LEU F 443 -24.98 -36.66 39.75
CA LEU F 443 -24.66 -37.75 40.65
C LEU F 443 -24.05 -37.24 41.96
N GLU F 444 -23.23 -36.19 41.87
CA GLU F 444 -22.69 -35.58 43.09
C GLU F 444 -23.80 -35.03 43.96
N ASP F 445 -24.78 -34.36 43.35
CA ASP F 445 -25.94 -33.87 44.09
C ASP F 445 -26.78 -34.99 44.68
N ILE F 446 -26.96 -36.09 43.95
CA ILE F 446 -27.70 -37.24 44.47
C ILE F 446 -26.99 -37.81 45.70
N LEU F 447 -25.67 -37.96 45.63
CA LEU F 447 -24.93 -38.53 46.75
C LEU F 447 -24.74 -37.53 47.87
N HIS F 448 -24.93 -36.24 47.60
CA HIS F 448 -24.76 -35.20 48.62
C HIS F 448 -25.90 -35.16 49.62
N GLN F 449 -26.97 -35.92 49.40
CA GLN F 449 -28.09 -35.96 50.33
C GLN F 449 -27.98 -37.11 51.33
N HIS F 450 -26.85 -37.80 51.38
CA HIS F 450 -26.70 -38.92 52.29
C HIS F 450 -26.67 -38.45 53.74
N GLN F 451 -26.92 -39.38 54.66
CA GLN F 451 -27.02 -39.05 56.08
C GLN F 451 -25.69 -38.50 56.62
N SER F 452 -24.57 -39.09 56.22
CA SER F 452 -23.27 -38.70 56.76
C SER F 452 -22.30 -38.22 55.69
N VAL F 453 -22.77 -37.81 54.52
CA VAL F 453 -21.88 -37.35 53.47
C VAL F 453 -21.44 -35.91 53.74
N SER F 454 -20.23 -35.58 53.31
CA SER F 454 -19.68 -34.24 53.46
C SER F 454 -19.35 -33.60 52.12
N GLU F 455 -18.66 -34.32 51.24
CA GLU F 455 -18.31 -33.79 49.92
C GLU F 455 -18.26 -34.94 48.92
N VAL F 456 -18.81 -34.69 47.74
CA VAL F 456 -18.87 -35.68 46.67
C VAL F 456 -18.16 -35.13 45.44
N ALA F 457 -17.35 -35.98 44.81
CA ALA F 457 -16.63 -35.61 43.60
C ALA F 457 -16.59 -36.81 42.67
N VAL F 458 -17.53 -36.88 41.73
CA VAL F 458 -17.60 -37.99 40.78
C VAL F 458 -16.59 -37.72 39.66
N ILE F 459 -15.66 -38.66 39.46
CA ILE F 459 -14.61 -38.48 38.46
C ILE F 459 -14.95 -39.19 37.17
N GLY F 460 -15.09 -40.51 37.21
CA GLY F 460 -15.24 -41.31 36.01
C GLY F 460 -13.91 -41.76 35.45
N MET F 461 -13.71 -43.07 35.35
CA MET F 461 -12.47 -43.64 34.85
C MET F 461 -12.79 -44.64 33.75
N PRO F 462 -11.85 -44.88 32.83
CA PRO F 462 -12.17 -45.69 31.65
C PRO F 462 -12.63 -47.09 31.99
N HIS F 463 -13.59 -47.58 31.20
CA HIS F 463 -14.16 -48.91 31.35
C HIS F 463 -14.12 -49.62 30.01
N ASN F 464 -13.88 -50.94 30.05
CA ASN F 464 -13.74 -51.69 28.80
C ASN F 464 -15.04 -51.74 28.01
N LYS F 465 -16.18 -51.92 28.68
CA LYS F 465 -17.44 -52.08 27.98
C LYS F 465 -18.10 -50.75 27.65
N TRP F 466 -18.29 -49.90 28.65
CA TRP F 466 -19.03 -48.66 28.49
C TRP F 466 -18.16 -47.45 28.22
N GLY F 467 -16.85 -47.64 28.05
CA GLY F 467 -15.96 -46.50 27.85
C GLY F 467 -15.62 -45.73 29.10
N GLU F 468 -16.63 -45.25 29.81
CA GLU F 468 -16.45 -44.55 31.08
C GLU F 468 -17.55 -44.98 32.04
N VAL F 469 -17.19 -45.09 33.32
CA VAL F 469 -18.17 -45.37 34.37
C VAL F 469 -17.95 -44.39 35.51
N PRO F 470 -19.02 -43.89 36.14
CA PRO F 470 -18.90 -42.77 37.10
C PRO F 470 -18.35 -43.18 38.46
N LEU F 471 -17.02 -43.23 38.56
CA LEU F 471 -16.38 -43.42 39.86
C LEU F 471 -16.66 -42.20 40.74
N ALA F 472 -17.06 -42.44 41.98
CA ALA F 472 -17.46 -41.39 42.90
C ALA F 472 -16.57 -41.38 44.13
N LEU F 473 -16.12 -40.20 44.54
CA LEU F 473 -15.38 -40.01 45.77
C LEU F 473 -16.26 -39.31 46.79
N VAL F 474 -16.31 -39.86 48.00
CA VAL F 474 -17.18 -39.36 49.05
C VAL F 474 -16.36 -39.14 50.32
N THR F 475 -16.46 -37.94 50.89
CA THR F 475 -15.95 -37.62 52.20
C THR F 475 -17.08 -37.65 53.21
N LEU F 476 -16.76 -38.09 54.43
CA LEU F 476 -17.78 -38.40 55.42
C LEU F 476 -17.53 -37.60 56.71
N LYS F 477 -18.58 -37.54 57.52
CA LYS F 477 -18.48 -36.89 58.83
C LYS F 477 -17.52 -37.67 59.73
N GLU F 478 -16.86 -36.95 60.62
CA GLU F 478 -15.87 -37.56 61.49
C GLU F 478 -16.48 -38.66 62.35
N ASP F 479 -15.83 -39.83 62.35
CA ASP F 479 -16.18 -40.98 63.17
C ASP F 479 -17.50 -41.62 62.76
N ALA F 480 -18.22 -41.00 61.81
CA ALA F 480 -19.45 -41.56 61.27
C ALA F 480 -19.17 -42.23 59.92
N GLN F 481 -18.38 -43.30 59.97
CA GLN F 481 -17.94 -43.96 58.77
C GLN F 481 -19.09 -44.67 58.06
N VAL F 482 -19.10 -44.56 56.73
CA VAL F 482 -20.08 -45.20 55.87
C VAL F 482 -19.34 -45.98 54.80
N THR F 483 -19.74 -47.22 54.59
CA THR F 483 -19.07 -48.11 53.64
C THR F 483 -19.57 -47.84 52.21
N GLU F 484 -18.89 -48.46 51.25
CA GLU F 484 -19.24 -48.28 49.85
C GLU F 484 -20.63 -48.82 49.55
N LYS F 485 -20.96 -49.99 50.11
CA LYS F 485 -22.24 -50.62 49.82
C LYS F 485 -23.42 -49.79 50.32
N GLU F 486 -23.28 -49.17 51.49
CA GLU F 486 -24.34 -48.29 52.00
C GLU F 486 -24.56 -47.09 51.09
N LEU F 487 -23.47 -46.48 50.60
CA LEU F 487 -23.60 -45.37 49.68
C LEU F 487 -24.24 -45.81 48.36
N LEU F 488 -23.86 -46.99 47.87
CA LEU F 488 -24.48 -47.51 46.66
C LEU F 488 -25.97 -47.74 46.85
N GLY F 489 -26.36 -48.29 48.01
CA GLY F 489 -27.77 -48.48 48.29
C GLY F 489 -28.53 -47.18 48.38
N PHE F 490 -27.93 -46.16 49.01
CA PHE F 490 -28.58 -44.85 49.09
C PHE F 490 -28.71 -44.23 47.71
N ALA F 491 -27.69 -44.35 46.87
CA ALA F 491 -27.74 -43.75 45.54
C ALA F 491 -28.75 -44.45 44.64
N LYS F 492 -29.07 -45.71 44.92
CA LYS F 492 -30.02 -46.43 44.09
C LYS F 492 -31.44 -45.92 44.31
N ASP F 493 -32.34 -46.35 43.42
CA ASP F 493 -33.77 -46.06 43.47
C ASP F 493 -34.08 -44.57 43.27
N PHE F 494 -33.12 -43.78 42.80
CA PHE F 494 -33.38 -42.38 42.50
C PHE F 494 -33.95 -42.23 41.10
N ILE F 495 -34.43 -41.02 40.81
CA ILE F 495 -35.07 -40.75 39.53
C ILE F 495 -34.03 -40.77 38.41
N ASN F 496 -34.35 -41.52 37.35
CA ASN F 496 -33.52 -41.64 36.15
C ASN F 496 -32.17 -42.31 36.43
N LYS F 497 -31.58 -42.89 35.38
CA LYS F 497 -30.30 -43.56 35.51
C LYS F 497 -29.73 -43.80 34.12
N GLY F 498 -28.52 -44.36 34.08
CA GLY F 498 -27.80 -44.58 32.84
C GLY F 498 -27.68 -46.05 32.50
N ILE F 499 -28.12 -46.41 31.29
CA ILE F 499 -27.87 -47.67 30.60
C ILE F 499 -28.31 -48.91 31.40
N LEU F 500 -28.07 -48.94 32.71
CA LEU F 500 -28.29 -50.16 33.48
C LEU F 500 -28.94 -49.80 34.81
N ALA F 501 -30.19 -50.22 34.98
CA ALA F 501 -30.91 -50.16 36.25
C ALA F 501 -30.79 -48.79 36.93
N ARG F 502 -29.95 -48.72 37.96
CA ARG F 502 -29.67 -47.48 38.69
C ARG F 502 -28.18 -47.25 38.81
N GLU F 503 -27.42 -47.83 37.89
CA GLU F 503 -25.96 -47.68 37.79
C GLU F 503 -25.24 -48.15 39.04
N ALA F 504 -25.78 -49.12 39.77
CA ALA F 504 -25.10 -49.64 40.94
C ALA F 504 -23.86 -50.45 40.58
N LEU F 505 -23.82 -51.04 39.38
CA LEU F 505 -22.67 -51.83 38.97
C LEU F 505 -21.53 -50.98 38.45
N LEU F 506 -21.75 -49.67 38.27
CA LEU F 506 -20.75 -48.79 37.68
C LEU F 506 -20.32 -47.67 38.60
N LEU F 507 -21.11 -47.34 39.62
CA LEU F 507 -20.80 -46.19 40.47
C LEU F 507 -19.51 -46.39 41.26
N LYS F 508 -19.29 -47.60 41.79
CA LYS F 508 -18.08 -47.99 42.53
C LYS F 508 -17.55 -46.88 43.43
N VAL F 509 -18.38 -46.42 44.37
CA VAL F 509 -17.99 -45.31 45.24
C VAL F 509 -16.79 -45.70 46.09
N LYS F 510 -15.86 -44.75 46.26
CA LYS F 510 -14.69 -44.93 47.11
C LYS F 510 -14.61 -43.81 48.12
N ILE F 511 -14.39 -44.16 49.39
CA ILE F 511 -14.25 -43.17 50.44
C ILE F 511 -12.82 -42.64 50.44
N VAL F 512 -12.68 -41.32 50.32
CA VAL F 512 -11.37 -40.68 50.22
C VAL F 512 -11.22 -39.68 51.36
N ASP F 513 -10.01 -39.61 51.90
CA ASP F 513 -9.74 -38.73 53.04
C ASP F 513 -9.99 -37.27 52.67
N GLU F 514 -9.52 -36.84 51.50
CA GLU F 514 -9.68 -35.46 51.09
C GLU F 514 -9.79 -35.40 49.56
N ILE F 515 -10.39 -34.32 49.08
CA ILE F 515 -10.55 -34.08 47.65
C ILE F 515 -9.63 -32.93 47.26
N ALA F 516 -8.84 -33.13 46.22
CA ALA F 516 -7.92 -32.10 45.77
C ALA F 516 -8.69 -30.91 45.22
N LYS F 517 -8.23 -29.71 45.56
CA LYS F 517 -8.89 -28.47 45.14
C LYS F 517 -7.83 -27.50 44.62
N THR F 518 -8.24 -26.66 43.67
CA THR F 518 -7.35 -25.66 43.11
C THR F 518 -7.12 -24.53 44.11
N SER F 519 -6.28 -23.56 43.71
CA SER F 519 -6.02 -22.40 44.56
C SER F 519 -7.29 -21.56 44.74
N VAL F 520 -8.15 -21.51 43.72
CA VAL F 520 -9.40 -20.79 43.84
C VAL F 520 -10.34 -21.45 44.85
N GLY F 521 -10.39 -22.77 44.87
CA GLY F 521 -11.26 -23.51 45.77
C GLY F 521 -12.13 -24.56 45.10
N LYS F 522 -12.23 -24.54 43.77
CA LYS F 522 -13.00 -25.54 43.07
C LYS F 522 -12.29 -26.89 43.09
N VAL F 523 -13.06 -27.96 42.90
CA VAL F 523 -12.49 -29.30 42.92
C VAL F 523 -11.61 -29.49 41.69
N ASP F 524 -10.38 -29.94 41.92
CA ASP F 524 -9.43 -30.18 40.84
C ASP F 524 -9.53 -31.64 40.44
N LYS F 525 -10.44 -31.93 39.50
CA LYS F 525 -10.62 -33.30 39.04
C LYS F 525 -9.44 -33.82 38.24
N LYS F 526 -8.62 -32.93 37.66
CA LYS F 526 -7.40 -33.38 37.01
C LYS F 526 -6.44 -34.05 37.97
N GLU F 527 -6.25 -33.46 39.17
CA GLU F 527 -5.42 -34.10 40.18
C GLU F 527 -6.07 -35.37 40.69
N LEU F 528 -7.40 -35.38 40.82
CA LEU F 528 -8.10 -36.58 41.28
C LEU F 528 -7.94 -37.72 40.29
N ARG F 529 -7.85 -37.43 38.99
CA ARG F 529 -7.65 -38.47 37.99
C ARG F 529 -6.28 -39.12 38.15
N LYS F 530 -5.30 -38.37 38.65
CA LYS F 530 -3.97 -38.94 38.86
C LYS F 530 -3.99 -40.06 39.89
N LEU F 531 -4.87 -39.96 40.89
CA LEU F 531 -4.91 -40.95 41.96
C LEU F 531 -5.77 -42.17 41.61
N HIS F 532 -6.44 -42.18 40.46
CA HIS F 532 -7.32 -43.29 40.12
C HIS F 532 -7.14 -43.82 38.71
N LEU F 533 -6.42 -43.14 37.83
CA LEU F 533 -6.20 -43.65 36.47
C LEU F 533 -4.85 -43.20 35.93
#